data_9CMC
#
_entry.id   9CMC
#
_cell.length_a   90.906
_cell.length_b   165.009
_cell.length_c   164.642
_cell.angle_alpha   90.000
_cell.angle_beta   105.930
_cell.angle_gamma   90.000
#
_symmetry.space_group_name_H-M   'P 1 21 1'
#
loop_
_entity.id
_entity.type
_entity.pdbx_description
1 polymer 'Fab 23P34 heavy chain'
2 polymer 'Fab 23P34 light chain'
3 polymer 'Fab 22S1 heavy chain'
4 polymer 'Fab 22S1 light chain'
5 polymer 'Ara h 2 allergen'
6 water water
#
loop_
_entity_poly.entity_id
_entity_poly.type
_entity_poly.pdbx_seq_one_letter_code
_entity_poly.pdbx_strand_id
1 'polypeptide(L)'
;QVQLVESGGLVVQPGGSLRLSCEASGFTFDDYTMHWVRQSPQKGLEWVSLIRWDGSRTEYADSVKGRFTISRDNSKNSLY
LQMNTLRADDSAFYFCVKDGGLRYFDSWGQGTLVTVSSASTKGPSVFPLAPSSKSTSGGTAALGCLVKDYFPEPVTVSWN
SGALTSGVHTFPAVLQSSGLYSLSSVVTVPSSSLGTQTYICNVNHKPSNTKVDKRVEPKSCDKTH
;
A,F,K,P
2 'polypeptide(L)'
;DVVMTQSPLSLPVTPGEPASISCRSSQSLLHSNGIHYLDWYLQKPGQSPQLLIYLGSKRASGVPDRFSGSGSGTDFTLKI
SRVEAEDVGVYYCMQSLQTFTFGPGTKVDIKRTVAAPSVFIFPPSDEQLKSGTASVVCLLNNFYPREAKVQWKVDNALQS
GNSQESVTEQDSKDSTYSLSSTLTLSKADYEKHKVYACEVTHQGLSSPVTKSFNRGEC
;
B,G,L,Q
3 'polypeptide(L)'
;QVQLVQSGGGLVKPGGSLRLSCTASGFSFSDSYMSWIRQAPGKGLEWLTYISGSGEIISYADSVKGRFTISRDNAKKSVY
LQMDSLRAEDTAVYYCARPSDYFETSEELDWGQGTLVTVSSASTKGPSVFPLAPSSKSTSGGTAALGCLVKDYFPEPVTV
SWNSGALTSGVHTFPAVLQSSGLYSLSSVVTVPSSSLGTQTYICNVNHKPSNTKVDKRVEPKSCDKTH
;
C,H,M,R
4 'polypeptide(L)'
;EIVMTQSPSSLSASVGDRVTITCRASQSISTYLNWYQQKPGKAPNLLIYAASSLHSGVPSRFRGSGSGTDFTLTITSLQP
DDFATYYCHQSYSAPRTFGQGTKLEIKRTVAAPSVFIFPPSDEQLKSGTASVVCLLNNFYPREAKVQWKVDNALQSGNSQ
ESVTEQDSKDSTYSLSSTLTLSKADYEKHKVYACEVTHQGLSSPVTKSFNRGEC
;
D,I,N,V
5 'polypeptide(L)'
;GSAAAELQGDRRCQSQLERANLRPCEQHLMQKIQRDEDSYERDPYSPSQDPYSPSPYDRRGAGSSQHQERCCNELNEFEN
NQRCMCEALQQIMENQSDRLQGRQQEQQFKRELRNLPQQCGLRAPQRCDLDVESGGRDRY
;
E,J,O,T
#
# COMPACT_ATOMS: atom_id res chain seq x y z
N GLN A 3 -7.89 -27.11 -18.15
CA GLN A 3 -8.18 -25.81 -17.55
C GLN A 3 -9.44 -25.19 -18.14
N LEU A 4 -10.38 -24.76 -17.26
CA LEU A 4 -11.62 -24.11 -17.67
C LEU A 4 -11.92 -22.94 -16.72
N VAL A 5 -11.21 -21.82 -16.91
CA VAL A 5 -11.45 -20.65 -16.09
C VAL A 5 -12.77 -20.03 -16.49
N GLU A 6 -13.59 -19.66 -15.50
CA GLU A 6 -14.97 -19.26 -15.69
C GLU A 6 -15.18 -17.86 -15.14
N SER A 7 -15.61 -16.93 -16.00
CA SER A 7 -15.80 -15.53 -15.66
C SER A 7 -17.29 -15.22 -15.56
N GLY A 8 -17.59 -13.94 -15.31
CA GLY A 8 -18.95 -13.50 -15.14
C GLY A 8 -19.54 -14.01 -13.84
N GLY A 9 -20.80 -13.62 -13.62
CA GLY A 9 -21.52 -14.11 -12.47
C GLY A 9 -21.40 -13.19 -11.28
N LEU A 10 -22.44 -12.39 -11.08
CA LEU A 10 -22.50 -11.38 -10.03
C LEU A 10 -23.91 -11.42 -9.47
N VAL A 11 -24.19 -10.59 -8.47
CA VAL A 11 -25.56 -10.42 -8.02
C VAL A 11 -26.33 -9.65 -9.08
N VAL A 12 -27.56 -10.09 -9.36
CA VAL A 12 -28.44 -9.48 -10.34
C VAL A 12 -29.82 -9.33 -9.70
N GLN A 13 -30.57 -8.34 -10.16
CA GLN A 13 -31.94 -8.17 -9.70
C GLN A 13 -32.88 -9.12 -10.46
N PRO A 14 -34.08 -9.34 -9.94
CA PRO A 14 -35.04 -10.17 -10.69
C PRO A 14 -35.39 -9.55 -12.03
N GLY A 15 -35.46 -10.40 -13.05
CA GLY A 15 -35.78 -9.98 -14.40
C GLY A 15 -34.63 -9.42 -15.20
N GLY A 16 -33.41 -9.41 -14.66
CA GLY A 16 -32.28 -8.78 -15.31
C GLY A 16 -31.55 -9.71 -16.26
N SER A 17 -30.42 -9.21 -16.77
CA SER A 17 -29.59 -9.91 -17.73
C SER A 17 -28.16 -10.02 -17.22
N LEU A 18 -27.47 -11.09 -17.61
CA LEU A 18 -26.06 -11.26 -17.28
C LEU A 18 -25.40 -12.15 -18.32
N ARG A 19 -24.09 -11.99 -18.48
CA ARG A 19 -23.30 -12.74 -19.46
C ARG A 19 -22.12 -13.41 -18.77
N LEU A 20 -21.95 -14.70 -19.05
CA LEU A 20 -20.87 -15.51 -18.49
C LEU A 20 -19.90 -15.92 -19.59
N SER A 21 -18.62 -16.03 -19.24
CA SER A 21 -17.57 -16.45 -20.16
C SER A 21 -16.77 -17.59 -19.54
N CYS A 22 -16.07 -18.33 -20.40
CA CYS A 22 -15.31 -19.51 -19.96
C CYS A 22 -14.08 -19.64 -20.84
N GLU A 23 -12.89 -19.41 -20.25
CA GLU A 23 -11.64 -19.46 -20.99
C GLU A 23 -11.06 -20.87 -20.93
N ALA A 24 -10.65 -21.39 -22.08
CA ALA A 24 -10.22 -22.77 -22.22
C ALA A 24 -8.70 -22.89 -22.33
N SER A 25 -8.14 -23.90 -21.66
CA SER A 25 -6.72 -24.19 -21.72
C SER A 25 -6.50 -25.69 -21.54
N GLY A 26 -5.60 -26.26 -22.32
CA GLY A 26 -5.14 -27.63 -22.15
C GLY A 26 -5.60 -28.63 -23.18
N PHE A 27 -6.48 -28.24 -24.10
CA PHE A 27 -7.01 -29.18 -25.10
C PHE A 27 -7.53 -28.39 -26.30
N THR A 28 -7.63 -29.07 -27.43
CA THR A 28 -8.16 -28.41 -28.63
C THR A 28 -9.61 -28.02 -28.37
N PHE A 29 -9.86 -26.72 -28.20
CA PHE A 29 -11.22 -26.27 -27.94
C PHE A 29 -12.15 -26.53 -29.12
N ASP A 30 -11.65 -26.43 -30.36
CA ASP A 30 -12.44 -26.62 -31.58
C ASP A 30 -12.68 -28.09 -31.93
N ASP A 31 -12.73 -28.98 -30.97
CA ASP A 31 -13.01 -30.39 -31.21
C ASP A 31 -14.07 -30.97 -30.27
N TYR A 32 -14.65 -30.17 -29.37
CA TYR A 32 -15.48 -30.69 -28.29
C TYR A 32 -16.73 -29.84 -28.12
N THR A 33 -17.88 -30.52 -28.03
CA THR A 33 -19.09 -29.89 -27.54
C THR A 33 -18.82 -29.34 -26.14
N MET A 34 -19.58 -28.29 -25.77
CA MET A 34 -19.48 -27.67 -24.46
C MET A 34 -20.86 -27.45 -23.88
N HIS A 35 -21.00 -27.74 -22.59
CA HIS A 35 -22.26 -27.56 -21.86
C HIS A 35 -22.04 -26.60 -20.70
N TRP A 36 -23.15 -26.02 -20.25
CA TRP A 36 -23.23 -25.38 -18.94
C TRP A 36 -24.10 -26.25 -18.04
N VAL A 37 -23.63 -26.49 -16.83
CA VAL A 37 -24.38 -27.21 -15.79
C VAL A 37 -24.32 -26.34 -14.54
N ARG A 38 -25.43 -26.21 -13.84
CA ARG A 38 -25.46 -25.40 -12.62
C ARG A 38 -25.68 -26.27 -11.39
N GLN A 39 -25.29 -25.73 -10.24
CA GLN A 39 -25.39 -26.39 -8.95
C GLN A 39 -26.12 -25.44 -8.01
N SER A 40 -27.34 -25.86 -7.54
CA SER A 40 -28.12 -24.99 -6.67
C SER A 40 -27.68 -25.19 -5.22
N PRO A 41 -27.85 -24.17 -4.34
CA PRO A 41 -27.71 -24.42 -2.90
C PRO A 41 -28.56 -25.59 -2.42
N GLN A 42 -29.87 -25.54 -2.68
CA GLN A 42 -30.79 -26.59 -2.23
C GLN A 42 -31.05 -27.63 -3.31
N LYS A 43 -31.32 -27.19 -4.55
CA LYS A 43 -31.57 -28.10 -5.65
C LYS A 43 -30.28 -28.71 -6.19
N GLY A 44 -30.41 -29.88 -6.80
CA GLY A 44 -29.26 -30.65 -7.23
C GLY A 44 -28.51 -30.07 -8.41
N LEU A 45 -27.92 -30.94 -9.22
CA LEU A 45 -27.13 -30.55 -10.39
C LEU A 45 -28.05 -30.49 -11.60
N GLU A 46 -28.24 -29.29 -12.15
CA GLU A 46 -29.13 -29.05 -13.28
C GLU A 46 -28.28 -28.76 -14.51
N TRP A 47 -28.66 -29.35 -15.64
CA TRP A 47 -27.98 -29.09 -16.91
C TRP A 47 -28.64 -27.90 -17.60
N VAL A 48 -27.83 -27.06 -18.26
CA VAL A 48 -28.31 -25.77 -18.79
C VAL A 48 -28.47 -25.80 -20.32
N SER A 49 -27.37 -25.68 -21.07
CA SER A 49 -27.42 -25.51 -22.51
C SER A 49 -26.32 -26.32 -23.18
N LEU A 50 -26.23 -26.21 -24.51
CA LEU A 50 -25.36 -27.04 -25.34
C LEU A 50 -24.91 -26.26 -26.57
N ILE A 51 -23.69 -26.57 -27.03
CA ILE A 51 -23.17 -26.00 -28.26
C ILE A 51 -22.16 -26.98 -28.84
N ARG A 52 -22.38 -27.42 -30.07
CA ARG A 52 -21.40 -28.25 -30.77
C ARG A 52 -20.10 -27.48 -30.98
N TRP A 53 -19.03 -28.25 -31.25
CA TRP A 53 -17.71 -27.66 -31.49
C TRP A 53 -17.75 -26.64 -32.64
N ASP A 54 -18.54 -26.93 -33.68
CA ASP A 54 -18.71 -26.00 -34.78
C ASP A 54 -19.65 -24.87 -34.42
N GLY A 55 -20.37 -24.98 -33.31
CA GLY A 55 -21.45 -24.06 -33.01
C GLY A 55 -22.69 -24.27 -33.84
N SER A 56 -22.74 -25.33 -34.66
CA SER A 56 -23.87 -25.54 -35.57
C SER A 56 -25.15 -25.82 -34.81
N ARG A 57 -25.09 -26.66 -33.78
CA ARG A 57 -26.25 -27.06 -33.00
C ARG A 57 -26.21 -26.39 -31.64
N THR A 58 -27.40 -26.14 -31.08
CA THR A 58 -27.53 -25.55 -29.75
C THR A 58 -28.85 -26.03 -29.15
N GLU A 59 -28.77 -26.74 -28.02
CA GLU A 59 -29.93 -27.28 -27.31
C GLU A 59 -29.93 -26.76 -25.87
N TYR A 60 -31.14 -26.66 -25.29
CA TYR A 60 -31.33 -25.97 -24.01
C TYR A 60 -32.22 -26.78 -23.08
N ALA A 61 -31.92 -26.67 -21.79
CA ALA A 61 -32.80 -27.21 -20.76
C ALA A 61 -34.17 -26.53 -20.83
N ASP A 62 -35.21 -27.27 -20.47
CA ASP A 62 -36.55 -26.69 -20.51
C ASP A 62 -36.70 -25.57 -19.49
N SER A 63 -36.04 -25.70 -18.32
CA SER A 63 -36.20 -24.75 -17.22
C SER A 63 -35.77 -23.34 -17.64
N VAL A 64 -34.68 -23.24 -18.39
CA VAL A 64 -34.05 -21.96 -18.67
C VAL A 64 -33.99 -21.72 -20.17
N LYS A 65 -34.98 -22.23 -20.92
CA LYS A 65 -35.00 -22.11 -22.37
C LYS A 65 -35.80 -20.89 -22.81
N GLY A 66 -35.28 -20.19 -23.81
CA GLY A 66 -35.84 -18.92 -24.23
C GLY A 66 -35.34 -17.73 -23.45
N ARG A 67 -34.92 -17.94 -22.19
CA ARG A 67 -34.30 -16.89 -21.39
C ARG A 67 -32.79 -16.90 -21.51
N PHE A 68 -32.17 -18.03 -21.83
CA PHE A 68 -30.73 -18.15 -22.00
C PHE A 68 -30.39 -18.46 -23.45
N THR A 69 -29.31 -17.86 -23.96
CA THR A 69 -28.79 -18.13 -25.29
C THR A 69 -27.29 -18.44 -25.19
N ILE A 70 -26.86 -19.55 -25.80
CA ILE A 70 -25.49 -20.05 -25.70
C ILE A 70 -24.73 -19.77 -26.99
N SER A 71 -23.41 -19.57 -26.87
CA SER A 71 -22.61 -19.16 -28.02
C SER A 71 -21.12 -19.41 -27.74
N ARG A 72 -20.38 -19.74 -28.80
CA ARG A 72 -18.95 -20.01 -28.72
C ARG A 72 -18.21 -19.23 -29.79
N ASP A 73 -17.02 -18.74 -29.43
CA ASP A 73 -16.10 -18.05 -30.34
C ASP A 73 -14.86 -18.92 -30.43
N ASN A 74 -14.83 -19.82 -31.41
CA ASN A 74 -13.69 -20.70 -31.60
C ASN A 74 -12.41 -19.94 -31.88
N SER A 75 -12.52 -18.69 -32.37
CA SER A 75 -11.34 -17.84 -32.52
C SER A 75 -10.70 -17.54 -31.17
N LYS A 76 -11.49 -17.00 -30.23
CA LYS A 76 -11.03 -16.66 -28.89
C LYS A 76 -11.16 -17.81 -27.90
N ASN A 77 -11.71 -18.96 -28.32
CA ASN A 77 -11.74 -20.18 -27.51
C ASN A 77 -12.55 -20.01 -26.23
N SER A 78 -13.72 -19.38 -26.37
CA SER A 78 -14.56 -18.99 -25.23
C SER A 78 -16.00 -19.42 -25.46
N LEU A 79 -16.59 -20.09 -24.46
CA LEU A 79 -18.00 -20.43 -24.45
C LEU A 79 -18.73 -19.37 -23.63
N TYR A 80 -19.65 -18.66 -24.26
CA TYR A 80 -20.46 -17.65 -23.60
C TYR A 80 -21.84 -18.19 -23.26
N LEU A 81 -22.43 -17.64 -22.18
CA LEU A 81 -23.84 -17.86 -21.86
C LEU A 81 -24.48 -16.53 -21.53
N GLN A 82 -25.30 -16.02 -22.45
CA GLN A 82 -26.07 -14.80 -22.23
C GLN A 82 -27.36 -15.18 -21.51
N MET A 83 -27.47 -14.78 -20.24
CA MET A 83 -28.63 -15.08 -19.42
C MET A 83 -29.51 -13.84 -19.31
N ASN A 84 -30.76 -13.96 -19.70
CA ASN A 84 -31.74 -12.89 -19.63
C ASN A 84 -32.97 -13.37 -18.87
N THR A 85 -33.67 -12.44 -18.23
CA THR A 85 -34.82 -12.76 -17.38
C THR A 85 -34.40 -13.63 -16.21
N LEU A 86 -33.36 -13.20 -15.51
CA LEU A 86 -32.91 -13.96 -14.35
C LEU A 86 -33.99 -13.97 -13.28
N ARG A 87 -33.92 -14.96 -12.40
CA ARG A 87 -34.99 -15.25 -11.46
C ARG A 87 -34.39 -15.96 -10.27
N ALA A 88 -35.11 -15.94 -9.14
CA ALA A 88 -34.65 -16.59 -7.93
C ALA A 88 -34.30 -18.05 -8.18
N ASP A 89 -35.11 -18.73 -9.00
CA ASP A 89 -34.83 -20.12 -9.36
C ASP A 89 -33.55 -20.26 -10.18
N ASP A 90 -33.11 -19.21 -10.86
CA ASP A 90 -31.90 -19.26 -11.66
C ASP A 90 -30.62 -18.99 -10.86
N SER A 91 -30.71 -18.83 -9.54
CA SER A 91 -29.53 -18.54 -8.72
C SER A 91 -28.80 -19.85 -8.41
N ALA A 92 -27.50 -19.89 -8.69
CA ALA A 92 -26.76 -21.16 -8.62
C ALA A 92 -25.29 -20.93 -8.98
N PHE A 93 -24.45 -21.95 -8.69
CA PHE A 93 -23.09 -22.01 -9.22
C PHE A 93 -23.14 -22.57 -10.64
N TYR A 94 -22.48 -21.90 -11.57
CA TYR A 94 -22.53 -22.28 -12.98
C TYR A 94 -21.19 -22.86 -13.40
N PHE A 95 -21.22 -24.09 -13.93
CA PHE A 95 -20.03 -24.85 -14.29
C PHE A 95 -19.87 -24.92 -15.80
N CYS A 96 -18.66 -24.67 -16.27
CA CYS A 96 -18.30 -24.85 -17.68
C CYS A 96 -17.80 -26.29 -17.85
N VAL A 97 -18.66 -27.16 -18.41
CA VAL A 97 -18.37 -28.59 -18.54
C VAL A 97 -17.82 -28.89 -19.93
N LYS A 98 -16.78 -29.72 -19.99
CA LYS A 98 -16.11 -30.11 -21.23
C LYS A 98 -16.51 -31.53 -21.61
N ASP A 99 -17.32 -31.66 -22.66
CA ASP A 99 -17.79 -32.98 -23.06
C ASP A 99 -16.61 -33.86 -23.46
N GLY A 100 -16.78 -35.17 -23.28
CA GLY A 100 -15.74 -36.12 -23.60
C GLY A 100 -15.74 -36.61 -25.03
N GLY A 101 -16.68 -36.15 -25.85
CA GLY A 101 -16.85 -36.58 -27.21
C GLY A 101 -17.98 -37.56 -27.41
N LEU A 102 -18.34 -38.30 -26.37
CA LEU A 102 -19.43 -39.27 -26.41
C LEU A 102 -20.39 -39.01 -25.26
N ARG A 103 -20.80 -37.74 -25.13
CA ARG A 103 -21.93 -37.33 -24.28
C ARG A 103 -21.67 -37.64 -22.80
N TYR A 104 -20.48 -37.28 -22.34
CA TYR A 104 -20.14 -37.40 -20.92
C TYR A 104 -19.24 -36.26 -20.50
N PHE A 105 -19.44 -35.79 -19.27
CA PHE A 105 -18.76 -34.61 -18.76
C PHE A 105 -17.38 -35.03 -18.26
N ASP A 106 -16.36 -34.76 -19.08
CA ASP A 106 -15.01 -35.24 -18.81
C ASP A 106 -14.30 -34.36 -17.79
N SER A 107 -14.19 -33.06 -18.10
CA SER A 107 -13.51 -32.09 -17.26
C SER A 107 -14.46 -30.95 -16.92
N TRP A 108 -14.60 -30.67 -15.63
CA TRP A 108 -15.42 -29.56 -15.13
C TRP A 108 -14.55 -28.38 -14.74
N GLY A 109 -15.16 -27.20 -14.73
CA GLY A 109 -14.47 -25.99 -14.31
C GLY A 109 -14.28 -25.94 -12.80
N GLN A 110 -14.18 -24.72 -12.26
CA GLN A 110 -14.13 -24.50 -10.81
C GLN A 110 -15.40 -23.87 -10.27
N GLY A 111 -16.05 -23.00 -11.03
CA GLY A 111 -17.36 -22.49 -10.70
C GLY A 111 -17.44 -20.98 -10.62
N THR A 112 -18.61 -20.43 -10.92
CA THR A 112 -18.88 -18.99 -10.77
C THR A 112 -20.34 -18.83 -10.34
N LEU A 113 -20.56 -18.04 -9.29
CA LEU A 113 -21.87 -17.93 -8.66
C LEU A 113 -22.70 -16.82 -9.29
N VAL A 114 -24.01 -17.04 -9.34
CA VAL A 114 -24.98 -16.08 -9.84
C VAL A 114 -26.11 -15.98 -8.82
N THR A 115 -26.35 -14.78 -8.30
CA THR A 115 -27.33 -14.52 -7.25
C THR A 115 -28.43 -13.63 -7.84
N VAL A 116 -29.62 -14.19 -8.00
CA VAL A 116 -30.79 -13.41 -8.39
C VAL A 116 -31.47 -12.92 -7.11
N SER A 117 -31.22 -11.65 -6.75
CA SER A 117 -31.68 -11.10 -5.49
C SER A 117 -31.81 -9.58 -5.62
N SER A 118 -32.69 -9.02 -4.78
CA SER A 118 -32.92 -7.57 -4.71
C SER A 118 -32.48 -7.03 -3.35
N VAL B 2 -37.19 -37.63 -17.54
CA VAL B 2 -36.53 -38.84 -17.04
C VAL B 2 -36.03 -38.54 -15.64
N VAL B 3 -36.30 -39.44 -14.69
CA VAL B 3 -36.09 -39.19 -13.27
C VAL B 3 -35.12 -40.23 -12.72
N MET B 4 -34.12 -39.77 -11.98
CA MET B 4 -33.04 -40.60 -11.47
C MET B 4 -33.10 -40.63 -9.96
N THR B 5 -33.06 -41.84 -9.38
CA THR B 5 -33.10 -42.03 -7.94
C THR B 5 -31.92 -42.90 -7.53
N GLN B 6 -31.60 -42.86 -6.24
CA GLN B 6 -30.42 -43.51 -5.70
C GLN B 6 -30.70 -44.11 -4.33
N SER B 7 -30.04 -45.23 -4.04
CA SER B 7 -30.19 -45.93 -2.77
C SER B 7 -28.80 -46.46 -2.40
N PRO B 8 -28.27 -46.16 -1.21
CA PRO B 8 -28.80 -45.33 -0.12
C PRO B 8 -28.64 -43.86 -0.40
N LEU B 9 -29.43 -43.01 0.25
CA LEU B 9 -29.13 -41.59 0.30
C LEU B 9 -27.89 -41.30 1.14
N SER B 10 -27.57 -42.18 2.10
CA SER B 10 -26.35 -42.05 2.91
C SER B 10 -25.78 -43.43 3.17
N LEU B 11 -24.50 -43.62 2.81
CA LEU B 11 -23.81 -44.91 2.91
C LEU B 11 -22.50 -44.73 3.67
N PRO B 12 -22.55 -44.79 5.00
CA PRO B 12 -21.29 -44.81 5.76
C PRO B 12 -20.55 -46.12 5.55
N VAL B 13 -19.25 -46.01 5.24
CA VAL B 13 -18.41 -47.13 4.85
C VAL B 13 -17.31 -47.34 5.89
N THR B 14 -16.87 -48.60 6.02
CA THR B 14 -15.66 -48.91 6.77
C THR B 14 -14.48 -48.87 5.80
N PRO B 15 -13.46 -48.02 6.00
CA PRO B 15 -12.35 -47.97 5.04
C PRO B 15 -11.61 -49.31 4.97
N GLY B 16 -11.27 -49.70 3.75
CA GLY B 16 -10.74 -51.02 3.45
C GLY B 16 -11.79 -52.02 3.04
N GLU B 17 -13.02 -51.88 3.54
CA GLU B 17 -14.11 -52.78 3.19
C GLU B 17 -14.70 -52.36 1.84
N PRO B 18 -15.51 -53.21 1.23
CA PRO B 18 -16.17 -52.84 -0.04
C PRO B 18 -17.41 -52.00 0.20
N ALA B 19 -17.86 -51.34 -0.87
CA ALA B 19 -19.02 -50.46 -0.80
C ALA B 19 -19.73 -50.47 -2.15
N SER B 20 -21.04 -50.15 -2.11
CA SER B 20 -21.87 -50.11 -3.30
C SER B 20 -22.86 -48.96 -3.19
N ILE B 21 -23.20 -48.38 -4.35
CA ILE B 21 -24.32 -47.44 -4.48
C ILE B 21 -25.15 -47.88 -5.66
N SER B 22 -26.48 -47.80 -5.53
CA SER B 22 -27.41 -48.11 -6.60
C SER B 22 -27.99 -46.83 -7.18
N CYS B 23 -28.22 -46.85 -8.48
CA CYS B 23 -28.90 -45.78 -9.22
C CYS B 23 -30.02 -46.43 -10.00
N ARG B 24 -31.14 -45.73 -10.16
CA ARG B 24 -32.25 -46.25 -10.94
C ARG B 24 -32.90 -45.12 -11.71
N SER B 25 -33.27 -45.41 -12.96
CA SER B 25 -33.93 -44.43 -13.82
C SER B 25 -35.40 -44.77 -13.96
N SER B 26 -36.17 -43.75 -14.33
CA SER B 26 -37.61 -43.93 -14.50
C SER B 26 -37.91 -44.71 -15.76
N GLN B 27 -37.08 -44.57 -16.80
CA GLN B 27 -37.20 -45.31 -18.03
C GLN B 27 -35.83 -45.88 -18.39
N SER B 28 -35.86 -46.90 -19.24
CA SER B 28 -34.62 -47.58 -19.61
C SER B 28 -33.67 -46.60 -20.28
N LEU B 29 -32.39 -46.73 -19.93
CA LEU B 29 -31.35 -45.84 -20.40
C LEU B 29 -30.60 -46.40 -21.61
N LEU B 30 -31.16 -47.39 -22.29
CA LEU B 30 -30.52 -48.03 -23.43
C LEU B 30 -30.88 -47.24 -24.69
N HIS B 31 -29.85 -46.80 -25.40
CA HIS B 31 -30.02 -46.04 -26.63
C HIS B 31 -30.11 -47.01 -27.82
N SER B 32 -30.42 -46.48 -29.02
CA SER B 32 -30.53 -47.32 -30.20
C SER B 32 -29.20 -47.99 -30.55
N ASN B 33 -28.07 -47.34 -30.28
CA ASN B 33 -26.80 -48.05 -30.27
C ASN B 33 -26.74 -48.91 -29.02
N GLY B 34 -25.60 -49.51 -28.75
CA GLY B 34 -25.61 -50.45 -27.64
C GLY B 34 -25.45 -49.83 -26.29
N ILE B 35 -25.19 -48.55 -26.21
CA ILE B 35 -24.64 -47.95 -25.01
C ILE B 35 -25.74 -47.72 -23.99
N HIS B 36 -25.39 -47.84 -22.70
CA HIS B 36 -26.23 -47.37 -21.61
C HIS B 36 -25.70 -46.01 -21.18
N TYR B 37 -26.50 -44.97 -21.39
CA TYR B 37 -26.06 -43.60 -21.18
C TYR B 37 -26.25 -43.23 -19.72
N LEU B 38 -25.34 -43.76 -18.91
CA LEU B 38 -25.25 -43.47 -17.48
C LEU B 38 -23.79 -43.18 -17.12
N ASP B 39 -23.59 -42.10 -16.38
CA ASP B 39 -22.31 -41.74 -15.81
C ASP B 39 -22.42 -41.74 -14.30
N TRP B 40 -21.26 -41.64 -13.63
CA TRP B 40 -21.16 -41.38 -12.21
C TRP B 40 -20.22 -40.19 -11.98
N TYR B 41 -20.54 -39.38 -10.99
CA TYR B 41 -19.79 -38.15 -10.72
C TYR B 41 -19.59 -38.00 -9.22
N LEU B 42 -18.33 -37.83 -8.82
CA LEU B 42 -17.96 -37.56 -7.43
C LEU B 42 -17.70 -36.07 -7.25
N GLN B 43 -18.48 -35.45 -6.36
CA GLN B 43 -18.23 -34.09 -5.88
C GLN B 43 -17.66 -34.23 -4.47
N LYS B 44 -16.36 -33.97 -4.33
CA LYS B 44 -15.70 -33.99 -3.04
C LYS B 44 -15.92 -32.67 -2.32
N PRO B 45 -15.58 -32.61 -1.03
CA PRO B 45 -15.69 -31.32 -0.31
C PRO B 45 -14.78 -30.26 -0.89
N GLY B 46 -15.39 -29.14 -1.30
CA GLY B 46 -14.68 -28.01 -1.82
C GLY B 46 -14.37 -28.05 -3.30
N GLN B 47 -14.43 -29.23 -3.91
CA GLN B 47 -14.08 -29.43 -5.31
C GLN B 47 -15.35 -29.52 -6.16
N SER B 48 -15.17 -29.38 -7.47
CA SER B 48 -16.26 -29.56 -8.42
C SER B 48 -16.47 -31.05 -8.65
N PRO B 49 -17.55 -31.43 -9.34
CA PRO B 49 -17.75 -32.85 -9.66
C PRO B 49 -16.72 -33.35 -10.67
N GLN B 50 -16.29 -34.59 -10.46
CA GLN B 50 -15.30 -35.25 -11.31
C GLN B 50 -15.89 -36.56 -11.81
N LEU B 51 -15.44 -36.98 -12.98
CA LEU B 51 -16.01 -38.16 -13.62
C LEU B 51 -15.36 -39.43 -13.05
N LEU B 52 -16.21 -40.32 -12.52
CA LEU B 52 -15.76 -41.65 -12.10
C LEU B 52 -15.95 -42.65 -13.24
N ILE B 53 -17.21 -42.98 -13.54
CA ILE B 53 -17.58 -43.97 -14.54
C ILE B 53 -18.48 -43.30 -15.57
N TYR B 54 -18.30 -43.67 -16.84
CA TYR B 54 -19.11 -43.11 -17.91
C TYR B 54 -19.60 -44.20 -18.84
N LEU B 55 -20.79 -43.98 -19.40
CA LEU B 55 -21.42 -44.90 -20.34
C LEU B 55 -21.57 -46.29 -19.73
N GLY B 56 -21.93 -46.34 -18.45
CA GLY B 56 -22.27 -47.58 -17.79
C GLY B 56 -21.10 -48.31 -17.17
N SER B 57 -20.15 -48.76 -18.00
CA SER B 57 -19.06 -49.61 -17.55
C SER B 57 -17.70 -48.95 -17.65
N LYS B 58 -17.46 -48.14 -18.68
CA LYS B 58 -16.13 -47.58 -18.93
C LYS B 58 -15.79 -46.51 -17.91
N ARG B 59 -14.55 -46.53 -17.42
CA ARG B 59 -14.06 -45.59 -16.42
C ARG B 59 -13.10 -44.58 -17.05
N ALA B 60 -12.86 -43.51 -16.31
CA ALA B 60 -12.11 -42.37 -16.81
C ALA B 60 -10.61 -42.63 -16.73
N SER B 61 -9.86 -41.69 -17.31
CA SER B 61 -8.40 -41.83 -17.39
C SER B 61 -7.77 -41.76 -16.01
N GLY B 62 -8.04 -40.70 -15.28
CA GLY B 62 -7.43 -40.50 -13.99
C GLY B 62 -8.00 -41.34 -12.87
N VAL B 63 -9.10 -42.05 -13.10
CA VAL B 63 -9.79 -42.77 -12.04
C VAL B 63 -9.20 -44.17 -11.91
N PRO B 64 -8.70 -44.58 -10.74
CA PRO B 64 -7.98 -45.84 -10.67
C PRO B 64 -8.93 -47.01 -10.77
N ASP B 65 -8.35 -48.23 -10.80
CA ASP B 65 -9.15 -49.38 -11.18
C ASP B 65 -10.11 -49.83 -10.10
N ARG B 66 -10.00 -49.33 -8.87
CA ARG B 66 -10.84 -49.81 -7.79
C ARG B 66 -12.29 -49.27 -7.88
N PHE B 67 -12.56 -48.33 -8.79
CA PHE B 67 -13.92 -47.86 -9.08
C PHE B 67 -14.51 -48.72 -10.20
N SER B 68 -15.63 -49.39 -9.91
CA SER B 68 -16.34 -50.22 -10.88
C SER B 68 -17.74 -49.67 -11.09
N GLY B 69 -18.30 -49.94 -12.27
CA GLY B 69 -19.66 -49.57 -12.61
C GLY B 69 -20.36 -50.62 -13.45
N SER B 70 -21.55 -51.02 -13.02
CA SER B 70 -22.30 -52.08 -13.67
C SER B 70 -23.72 -51.61 -13.95
N GLY B 71 -24.48 -52.47 -14.62
CA GLY B 71 -25.91 -52.25 -14.79
C GLY B 71 -26.44 -52.35 -16.22
N SER B 72 -27.75 -52.53 -16.33
CA SER B 72 -28.42 -52.81 -17.60
C SER B 72 -29.88 -52.41 -17.45
N GLY B 73 -30.35 -51.54 -18.34
CA GLY B 73 -31.75 -51.18 -18.38
C GLY B 73 -32.05 -49.91 -17.62
N THR B 74 -32.46 -50.07 -16.35
CA THR B 74 -32.74 -48.96 -15.45
C THR B 74 -31.89 -48.99 -14.19
N ASP B 75 -31.55 -50.17 -13.69
CA ASP B 75 -30.78 -50.31 -12.46
C ASP B 75 -29.29 -50.31 -12.77
N PHE B 76 -28.54 -49.46 -12.06
CA PHE B 76 -27.10 -49.39 -12.23
C PHE B 76 -26.43 -49.30 -10.87
N THR B 77 -25.27 -49.94 -10.74
CA THR B 77 -24.59 -50.07 -9.46
C THR B 77 -23.12 -49.69 -9.60
N LEU B 78 -22.65 -48.83 -8.68
CA LEU B 78 -21.24 -48.46 -8.56
C LEU B 78 -20.68 -49.19 -7.35
N LYS B 79 -19.82 -50.18 -7.60
CA LYS B 79 -19.12 -50.91 -6.56
C LYS B 79 -17.74 -50.31 -6.35
N ILE B 80 -17.22 -50.48 -5.13
CA ILE B 80 -15.83 -50.16 -4.81
C ILE B 80 -15.21 -51.34 -4.08
N SER B 81 -13.96 -51.66 -4.45
CA SER B 81 -13.29 -52.86 -3.95
C SER B 81 -12.85 -52.69 -2.51
N ARG B 82 -11.89 -51.79 -2.26
CA ARG B 82 -11.42 -51.46 -0.92
C ARG B 82 -11.37 -49.93 -0.81
N VAL B 83 -12.22 -49.39 0.06
CA VAL B 83 -12.31 -47.94 0.21
C VAL B 83 -10.96 -47.38 0.72
N GLU B 84 -10.68 -46.14 0.34
CA GLU B 84 -9.39 -45.51 0.61
C GLU B 84 -9.62 -44.07 1.08
N ALA B 85 -8.54 -43.31 1.16
CA ALA B 85 -8.55 -41.94 1.66
C ALA B 85 -9.44 -41.03 0.81
N GLU B 86 -8.96 -40.68 -0.38
CA GLU B 86 -9.62 -39.69 -1.23
C GLU B 86 -10.85 -40.24 -1.94
N ASP B 87 -11.81 -40.81 -1.17
CA ASP B 87 -13.06 -41.39 -1.70
C ASP B 87 -14.22 -41.02 -0.75
N VAL B 88 -14.54 -39.72 -0.66
CA VAL B 88 -15.56 -39.26 0.27
C VAL B 88 -16.25 -38.02 -0.28
N GLY B 89 -17.57 -38.08 -0.42
CA GLY B 89 -18.34 -36.92 -0.86
C GLY B 89 -19.74 -37.33 -1.32
N VAL B 90 -20.27 -36.54 -2.24
CA VAL B 90 -21.61 -36.74 -2.81
C VAL B 90 -21.45 -37.45 -4.15
N TYR B 91 -22.02 -38.66 -4.27
CA TYR B 91 -21.92 -39.48 -5.48
C TYR B 91 -23.23 -39.35 -6.26
N TYR B 92 -23.25 -38.46 -7.25
CA TYR B 92 -24.37 -38.36 -8.16
C TYR B 92 -24.19 -39.34 -9.32
N CYS B 93 -25.29 -39.96 -9.73
CA CYS B 93 -25.37 -40.59 -11.05
C CYS B 93 -26.10 -39.63 -11.98
N MET B 94 -25.90 -39.84 -13.28
CA MET B 94 -26.46 -38.98 -14.30
C MET B 94 -26.80 -39.83 -15.52
N GLN B 95 -27.95 -39.57 -16.13
CA GLN B 95 -28.29 -40.18 -17.41
C GLN B 95 -27.95 -39.18 -18.51
N SER B 96 -27.61 -39.72 -19.70
CA SER B 96 -27.34 -38.90 -20.87
C SER B 96 -28.24 -39.28 -22.05
N LEU B 97 -29.40 -39.86 -21.79
CA LEU B 97 -30.26 -40.35 -22.87
C LEU B 97 -31.21 -39.28 -23.41
N GLN B 98 -32.16 -38.83 -22.58
CA GLN B 98 -33.11 -37.83 -23.04
C GLN B 98 -32.47 -36.46 -23.09
N THR B 99 -31.93 -36.03 -21.95
CA THR B 99 -31.05 -34.87 -21.94
C THR B 99 -29.92 -35.15 -20.95
N PHE B 100 -30.03 -34.63 -19.72
CA PHE B 100 -29.01 -34.81 -18.69
C PHE B 100 -29.74 -34.60 -17.37
N THR B 101 -29.90 -35.67 -16.58
CA THR B 101 -30.59 -35.59 -15.30
C THR B 101 -29.73 -36.30 -14.28
N PHE B 102 -29.32 -35.56 -13.24
CA PHE B 102 -28.53 -36.10 -12.15
C PHE B 102 -29.44 -36.66 -11.07
N GLY B 103 -28.93 -37.64 -10.34
CA GLY B 103 -29.61 -38.15 -9.17
C GLY B 103 -29.41 -37.19 -8.02
N PRO B 104 -30.10 -37.42 -6.89
CA PRO B 104 -29.91 -36.54 -5.73
C PRO B 104 -28.54 -36.70 -5.07
N GLY B 105 -27.99 -37.89 -5.08
CA GLY B 105 -26.64 -38.16 -4.62
C GLY B 105 -26.62 -38.92 -3.29
N THR B 106 -25.50 -39.59 -3.05
CA THR B 106 -25.26 -40.38 -1.84
C THR B 106 -24.01 -39.84 -1.15
N LYS B 107 -24.11 -39.63 0.17
CA LYS B 107 -23.00 -39.14 0.98
C LYS B 107 -22.14 -40.31 1.47
N VAL B 108 -20.84 -40.25 1.18
CA VAL B 108 -19.91 -41.32 1.52
C VAL B 108 -19.24 -41.03 2.86
N ASP B 109 -19.95 -41.25 3.96
CA ASP B 109 -19.39 -40.97 5.27
C ASP B 109 -18.35 -42.03 5.64
N ILE B 110 -17.50 -41.68 6.60
CA ILE B 110 -16.46 -42.56 7.11
C ILE B 110 -16.94 -43.07 8.46
N LYS B 111 -17.47 -44.30 8.47
CA LYS B 111 -17.97 -44.91 9.70
C LYS B 111 -16.84 -45.63 10.44
N GLN C 1 -16.26 -22.47 -54.61
CA GLN C 1 -14.91 -22.21 -54.05
C GLN C 1 -13.98 -23.42 -54.26
N VAL C 2 -14.49 -24.55 -54.79
CA VAL C 2 -13.61 -25.68 -55.07
C VAL C 2 -12.60 -25.21 -56.11
N GLN C 3 -11.32 -25.45 -55.86
CA GLN C 3 -10.26 -25.14 -56.80
C GLN C 3 -9.37 -26.35 -57.04
N LEU C 4 -9.08 -26.64 -58.31
CA LEU C 4 -8.15 -27.70 -58.71
C LEU C 4 -7.09 -27.09 -59.62
N VAL C 5 -5.87 -27.00 -59.11
CA VAL C 5 -4.76 -26.33 -59.77
C VAL C 5 -3.77 -27.41 -60.16
N GLN C 6 -3.67 -27.67 -61.46
CA GLN C 6 -2.75 -28.66 -61.98
C GLN C 6 -1.39 -28.05 -62.26
N SER C 7 -0.40 -28.91 -62.38
CA SER C 7 0.94 -28.47 -62.76
C SER C 7 1.68 -29.66 -63.35
N GLY C 8 2.76 -29.35 -64.04
CA GLY C 8 3.57 -30.34 -64.72
C GLY C 8 3.18 -30.43 -66.18
N GLY C 9 3.53 -31.56 -66.78
CA GLY C 9 3.24 -31.83 -68.18
C GLY C 9 4.30 -31.32 -69.14
N GLY C 10 3.91 -30.99 -70.37
CA GLY C 10 4.83 -30.45 -71.36
C GLY C 10 5.27 -31.46 -72.40
N LEU C 11 6.48 -31.28 -72.92
CA LEU C 11 7.02 -32.08 -74.01
C LEU C 11 7.89 -33.17 -73.42
N VAL C 12 7.79 -34.40 -73.96
CA VAL C 12 8.61 -35.50 -73.47
C VAL C 12 8.86 -36.47 -74.60
N LYS C 13 10.03 -37.12 -74.58
CA LYS C 13 10.32 -38.09 -75.64
C LYS C 13 9.62 -39.43 -75.37
N PRO C 14 9.28 -40.18 -76.43
CA PRO C 14 8.74 -41.53 -76.24
C PRO C 14 9.64 -42.37 -75.34
N GLY C 15 9.02 -43.13 -74.46
CA GLY C 15 9.73 -43.89 -73.46
C GLY C 15 10.10 -43.11 -72.22
N GLY C 16 9.97 -41.79 -72.24
CA GLY C 16 10.32 -40.99 -71.08
C GLY C 16 9.21 -41.00 -70.06
N SER C 17 9.39 -40.18 -69.03
CA SER C 17 8.50 -40.14 -67.86
C SER C 17 8.15 -38.73 -67.45
N LEU C 18 6.88 -38.53 -67.06
CA LEU C 18 6.39 -37.29 -66.47
C LEU C 18 5.59 -37.58 -65.19
N ARG C 19 5.67 -36.65 -64.24
CA ARG C 19 4.86 -36.66 -63.02
C ARG C 19 3.94 -35.43 -63.05
N LEU C 20 2.66 -35.65 -63.32
CA LEU C 20 1.65 -34.60 -63.24
C LEU C 20 1.17 -34.47 -61.80
N SER C 21 0.94 -33.24 -61.36
CA SER C 21 0.44 -32.98 -60.01
C SER C 21 -0.76 -32.04 -60.07
N CYS C 22 -1.58 -32.16 -59.04
CA CYS C 22 -2.81 -31.40 -58.91
C CYS C 22 -3.05 -31.15 -57.43
N THR C 23 -3.27 -29.88 -57.07
CA THR C 23 -3.49 -29.45 -55.71
C THR C 23 -4.91 -28.92 -55.59
N ALA C 24 -5.58 -29.27 -54.52
CA ALA C 24 -7.02 -29.07 -54.39
C ALA C 24 -7.33 -28.26 -53.15
N SER C 25 -8.36 -27.43 -53.28
CA SER C 25 -8.91 -26.70 -52.16
C SER C 25 -10.41 -26.58 -52.33
N GLY C 26 -11.08 -26.28 -51.21
CA GLY C 26 -12.50 -26.05 -51.18
C GLY C 26 -13.34 -27.25 -50.81
N PHE C 27 -12.72 -28.35 -50.36
CA PHE C 27 -13.49 -29.51 -49.94
C PHE C 27 -12.58 -30.36 -49.06
N SER C 28 -13.14 -31.44 -48.52
CA SER C 28 -12.42 -32.31 -47.60
C SER C 28 -11.61 -33.34 -48.38
N PHE C 29 -10.43 -32.92 -48.83
CA PHE C 29 -9.60 -33.73 -49.71
C PHE C 29 -9.35 -35.12 -49.14
N SER C 30 -9.16 -35.24 -47.83
CA SER C 30 -8.80 -36.54 -47.28
C SER C 30 -9.95 -37.53 -47.31
N ASP C 31 -11.20 -37.06 -47.44
CA ASP C 31 -12.35 -37.94 -47.55
C ASP C 31 -12.75 -38.24 -48.98
N SER C 32 -12.23 -37.50 -49.95
CA SER C 32 -12.72 -37.57 -51.31
C SER C 32 -11.78 -38.44 -52.15
N TYR C 33 -12.35 -39.24 -53.03
CA TYR C 33 -11.57 -39.81 -54.12
C TYR C 33 -11.07 -38.71 -55.04
N MET C 34 -10.07 -39.08 -55.85
CA MET C 34 -9.54 -38.21 -56.89
C MET C 34 -9.17 -39.10 -58.05
N SER C 35 -9.30 -38.54 -59.25
CA SER C 35 -9.13 -39.31 -60.47
C SER C 35 -8.45 -38.44 -61.52
N TRP C 36 -7.89 -39.13 -62.51
CA TRP C 36 -7.26 -38.53 -63.67
C TRP C 36 -7.96 -38.99 -64.92
N ILE C 37 -8.22 -38.04 -65.81
CA ILE C 37 -8.90 -38.29 -67.08
C ILE C 37 -8.14 -37.55 -68.16
N ARG C 38 -8.04 -38.15 -69.36
CA ARG C 38 -7.32 -37.55 -70.49
C ARG C 38 -8.23 -37.50 -71.71
N GLN C 39 -7.80 -36.72 -72.70
CA GLN C 39 -8.52 -36.56 -73.97
C GLN C 39 -7.47 -36.31 -75.03
N ALA C 40 -7.22 -37.31 -75.88
CA ALA C 40 -6.25 -37.11 -76.94
C ALA C 40 -6.81 -36.15 -77.97
N PRO C 41 -5.94 -35.58 -78.83
CA PRO C 41 -6.42 -34.62 -79.84
C PRO C 41 -7.53 -35.16 -80.72
N GLY C 42 -8.66 -34.47 -80.71
CA GLY C 42 -9.80 -34.82 -81.55
C GLY C 42 -10.50 -36.11 -81.21
N LYS C 43 -10.16 -36.74 -80.09
CA LYS C 43 -10.75 -37.99 -79.66
C LYS C 43 -11.62 -37.72 -78.44
N GLY C 44 -12.25 -38.77 -77.94
CA GLY C 44 -13.11 -38.67 -76.80
C GLY C 44 -12.37 -38.74 -75.47
N LEU C 45 -13.13 -38.47 -74.42
CA LEU C 45 -12.62 -38.58 -73.06
C LEU C 45 -12.25 -40.03 -72.76
N GLU C 46 -11.13 -40.21 -72.04
CA GLU C 46 -10.66 -41.53 -71.67
C GLU C 46 -10.34 -41.51 -70.18
N TRP C 47 -11.18 -42.16 -69.39
CA TRP C 47 -10.93 -42.29 -67.96
C TRP C 47 -9.71 -43.16 -67.71
N LEU C 48 -8.86 -42.74 -66.76
CA LEU C 48 -7.57 -43.37 -66.52
C LEU C 48 -7.45 -44.06 -65.16
N THR C 49 -7.66 -43.35 -64.07
CA THR C 49 -7.41 -43.93 -62.75
C THR C 49 -8.05 -43.11 -61.65
N TYR C 50 -8.27 -43.76 -60.51
CA TYR C 50 -8.67 -43.05 -59.30
C TYR C 50 -7.99 -43.64 -58.07
N ILE C 51 -8.09 -42.89 -56.98
CA ILE C 51 -7.42 -43.27 -55.73
C ILE C 51 -8.33 -42.83 -54.58
N SER C 52 -8.57 -43.75 -53.65
CA SER C 52 -9.37 -43.44 -52.48
C SER C 52 -8.64 -42.44 -51.58
N GLY C 53 -9.38 -41.91 -50.61
CA GLY C 53 -8.82 -40.92 -49.71
C GLY C 53 -7.63 -41.46 -48.93
N SER C 54 -7.73 -42.72 -48.50
CA SER C 54 -6.62 -43.35 -47.78
C SER C 54 -5.49 -43.77 -48.69
N GLY C 55 -5.76 -43.93 -50.00
CA GLY C 55 -4.76 -44.44 -50.90
C GLY C 55 -4.76 -45.94 -51.01
N GLU C 56 -5.64 -46.62 -50.26
CA GLU C 56 -5.65 -48.08 -50.23
C GLU C 56 -6.40 -48.70 -51.40
N ILE C 57 -7.33 -47.98 -52.02
CA ILE C 57 -8.07 -48.44 -53.19
C ILE C 57 -7.57 -47.65 -54.39
N ILE C 58 -7.14 -48.35 -55.44
CA ILE C 58 -6.63 -47.75 -56.66
C ILE C 58 -7.13 -48.58 -57.84
N SER C 59 -7.48 -47.89 -58.91
CA SER C 59 -7.92 -48.53 -60.14
C SER C 59 -7.27 -47.85 -61.34
N TYR C 60 -6.94 -48.64 -62.35
CA TYR C 60 -6.34 -48.14 -63.59
C TYR C 60 -7.14 -48.66 -64.76
N ALA C 61 -7.37 -47.80 -65.75
CA ALA C 61 -7.98 -48.30 -66.98
C ALA C 61 -7.02 -49.28 -67.64
N ASP C 62 -7.59 -50.21 -68.40
CA ASP C 62 -6.78 -51.24 -69.06
C ASP C 62 -5.75 -50.64 -69.99
N SER C 63 -6.09 -49.52 -70.63
CA SER C 63 -5.18 -48.87 -71.57
C SER C 63 -3.94 -48.30 -70.90
N VAL C 64 -3.93 -48.24 -69.57
CA VAL C 64 -2.87 -47.58 -68.83
C VAL C 64 -2.28 -48.45 -67.71
N LYS C 65 -2.99 -49.51 -67.27
CA LYS C 65 -2.50 -50.41 -66.22
C LYS C 65 -1.08 -50.85 -66.53
N GLY C 66 -0.23 -50.80 -65.51
CA GLY C 66 1.13 -51.24 -65.64
C GLY C 66 2.09 -50.16 -66.09
N ARG C 67 1.59 -49.03 -66.59
CA ARG C 67 2.47 -47.96 -67.05
C ARG C 67 2.38 -46.70 -66.20
N PHE C 68 1.20 -46.35 -65.69
CA PHE C 68 1.03 -45.17 -64.85
C PHE C 68 0.84 -45.59 -63.40
N THR C 69 1.12 -44.64 -62.50
CA THR C 69 0.96 -44.85 -61.07
C THR C 69 0.39 -43.59 -60.47
N ILE C 70 -0.75 -43.74 -59.81
CA ILE C 70 -1.44 -42.67 -59.10
C ILE C 70 -1.05 -42.75 -57.64
N SER C 71 -0.96 -41.58 -57.03
CA SER C 71 -0.62 -41.45 -55.62
C SER C 71 -1.21 -40.13 -55.14
N ARG C 72 -1.22 -39.94 -53.83
CA ARG C 72 -1.78 -38.74 -53.24
C ARG C 72 -1.05 -38.45 -51.94
N ASP C 73 -1.05 -37.17 -51.56
CA ASP C 73 -0.50 -36.72 -50.29
C ASP C 73 -1.56 -35.84 -49.64
N ASN C 74 -2.36 -36.42 -48.74
CA ASN C 74 -3.46 -35.66 -48.13
C ASN C 74 -2.97 -34.45 -47.34
N ALA C 75 -1.77 -34.55 -46.77
CA ALA C 75 -1.23 -33.41 -46.03
C ALA C 75 -0.94 -32.24 -46.95
N LYS C 76 -0.57 -32.51 -48.19
CA LYS C 76 -0.36 -31.49 -49.20
C LYS C 76 -1.61 -31.20 -50.03
N LYS C 77 -2.71 -31.93 -49.79
CA LYS C 77 -3.96 -31.78 -50.56
C LYS C 77 -3.69 -31.91 -52.04
N SER C 78 -2.90 -32.93 -52.40
CA SER C 78 -2.41 -33.10 -53.75
C SER C 78 -2.54 -34.54 -54.19
N VAL C 79 -2.76 -34.72 -55.49
CA VAL C 79 -2.82 -36.02 -56.11
C VAL C 79 -1.88 -35.99 -57.30
N TYR C 80 -1.15 -37.08 -57.50
CA TYR C 80 -0.07 -37.17 -58.46
C TYR C 80 -0.36 -38.30 -59.42
N LEU C 81 0.24 -38.20 -60.61
CA LEU C 81 0.16 -39.25 -61.64
C LEU C 81 1.56 -39.41 -62.22
N GLN C 82 2.23 -40.50 -61.88
CA GLN C 82 3.54 -40.81 -62.46
C GLN C 82 3.37 -41.62 -63.75
N MET C 83 3.73 -41.04 -64.88
CA MET C 83 3.60 -41.67 -66.19
C MET C 83 4.98 -42.11 -66.67
N ASP C 84 5.17 -43.42 -66.83
CA ASP C 84 6.45 -43.99 -67.22
C ASP C 84 6.28 -44.71 -68.55
N SER C 85 7.40 -44.89 -69.27
CA SER C 85 7.39 -45.61 -70.56
C SER C 85 6.36 -45.01 -71.52
N LEU C 86 6.32 -43.68 -71.59
CA LEU C 86 5.32 -43.00 -72.39
C LEU C 86 5.41 -43.36 -73.88
N ARG C 87 4.28 -43.23 -74.55
CA ARG C 87 4.17 -43.50 -75.98
C ARG C 87 3.44 -42.38 -76.68
N ALA C 88 3.58 -42.37 -78.01
CA ALA C 88 2.91 -41.37 -78.83
C ALA C 88 1.40 -41.37 -78.62
N GLU C 89 0.84 -42.52 -78.27
CA GLU C 89 -0.59 -42.62 -78.05
C GLU C 89 -1.02 -41.76 -76.86
N ASP C 90 -0.10 -41.53 -75.93
CA ASP C 90 -0.40 -40.83 -74.70
C ASP C 90 -0.51 -39.31 -74.86
N THR C 91 -0.15 -38.76 -76.02
CA THR C 91 -0.29 -37.32 -76.24
C THR C 91 -1.74 -36.93 -76.04
N ALA C 92 -1.98 -36.01 -75.12
CA ALA C 92 -3.34 -35.65 -74.78
C ALA C 92 -3.34 -34.52 -73.76
N VAL C 93 -4.52 -33.96 -73.54
CA VAL C 93 -4.77 -33.06 -72.42
C VAL C 93 -5.20 -33.91 -71.24
N TYR C 94 -4.52 -33.71 -70.10
CA TYR C 94 -4.76 -34.48 -68.90
C TYR C 94 -5.51 -33.64 -67.89
N TYR C 95 -6.59 -34.18 -67.33
CA TYR C 95 -7.46 -33.46 -66.41
C TYR C 95 -7.39 -34.13 -65.04
N CYS C 96 -7.23 -33.30 -64.01
CA CYS C 96 -7.50 -33.70 -62.64
C CYS C 96 -8.99 -33.53 -62.35
N ALA C 97 -9.59 -34.51 -61.67
CA ALA C 97 -11.02 -34.43 -61.36
C ALA C 97 -11.29 -34.86 -59.92
N ARG C 98 -12.20 -34.13 -59.25
CA ARG C 98 -12.71 -34.46 -57.93
C ARG C 98 -14.18 -34.86 -58.04
N PRO C 99 -14.64 -35.89 -57.33
CA PRO C 99 -16.05 -36.29 -57.45
C PRO C 99 -16.97 -35.41 -56.61
N SER C 100 -18.26 -35.58 -56.85
CA SER C 100 -19.30 -34.75 -56.26
C SER C 100 -19.54 -35.04 -54.80
N ASP C 101 -19.09 -36.18 -54.29
CA ASP C 101 -19.26 -36.50 -52.90
C ASP C 101 -18.14 -37.44 -52.49
N TYR C 102 -18.26 -38.04 -51.31
CA TYR C 102 -17.13 -38.71 -50.67
C TYR C 102 -17.27 -40.23 -50.65
N PHE C 103 -17.97 -40.81 -51.63
CA PHE C 103 -18.12 -42.25 -51.79
C PHE C 103 -17.36 -42.74 -53.01
N GLU C 104 -17.18 -44.07 -53.07
CA GLU C 104 -16.44 -44.68 -54.17
C GLU C 104 -17.19 -44.66 -55.49
N THR C 105 -18.49 -44.41 -55.47
CA THR C 105 -19.31 -44.32 -56.66
C THR C 105 -19.56 -42.88 -57.10
N SER C 106 -19.08 -41.91 -56.35
CA SER C 106 -19.40 -40.52 -56.65
C SER C 106 -18.77 -40.10 -57.98
N GLU C 107 -19.57 -39.43 -58.81
CA GLU C 107 -19.21 -39.11 -60.19
C GLU C 107 -18.35 -37.85 -60.23
N GLU C 108 -17.44 -37.80 -61.20
CA GLU C 108 -16.60 -36.61 -61.39
C GLU C 108 -17.45 -35.36 -61.52
N LEU C 109 -16.99 -34.28 -60.89
CA LEU C 109 -17.75 -33.03 -60.87
C LEU C 109 -16.91 -31.82 -61.23
N ASP C 110 -15.81 -31.60 -60.51
CA ASP C 110 -14.99 -30.41 -60.69
C ASP C 110 -13.69 -30.85 -61.35
N TRP C 111 -13.26 -30.07 -62.34
CA TRP C 111 -12.13 -30.41 -63.19
C TRP C 111 -11.06 -29.34 -63.11
N GLY C 112 -9.80 -29.77 -63.15
CA GLY C 112 -8.72 -28.83 -63.30
C GLY C 112 -8.72 -28.18 -64.67
N GLN C 113 -7.76 -27.27 -64.86
CA GLN C 113 -7.72 -26.53 -66.12
C GLN C 113 -7.24 -27.38 -67.28
N GLY C 114 -6.65 -28.54 -67.02
CA GLY C 114 -6.13 -29.40 -68.05
C GLY C 114 -4.68 -29.11 -68.32
N THR C 115 -3.89 -30.15 -68.61
CA THR C 115 -2.46 -30.01 -68.90
C THR C 115 -2.18 -30.75 -70.19
N LEU C 116 -1.53 -30.08 -71.14
CA LEU C 116 -1.18 -30.70 -72.41
C LEU C 116 0.12 -31.50 -72.25
N VAL C 117 0.07 -32.80 -72.55
CA VAL C 117 1.25 -33.65 -72.56
C VAL C 117 1.44 -34.12 -73.98
N THR C 118 2.62 -33.88 -74.53
CA THR C 118 2.99 -34.21 -75.89
C THR C 118 4.16 -35.17 -75.84
N VAL C 119 3.99 -36.36 -76.42
CA VAL C 119 5.06 -37.34 -76.47
C VAL C 119 5.59 -37.41 -77.88
N SER C 120 6.81 -36.90 -78.08
CA SER C 120 7.42 -36.84 -79.40
C SER C 120 8.92 -36.69 -79.27
N SER C 121 9.65 -37.38 -80.12
CA SER C 121 11.08 -37.24 -80.27
C SER C 121 11.45 -36.15 -81.27
N ALA C 122 10.48 -35.39 -81.76
CA ALA C 122 10.82 -34.42 -82.78
C ALA C 122 11.49 -33.22 -82.14
N SER C 123 12.14 -32.42 -82.98
CA SER C 123 12.76 -31.18 -82.55
C SER C 123 12.00 -29.98 -83.11
N THR C 124 12.14 -28.86 -82.42
CA THR C 124 11.49 -27.64 -82.88
C THR C 124 11.99 -27.28 -84.27
N LYS C 125 11.04 -27.10 -85.18
CA LYS C 125 11.32 -26.75 -86.55
C LYS C 125 10.23 -25.80 -87.02
N GLY C 126 10.65 -24.76 -87.73
CA GLY C 126 9.75 -23.82 -88.31
C GLY C 126 9.15 -24.39 -89.60
N PRO C 127 7.99 -23.90 -90.01
CA PRO C 127 7.33 -24.46 -91.20
C PRO C 127 7.97 -23.96 -92.48
N SER C 128 7.76 -24.74 -93.54
CA SER C 128 8.01 -24.29 -94.91
C SER C 128 6.67 -23.93 -95.53
N VAL C 129 6.64 -22.80 -96.20
CA VAL C 129 5.41 -22.23 -96.77
C VAL C 129 5.53 -22.21 -98.28
N PHE C 130 4.65 -22.97 -98.95
CA PHE C 130 4.55 -23.09 -100.40
C PHE C 130 3.19 -22.58 -100.85
N PRO C 131 3.08 -21.96 -102.03
CA PRO C 131 1.78 -21.42 -102.44
C PRO C 131 0.87 -22.51 -103.00
N LEU C 132 -0.42 -22.20 -103.01
CA LEU C 132 -1.43 -23.02 -103.66
C LEU C 132 -2.10 -22.06 -104.62
N ALA C 133 -1.67 -22.09 -105.89
CA ALA C 133 -1.89 -21.03 -106.85
C ALA C 133 -3.21 -21.23 -107.60
N PRO C 134 -3.93 -20.16 -107.96
CA PRO C 134 -5.10 -20.31 -108.83
C PRO C 134 -4.74 -20.96 -110.16
N SER C 135 -5.78 -21.38 -110.88
CA SER C 135 -5.61 -22.01 -112.20
C SER C 135 -6.29 -21.20 -113.29
N GLY C 142 -16.28 -17.05 -112.68
CA GLY C 142 -16.85 -17.21 -111.35
C GLY C 142 -15.95 -16.68 -110.24
N THR C 143 -15.74 -17.49 -109.19
CA THR C 143 -14.77 -17.20 -108.15
C THR C 143 -13.66 -18.25 -108.20
N ALA C 144 -12.47 -17.83 -107.79
CA ALA C 144 -11.28 -18.68 -107.75
C ALA C 144 -10.85 -18.92 -106.31
N ALA C 145 -9.95 -19.88 -106.13
CA ALA C 145 -9.46 -20.26 -104.82
C ALA C 145 -7.93 -20.31 -104.84
N LEU C 146 -7.33 -19.92 -103.73
CA LEU C 146 -5.88 -19.95 -103.60
C LEU C 146 -5.51 -20.03 -102.13
N GLY C 147 -4.27 -20.43 -101.89
CA GLY C 147 -3.84 -20.62 -100.51
C GLY C 147 -2.35 -20.83 -100.42
N CYS C 148 -1.92 -21.11 -99.21
CA CYS C 148 -0.53 -21.41 -98.89
C CYS C 148 -0.54 -22.66 -98.00
N LEU C 149 0.41 -23.54 -98.26
CA LEU C 149 0.62 -24.82 -97.57
C LEU C 149 1.74 -24.70 -96.56
N VAL C 150 1.37 -24.75 -95.28
CA VAL C 150 2.31 -24.71 -94.16
C VAL C 150 2.67 -26.14 -93.78
N LYS C 151 3.93 -26.51 -94.00
CA LYS C 151 4.37 -27.90 -94.01
C LYS C 151 5.58 -28.11 -93.13
N ASP C 152 5.61 -29.25 -92.42
CA ASP C 152 6.79 -29.71 -91.70
C ASP C 152 7.24 -28.71 -90.64
N TYR C 153 6.41 -28.58 -89.59
CA TYR C 153 6.76 -27.77 -88.44
C TYR C 153 6.49 -28.55 -87.16
N PHE C 154 7.17 -28.13 -86.09
CA PHE C 154 6.99 -28.76 -84.80
C PHE C 154 7.53 -27.81 -83.74
N PRO C 155 6.87 -27.67 -82.57
CA PRO C 155 5.60 -28.23 -82.14
C PRO C 155 4.46 -27.35 -82.61
N GLU C 156 3.23 -27.66 -82.23
CA GLU C 156 2.11 -26.78 -82.49
C GLU C 156 2.23 -25.56 -81.58
N PRO C 157 1.55 -24.46 -81.91
CA PRO C 157 0.71 -24.18 -83.07
C PRO C 157 1.43 -23.28 -84.07
N VAL C 158 0.73 -22.94 -85.15
CA VAL C 158 1.13 -21.86 -86.04
C VAL C 158 -0.12 -21.03 -86.23
N THR C 159 0.08 -19.75 -86.52
CA THR C 159 -0.98 -18.80 -86.80
C THR C 159 -0.86 -18.38 -88.26
N VAL C 160 -2.00 -18.10 -88.89
CA VAL C 160 -2.02 -17.73 -90.30
C VAL C 160 -3.12 -16.71 -90.52
N SER C 161 -2.74 -15.56 -91.08
CA SER C 161 -3.65 -14.53 -91.56
C SER C 161 -3.34 -14.26 -93.03
N TRP C 162 -4.06 -13.28 -93.59
CA TRP C 162 -3.92 -12.89 -95.00
C TRP C 162 -3.91 -11.39 -95.13
N ASN C 163 -2.85 -10.85 -95.76
CA ASN C 163 -2.67 -9.41 -95.88
C ASN C 163 -2.65 -8.73 -94.52
N SER C 164 -2.15 -9.44 -93.50
CA SER C 164 -2.02 -8.94 -92.13
C SER C 164 -3.36 -8.53 -91.53
N GLY C 165 -4.31 -9.47 -91.55
CA GLY C 165 -5.60 -9.28 -90.91
C GLY C 165 -6.62 -8.50 -91.71
N ALA C 166 -6.26 -8.02 -92.91
CA ALA C 166 -7.18 -7.28 -93.75
C ALA C 166 -8.14 -8.18 -94.50
N LEU C 167 -7.79 -9.46 -94.66
CA LEU C 167 -8.60 -10.45 -95.35
C LEU C 167 -9.01 -11.52 -94.37
N THR C 168 -10.32 -11.63 -94.13
CA THR C 168 -10.86 -12.58 -93.18
C THR C 168 -11.99 -13.39 -93.79
N SER C 169 -12.80 -12.78 -94.66
CA SER C 169 -13.92 -13.49 -95.25
C SER C 169 -13.44 -14.50 -96.28
N GLY C 170 -14.06 -15.68 -96.25
CA GLY C 170 -13.72 -16.78 -97.11
C GLY C 170 -12.48 -17.55 -96.72
N VAL C 171 -11.88 -17.26 -95.56
CA VAL C 171 -10.66 -17.90 -95.10
C VAL C 171 -11.02 -19.17 -94.35
N HIS C 172 -10.32 -20.26 -94.65
CA HIS C 172 -10.42 -21.54 -93.95
C HIS C 172 -9.02 -22.05 -93.67
N THR C 173 -8.56 -21.92 -92.42
CA THR C 173 -7.27 -22.44 -92.00
C THR C 173 -7.52 -23.80 -91.35
N PHE C 174 -7.12 -24.88 -92.02
CA PHE C 174 -7.48 -26.22 -91.58
C PHE C 174 -6.66 -26.65 -90.35
N PRO C 175 -7.22 -27.54 -89.52
CA PRO C 175 -6.44 -28.05 -88.39
C PRO C 175 -5.24 -28.83 -88.88
N ALA C 176 -4.16 -28.78 -88.09
CA ALA C 176 -2.93 -29.42 -88.50
C ALA C 176 -3.10 -30.92 -88.43
N VAL C 177 -2.35 -31.62 -89.28
CA VAL C 177 -2.28 -33.07 -89.24
C VAL C 177 -0.89 -33.45 -88.79
N LEU C 178 -0.79 -34.57 -88.09
CA LEU C 178 0.49 -35.08 -87.66
C LEU C 178 0.92 -36.12 -88.68
N GLN C 179 2.09 -35.92 -89.24
CA GLN C 179 2.57 -36.77 -90.31
C GLN C 179 3.40 -37.90 -89.74
N SER C 180 3.65 -38.90 -90.58
CA SER C 180 4.49 -40.03 -90.20
C SER C 180 5.88 -39.58 -89.77
N SER C 181 6.31 -38.40 -90.21
CA SER C 181 7.61 -37.84 -89.80
C SER C 181 7.61 -37.28 -88.39
N GLY C 182 6.45 -37.17 -87.75
CA GLY C 182 6.38 -36.51 -86.45
C GLY C 182 6.26 -35.01 -86.53
N LEU C 183 6.14 -34.46 -87.73
CA LEU C 183 5.92 -33.04 -87.95
C LEU C 183 4.51 -32.79 -88.41
N TYR C 184 4.05 -31.57 -88.18
CA TYR C 184 2.69 -31.17 -88.49
C TYR C 184 2.67 -30.46 -89.84
N SER C 185 1.47 -30.38 -90.42
CA SER C 185 1.24 -29.66 -91.66
C SER C 185 -0.19 -29.20 -91.67
N LEU C 186 -0.41 -28.06 -92.29
CA LEU C 186 -1.75 -27.56 -92.52
C LEU C 186 -1.73 -26.69 -93.75
N SER C 187 -2.92 -26.33 -94.19
CA SER C 187 -3.12 -25.45 -95.33
C SER C 187 -4.12 -24.39 -94.91
N SER C 188 -3.88 -23.17 -95.37
CA SER C 188 -4.83 -22.08 -95.21
C SER C 188 -5.19 -21.62 -96.60
N VAL C 189 -6.49 -21.53 -96.87
CA VAL C 189 -6.99 -21.19 -98.19
C VAL C 189 -8.01 -20.08 -98.03
N VAL C 190 -8.11 -19.27 -99.07
CA VAL C 190 -9.06 -18.17 -99.10
C VAL C 190 -9.71 -18.21 -100.47
N THR C 191 -11.00 -17.90 -100.54
CA THR C 191 -11.73 -17.89 -101.80
C THR C 191 -12.08 -16.45 -102.13
N VAL C 192 -11.77 -16.03 -103.35
CA VAL C 192 -11.87 -14.64 -103.78
C VAL C 192 -12.37 -14.58 -105.22
N PRO C 193 -12.88 -13.42 -105.66
CA PRO C 193 -13.27 -13.27 -107.06
C PRO C 193 -12.11 -13.39 -108.03
N SER C 194 -12.42 -13.94 -109.21
CA SER C 194 -11.39 -14.12 -110.23
C SER C 194 -10.85 -12.78 -110.71
N SER C 195 -11.70 -11.76 -110.77
CA SER C 195 -11.29 -10.47 -111.31
C SER C 195 -10.17 -9.85 -110.51
N SER C 196 -10.25 -9.90 -109.19
CA SER C 196 -9.32 -9.19 -108.33
C SER C 196 -7.90 -9.73 -108.39
N LEU C 197 -7.68 -10.90 -109.00
CA LEU C 197 -6.39 -11.58 -108.91
C LEU C 197 -5.22 -10.71 -109.36
N GLY C 198 -5.20 -10.31 -110.63
CA GLY C 198 -4.06 -9.53 -111.11
C GLY C 198 -3.89 -8.18 -110.44
N THR C 199 -4.98 -7.55 -110.01
CA THR C 199 -4.93 -6.23 -109.41
C THR C 199 -4.84 -6.27 -107.88
N GLN C 200 -4.54 -7.42 -107.29
CA GLN C 200 -4.50 -7.59 -105.85
C GLN C 200 -3.39 -8.56 -105.52
N THR C 201 -2.55 -8.20 -104.56
CA THR C 201 -1.48 -9.05 -104.08
C THR C 201 -1.97 -9.77 -102.84
N TYR C 202 -1.90 -11.10 -102.85
CA TYR C 202 -2.33 -11.92 -101.73
C TYR C 202 -1.10 -12.55 -101.12
N ILE C 203 -0.96 -12.37 -99.81
CA ILE C 203 0.14 -12.93 -99.03
C ILE C 203 -0.42 -13.54 -97.76
N CYS C 204 0.10 -14.70 -97.37
CA CYS C 204 -0.31 -15.33 -96.13
C CYS C 204 0.82 -15.11 -95.14
N ASN C 205 0.47 -14.71 -93.92
CA ASN C 205 1.44 -14.40 -92.89
C ASN C 205 1.44 -15.54 -91.89
N VAL C 206 2.47 -16.39 -91.96
CA VAL C 206 2.57 -17.59 -91.13
C VAL C 206 3.56 -17.30 -90.01
N ASN C 207 3.17 -17.61 -88.77
CA ASN C 207 3.97 -17.34 -87.58
C ASN C 207 4.01 -18.59 -86.72
N HIS C 208 5.22 -18.99 -86.31
CA HIS C 208 5.46 -20.19 -85.50
C HIS C 208 6.34 -19.73 -84.35
N LYS C 209 5.67 -19.42 -83.24
CA LYS C 209 6.35 -18.85 -82.07
C LYS C 209 7.41 -19.76 -81.46
N PRO C 210 7.19 -21.08 -81.29
CA PRO C 210 8.22 -21.89 -80.60
C PRO C 210 9.58 -21.84 -81.26
N SER C 211 9.62 -21.80 -82.58
CA SER C 211 10.87 -21.70 -83.32
C SER C 211 11.27 -20.26 -83.63
N ASN C 212 10.43 -19.28 -83.29
CA ASN C 212 10.67 -17.87 -83.58
C ASN C 212 10.83 -17.65 -85.09
N THR C 213 9.78 -18.00 -85.83
CA THR C 213 9.75 -17.91 -87.28
C THR C 213 8.55 -17.11 -87.76
N LYS C 214 8.79 -16.21 -88.70
CA LYS C 214 7.72 -15.47 -89.38
C LYS C 214 8.03 -15.56 -90.86
N VAL C 215 7.01 -15.83 -91.66
CA VAL C 215 7.13 -15.97 -93.11
C VAL C 215 5.91 -15.31 -93.74
N ASP C 216 6.13 -14.60 -94.85
CA ASP C 216 5.05 -13.91 -95.56
C ASP C 216 5.12 -14.24 -97.06
N LYS C 217 4.83 -15.49 -97.44
CA LYS C 217 4.99 -15.87 -98.84
C LYS C 217 3.84 -15.29 -99.67
N ARG C 218 4.20 -14.66 -100.78
CA ARG C 218 3.23 -14.26 -101.79
C ARG C 218 2.61 -15.48 -102.46
N VAL C 219 1.37 -15.35 -102.91
CA VAL C 219 0.68 -16.39 -103.66
C VAL C 219 0.16 -15.70 -104.91
N GLU C 220 0.93 -15.79 -105.99
CA GLU C 220 0.64 -15.21 -107.27
C GLU C 220 0.26 -16.29 -108.28
N PRO C 221 -0.55 -15.97 -109.32
CA PRO C 221 -0.77 -16.96 -110.39
C PRO C 221 0.52 -17.44 -111.04
N LYS C 222 0.43 -18.15 -112.16
CA LYS C 222 1.57 -18.86 -112.73
C LYS C 222 1.77 -18.54 -114.20
N SER C 223 3.02 -18.70 -114.66
CA SER C 223 3.43 -18.55 -116.06
C SER C 223 2.42 -19.07 -117.09
N GLU D 1 -13.39 -54.36 -68.11
CA GLU D 1 -13.97 -53.01 -68.22
C GLU D 1 -15.40 -53.04 -68.74
N ILE D 2 -16.28 -52.26 -68.11
CA ILE D 2 -17.64 -52.13 -68.63
C ILE D 2 -17.58 -51.25 -69.87
N VAL D 3 -17.93 -51.81 -71.02
CA VAL D 3 -17.93 -51.07 -72.27
C VAL D 3 -19.23 -50.30 -72.37
N MET D 4 -19.11 -49.00 -72.66
CA MET D 4 -20.22 -48.09 -72.86
C MET D 4 -20.34 -47.81 -74.36
N THR D 5 -21.52 -48.07 -74.93
CA THR D 5 -21.74 -47.94 -76.37
C THR D 5 -22.80 -46.87 -76.59
N GLN D 6 -22.36 -45.72 -77.11
CA GLN D 6 -23.23 -44.59 -77.42
C GLN D 6 -23.69 -44.61 -78.86
N SER D 7 -24.94 -44.19 -79.06
CA SER D 7 -25.48 -43.91 -80.37
C SER D 7 -26.29 -42.62 -80.28
N PRO D 8 -26.36 -41.84 -81.39
CA PRO D 8 -25.55 -41.96 -82.61
C PRO D 8 -24.16 -41.44 -82.29
N SER D 9 -23.19 -41.52 -83.20
CA SER D 9 -21.89 -40.89 -82.96
C SER D 9 -21.93 -39.40 -83.28
N SER D 10 -22.74 -39.02 -84.28
CA SER D 10 -22.95 -37.66 -84.69
C SER D 10 -24.44 -37.45 -84.85
N LEU D 11 -24.86 -36.19 -84.78
CA LEU D 11 -26.27 -35.85 -84.88
C LEU D 11 -26.44 -34.39 -85.26
N SER D 12 -27.22 -34.13 -86.30
CA SER D 12 -27.56 -32.77 -86.67
C SER D 12 -29.02 -32.53 -86.31
N ALA D 13 -29.30 -31.35 -85.76
CA ALA D 13 -30.67 -30.99 -85.39
C ALA D 13 -30.75 -29.48 -85.26
N SER D 14 -31.97 -28.97 -85.22
CA SER D 14 -32.25 -27.55 -85.17
C SER D 14 -32.75 -27.12 -83.80
N VAL D 15 -32.64 -25.81 -83.55
CA VAL D 15 -33.13 -25.22 -82.31
C VAL D 15 -34.62 -25.50 -82.18
N GLY D 16 -34.99 -26.15 -81.08
CA GLY D 16 -36.38 -26.48 -80.80
C GLY D 16 -36.70 -27.94 -80.97
N ASP D 17 -35.76 -28.72 -81.51
CA ASP D 17 -36.01 -30.11 -81.78
C ASP D 17 -35.91 -30.91 -80.49
N ARG D 18 -36.36 -32.15 -80.57
CA ARG D 18 -36.27 -33.11 -79.48
C ARG D 18 -35.17 -34.09 -79.88
N VAL D 19 -34.09 -34.07 -79.12
CA VAL D 19 -32.92 -34.90 -79.40
C VAL D 19 -32.89 -36.03 -78.38
N THR D 20 -32.43 -37.20 -78.84
CA THR D 20 -32.26 -38.36 -77.96
C THR D 20 -30.92 -39.02 -78.22
N ILE D 21 -30.11 -39.10 -77.16
CA ILE D 21 -28.85 -39.83 -77.17
C ILE D 21 -29.05 -41.05 -76.28
N THR D 22 -28.57 -42.20 -76.72
CA THR D 22 -28.66 -43.45 -75.97
C THR D 22 -27.28 -43.93 -75.58
N CYS D 23 -27.22 -44.70 -74.49
CA CYS D 23 -25.98 -45.27 -73.99
C CYS D 23 -26.35 -46.66 -73.48
N ARG D 24 -25.63 -47.68 -73.97
CA ARG D 24 -25.88 -49.08 -73.62
C ARG D 24 -24.64 -49.63 -72.92
N ALA D 25 -24.82 -50.20 -71.73
CA ALA D 25 -23.69 -50.73 -70.99
C ALA D 25 -23.49 -52.21 -71.28
N SER D 26 -22.22 -52.64 -71.16
CA SER D 26 -21.85 -54.01 -71.43
C SER D 26 -22.50 -54.99 -70.46
N GLN D 27 -22.83 -54.51 -69.26
CA GLN D 27 -23.46 -55.31 -68.23
C GLN D 27 -24.34 -54.38 -67.42
N SER D 28 -25.13 -54.95 -66.53
CA SER D 28 -26.00 -54.18 -65.64
C SER D 28 -25.18 -53.28 -64.73
N ILE D 29 -25.40 -51.98 -64.82
CA ILE D 29 -24.77 -50.96 -63.99
C ILE D 29 -25.78 -50.23 -63.10
N SER D 30 -26.97 -50.81 -62.90
CA SER D 30 -28.04 -50.27 -62.05
C SER D 30 -28.38 -48.85 -62.50
N THR D 31 -28.42 -47.87 -61.58
CA THR D 31 -28.72 -46.50 -61.91
C THR D 31 -27.45 -45.61 -61.91
N TYR D 32 -26.26 -46.22 -61.88
CA TYR D 32 -24.97 -45.50 -61.75
C TYR D 32 -24.44 -45.02 -63.10
N LEU D 33 -25.24 -44.21 -63.79
CA LEU D 33 -24.93 -43.71 -65.12
C LEU D 33 -25.03 -42.19 -65.11
N ASN D 34 -23.99 -41.52 -65.62
CA ASN D 34 -23.87 -40.07 -65.58
C ASN D 34 -23.67 -39.52 -67.00
N TRP D 35 -24.12 -38.29 -67.21
CA TRP D 35 -24.08 -37.62 -68.51
C TRP D 35 -23.32 -36.30 -68.39
N TYR D 36 -22.37 -36.09 -69.30
CA TYR D 36 -21.57 -34.88 -69.33
C TYR D 36 -21.71 -34.16 -70.68
N GLN D 37 -21.57 -32.85 -70.63
CA GLN D 37 -21.50 -32.00 -71.80
C GLN D 37 -20.10 -31.41 -71.88
N GLN D 38 -19.54 -31.36 -73.08
CA GLN D 38 -18.23 -30.73 -73.26
C GLN D 38 -18.28 -29.87 -74.51
N LYS D 39 -17.92 -28.62 -74.35
CA LYS D 39 -17.66 -27.67 -75.41
C LYS D 39 -16.16 -27.59 -75.70
N PRO D 40 -15.76 -27.21 -76.91
CA PRO D 40 -14.32 -27.27 -77.25
C PRO D 40 -13.46 -26.40 -76.36
N GLY D 41 -12.29 -26.93 -75.98
CA GLY D 41 -11.37 -26.22 -75.12
C GLY D 41 -11.75 -26.17 -73.66
N LYS D 42 -12.94 -26.65 -73.30
CA LYS D 42 -13.46 -26.56 -71.94
C LYS D 42 -13.56 -27.96 -71.35
N ALA D 43 -13.52 -28.03 -70.04
CA ALA D 43 -13.68 -29.29 -69.34
C ALA D 43 -15.15 -29.68 -69.35
N PRO D 44 -15.47 -30.98 -69.26
CA PRO D 44 -16.87 -31.38 -69.33
C PRO D 44 -17.65 -30.81 -68.16
N ASN D 45 -18.95 -30.64 -68.37
CA ASN D 45 -19.87 -30.20 -67.32
C ASN D 45 -20.90 -31.30 -67.09
N LEU D 46 -21.03 -31.70 -65.82
CA LEU D 46 -22.02 -32.72 -65.47
C LEU D 46 -23.44 -32.21 -65.67
N LEU D 47 -24.23 -32.98 -66.40
CA LEU D 47 -25.65 -32.70 -66.60
C LEU D 47 -26.51 -33.55 -65.67
N ILE D 48 -26.27 -34.86 -65.66
CA ILE D 48 -27.11 -35.82 -64.96
C ILE D 48 -26.24 -36.82 -64.24
N TYR D 49 -26.65 -37.18 -63.02
CA TYR D 49 -26.05 -38.24 -62.23
C TYR D 49 -27.16 -39.17 -61.77
N ALA D 50 -26.80 -40.39 -61.42
CA ALA D 50 -27.75 -41.41 -61.00
C ALA D 50 -28.81 -41.68 -62.06
N ALA D 51 -28.49 -41.41 -63.33
CA ALA D 51 -29.29 -41.74 -64.50
C ALA D 51 -30.55 -40.89 -64.68
N SER D 52 -30.97 -40.17 -63.63
CA SER D 52 -32.17 -39.33 -63.71
C SER D 52 -32.03 -38.00 -62.99
N SER D 53 -31.01 -37.80 -62.15
CA SER D 53 -30.96 -36.65 -61.26
C SER D 53 -30.17 -35.51 -61.92
N LEU D 54 -30.81 -34.35 -61.99
CA LEU D 54 -30.20 -33.14 -62.51
C LEU D 54 -29.21 -32.55 -61.52
N HIS D 55 -28.05 -32.19 -62.02
CA HIS D 55 -27.11 -31.46 -61.18
C HIS D 55 -27.61 -30.03 -61.02
N SER D 56 -27.25 -29.43 -59.89
CA SER D 56 -27.69 -28.06 -59.60
C SER D 56 -27.26 -27.11 -60.71
N GLY D 57 -28.19 -26.28 -61.17
CA GLY D 57 -27.92 -25.31 -62.20
C GLY D 57 -28.15 -25.77 -63.63
N VAL D 58 -28.30 -27.07 -63.85
CA VAL D 58 -28.54 -27.60 -65.20
C VAL D 58 -29.99 -27.35 -65.57
N PRO D 59 -30.28 -26.72 -66.73
CA PRO D 59 -31.67 -26.42 -67.05
C PRO D 59 -32.52 -27.67 -67.19
N SER D 60 -33.83 -27.48 -66.99
CA SER D 60 -34.79 -28.59 -66.96
C SER D 60 -34.90 -29.30 -68.30
N ARG D 61 -34.50 -28.66 -69.41
CA ARG D 61 -34.62 -29.31 -70.72
C ARG D 61 -33.81 -30.60 -70.83
N PHE D 62 -32.82 -30.82 -69.97
CA PHE D 62 -32.07 -32.07 -69.97
C PHE D 62 -32.78 -33.04 -69.05
N ARG D 63 -32.99 -34.26 -69.51
CA ARG D 63 -33.68 -35.30 -68.74
C ARG D 63 -33.04 -36.64 -69.04
N GLY D 64 -32.84 -37.43 -68.00
CA GLY D 64 -32.27 -38.76 -68.14
C GLY D 64 -33.21 -39.83 -67.64
N SER D 65 -33.10 -41.01 -68.23
CA SER D 65 -33.97 -42.12 -67.90
C SER D 65 -33.20 -43.40 -68.18
N GLY D 66 -33.64 -44.47 -67.53
CA GLY D 66 -33.09 -45.79 -67.75
C GLY D 66 -32.55 -46.45 -66.51
N SER D 67 -32.47 -47.77 -66.55
CA SER D 67 -31.92 -48.56 -65.45
C SER D 67 -31.50 -49.91 -66.02
N GLY D 68 -30.35 -50.41 -65.57
CA GLY D 68 -29.84 -51.68 -66.06
C GLY D 68 -28.75 -51.54 -67.10
N THR D 69 -29.09 -51.75 -68.37
CA THR D 69 -28.12 -51.70 -69.45
C THR D 69 -28.36 -50.58 -70.43
N ASP D 70 -29.60 -50.12 -70.58
CA ASP D 70 -30.00 -49.16 -71.60
C ASP D 70 -30.43 -47.86 -70.94
N PHE D 71 -29.87 -46.75 -71.40
CA PHE D 71 -30.07 -45.44 -70.80
C PHE D 71 -30.24 -44.42 -71.91
N THR D 72 -30.85 -43.29 -71.54
CA THR D 72 -31.19 -42.27 -72.52
C THR D 72 -31.07 -40.89 -71.89
N LEU D 73 -30.43 -39.99 -72.64
CA LEU D 73 -30.44 -38.57 -72.36
C LEU D 73 -31.34 -37.93 -73.40
N THR D 74 -32.24 -37.08 -72.94
CA THR D 74 -33.19 -36.40 -73.80
C THR D 74 -33.01 -34.91 -73.63
N ILE D 75 -33.08 -34.18 -74.74
CA ILE D 75 -33.13 -32.73 -74.72
C ILE D 75 -34.46 -32.40 -75.37
N THR D 76 -35.38 -31.86 -74.58
CA THR D 76 -36.75 -31.74 -75.03
C THR D 76 -36.85 -30.68 -76.12
N SER D 77 -36.24 -29.52 -75.90
CA SER D 77 -36.23 -28.41 -76.85
C SER D 77 -34.80 -27.88 -76.95
N LEU D 78 -34.09 -28.21 -78.02
CA LEU D 78 -32.69 -27.84 -78.14
C LEU D 78 -32.54 -26.33 -78.14
N GLN D 79 -31.47 -25.86 -77.51
CA GLN D 79 -31.19 -24.45 -77.38
C GLN D 79 -29.84 -24.13 -78.02
N PRO D 80 -29.55 -22.87 -78.32
CA PRO D 80 -28.26 -22.55 -78.96
C PRO D 80 -27.06 -22.99 -78.14
N ASP D 81 -27.15 -23.00 -76.81
CA ASP D 81 -26.01 -23.35 -75.98
C ASP D 81 -25.83 -24.87 -75.87
N ASP D 82 -26.73 -25.66 -76.45
CA ASP D 82 -26.67 -27.11 -76.34
C ASP D 82 -25.81 -27.78 -77.41
N PHE D 83 -25.35 -27.06 -78.44
CA PHE D 83 -24.52 -27.72 -79.46
C PHE D 83 -23.13 -27.91 -78.88
N ALA D 84 -22.80 -29.17 -78.64
CA ALA D 84 -21.58 -29.55 -77.96
C ALA D 84 -21.46 -31.06 -78.11
N THR D 85 -20.51 -31.65 -77.40
CA THR D 85 -20.38 -33.10 -77.36
C THR D 85 -20.90 -33.61 -76.02
N TYR D 86 -21.56 -34.77 -76.05
CA TYR D 86 -22.20 -35.37 -74.90
C TYR D 86 -21.63 -36.76 -74.68
N TYR D 87 -21.31 -37.06 -73.43
CA TYR D 87 -20.73 -38.33 -73.04
C TYR D 87 -21.55 -38.98 -71.95
N CYS D 88 -21.74 -40.30 -72.05
CA CYS D 88 -22.20 -41.05 -70.89
C CYS D 88 -21.00 -41.59 -70.13
N HIS D 89 -21.25 -42.01 -68.90
CA HIS D 89 -20.18 -42.29 -67.94
C HIS D 89 -20.74 -43.16 -66.83
N GLN D 90 -20.13 -44.32 -66.60
CA GLN D 90 -20.52 -45.23 -65.53
C GLN D 90 -19.55 -45.13 -64.35
N SER D 91 -20.11 -45.02 -63.14
CA SER D 91 -19.32 -45.13 -61.91
C SER D 91 -19.77 -46.34 -61.10
N TYR D 92 -20.37 -47.34 -61.76
CA TYR D 92 -20.83 -48.54 -61.08
C TYR D 92 -19.66 -49.35 -60.55
N SER D 93 -18.63 -49.54 -61.37
CA SER D 93 -17.47 -50.28 -60.97
C SER D 93 -16.26 -49.69 -61.67
N ALA D 94 -15.14 -49.77 -61.02
CA ALA D 94 -13.87 -49.29 -61.54
C ALA D 94 -13.16 -50.37 -62.35
N PRO D 95 -12.43 -49.99 -63.41
CA PRO D 95 -12.17 -48.63 -63.91
C PRO D 95 -13.42 -48.07 -64.58
N ARG D 96 -13.70 -46.79 -64.37
CA ARG D 96 -14.84 -46.16 -65.00
C ARG D 96 -14.59 -46.05 -66.50
N THR D 97 -15.66 -45.82 -67.25
CA THR D 97 -15.56 -45.76 -68.69
C THR D 97 -16.57 -44.77 -69.22
N PHE D 98 -16.13 -43.94 -70.16
CA PHE D 98 -16.98 -43.08 -70.97
C PHE D 98 -17.48 -43.78 -72.24
N GLY D 99 -18.64 -43.35 -72.69
CA GLY D 99 -19.06 -43.68 -74.03
C GLY D 99 -18.21 -42.98 -75.07
N GLN D 100 -18.37 -43.37 -76.32
CA GLN D 100 -17.54 -42.80 -77.37
C GLN D 100 -17.84 -41.34 -77.64
N GLY D 101 -18.96 -40.81 -77.15
CA GLY D 101 -19.29 -39.41 -77.36
C GLY D 101 -20.27 -39.23 -78.51
N THR D 102 -20.99 -38.11 -78.46
CA THR D 102 -21.97 -37.77 -79.49
C THR D 102 -21.84 -36.29 -79.78
N LYS D 103 -21.44 -35.94 -81.02
CA LYS D 103 -21.26 -34.54 -81.38
C LYS D 103 -22.60 -34.08 -81.92
N LEU D 104 -23.08 -32.95 -81.42
CA LEU D 104 -24.38 -32.43 -81.81
C LEU D 104 -24.16 -31.15 -82.60
N GLU D 105 -24.36 -31.24 -83.92
CA GLU D 105 -24.13 -30.17 -84.87
C GLU D 105 -25.44 -29.54 -85.31
N ILE D 106 -25.31 -28.44 -86.01
CA ILE D 106 -26.44 -27.65 -86.50
C ILE D 106 -26.90 -28.16 -87.85
N LYS D 107 -28.21 -28.28 -88.01
CA LYS D 107 -28.80 -28.73 -89.25
C LYS D 107 -29.02 -27.54 -90.16
N ARG D 108 -28.95 -27.77 -91.47
CA ARG D 108 -29.19 -26.73 -92.46
C ARG D 108 -29.37 -27.37 -93.83
N THR D 109 -29.60 -26.52 -94.83
CA THR D 109 -29.85 -26.98 -96.19
C THR D 109 -28.61 -27.58 -96.81
N VAL D 110 -28.82 -28.57 -97.68
CA VAL D 110 -27.72 -29.14 -98.45
C VAL D 110 -27.04 -28.06 -99.27
N ALA D 111 -25.73 -28.20 -99.45
CA ALA D 111 -24.94 -27.24 -100.20
C ALA D 111 -23.78 -28.03 -100.82
N ALA D 112 -23.66 -27.94 -102.14
CA ALA D 112 -22.58 -28.66 -102.81
C ALA D 112 -21.25 -27.97 -102.57
N PRO D 113 -20.15 -28.73 -102.49
CA PRO D 113 -18.84 -28.07 -102.36
C PRO D 113 -18.37 -27.57 -103.71
N SER D 114 -17.68 -26.43 -103.69
CA SER D 114 -16.91 -25.98 -104.85
C SER D 114 -15.55 -26.64 -104.76
N VAL D 115 -15.16 -27.43 -105.76
CA VAL D 115 -13.93 -28.25 -105.68
C VAL D 115 -12.81 -27.52 -106.40
N PHE D 116 -11.62 -27.59 -105.84
CA PHE D 116 -10.44 -26.93 -106.39
C PHE D 116 -9.22 -27.80 -106.12
N ILE D 117 -8.41 -28.01 -107.16
CA ILE D 117 -7.20 -28.80 -107.07
C ILE D 117 -6.01 -27.87 -107.28
N PHE D 118 -4.94 -28.11 -106.53
CA PHE D 118 -3.73 -27.31 -106.56
C PHE D 118 -2.55 -28.26 -106.83
N PRO D 119 -1.74 -28.01 -107.85
CA PRO D 119 -0.54 -28.81 -108.03
C PRO D 119 0.55 -28.38 -107.07
N PRO D 120 1.55 -29.21 -106.84
CA PRO D 120 2.62 -28.80 -105.93
C PRO D 120 3.41 -27.68 -106.55
N SER D 121 3.83 -26.75 -105.71
CA SER D 121 4.63 -25.62 -106.15
C SER D 121 5.99 -26.08 -106.69
N ASP D 122 6.56 -25.26 -107.57
CA ASP D 122 7.91 -25.50 -108.04
C ASP D 122 8.91 -25.36 -106.90
N GLU D 123 8.69 -24.38 -106.03
CA GLU D 123 9.54 -24.20 -104.86
C GLU D 123 9.59 -25.48 -104.03
N GLN D 124 8.45 -26.16 -103.89
CA GLN D 124 8.40 -27.40 -103.12
C GLN D 124 9.16 -28.53 -103.80
N LEU D 125 8.99 -28.69 -105.11
CA LEU D 125 9.65 -29.79 -105.81
C LEU D 125 11.16 -29.70 -105.66
N LYS D 126 11.70 -28.48 -105.53
CA LYS D 126 13.13 -28.34 -105.32
C LYS D 126 13.57 -28.91 -103.97
N SER D 127 12.63 -29.24 -103.08
CA SER D 127 12.94 -29.85 -101.80
C SER D 127 12.87 -31.38 -101.82
N GLY D 128 12.29 -31.97 -102.86
CA GLY D 128 12.20 -33.41 -102.98
C GLY D 128 10.90 -34.07 -102.53
N THR D 129 9.83 -33.31 -102.37
CA THR D 129 8.51 -33.83 -102.01
C THR D 129 7.45 -33.07 -102.80
N ALA D 130 6.33 -33.73 -103.07
CA ALA D 130 5.23 -33.15 -103.83
C ALA D 130 3.94 -33.38 -103.08
N SER D 131 3.23 -32.29 -102.79
CA SER D 131 1.93 -32.31 -102.13
C SER D 131 0.89 -31.78 -103.10
N VAL D 132 -0.14 -32.58 -103.34
CA VAL D 132 -1.26 -32.23 -104.20
C VAL D 132 -2.48 -32.09 -103.30
N VAL D 133 -3.14 -30.95 -103.37
CA VAL D 133 -4.21 -30.61 -102.43
C VAL D 133 -5.52 -30.56 -103.20
N CYS D 134 -6.52 -31.23 -102.66
CA CYS D 134 -7.88 -31.16 -103.18
C CYS D 134 -8.70 -30.45 -102.11
N LEU D 135 -9.43 -29.42 -102.51
CA LEU D 135 -10.16 -28.57 -101.59
C LEU D 135 -11.64 -28.69 -101.89
N LEU D 136 -12.43 -28.96 -100.85
CA LEU D 136 -13.88 -28.90 -100.92
C LEU D 136 -14.30 -27.75 -100.03
N ASN D 137 -15.01 -26.78 -100.59
CA ASN D 137 -15.25 -25.52 -99.92
C ASN D 137 -16.74 -25.32 -99.65
N ASN D 138 -17.07 -25.11 -98.37
CA ASN D 138 -18.36 -24.57 -97.91
C ASN D 138 -19.52 -25.45 -98.39
N PHE D 139 -19.56 -26.66 -97.84
CA PHE D 139 -20.60 -27.65 -98.14
C PHE D 139 -21.24 -28.16 -96.86
N TYR D 140 -22.30 -28.95 -97.05
CA TYR D 140 -23.07 -29.55 -95.96
C TYR D 140 -23.99 -30.57 -96.60
N PRO D 141 -24.18 -31.79 -96.03
CA PRO D 141 -23.62 -32.32 -94.78
C PRO D 141 -22.13 -32.64 -94.87
N ARG D 142 -21.57 -33.16 -93.79
CA ARG D 142 -20.14 -33.49 -93.73
C ARG D 142 -19.81 -34.66 -94.65
N GLU D 143 -20.72 -35.62 -94.78
CA GLU D 143 -20.49 -36.84 -95.57
C GLU D 143 -19.98 -36.51 -96.97
N ALA D 144 -18.76 -36.97 -97.28
CA ALA D 144 -18.16 -36.71 -98.58
C ALA D 144 -17.08 -37.74 -98.89
N LYS D 145 -16.89 -38.04 -100.17
CA LYS D 145 -15.87 -38.97 -100.65
C LYS D 145 -14.87 -38.24 -101.52
N VAL D 146 -13.59 -38.46 -101.26
CA VAL D 146 -12.48 -37.86 -101.99
C VAL D 146 -11.52 -38.96 -102.42
N GLN D 147 -11.35 -39.15 -103.73
CA GLN D 147 -10.63 -40.29 -104.29
C GLN D 147 -9.51 -39.79 -105.18
N TRP D 148 -8.26 -40.10 -104.81
CA TRP D 148 -7.11 -39.68 -105.59
C TRP D 148 -6.79 -40.75 -106.65
N LYS D 149 -6.61 -40.30 -107.89
CA LYS D 149 -6.21 -41.16 -108.99
C LYS D 149 -4.98 -40.55 -109.64
N VAL D 150 -3.93 -41.35 -109.82
CA VAL D 150 -2.70 -40.91 -110.47
C VAL D 150 -2.55 -41.78 -111.70
N ASP D 151 -2.71 -41.18 -112.88
CA ASP D 151 -2.74 -41.91 -114.14
C ASP D 151 -3.80 -43.02 -114.07
N ASN D 152 -4.98 -42.67 -113.55
CA ASN D 152 -6.13 -43.57 -113.45
C ASN D 152 -5.89 -44.71 -112.47
N ALA D 153 -4.94 -44.56 -111.56
CA ALA D 153 -4.61 -45.60 -110.61
C ALA D 153 -4.96 -45.08 -109.22
N LEU D 154 -5.75 -45.86 -108.50
CA LEU D 154 -6.27 -45.43 -107.20
C LEU D 154 -5.18 -45.45 -106.15
N GLN D 155 -5.05 -44.32 -105.45
CA GLN D 155 -4.03 -44.17 -104.43
C GLN D 155 -4.63 -44.57 -103.09
N SER D 156 -3.79 -45.14 -102.23
CA SER D 156 -4.21 -45.56 -100.91
C SER D 156 -3.06 -45.37 -99.93
N GLY D 157 -3.33 -44.73 -98.81
CA GLY D 157 -2.39 -44.64 -97.72
C GLY D 157 -1.34 -43.56 -97.85
N ASN D 158 -1.46 -42.67 -98.85
CA ASN D 158 -0.52 -41.57 -99.06
C ASN D 158 -1.28 -40.26 -99.15
N SER D 159 -2.44 -40.20 -98.52
CA SER D 159 -3.26 -38.99 -98.50
C SER D 159 -3.78 -38.80 -97.09
N GLN D 160 -4.03 -37.54 -96.72
CA GLN D 160 -4.54 -37.19 -95.40
C GLN D 160 -5.61 -36.12 -95.56
N GLU D 161 -6.74 -36.31 -94.88
CA GLU D 161 -7.82 -35.35 -94.95
C GLU D 161 -7.79 -34.46 -93.72
N SER D 162 -8.40 -33.30 -93.85
CA SER D 162 -8.52 -32.38 -92.73
C SER D 162 -9.79 -31.59 -92.98
N VAL D 163 -10.60 -31.45 -91.94
CA VAL D 163 -11.90 -30.83 -92.03
C VAL D 163 -11.92 -29.70 -90.99
N THR D 164 -12.78 -28.71 -91.22
CA THR D 164 -12.99 -27.63 -90.27
C THR D 164 -14.28 -27.89 -89.51
N GLU D 165 -14.40 -27.19 -88.39
CA GLU D 165 -15.65 -27.25 -87.66
C GLU D 165 -16.67 -26.37 -88.37
N GLN D 166 -17.93 -26.51 -87.96
CA GLN D 166 -18.99 -25.78 -88.62
C GLN D 166 -18.69 -24.28 -88.53
N ASP D 167 -18.91 -23.58 -89.64
CA ASP D 167 -18.59 -22.17 -89.70
C ASP D 167 -19.65 -21.37 -88.96
N SER D 168 -19.20 -20.29 -88.32
CA SER D 168 -20.10 -19.46 -87.51
C SER D 168 -21.18 -18.84 -88.40
N LYS D 169 -20.78 -18.29 -89.55
CA LYS D 169 -21.74 -17.51 -90.33
C LYS D 169 -22.74 -18.40 -91.08
N ASP D 170 -22.29 -19.54 -91.66
CA ASP D 170 -23.13 -20.35 -92.54
C ASP D 170 -23.30 -21.80 -92.13
N SER D 171 -22.61 -22.26 -91.08
CA SER D 171 -22.78 -23.63 -90.57
C SER D 171 -22.44 -24.71 -91.60
N THR D 172 -21.46 -24.45 -92.46
CA THR D 172 -21.03 -25.39 -93.48
C THR D 172 -19.66 -25.94 -93.09
N TYR D 173 -19.29 -27.03 -93.74
CA TYR D 173 -17.98 -27.64 -93.57
C TYR D 173 -17.09 -27.28 -94.74
N SER D 174 -15.79 -27.37 -94.52
CA SER D 174 -14.80 -27.28 -95.57
C SER D 174 -13.76 -28.36 -95.29
N LEU D 175 -13.28 -29.00 -96.36
CA LEU D 175 -12.39 -30.14 -96.22
C LEU D 175 -11.23 -29.99 -97.20
N SER D 176 -10.09 -30.51 -96.79
CA SER D 176 -8.91 -30.57 -97.63
C SER D 176 -8.35 -31.98 -97.59
N SER D 177 -7.90 -32.47 -98.73
CA SER D 177 -7.21 -33.74 -98.83
C SER D 177 -5.87 -33.53 -99.49
N THR D 178 -4.80 -34.03 -98.88
CA THR D 178 -3.43 -33.77 -99.33
C THR D 178 -2.77 -35.10 -99.65
N LEU D 179 -2.42 -35.30 -100.91
CA LEU D 179 -1.70 -36.48 -101.40
C LEU D 179 -0.21 -36.17 -101.42
N THR D 180 0.57 -36.93 -100.67
CA THR D 180 2.00 -36.73 -100.53
C THR D 180 2.77 -37.81 -101.28
N LEU D 181 3.73 -37.37 -102.10
CA LEU D 181 4.58 -38.26 -102.86
C LEU D 181 5.99 -37.70 -102.83
N SER D 182 6.94 -38.52 -103.26
CA SER D 182 8.29 -38.04 -103.50
C SER D 182 8.37 -37.41 -104.88
N LYS D 183 9.36 -36.53 -105.06
CA LYS D 183 9.59 -35.93 -106.37
C LYS D 183 9.79 -37.01 -107.41
N ALA D 184 10.57 -38.04 -107.08
CA ALA D 184 10.80 -39.16 -107.99
C ALA D 184 9.48 -39.80 -108.41
N ASP D 185 8.66 -40.21 -107.43
CA ASP D 185 7.38 -40.85 -107.74
C ASP D 185 6.47 -39.87 -108.48
N TYR D 186 6.52 -38.59 -108.09
CA TYR D 186 5.63 -37.59 -108.67
C TYR D 186 5.89 -37.44 -110.16
N GLU D 187 7.17 -37.48 -110.55
CA GLU D 187 7.55 -37.24 -111.94
C GLU D 187 7.45 -38.47 -112.83
N LYS D 188 7.04 -39.63 -112.31
CA LYS D 188 6.85 -40.80 -113.15
C LYS D 188 5.43 -40.91 -113.71
N HIS D 189 4.58 -39.90 -113.48
CA HIS D 189 3.21 -39.90 -113.97
C HIS D 189 2.84 -38.52 -114.49
N LYS D 190 1.76 -38.48 -115.26
CA LYS D 190 1.27 -37.27 -115.92
C LYS D 190 0.00 -36.72 -115.29
N VAL D 191 -1.03 -37.55 -115.15
CA VAL D 191 -2.37 -37.11 -114.78
C VAL D 191 -2.60 -37.30 -113.30
N TYR D 192 -3.03 -36.22 -112.64
CA TYR D 192 -3.38 -36.20 -111.23
C TYR D 192 -4.78 -35.64 -111.13
N ALA D 193 -5.68 -36.33 -110.41
CA ALA D 193 -7.06 -35.87 -110.30
C ALA D 193 -7.61 -36.31 -108.95
N CYS D 194 -8.62 -35.57 -108.45
CA CYS D 194 -9.34 -35.98 -107.25
C CYS D 194 -10.81 -36.00 -107.62
N GLU D 195 -11.45 -37.15 -107.45
CA GLU D 195 -12.88 -37.32 -107.69
C GLU D 195 -13.66 -37.11 -106.38
N VAL D 196 -14.61 -36.19 -106.40
CA VAL D 196 -15.41 -35.81 -105.23
C VAL D 196 -16.87 -36.23 -105.37
N THR D 197 -17.39 -36.98 -104.40
CA THR D 197 -18.79 -37.41 -104.37
C THR D 197 -19.52 -36.76 -103.19
N HIS D 198 -20.68 -36.16 -103.45
CA HIS D 198 -21.47 -35.45 -102.43
C HIS D 198 -22.90 -35.31 -102.94
N GLN D 199 -23.87 -35.48 -102.05
CA GLN D 199 -25.29 -35.51 -102.46
C GLN D 199 -25.76 -34.22 -103.11
N GLY D 200 -25.19 -33.09 -102.73
CA GLY D 200 -25.52 -31.83 -103.38
C GLY D 200 -25.11 -31.74 -104.84
N LEU D 201 -24.30 -32.68 -105.32
CA LEU D 201 -23.83 -32.76 -106.70
C LEU D 201 -24.61 -33.79 -107.48
N SER D 202 -25.14 -33.37 -108.64
CA SER D 202 -25.89 -34.28 -109.50
C SER D 202 -25.06 -35.49 -109.92
N SER D 203 -23.78 -35.31 -110.14
CA SER D 203 -22.85 -36.37 -110.52
C SER D 203 -21.54 -36.16 -109.79
N PRO D 204 -20.74 -37.23 -109.59
CA PRO D 204 -19.41 -37.02 -109.01
C PRO D 204 -18.64 -36.00 -109.84
N VAL D 205 -17.77 -35.26 -109.18
CA VAL D 205 -17.01 -34.18 -109.79
C VAL D 205 -15.54 -34.53 -109.76
N THR D 206 -14.85 -34.27 -110.86
CA THR D 206 -13.43 -34.59 -111.02
C THR D 206 -12.69 -33.32 -111.43
N LYS D 207 -11.59 -33.04 -110.72
CA LYS D 207 -10.70 -31.93 -111.05
C LYS D 207 -9.33 -32.54 -111.30
N SER D 208 -8.77 -32.32 -112.48
CA SER D 208 -7.56 -32.99 -112.92
C SER D 208 -6.53 -31.97 -113.38
N PHE D 209 -5.26 -32.40 -113.39
CA PHE D 209 -4.20 -31.62 -114.01
C PHE D 209 -3.16 -32.55 -114.62
N ASN D 210 -2.41 -32.02 -115.57
CA ASN D 210 -1.32 -32.68 -116.27
C ASN D 210 -0.09 -31.96 -115.73
N ARG D 211 0.89 -32.76 -115.28
CA ARG D 211 2.04 -32.25 -114.55
C ARG D 211 2.74 -31.03 -115.17
N GLY D 212 2.94 -30.99 -116.49
CA GLY D 212 3.29 -29.72 -117.10
C GLY D 212 2.10 -29.00 -117.72
N GLU D 213 1.65 -27.90 -117.11
CA GLU D 213 0.47 -27.20 -117.63
C GLU D 213 0.35 -25.84 -116.97
N CYS D 214 -0.35 -24.94 -117.68
CA CYS D 214 -0.55 -23.57 -117.21
C CYS D 214 0.76 -22.85 -116.88
N GLN E 16 -41.14 -49.68 -47.84
CA GLN E 16 -40.00 -50.57 -47.65
C GLN E 16 -38.96 -49.99 -46.67
N LEU E 17 -38.79 -48.68 -46.71
CA LEU E 17 -37.83 -47.99 -45.83
C LEU E 17 -38.28 -47.97 -44.35
N GLU E 18 -39.57 -47.74 -44.11
CA GLU E 18 -40.18 -47.73 -42.78
C GLU E 18 -40.00 -49.03 -41.99
N ARG E 19 -39.81 -50.16 -42.66
CA ARG E 19 -39.71 -51.51 -42.09
C ARG E 19 -38.32 -51.89 -41.58
N ALA E 20 -37.29 -51.06 -41.74
CA ALA E 20 -35.92 -51.50 -41.48
C ALA E 20 -35.54 -51.33 -40.00
N ASN E 21 -34.70 -52.26 -39.54
CA ASN E 21 -34.08 -52.32 -38.21
C ASN E 21 -32.58 -52.04 -38.31
N LEU E 22 -32.23 -50.77 -38.25
CA LEU E 22 -30.85 -50.30 -38.34
C LEU E 22 -30.17 -50.16 -36.98
N ARG E 23 -30.77 -50.62 -35.89
CA ARG E 23 -30.04 -50.61 -34.63
C ARG E 23 -28.72 -51.38 -34.70
N PRO E 24 -28.63 -52.58 -35.30
CA PRO E 24 -27.31 -53.22 -35.38
C PRO E 24 -26.26 -52.42 -36.11
N CYS E 25 -26.63 -51.58 -37.09
CA CYS E 25 -25.63 -50.71 -37.70
C CYS E 25 -25.10 -49.65 -36.73
N GLU E 26 -26.00 -48.99 -35.99
CA GLU E 26 -25.58 -48.05 -34.95
C GLU E 26 -24.70 -48.69 -33.89
N GLN E 27 -25.01 -49.92 -33.47
CA GLN E 27 -24.18 -50.60 -32.48
C GLN E 27 -22.79 -50.87 -33.06
N HIS E 28 -22.74 -51.44 -34.27
CA HIS E 28 -21.48 -51.78 -34.93
C HIS E 28 -20.56 -50.57 -35.10
N LEU E 29 -21.12 -49.43 -35.50
CA LEU E 29 -20.32 -48.24 -35.74
C LEU E 29 -19.73 -47.64 -34.47
N MET E 30 -20.52 -47.52 -33.41
CA MET E 30 -19.97 -46.91 -32.21
C MET E 30 -18.95 -47.80 -31.53
N GLN E 31 -19.07 -49.13 -31.68
CA GLN E 31 -18.01 -50.00 -31.19
C GLN E 31 -16.76 -49.89 -32.05
N LYS E 32 -16.94 -49.59 -33.33
CA LYS E 32 -15.82 -49.32 -34.22
C LYS E 32 -15.09 -48.06 -33.80
N ILE E 33 -15.79 -47.10 -33.20
CA ILE E 33 -15.14 -45.87 -32.73
C ILE E 33 -14.46 -46.06 -31.38
N GLN E 34 -14.96 -46.96 -30.54
CA GLN E 34 -14.30 -47.20 -29.25
C GLN E 34 -12.86 -47.67 -29.44
N ARG E 35 -12.66 -48.64 -30.33
CA ARG E 35 -11.33 -49.17 -30.62
C ARG E 35 -10.55 -48.19 -31.48
N SER E 65 -18.58 -59.80 -36.39
CA SER E 65 -19.30 -59.49 -35.17
C SER E 65 -20.78 -59.84 -35.28
N GLN E 66 -21.45 -59.88 -34.13
CA GLN E 66 -22.88 -60.19 -34.12
C GLN E 66 -23.66 -59.15 -34.91
N HIS E 67 -23.28 -57.88 -34.75
CA HIS E 67 -24.02 -56.78 -35.36
C HIS E 67 -23.50 -56.44 -36.74
N GLN E 68 -22.24 -56.74 -37.08
CA GLN E 68 -21.81 -56.37 -38.43
C GLN E 68 -22.55 -57.25 -39.42
N GLU E 69 -22.66 -58.54 -39.09
CA GLU E 69 -23.42 -59.46 -39.91
C GLU E 69 -24.85 -58.97 -40.05
N ARG E 70 -25.49 -58.73 -38.89
CA ARG E 70 -26.90 -58.33 -38.87
C ARG E 70 -27.11 -56.99 -39.55
N CYS E 71 -26.13 -56.08 -39.45
CA CYS E 71 -26.24 -54.78 -40.12
C CYS E 71 -26.18 -54.94 -41.64
N CYS E 72 -25.28 -55.79 -42.14
CA CYS E 72 -25.15 -55.95 -43.58
C CYS E 72 -26.39 -56.63 -44.15
N ASN E 73 -26.91 -57.63 -43.43
CA ASN E 73 -28.17 -58.25 -43.82
C ASN E 73 -29.27 -57.20 -43.97
N GLU E 74 -29.33 -56.22 -43.07
CA GLU E 74 -30.38 -55.22 -43.18
C GLU E 74 -30.13 -54.29 -44.38
N LEU E 75 -28.88 -53.82 -44.51
CA LEU E 75 -28.52 -52.97 -45.64
C LEU E 75 -28.63 -53.68 -46.98
N ASN E 76 -28.48 -55.01 -47.00
CA ASN E 76 -28.52 -55.76 -48.26
C ASN E 76 -29.84 -55.55 -49.00
N GLU E 77 -30.93 -55.26 -48.26
CA GLU E 77 -32.24 -55.01 -48.85
C GLU E 77 -32.29 -53.78 -49.74
N PHE E 78 -31.26 -52.92 -49.68
CA PHE E 78 -31.17 -51.70 -50.47
C PHE E 78 -30.07 -51.75 -51.52
N GLU E 79 -29.45 -52.90 -51.75
CA GLU E 79 -28.30 -52.95 -52.65
C GLU E 79 -28.66 -52.45 -54.05
N ASN E 80 -27.74 -51.64 -54.61
CA ASN E 80 -27.82 -51.07 -55.96
C ASN E 80 -29.06 -50.19 -56.16
N ASN E 81 -29.69 -49.76 -55.06
CA ASN E 81 -30.78 -48.78 -55.06
C ASN E 81 -30.31 -47.54 -54.30
N GLN E 82 -29.89 -46.52 -55.05
CA GLN E 82 -29.16 -45.40 -54.47
C GLN E 82 -30.02 -44.53 -53.57
N ARG E 83 -31.22 -44.18 -54.01
CA ARG E 83 -32.09 -43.33 -53.19
C ARG E 83 -32.40 -43.98 -51.85
N CYS E 84 -32.66 -45.29 -51.86
CA CYS E 84 -33.10 -45.95 -50.63
C CYS E 84 -31.91 -46.29 -49.73
N MET E 85 -30.77 -46.67 -50.31
CA MET E 85 -29.54 -46.85 -49.53
C MET E 85 -29.11 -45.57 -48.83
N CYS E 86 -29.25 -44.42 -49.50
CA CYS E 86 -28.90 -43.14 -48.86
C CYS E 86 -29.76 -42.88 -47.64
N GLU E 87 -31.08 -43.12 -47.74
CA GLU E 87 -31.95 -42.83 -46.62
C GLU E 87 -31.58 -43.70 -45.42
N ALA E 88 -31.16 -44.95 -45.67
CA ALA E 88 -30.71 -45.79 -44.56
C ALA E 88 -29.51 -45.17 -43.84
N LEU E 89 -28.48 -44.80 -44.61
CA LEU E 89 -27.32 -44.14 -44.01
C LEU E 89 -27.69 -42.84 -43.30
N GLN E 90 -28.61 -42.07 -43.87
CA GLN E 90 -29.03 -40.81 -43.25
C GLN E 90 -29.73 -41.06 -41.93
N GLN E 91 -30.53 -42.12 -41.87
CA GLN E 91 -31.27 -42.44 -40.65
C GLN E 91 -30.33 -42.93 -39.57
N ILE E 92 -29.21 -43.56 -39.94
CA ILE E 92 -28.19 -43.90 -38.95
C ILE E 92 -27.54 -42.65 -38.40
N MET E 93 -27.20 -41.69 -39.29
CA MET E 93 -26.67 -40.41 -38.85
C MET E 93 -27.64 -39.65 -37.98
N GLU E 94 -28.92 -39.60 -38.39
CA GLU E 94 -29.93 -38.86 -37.62
C GLU E 94 -29.98 -39.38 -36.19
N ASN E 95 -30.06 -40.70 -36.04
CA ASN E 95 -30.18 -41.26 -34.70
C ASN E 95 -28.93 -41.07 -33.87
N GLN E 96 -27.76 -40.97 -34.50
CA GLN E 96 -26.53 -40.94 -33.73
C GLN E 96 -25.98 -39.52 -33.54
N SER E 97 -26.64 -38.51 -34.11
CA SER E 97 -26.13 -37.15 -34.12
C SER E 97 -25.98 -36.62 -32.71
N ASP E 98 -26.93 -36.92 -31.83
CA ASP E 98 -26.89 -36.40 -30.49
C ASP E 98 -25.77 -37.04 -29.70
N ARG E 99 -25.34 -38.24 -30.09
CA ARG E 99 -24.39 -38.99 -29.29
C ARG E 99 -22.94 -38.74 -29.68
N LEU E 100 -22.70 -38.02 -30.78
CA LEU E 100 -21.36 -37.70 -31.24
C LEU E 100 -20.89 -36.30 -30.85
N GLN E 101 -20.65 -36.07 -29.57
CA GLN E 101 -20.50 -34.69 -29.09
C GLN E 101 -19.02 -34.25 -29.12
N GLY E 102 -18.43 -34.30 -30.32
CA GLY E 102 -17.03 -33.95 -30.55
C GLY E 102 -16.64 -34.08 -32.02
N ARG E 103 -15.87 -33.12 -32.55
CA ARG E 103 -15.54 -33.11 -33.98
C ARG E 103 -14.85 -34.39 -34.44
N GLN E 104 -13.82 -34.84 -33.71
CA GLN E 104 -13.08 -36.02 -34.16
C GLN E 104 -13.96 -37.27 -34.17
N GLN E 105 -14.77 -37.48 -33.10
CA GLN E 105 -15.69 -38.61 -33.10
C GLN E 105 -16.75 -38.50 -34.17
N GLU E 106 -17.21 -37.29 -34.46
CA GLU E 106 -18.18 -37.10 -35.53
C GLU E 106 -17.59 -37.43 -36.90
N GLN E 107 -16.35 -37.01 -37.18
CA GLN E 107 -15.80 -37.29 -38.51
C GLN E 107 -15.51 -38.77 -38.69
N GLN E 108 -14.97 -39.42 -37.66
CA GLN E 108 -14.71 -40.85 -37.74
C GLN E 108 -16.01 -41.62 -37.96
N PHE E 109 -17.07 -41.18 -37.30
CA PHE E 109 -18.33 -41.89 -37.47
C PHE E 109 -18.81 -41.70 -38.90
N LYS E 110 -18.75 -40.47 -39.41
CA LYS E 110 -19.11 -40.22 -40.79
C LYS E 110 -18.26 -41.06 -41.73
N ARG E 111 -16.94 -41.06 -41.54
CA ARG E 111 -16.05 -41.84 -42.40
C ARG E 111 -16.43 -43.31 -42.39
N GLU E 112 -16.59 -43.87 -41.19
CA GLU E 112 -16.95 -45.27 -41.08
C GLU E 112 -18.32 -45.51 -41.69
N LEU E 113 -19.21 -44.51 -41.59
CA LEU E 113 -20.54 -44.68 -42.14
C LEU E 113 -20.48 -44.66 -43.66
N ARG E 114 -19.63 -43.80 -44.23
CA ARG E 114 -19.50 -43.78 -45.69
C ARG E 114 -18.89 -45.07 -46.23
N ASN E 115 -18.07 -45.75 -45.43
CA ASN E 115 -17.45 -47.01 -45.81
C ASN E 115 -18.30 -48.21 -45.46
N LEU E 116 -19.47 -47.99 -44.84
CA LEU E 116 -20.24 -49.14 -44.39
C LEU E 116 -20.81 -49.92 -45.57
N PRO E 117 -21.46 -49.30 -46.58
CA PRO E 117 -21.88 -50.09 -47.74
C PRO E 117 -20.74 -50.85 -48.40
N GLN E 118 -19.62 -50.17 -48.66
CA GLN E 118 -18.50 -50.85 -49.31
C GLN E 118 -18.01 -52.03 -48.47
N GLN E 119 -17.89 -51.83 -47.16
CA GLN E 119 -17.42 -52.90 -46.29
C GLN E 119 -18.43 -54.03 -46.14
N CYS E 120 -19.69 -53.82 -46.54
CA CYS E 120 -20.71 -54.86 -46.57
C CYS E 120 -20.82 -55.53 -47.94
N GLY E 121 -19.95 -55.18 -48.89
CA GLY E 121 -20.05 -55.69 -50.25
C GLY E 121 -21.11 -55.03 -51.09
N LEU E 122 -21.50 -53.81 -50.75
CA LEU E 122 -22.56 -53.09 -51.43
C LEU E 122 -21.99 -51.83 -52.05
N ARG E 123 -22.76 -51.24 -52.97
CA ARG E 123 -22.41 -49.96 -53.56
C ARG E 123 -23.03 -48.86 -52.72
N ALA E 124 -22.23 -47.85 -52.42
CA ALA E 124 -22.77 -46.67 -51.79
C ALA E 124 -23.49 -45.78 -52.80
N PRO E 125 -24.35 -44.88 -52.34
CA PRO E 125 -24.93 -43.89 -53.25
C PRO E 125 -23.88 -42.92 -53.73
N GLN E 126 -24.09 -42.44 -54.96
CA GLN E 126 -23.16 -41.48 -55.52
C GLN E 126 -23.14 -40.21 -54.68
N ARG E 127 -24.31 -39.80 -54.20
CA ARG E 127 -24.47 -38.61 -53.38
C ARG E 127 -25.38 -38.90 -52.21
N CYS E 128 -24.97 -38.50 -51.02
CA CYS E 128 -25.82 -38.69 -49.85
C CYS E 128 -25.32 -37.70 -48.81
N ASP E 129 -26.13 -36.69 -48.52
CA ASP E 129 -25.86 -35.67 -47.52
C ASP E 129 -26.01 -36.22 -46.11
N LEU E 130 -24.96 -36.10 -45.29
CA LEU E 130 -24.98 -36.55 -43.90
C LEU E 130 -25.00 -35.41 -42.90
N ASP E 131 -25.26 -34.18 -43.33
CA ASP E 131 -25.27 -33.03 -42.41
C ASP E 131 -26.65 -32.85 -41.78
N GLN F 1 17.40 -14.65 -16.01
CA GLN F 1 16.30 -15.66 -16.12
C GLN F 1 14.97 -14.95 -16.05
N VAL F 2 14.95 -13.73 -16.59
CA VAL F 2 13.88 -12.75 -16.39
C VAL F 2 13.13 -12.54 -17.69
N GLN F 3 12.29 -13.50 -18.08
CA GLN F 3 11.55 -13.32 -19.33
C GLN F 3 10.14 -12.81 -19.06
N LEU F 4 9.56 -12.25 -20.12
CA LEU F 4 8.15 -11.93 -20.23
C LEU F 4 7.60 -12.75 -21.37
N VAL F 5 6.41 -13.30 -21.21
CA VAL F 5 5.83 -14.17 -22.23
C VAL F 5 4.41 -13.69 -22.46
N GLU F 6 4.20 -13.12 -23.63
CA GLU F 6 2.92 -12.62 -24.07
C GLU F 6 2.11 -13.74 -24.66
N SER F 7 0.79 -13.56 -24.63
CA SER F 7 -0.10 -14.50 -25.26
C SER F 7 -1.32 -13.68 -25.65
N GLY F 8 -2.20 -14.32 -26.41
CA GLY F 8 -3.40 -13.65 -26.87
C GLY F 8 -3.04 -13.12 -28.24
N GLY F 9 -3.91 -12.32 -28.82
CA GLY F 9 -3.56 -11.73 -30.09
C GLY F 9 -3.69 -12.66 -31.28
N LEU F 10 -4.80 -12.51 -31.99
CA LEU F 10 -5.09 -13.25 -33.20
C LEU F 10 -5.57 -12.22 -34.21
N VAL F 11 -6.14 -12.64 -35.32
CA VAL F 11 -6.68 -11.71 -36.29
C VAL F 11 -8.10 -11.42 -35.83
N VAL F 12 -8.50 -10.15 -35.81
CA VAL F 12 -9.85 -9.79 -35.42
C VAL F 12 -10.37 -8.67 -36.31
N GLN F 13 -11.65 -8.75 -36.65
CA GLN F 13 -12.24 -7.77 -37.54
C GLN F 13 -12.42 -6.43 -36.84
N PRO F 14 -12.43 -5.31 -37.60
CA PRO F 14 -12.67 -4.00 -37.00
C PRO F 14 -13.93 -3.94 -36.17
N GLY F 15 -13.85 -3.22 -35.04
CA GLY F 15 -14.96 -3.07 -34.12
C GLY F 15 -15.11 -4.16 -33.08
N GLY F 16 -14.36 -5.26 -33.20
CA GLY F 16 -14.49 -6.38 -32.29
C GLY F 16 -13.52 -6.21 -31.14
N SER F 17 -13.46 -7.24 -30.29
CA SER F 17 -12.71 -7.15 -29.04
C SER F 17 -11.64 -8.22 -28.95
N LEU F 18 -10.66 -7.99 -28.08
CA LEU F 18 -9.58 -8.94 -27.88
C LEU F 18 -8.94 -8.72 -26.52
N ARG F 19 -8.46 -9.81 -25.91
CA ARG F 19 -7.73 -9.79 -24.64
C ARG F 19 -6.34 -10.38 -24.83
N LEU F 20 -5.31 -9.59 -24.53
CA LEU F 20 -3.92 -10.04 -24.51
C LEU F 20 -3.53 -10.43 -23.09
N SER F 21 -2.64 -11.42 -22.99
CA SER F 21 -2.09 -11.83 -21.70
C SER F 21 -0.57 -11.74 -21.76
N CYS F 22 0.05 -11.55 -20.60
CA CYS F 22 1.51 -11.55 -20.50
C CYS F 22 1.90 -12.22 -19.19
N GLU F 23 2.59 -13.36 -19.29
CA GLU F 23 2.96 -14.16 -18.13
C GLU F 23 4.39 -13.78 -17.79
N ALA F 24 4.61 -13.34 -16.55
CA ALA F 24 5.93 -12.92 -16.12
C ALA F 24 6.68 -14.03 -15.42
N SER F 25 8.01 -14.03 -15.62
CA SER F 25 8.91 -15.05 -15.11
C SER F 25 10.20 -14.37 -14.66
N GLY F 26 10.73 -14.83 -13.53
CA GLY F 26 12.05 -14.43 -13.08
C GLY F 26 12.17 -13.11 -12.35
N PHE F 27 11.07 -12.47 -11.98
CA PHE F 27 11.15 -11.27 -11.15
C PHE F 27 9.91 -11.20 -10.27
N THR F 28 9.95 -10.30 -9.30
CA THR F 28 8.88 -10.14 -8.32
C THR F 28 7.84 -9.26 -9.00
N PHE F 29 6.90 -9.92 -9.70
CA PHE F 29 5.94 -9.19 -10.52
C PHE F 29 5.12 -8.22 -9.68
N ASP F 30 4.83 -8.57 -8.42
CA ASP F 30 4.01 -7.72 -7.57
C ASP F 30 4.73 -6.45 -7.10
N ASP F 31 6.03 -6.26 -7.40
CA ASP F 31 6.72 -5.03 -7.01
C ASP F 31 6.87 -4.01 -8.13
N TYR F 32 6.54 -4.38 -9.37
CA TYR F 32 6.84 -3.57 -10.55
C TYR F 32 5.59 -3.09 -11.26
N THR F 33 5.62 -1.83 -11.69
CA THR F 33 4.71 -1.37 -12.73
C THR F 33 5.03 -2.07 -14.04
N MET F 34 4.00 -2.28 -14.87
CA MET F 34 4.11 -3.01 -16.12
C MET F 34 3.47 -2.19 -17.21
N HIS F 35 4.00 -2.35 -18.43
CA HIS F 35 3.56 -1.55 -19.55
C HIS F 35 3.29 -2.40 -20.76
N TRP F 36 2.42 -1.89 -21.61
CA TRP F 36 2.28 -2.35 -22.98
C TRP F 36 2.84 -1.28 -23.90
N VAL F 37 3.62 -1.71 -24.87
CA VAL F 37 4.20 -0.86 -25.89
C VAL F 37 3.92 -1.56 -27.20
N ARG F 38 3.62 -0.78 -28.24
CA ARG F 38 3.30 -1.35 -29.54
C ARG F 38 4.11 -0.70 -30.64
N GLN F 39 4.17 -1.37 -31.80
CA GLN F 39 4.96 -0.85 -32.91
C GLN F 39 4.29 -1.14 -34.25
N SER F 40 3.59 -0.16 -34.82
CA SER F 40 3.09 -0.42 -36.15
C SER F 40 4.28 -0.17 -37.07
N PRO F 41 4.31 -0.75 -38.27
CA PRO F 41 5.47 -0.43 -39.13
C PRO F 41 5.47 1.06 -39.41
N GLN F 42 4.25 1.55 -39.64
CA GLN F 42 3.79 2.90 -39.88
C GLN F 42 4.74 4.02 -39.48
N LYS F 43 4.69 4.44 -38.22
CA LYS F 43 5.53 5.52 -37.72
C LYS F 43 6.58 5.15 -36.68
N GLY F 44 6.38 4.11 -35.86
CA GLY F 44 7.37 3.83 -34.84
C GLY F 44 6.72 3.20 -33.62
N LEU F 45 7.54 3.10 -32.56
CA LEU F 45 7.05 2.55 -31.31
C LEU F 45 6.14 3.59 -30.67
N GLU F 46 5.04 3.11 -30.09
CA GLU F 46 4.04 3.91 -29.38
C GLU F 46 3.68 3.27 -28.05
N TRP F 47 3.87 4.02 -26.97
CA TRP F 47 3.46 3.56 -25.65
C TRP F 47 1.93 3.48 -25.63
N VAL F 48 1.38 2.44 -24.97
CA VAL F 48 -0.06 2.17 -25.00
C VAL F 48 -0.73 2.39 -23.63
N SER F 49 -0.21 1.76 -22.57
CA SER F 49 -0.92 1.79 -21.29
C SER F 49 0.01 1.43 -20.15
N LEU F 50 -0.42 1.78 -18.93
CA LEU F 50 0.32 1.54 -17.71
C LEU F 50 -0.61 1.08 -16.59
N ILE F 51 -0.07 0.27 -15.68
CA ILE F 51 -0.74 -0.12 -14.44
C ILE F 51 0.31 -0.22 -13.34
N ARG F 52 -0.02 0.32 -12.17
CA ARG F 52 0.92 0.25 -11.06
C ARG F 52 1.00 -1.15 -10.48
N TRP F 53 2.05 -1.34 -9.67
CA TRP F 53 2.33 -2.61 -9.02
C TRP F 53 1.13 -3.18 -8.25
N ASP F 54 0.29 -2.33 -7.66
CA ASP F 54 -0.83 -2.83 -6.87
C ASP F 54 -2.16 -2.77 -7.60
N GLY F 55 -2.19 -2.50 -8.91
CA GLY F 55 -3.48 -2.50 -9.56
C GLY F 55 -4.26 -1.21 -9.44
N SER F 56 -3.74 -0.21 -8.73
CA SER F 56 -4.46 1.05 -8.56
C SER F 56 -4.36 2.07 -9.68
N ARG F 57 -3.30 2.87 -9.75
CA ARG F 57 -3.13 3.74 -10.90
C ARG F 57 -3.05 2.95 -12.21
N THR F 58 -4.01 3.23 -13.08
CA THR F 58 -4.07 2.76 -14.45
C THR F 58 -3.96 4.01 -15.31
N GLU F 59 -3.19 3.94 -16.40
CA GLU F 59 -3.15 5.08 -17.28
C GLU F 59 -2.90 4.62 -18.70
N TYR F 60 -3.27 5.50 -19.64
CA TYR F 60 -3.39 5.11 -21.04
C TYR F 60 -2.91 6.22 -21.96
N ALA F 61 -2.45 5.83 -23.14
CA ALA F 61 -2.19 6.75 -24.24
C ALA F 61 -3.48 7.24 -24.87
N ASP F 62 -3.43 8.48 -25.37
CA ASP F 62 -4.64 9.15 -25.86
C ASP F 62 -5.32 8.31 -26.94
N SER F 63 -4.53 7.73 -27.85
CA SER F 63 -5.10 7.02 -29.00
C SER F 63 -5.80 5.71 -28.60
N VAL F 64 -5.59 5.21 -27.39
CA VAL F 64 -6.25 4.01 -26.88
C VAL F 64 -7.22 4.30 -25.75
N LYS F 65 -7.24 5.53 -25.23
CA LYS F 65 -8.09 5.88 -24.09
C LYS F 65 -9.57 5.72 -24.40
N GLY F 66 -10.31 5.19 -23.44
CA GLY F 66 -11.72 4.90 -23.62
C GLY F 66 -12.07 3.63 -24.34
N ARG F 67 -11.11 3.02 -25.05
CA ARG F 67 -11.31 1.77 -25.77
C ARG F 67 -10.61 0.59 -25.10
N PHE F 68 -9.44 0.83 -24.52
CA PHE F 68 -8.62 -0.20 -23.90
C PHE F 68 -8.75 -0.15 -22.37
N THR F 69 -8.70 -1.33 -21.74
CA THR F 69 -8.65 -1.45 -20.28
C THR F 69 -7.51 -2.39 -19.94
N ILE F 70 -6.56 -1.91 -19.13
CA ILE F 70 -5.44 -2.70 -18.61
C ILE F 70 -5.76 -3.22 -17.21
N SER F 71 -5.26 -4.41 -16.89
CA SER F 71 -5.48 -5.03 -15.58
C SER F 71 -4.37 -6.03 -15.30
N ARG F 72 -4.30 -6.48 -14.04
CA ARG F 72 -3.30 -7.46 -13.64
C ARG F 72 -3.87 -8.41 -12.59
N ASP F 73 -3.24 -9.57 -12.48
CA ASP F 73 -3.54 -10.56 -11.45
C ASP F 73 -2.21 -10.95 -10.83
N ASN F 74 -1.90 -10.35 -9.68
CA ASN F 74 -0.57 -10.56 -9.10
C ASN F 74 -0.42 -11.98 -8.57
N SER F 75 -1.53 -12.63 -8.19
CA SER F 75 -1.48 -14.01 -7.73
C SER F 75 -1.11 -14.98 -8.84
N LYS F 76 -1.35 -14.63 -10.11
CA LYS F 76 -0.96 -15.45 -11.25
C LYS F 76 0.24 -14.89 -12.01
N ASN F 77 0.83 -13.79 -11.56
CA ASN F 77 2.00 -13.18 -12.20
C ASN F 77 1.75 -12.87 -13.67
N SER F 78 0.55 -12.35 -13.95
CA SER F 78 0.07 -12.14 -15.32
C SER F 78 -0.44 -10.71 -15.48
N LEU F 79 -0.08 -10.06 -16.59
CA LEU F 79 -0.64 -8.77 -16.99
C LEU F 79 -1.58 -8.99 -18.16
N TYR F 80 -2.67 -8.22 -18.19
CA TYR F 80 -3.69 -8.34 -19.23
C TYR F 80 -3.93 -7.00 -19.91
N LEU F 81 -4.37 -7.05 -21.18
CA LEU F 81 -4.88 -5.88 -21.90
C LEU F 81 -6.13 -6.22 -22.70
N GLN F 82 -7.27 -5.67 -22.28
CA GLN F 82 -8.53 -5.83 -23.00
C GLN F 82 -8.64 -4.70 -24.02
N MET F 83 -8.79 -5.07 -25.30
CA MET F 83 -8.85 -4.12 -26.40
C MET F 83 -10.21 -4.23 -27.07
N ASN F 84 -10.95 -3.12 -27.08
CA ASN F 84 -12.28 -3.06 -27.66
C ASN F 84 -12.30 -2.04 -28.78
N THR F 85 -13.27 -2.23 -29.68
CA THR F 85 -13.52 -1.31 -30.79
C THR F 85 -12.23 -1.13 -31.60
N LEU F 86 -11.60 -2.25 -31.93
CA LEU F 86 -10.31 -2.18 -32.58
C LEU F 86 -10.48 -1.53 -33.95
N ARG F 87 -9.46 -0.81 -34.38
CA ARG F 87 -9.46 -0.11 -35.65
C ARG F 87 -8.14 -0.42 -36.35
N ALA F 88 -8.11 -0.15 -37.66
CA ALA F 88 -6.89 -0.34 -38.45
C ALA F 88 -5.69 0.34 -37.80
N ASP F 89 -5.89 1.50 -37.18
CA ASP F 89 -4.81 2.19 -36.48
C ASP F 89 -4.25 1.39 -35.31
N ASP F 90 -5.00 0.41 -34.79
CA ASP F 90 -4.53 -0.38 -33.67
C ASP F 90 -3.70 -1.60 -34.08
N SER F 91 -3.66 -1.92 -35.36
CA SER F 91 -2.83 -3.00 -35.89
C SER F 91 -1.35 -2.74 -35.63
N ALA F 92 -0.70 -3.64 -34.90
CA ALA F 92 0.70 -3.46 -34.52
C ALA F 92 1.21 -4.73 -33.86
N PHE F 93 2.53 -4.78 -33.66
CA PHE F 93 3.11 -5.72 -32.70
C PHE F 93 2.99 -5.12 -31.32
N TYR F 94 2.48 -5.91 -30.38
CA TYR F 94 2.28 -5.49 -28.99
C TYR F 94 3.30 -6.18 -28.09
N PHE F 95 4.06 -5.37 -27.36
CA PHE F 95 5.09 -5.78 -26.43
C PHE F 95 4.57 -5.59 -25.02
N CYS F 96 4.91 -6.53 -24.15
CA CYS F 96 4.79 -6.33 -22.72
C CYS F 96 6.16 -5.91 -22.21
N VAL F 97 6.17 -5.01 -21.23
CA VAL F 97 7.41 -4.35 -20.81
C VAL F 97 7.42 -4.16 -19.31
N LYS F 98 8.55 -4.46 -18.69
CA LYS F 98 8.75 -4.34 -17.26
C LYS F 98 9.33 -2.96 -16.97
N ASP F 99 8.78 -2.27 -15.99
CA ASP F 99 9.28 -0.96 -15.60
C ASP F 99 10.28 -1.25 -14.50
N GLY F 100 11.50 -0.74 -14.66
CA GLY F 100 12.52 -1.05 -13.67
C GLY F 100 12.64 -0.06 -12.55
N GLY F 101 11.50 0.36 -11.99
CA GLY F 101 11.47 1.33 -10.92
C GLY F 101 11.28 2.81 -11.18
N LEU F 102 12.32 3.49 -11.65
CA LEU F 102 12.26 4.92 -11.92
C LEU F 102 11.76 5.31 -13.31
N ARG F 103 10.70 4.66 -13.77
CA ARG F 103 10.06 4.93 -15.07
C ARG F 103 10.88 4.67 -16.35
N TYR F 104 11.84 3.74 -16.37
CA TYR F 104 12.47 3.29 -17.60
C TYR F 104 12.06 1.86 -17.94
N PHE F 105 12.13 1.49 -19.22
CA PHE F 105 11.74 0.15 -19.69
C PHE F 105 12.92 -0.83 -19.74
N ASP F 106 13.15 -1.64 -18.70
CA ASP F 106 14.36 -2.49 -18.70
C ASP F 106 14.16 -3.92 -19.21
N SER F 107 12.93 -4.38 -19.44
CA SER F 107 12.70 -5.74 -19.96
C SER F 107 11.53 -5.74 -20.92
N TRP F 108 11.68 -6.47 -22.03
CA TRP F 108 10.69 -6.52 -23.10
C TRP F 108 10.41 -7.97 -23.48
N GLY F 109 9.16 -8.27 -23.79
CA GLY F 109 8.80 -9.56 -24.36
C GLY F 109 9.12 -9.64 -25.84
N GLN F 110 8.89 -10.83 -26.42
CA GLN F 110 9.11 -11.00 -27.84
C GLN F 110 8.00 -10.42 -28.70
N GLY F 111 6.87 -10.06 -28.10
CA GLY F 111 5.76 -9.44 -28.79
C GLY F 111 4.74 -10.43 -29.33
N THR F 112 3.51 -9.94 -29.50
CA THR F 112 2.41 -10.68 -30.08
C THR F 112 1.67 -9.82 -31.09
N LEU F 113 1.30 -10.40 -32.22
CA LEU F 113 0.77 -9.63 -33.35
C LEU F 113 -0.75 -9.56 -33.27
N VAL F 114 -1.28 -8.35 -33.45
CA VAL F 114 -2.71 -8.06 -33.51
C VAL F 114 -2.97 -7.51 -34.91
N THR F 115 -3.88 -8.14 -35.66
CA THR F 115 -4.19 -7.72 -37.03
C THR F 115 -5.65 -7.33 -37.16
N VAL F 116 -5.89 -6.04 -37.42
CA VAL F 116 -7.22 -5.46 -37.60
C VAL F 116 -7.55 -5.43 -39.10
N SER F 117 -8.49 -6.27 -39.55
CA SER F 117 -8.72 -6.43 -40.99
C SER F 117 -10.10 -7.05 -41.21
N SER F 118 -10.73 -6.67 -42.32
CA SER F 118 -11.99 -7.27 -42.76
C SER F 118 -11.79 -8.47 -43.67
N ALA F 119 -10.54 -8.84 -43.97
CA ALA F 119 -10.26 -9.94 -44.87
C ALA F 119 -10.61 -11.27 -44.21
N SER F 120 -10.93 -12.25 -45.05
CA SER F 120 -11.24 -13.61 -44.64
C SER F 120 -10.00 -14.46 -44.91
N THR F 121 -9.86 -15.54 -44.14
CA THR F 121 -8.73 -16.46 -44.32
C THR F 121 -8.64 -16.91 -45.76
N LYS F 122 -7.42 -16.87 -46.29
CA LYS F 122 -7.18 -17.17 -47.70
C LYS F 122 -5.77 -17.71 -47.92
N GLY F 123 -5.69 -18.81 -48.65
CA GLY F 123 -4.43 -19.43 -49.00
C GLY F 123 -3.80 -18.67 -50.15
N PRO F 124 -2.47 -18.69 -50.29
CA PRO F 124 -1.86 -17.91 -51.37
C PRO F 124 -2.04 -18.57 -52.73
N SER F 125 -1.96 -17.72 -53.75
CA SER F 125 -1.71 -18.15 -55.12
C SER F 125 -0.24 -17.91 -55.42
N VAL F 126 0.39 -18.89 -56.05
CA VAL F 126 1.82 -18.87 -56.34
C VAL F 126 2.00 -18.71 -57.84
N PHE F 127 2.65 -17.63 -58.26
CA PHE F 127 2.88 -17.33 -59.66
C PHE F 127 4.37 -17.33 -60.00
N GLY F 139 26.69 -15.24 -67.57
CA GLY F 139 26.25 -14.22 -66.64
C GLY F 139 25.26 -14.75 -65.63
N THR F 140 24.49 -13.84 -65.03
CA THR F 140 23.57 -14.16 -63.95
C THR F 140 22.14 -13.88 -64.38
N ALA F 141 21.26 -14.82 -64.05
CA ALA F 141 19.82 -14.72 -64.26
C ALA F 141 19.12 -14.63 -62.92
N ALA F 142 17.95 -13.98 -62.90
CA ALA F 142 17.09 -13.91 -61.73
C ALA F 142 15.75 -14.58 -62.01
N LEU F 143 15.25 -15.32 -61.03
CA LEU F 143 13.93 -15.94 -61.08
C LEU F 143 13.30 -15.93 -59.69
N GLY F 144 12.02 -16.28 -59.61
CA GLY F 144 11.35 -16.23 -58.32
C GLY F 144 9.92 -16.69 -58.37
N CYS F 145 9.25 -16.51 -57.22
CA CYS F 145 7.83 -16.79 -57.02
C CYS F 145 7.16 -15.60 -56.35
N LEU F 146 5.97 -15.25 -56.82
CA LEU F 146 5.10 -14.26 -56.20
C LEU F 146 4.02 -15.00 -55.42
N VAL F 147 3.93 -14.74 -54.11
CA VAL F 147 2.99 -15.46 -53.26
C VAL F 147 1.89 -14.45 -52.98
N LYS F 148 0.81 -14.58 -53.74
CA LYS F 148 -0.17 -13.51 -53.93
C LYS F 148 -1.46 -13.87 -53.22
N ASP F 149 -2.05 -12.87 -52.55
CA ASP F 149 -3.44 -12.89 -52.11
C ASP F 149 -3.68 -13.97 -51.05
N TYR F 150 -3.03 -13.81 -49.90
CA TYR F 150 -3.20 -14.74 -48.79
C TYR F 150 -3.53 -13.93 -47.55
N PHE F 151 -4.15 -14.59 -46.59
CA PHE F 151 -4.49 -13.91 -45.35
C PHE F 151 -4.75 -14.98 -44.29
N PRO F 152 -4.28 -14.80 -43.04
CA PRO F 152 -3.41 -13.73 -42.55
C PRO F 152 -1.95 -14.11 -42.76
N GLU F 153 -1.01 -13.32 -42.27
CA GLU F 153 0.38 -13.74 -42.23
C GLU F 153 0.57 -14.89 -41.24
N PRO F 154 1.64 -15.69 -41.41
CA PRO F 154 2.70 -15.61 -42.42
C PRO F 154 2.65 -16.77 -43.41
N VAL F 155 3.46 -16.68 -44.45
CA VAL F 155 3.85 -17.82 -45.27
C VAL F 155 5.35 -17.99 -45.10
N THR F 156 5.81 -19.21 -45.35
CA THR F 156 7.23 -19.49 -45.43
C THR F 156 7.50 -19.87 -46.88
N VAL F 157 8.66 -19.47 -47.39
CA VAL F 157 9.09 -19.80 -48.74
C VAL F 157 10.48 -20.38 -48.62
N SER F 158 10.71 -21.52 -49.28
CA SER F 158 12.04 -22.05 -49.53
C SER F 158 12.17 -22.44 -50.99
N TRP F 159 13.39 -22.82 -51.38
CA TRP F 159 13.71 -23.20 -52.76
C TRP F 159 14.39 -24.56 -52.84
N ASN F 160 13.87 -25.41 -53.73
CA ASN F 160 14.41 -26.74 -54.01
C ASN F 160 14.55 -27.57 -52.73
N SER F 161 13.54 -27.47 -51.87
CA SER F 161 13.47 -28.22 -50.62
C SER F 161 14.63 -27.86 -49.67
N GLY F 162 15.13 -26.62 -49.76
CA GLY F 162 16.22 -26.16 -48.93
C GLY F 162 17.60 -26.41 -49.46
N ALA F 163 17.74 -27.13 -50.59
CA ALA F 163 19.07 -27.36 -51.17
C ALA F 163 19.62 -26.11 -51.88
N LEU F 164 18.77 -25.13 -52.17
CA LEU F 164 19.14 -23.88 -52.83
C LEU F 164 18.94 -22.78 -51.80
N THR F 165 20.03 -22.15 -51.36
CA THR F 165 19.97 -21.08 -50.37
C THR F 165 20.74 -19.83 -50.81
N SER F 166 21.83 -20.02 -51.55
CA SER F 166 22.63 -18.89 -51.98
C SER F 166 21.88 -18.05 -53.00
N GLY F 167 21.89 -16.72 -52.79
CA GLY F 167 21.22 -15.79 -53.67
C GLY F 167 19.72 -15.64 -53.49
N VAL F 168 19.12 -16.28 -52.49
CA VAL F 168 17.68 -16.17 -52.26
C VAL F 168 17.36 -14.94 -51.44
N HIS F 169 16.31 -14.21 -51.84
CA HIS F 169 15.74 -13.10 -51.08
C HIS F 169 14.22 -13.28 -51.01
N THR F 170 13.70 -13.49 -49.80
CA THR F 170 12.26 -13.55 -49.57
C THR F 170 11.88 -12.26 -48.87
N PHE F 171 11.07 -11.46 -49.54
CA PHE F 171 10.83 -10.08 -49.13
C PHE F 171 9.73 -9.98 -48.08
N PRO F 172 9.73 -8.91 -47.28
CA PRO F 172 8.58 -8.63 -46.43
C PRO F 172 7.32 -8.52 -47.27
N ALA F 173 6.23 -9.02 -46.72
CA ALA F 173 4.95 -8.89 -47.39
C ALA F 173 4.50 -7.44 -47.34
N VAL F 174 3.73 -7.05 -48.35
CA VAL F 174 3.04 -5.78 -48.36
C VAL F 174 1.57 -6.10 -48.14
N LEU F 175 0.86 -5.20 -47.48
CA LEU F 175 -0.57 -5.34 -47.23
C LEU F 175 -1.29 -4.57 -48.32
N GLN F 176 -2.05 -5.29 -49.13
CA GLN F 176 -2.70 -4.71 -50.28
C GLN F 176 -4.02 -4.07 -49.89
N SER F 177 -4.58 -3.29 -50.82
CA SER F 177 -5.84 -2.61 -50.57
C SER F 177 -7.01 -3.57 -50.44
N SER F 178 -6.88 -4.81 -50.92
CA SER F 178 -7.90 -5.83 -50.71
C SER F 178 -7.99 -6.32 -49.26
N GLY F 179 -7.01 -5.95 -48.41
CA GLY F 179 -6.91 -6.50 -47.08
C GLY F 179 -6.17 -7.82 -47.01
N LEU F 180 -5.75 -8.37 -48.15
CA LEU F 180 -4.97 -9.59 -48.25
C LEU F 180 -3.51 -9.22 -48.46
N TYR F 181 -2.61 -10.10 -48.06
CA TYR F 181 -1.18 -9.89 -48.21
C TYR F 181 -0.66 -10.47 -49.51
N SER F 182 0.49 -9.95 -49.92
CA SER F 182 1.23 -10.43 -51.07
C SER F 182 2.70 -10.27 -50.77
N LEU F 183 3.49 -11.26 -51.16
CA LEU F 183 4.93 -11.20 -51.01
C LEU F 183 5.57 -11.85 -52.22
N SER F 184 6.85 -11.54 -52.44
CA SER F 184 7.61 -12.14 -53.52
C SER F 184 8.87 -12.77 -52.94
N SER F 185 9.35 -13.81 -53.62
CA SER F 185 10.61 -14.47 -53.31
C SER F 185 11.38 -14.69 -54.59
N VAL F 186 12.66 -14.31 -54.62
CA VAL F 186 13.47 -14.40 -55.82
C VAL F 186 14.76 -15.13 -55.47
N VAL F 187 15.44 -15.62 -56.52
CA VAL F 187 16.76 -16.22 -56.38
C VAL F 187 17.55 -15.95 -57.66
N THR F 188 18.83 -15.64 -57.52
CA THR F 188 19.74 -15.53 -58.66
C THR F 188 20.62 -16.78 -58.77
N VAL F 189 20.81 -17.25 -60.00
CA VAL F 189 21.49 -18.52 -60.28
C VAL F 189 22.29 -18.36 -61.57
N PRO F 190 23.27 -19.24 -61.80
CA PRO F 190 23.99 -19.21 -63.10
C PRO F 190 23.04 -19.46 -64.27
N SER F 191 23.12 -18.58 -65.28
CA SER F 191 22.25 -18.70 -66.44
C SER F 191 22.39 -20.02 -67.18
N SER F 192 23.60 -20.60 -67.23
CA SER F 192 23.74 -21.88 -67.92
C SER F 192 22.98 -23.01 -67.23
N SER F 193 22.67 -22.87 -65.94
CA SER F 193 21.95 -23.89 -65.20
C SER F 193 20.45 -23.89 -65.47
N LEU F 194 19.94 -22.88 -66.18
CA LEU F 194 18.49 -22.77 -66.35
C LEU F 194 17.92 -23.92 -67.17
N GLY F 195 18.73 -24.52 -68.04
CA GLY F 195 18.29 -25.62 -68.86
C GLY F 195 18.46 -26.96 -68.18
N THR F 196 19.30 -27.02 -67.15
CA THR F 196 19.72 -28.27 -66.52
C THR F 196 19.30 -28.42 -65.06
N GLN F 197 18.81 -27.37 -64.41
CA GLN F 197 18.44 -27.40 -63.00
C GLN F 197 16.98 -26.99 -62.87
N THR F 198 16.17 -27.87 -62.26
CA THR F 198 14.79 -27.54 -61.93
C THR F 198 14.76 -26.68 -60.69
N TYR F 199 13.97 -25.60 -60.71
CA TYR F 199 13.85 -24.68 -59.59
C TYR F 199 12.41 -24.69 -59.08
N ILE F 200 12.24 -25.07 -57.81
CA ILE F 200 10.94 -25.21 -57.17
C ILE F 200 10.95 -24.31 -55.94
N CYS F 201 9.94 -23.43 -55.82
CA CYS F 201 9.72 -22.68 -54.58
C CYS F 201 8.66 -23.40 -53.75
N ASN F 202 8.99 -23.67 -52.48
CA ASN F 202 8.12 -24.38 -51.55
C ASN F 202 7.43 -23.36 -50.65
N VAL F 203 6.14 -23.14 -50.87
CA VAL F 203 5.35 -22.15 -50.15
C VAL F 203 4.43 -22.90 -49.20
N ASN F 204 4.39 -22.47 -47.95
CA ASN F 204 3.48 -23.02 -46.95
C ASN F 204 2.74 -21.87 -46.30
N HIS F 205 1.42 -22.04 -46.17
CA HIS F 205 0.56 -21.10 -45.47
C HIS F 205 -0.24 -21.91 -44.46
N LYS F 206 0.26 -21.96 -43.22
CA LYS F 206 -0.36 -22.81 -42.21
C LYS F 206 -1.80 -22.43 -41.85
N PRO F 207 -2.17 -21.14 -41.75
CA PRO F 207 -3.57 -20.82 -41.39
C PRO F 207 -4.63 -21.40 -42.33
N SER F 208 -4.31 -21.63 -43.60
CA SER F 208 -5.26 -22.21 -44.55
C SER F 208 -4.88 -23.61 -44.98
N ASN F 209 -3.81 -24.18 -44.41
CA ASN F 209 -3.33 -25.53 -44.73
C ASN F 209 -3.02 -25.66 -46.23
N THR F 210 -2.45 -24.61 -46.80
CA THR F 210 -2.07 -24.57 -48.21
C THR F 210 -0.59 -24.90 -48.29
N LYS F 211 -0.24 -25.87 -49.13
CA LYS F 211 1.14 -26.20 -49.42
C LYS F 211 1.23 -26.34 -50.93
N VAL F 212 2.06 -25.50 -51.53
CA VAL F 212 2.22 -25.44 -52.98
C VAL F 212 3.71 -25.51 -53.29
N ASP F 213 4.06 -26.36 -54.26
CA ASP F 213 5.43 -26.43 -54.78
C ASP F 213 5.39 -26.03 -56.26
N LYS F 214 5.78 -24.79 -56.54
CA LYS F 214 5.63 -24.18 -57.86
C LYS F 214 6.98 -24.21 -58.55
N ARG F 215 7.04 -24.87 -59.71
CA ARG F 215 8.23 -24.89 -60.54
C ARG F 215 8.40 -23.58 -61.29
N VAL F 216 9.62 -23.05 -61.28
CA VAL F 216 9.98 -21.78 -61.91
C VAL F 216 10.98 -22.10 -63.00
N GLU F 217 10.60 -21.83 -64.25
CA GLU F 217 11.37 -22.24 -65.42
C GLU F 217 11.28 -21.13 -66.46
N PRO F 218 12.25 -21.09 -67.41
CA PRO F 218 12.22 -20.09 -68.49
C PRO F 218 10.90 -20.04 -69.28
N ASP G 1 2.14 16.45 -24.42
CA ASP G 1 2.92 15.56 -25.31
C ASP G 1 4.24 16.21 -25.70
N VAL G 2 5.35 15.48 -25.50
CA VAL G 2 6.67 15.93 -25.91
C VAL G 2 7.00 15.24 -27.23
N VAL G 3 7.45 16.01 -28.21
CA VAL G 3 7.80 15.48 -29.53
C VAL G 3 9.30 15.22 -29.56
N MET G 4 9.68 14.12 -30.21
CA MET G 4 11.05 13.66 -30.25
C MET G 4 11.54 13.55 -31.68
N THR G 5 12.81 13.88 -31.87
CA THR G 5 13.44 13.87 -33.19
C THR G 5 14.88 13.42 -33.04
N GLN G 6 15.41 12.80 -34.09
CA GLN G 6 16.76 12.25 -34.06
C GLN G 6 17.51 12.62 -35.33
N SER G 7 18.81 12.84 -35.17
CA SER G 7 19.72 13.00 -36.27
C SER G 7 20.95 12.16 -35.96
N PRO G 8 21.54 11.48 -36.96
CA PRO G 8 21.13 11.27 -38.35
C PRO G 8 20.00 10.26 -38.42
N LEU G 9 19.22 10.21 -39.50
CA LEU G 9 18.24 9.12 -39.67
C LEU G 9 18.90 7.81 -40.08
N SER G 10 20.08 7.87 -40.68
CA SER G 10 20.84 6.72 -41.12
C SER G 10 22.31 6.97 -40.78
N LEU G 11 22.88 6.14 -39.93
CA LEU G 11 24.25 6.30 -39.45
C LEU G 11 25.02 5.11 -39.99
N PRO G 12 25.70 5.23 -41.13
CA PRO G 12 26.60 4.16 -41.56
C PRO G 12 27.92 4.27 -40.80
N VAL G 13 28.36 3.14 -40.25
CA VAL G 13 29.48 3.09 -39.31
C VAL G 13 30.52 2.09 -39.79
N THR G 14 31.80 2.41 -39.54
CA THR G 14 32.90 1.48 -39.78
C THR G 14 33.30 0.86 -38.45
N PRO G 15 33.29 -0.47 -38.29
CA PRO G 15 33.64 -1.05 -36.97
C PRO G 15 35.04 -0.65 -36.52
N GLY G 16 35.16 -0.39 -35.21
CA GLY G 16 36.41 0.06 -34.63
C GLY G 16 36.63 1.56 -34.67
N GLU G 17 35.60 2.34 -34.97
CA GLU G 17 35.64 3.79 -34.97
C GLU G 17 34.45 4.33 -34.20
N PRO G 18 34.49 5.60 -33.81
CA PRO G 18 33.41 6.13 -32.97
C PRO G 18 32.17 6.52 -33.76
N ALA G 19 31.03 6.42 -33.07
CA ALA G 19 29.73 6.76 -33.62
C ALA G 19 28.94 7.57 -32.59
N SER G 20 28.15 8.52 -33.09
CA SER G 20 27.29 9.35 -32.26
C SER G 20 25.91 9.41 -32.89
N ILE G 21 24.88 9.31 -32.05
CA ILE G 21 23.50 9.56 -32.44
C ILE G 21 22.96 10.66 -31.55
N SER G 22 22.13 11.53 -32.11
CA SER G 22 21.56 12.66 -31.41
C SER G 22 20.05 12.51 -31.28
N CYS G 23 19.54 13.09 -30.20
CA CYS G 23 18.13 13.13 -29.85
C CYS G 23 17.82 14.54 -29.40
N ARG G 24 16.69 15.08 -29.85
CA ARG G 24 16.31 16.44 -29.49
C ARG G 24 14.83 16.46 -29.17
N SER G 25 14.47 17.24 -28.15
CA SER G 25 13.12 17.25 -27.59
C SER G 25 12.51 18.64 -27.70
N SER G 26 11.18 18.66 -27.80
CA SER G 26 10.47 19.92 -28.04
C SER G 26 10.43 20.79 -26.79
N GLN G 27 10.60 20.20 -25.61
CA GLN G 27 10.73 20.92 -24.36
C GLN G 27 11.74 20.20 -23.50
N SER G 28 12.25 20.91 -22.47
CA SER G 28 13.27 20.34 -21.61
C SER G 28 12.74 19.11 -20.90
N LEU G 29 13.61 18.11 -20.80
CA LEU G 29 13.31 16.83 -20.17
C LEU G 29 13.74 16.79 -18.71
N LEU G 30 14.10 17.93 -18.14
CA LEU G 30 14.44 18.02 -16.72
C LEU G 30 13.18 18.13 -15.89
N HIS G 31 13.09 17.32 -14.85
CA HIS G 31 11.96 17.27 -13.95
C HIS G 31 12.24 18.09 -12.69
N SER G 32 11.23 18.24 -11.84
CA SER G 32 11.40 18.95 -10.57
C SER G 32 12.45 18.30 -9.68
N ASN G 33 12.57 16.97 -9.74
CA ASN G 33 13.77 16.36 -9.19
C ASN G 33 14.93 16.54 -10.16
N GLY G 34 16.08 16.02 -9.82
CA GLY G 34 17.21 16.40 -10.63
C GLY G 34 17.31 15.74 -11.99
N ILE G 35 16.41 14.83 -12.35
CA ILE G 35 16.66 13.85 -13.40
C ILE G 35 16.26 14.42 -14.75
N HIS G 36 17.03 14.09 -15.79
CA HIS G 36 16.60 14.21 -17.18
C HIS G 36 15.96 12.88 -17.58
N TYR G 37 14.66 12.90 -17.88
CA TYR G 37 13.91 11.68 -18.15
C TYR G 37 14.00 11.33 -19.63
N LEU G 38 15.18 10.81 -20.00
CA LEU G 38 15.46 10.29 -21.33
C LEU G 38 16.14 8.94 -21.22
N ASP G 39 15.65 7.97 -21.99
CA ASP G 39 16.26 6.65 -22.12
C ASP G 39 16.62 6.41 -23.59
N TRP G 40 17.55 5.47 -23.83
CA TRP G 40 17.99 5.09 -25.18
C TRP G 40 17.83 3.58 -25.37
N TYR G 41 17.11 3.17 -26.41
CA TYR G 41 16.85 1.76 -26.69
C TYR G 41 17.46 1.36 -28.03
N LEU G 42 17.69 0.05 -28.17
CA LEU G 42 18.20 -0.55 -29.39
C LEU G 42 17.34 -1.74 -29.79
N GLN G 43 16.95 -1.79 -31.06
CA GLN G 43 16.17 -2.89 -31.63
C GLN G 43 17.04 -3.61 -32.67
N LYS G 44 17.63 -4.72 -32.27
CA LYS G 44 18.41 -5.47 -33.23
C LYS G 44 17.47 -6.22 -34.17
N PRO G 45 17.89 -6.50 -35.42
CA PRO G 45 16.98 -7.11 -36.40
C PRO G 45 16.35 -8.41 -35.93
N GLY G 46 15.03 -8.48 -36.04
CA GLY G 46 14.28 -9.65 -35.64
C GLY G 46 14.11 -9.84 -34.14
N GLN G 47 14.39 -8.81 -33.34
CA GLN G 47 14.33 -8.87 -31.89
C GLN G 47 13.54 -7.70 -31.34
N SER G 48 13.18 -7.78 -30.07
CA SER G 48 12.50 -6.68 -29.41
C SER G 48 13.51 -5.58 -29.10
N PRO G 49 13.04 -4.36 -28.81
CA PRO G 49 13.96 -3.34 -28.29
C PRO G 49 14.52 -3.74 -26.93
N GLN G 50 15.79 -3.42 -26.71
CA GLN G 50 16.46 -3.60 -25.44
C GLN G 50 16.95 -2.25 -24.93
N LEU G 51 17.19 -2.16 -23.63
CA LEU G 51 17.59 -0.91 -22.99
C LEU G 51 19.10 -0.74 -23.04
N LEU G 52 19.55 0.46 -23.43
CA LEU G 52 20.96 0.83 -23.35
C LEU G 52 21.23 1.82 -22.22
N ILE G 53 20.59 2.98 -22.25
CA ILE G 53 20.80 4.06 -21.30
C ILE G 53 19.44 4.46 -20.75
N TYR G 54 19.40 4.84 -19.48
CA TYR G 54 18.15 5.29 -18.89
C TYR G 54 18.40 6.48 -17.97
N LEU G 55 17.39 7.33 -17.88
CA LEU G 55 17.47 8.57 -17.10
C LEU G 55 18.67 9.38 -17.53
N GLY G 56 18.86 9.49 -18.84
CA GLY G 56 19.88 10.34 -19.43
C GLY G 56 21.27 9.73 -19.55
N SER G 57 21.80 9.18 -18.44
CA SER G 57 23.20 8.77 -18.36
C SER G 57 23.42 7.36 -17.87
N LYS G 58 22.45 6.75 -17.20
CA LYS G 58 22.71 5.49 -16.51
C LYS G 58 22.71 4.36 -17.52
N ARG G 59 23.85 3.69 -17.63
CA ARG G 59 23.99 2.50 -18.45
C ARG G 59 23.40 1.31 -17.72
N ALA G 60 22.78 0.42 -18.48
CA ALA G 60 21.94 -0.64 -17.91
C ALA G 60 22.59 -2.00 -18.03
N SER G 61 22.33 -2.86 -17.03
CA SER G 61 22.55 -4.30 -17.06
C SER G 61 23.93 -4.66 -17.63
N GLY G 62 23.98 -5.38 -18.75
CA GLY G 62 25.25 -5.78 -19.33
C GLY G 62 25.59 -4.99 -20.56
N VAL G 63 25.09 -3.77 -20.66
CA VAL G 63 25.48 -2.94 -21.80
C VAL G 63 26.97 -2.64 -21.70
N PRO G 64 27.80 -2.95 -22.70
CA PRO G 64 29.24 -2.72 -22.56
C PRO G 64 29.57 -1.25 -22.35
N ASP G 65 30.80 -1.01 -21.88
CA ASP G 65 31.25 0.32 -21.52
C ASP G 65 31.30 1.29 -22.69
N ARG G 66 31.31 0.79 -23.94
CA ARG G 66 31.46 1.68 -25.08
C ARG G 66 30.20 2.54 -25.26
N PHE G 67 29.03 2.03 -24.91
CA PHE G 67 27.82 2.84 -24.98
C PHE G 67 27.78 3.84 -23.84
N SER G 68 27.38 5.07 -24.15
CA SER G 68 27.41 6.15 -23.18
C SER G 68 26.34 7.18 -23.55
N GLY G 69 25.72 7.76 -22.52
CA GLY G 69 24.67 8.75 -22.71
C GLY G 69 25.07 10.06 -22.05
N SER G 70 24.53 11.15 -22.58
CA SER G 70 24.87 12.46 -22.07
C SER G 70 23.87 13.45 -22.65
N GLY G 71 23.86 14.65 -22.09
CA GLY G 71 22.88 15.64 -22.45
C GLY G 71 22.11 16.23 -21.29
N SER G 72 21.61 17.42 -21.55
CA SER G 72 20.87 18.22 -20.59
C SER G 72 19.81 18.97 -21.37
N GLY G 73 18.74 19.37 -20.70
CA GLY G 73 17.70 20.15 -21.34
C GLY G 73 17.03 19.44 -22.49
N THR G 74 17.25 19.95 -23.70
CA THR G 74 16.60 19.43 -24.90
C THR G 74 17.54 18.67 -25.84
N ASP G 75 18.83 18.58 -25.52
CA ASP G 75 19.83 17.97 -26.39
C ASP G 75 20.45 16.78 -25.66
N PHE G 76 20.34 15.62 -26.27
CA PHE G 76 20.90 14.39 -25.73
C PHE G 76 21.66 13.67 -26.84
N THR G 77 22.55 12.78 -26.41
CA THR G 77 23.52 12.21 -27.34
C THR G 77 23.99 10.85 -26.83
N LEU G 78 23.73 9.81 -27.61
CA LEU G 78 24.28 8.48 -27.39
C LEU G 78 25.56 8.33 -28.19
N LYS G 79 26.64 7.92 -27.53
CA LYS G 79 27.95 7.78 -28.14
C LYS G 79 28.46 6.35 -28.01
N ILE G 80 29.00 5.84 -29.11
CA ILE G 80 29.69 4.57 -29.12
C ILE G 80 31.16 4.89 -29.30
N SER G 81 31.99 4.43 -28.37
CA SER G 81 33.41 4.75 -28.44
C SER G 81 34.09 4.00 -29.57
N ARG G 82 33.84 2.69 -29.68
CA ARG G 82 34.47 1.83 -30.68
C ARG G 82 33.35 0.89 -31.16
N VAL G 83 32.83 1.15 -32.37
CA VAL G 83 31.70 0.38 -32.87
C VAL G 83 32.15 -1.05 -33.16
N GLU G 84 31.43 -2.01 -32.58
CA GLU G 84 31.53 -3.41 -32.96
C GLU G 84 30.43 -3.74 -33.95
N ALA G 85 30.63 -4.82 -34.71
CA ALA G 85 29.71 -5.12 -35.81
C ALA G 85 28.32 -5.51 -35.31
N GLU G 86 28.21 -6.11 -34.13
CA GLU G 86 26.93 -6.52 -33.60
C GLU G 86 26.05 -5.33 -33.19
N ASP G 87 26.58 -4.11 -33.20
CA ASP G 87 25.79 -2.92 -32.84
C ASP G 87 24.79 -2.50 -33.92
N VAL G 88 24.70 -3.23 -35.04
CA VAL G 88 23.82 -2.85 -36.12
C VAL G 88 22.36 -3.00 -35.68
N GLY G 89 21.56 -1.99 -35.99
CA GLY G 89 20.16 -2.02 -35.64
C GLY G 89 19.55 -0.63 -35.71
N VAL G 90 18.41 -0.48 -35.07
CA VAL G 90 17.69 0.81 -35.00
C VAL G 90 17.76 1.28 -33.55
N TYR G 91 18.30 2.49 -33.34
CA TYR G 91 18.41 3.11 -32.03
C TYR G 91 17.33 4.15 -31.90
N TYR G 92 16.44 3.96 -30.92
CA TYR G 92 15.42 4.94 -30.60
C TYR G 92 15.83 5.65 -29.32
N CYS G 93 15.44 6.91 -29.21
CA CYS G 93 15.45 7.62 -27.95
C CYS G 93 14.02 7.81 -27.48
N MET G 94 13.85 7.92 -26.17
CA MET G 94 12.52 8.03 -25.57
C MET G 94 12.59 8.97 -24.39
N GLN G 95 11.65 9.90 -24.34
CA GLN G 95 11.47 10.78 -23.19
C GLN G 95 10.45 10.13 -22.29
N SER G 96 10.73 10.19 -20.97
CA SER G 96 9.83 9.64 -19.96
C SER G 96 9.32 10.75 -19.05
N LEU G 97 9.20 11.97 -19.59
CA LEU G 97 8.85 13.11 -18.75
C LEU G 97 7.34 13.26 -18.61
N GLN G 98 6.64 13.51 -19.70
CA GLN G 98 5.19 13.69 -19.60
C GLN G 98 4.46 12.37 -19.74
N THR G 99 4.75 11.61 -20.79
CA THR G 99 4.22 10.27 -20.91
C THR G 99 5.39 9.38 -21.31
N PHE G 100 5.27 8.67 -22.44
CA PHE G 100 6.43 8.05 -23.07
C PHE G 100 6.26 8.28 -24.55
N THR G 101 7.10 9.13 -25.12
CA THR G 101 7.16 9.35 -26.56
C THR G 101 8.51 8.90 -27.08
N PHE G 102 8.50 8.22 -28.22
CA PHE G 102 9.70 7.65 -28.79
C PHE G 102 10.20 8.55 -29.91
N GLY G 103 11.49 8.47 -30.16
CA GLY G 103 12.04 9.09 -31.34
C GLY G 103 11.67 8.26 -32.54
N PRO G 104 11.93 8.81 -33.74
CA PRO G 104 11.53 8.09 -34.95
C PRO G 104 12.43 6.91 -35.25
N GLY G 105 13.63 6.88 -34.71
CA GLY G 105 14.59 5.81 -34.91
C GLY G 105 15.74 6.27 -35.79
N THR G 106 16.90 5.68 -35.53
CA THR G 106 18.11 5.91 -36.32
C THR G 106 18.67 4.54 -36.66
N LYS G 107 18.75 4.24 -37.96
CA LYS G 107 19.17 2.94 -38.42
C LYS G 107 20.68 2.96 -38.58
N VAL G 108 21.36 2.01 -37.95
CA VAL G 108 22.81 1.90 -38.06
C VAL G 108 23.16 0.81 -39.05
N ASP G 109 24.15 1.10 -39.88
CA ASP G 109 24.48 0.37 -41.10
C ASP G 109 25.97 0.12 -41.11
N ILE G 110 26.38 -1.06 -41.58
CA ILE G 110 27.80 -1.30 -41.81
C ILE G 110 28.17 -0.73 -43.18
N LYS G 111 29.27 0.00 -43.21
CA LYS G 111 29.59 0.85 -44.35
C LYS G 111 30.42 0.06 -45.35
N ARG G 112 29.78 -0.32 -46.46
CA ARG G 112 30.42 -1.00 -47.57
C ARG G 112 30.92 0.06 -48.54
N THR G 113 31.13 -0.31 -49.80
CA THR G 113 31.63 0.59 -50.83
C THR G 113 30.51 0.92 -51.81
N ASN G 141 21.17 -2.71 -58.36
CA ASN G 141 21.09 -4.06 -57.83
C ASN G 141 22.23 -4.39 -56.86
N ASN G 142 21.89 -5.13 -55.80
CA ASN G 142 22.75 -5.39 -54.64
C ASN G 142 23.52 -4.13 -54.31
N PHE G 143 22.91 -3.28 -53.48
CA PHE G 143 23.18 -1.86 -53.48
C PHE G 143 23.59 -1.40 -52.09
N TYR G 144 24.52 -0.45 -52.07
CA TYR G 144 24.91 0.28 -50.89
C TYR G 144 25.38 1.65 -51.37
N PRO G 145 24.91 2.76 -50.78
CA PRO G 145 23.99 2.88 -49.63
C PRO G 145 22.58 2.52 -50.03
N ARG G 146 21.62 2.78 -49.15
CA ARG G 146 20.23 2.50 -49.44
C ARG G 146 19.51 3.69 -50.06
N GLU G 147 19.99 4.91 -49.80
CA GLU G 147 19.43 6.13 -50.34
C GLU G 147 20.17 6.57 -51.61
N SER G 163 2.67 1.13 -56.93
CA SER G 163 3.96 1.39 -56.32
C SER G 163 4.02 0.90 -54.87
N GLN G 164 4.01 -0.43 -54.70
CA GLN G 164 4.11 -1.07 -53.39
C GLN G 164 5.38 -1.91 -53.35
N GLU G 165 6.26 -1.62 -52.38
CA GLU G 165 7.59 -2.19 -52.35
C GLU G 165 7.98 -2.69 -50.97
N SER G 166 9.01 -3.54 -50.95
CA SER G 166 9.56 -4.05 -49.71
C SER G 166 11.04 -4.35 -49.90
N VAL G 167 11.87 -3.90 -48.95
CA VAL G 167 13.32 -4.08 -48.97
C VAL G 167 13.67 -5.23 -48.03
N THR G 168 14.85 -5.82 -48.22
CA THR G 168 15.41 -6.80 -47.31
C THR G 168 16.43 -6.16 -46.37
N GLU G 169 16.66 -6.79 -45.24
CA GLU G 169 17.67 -6.30 -44.31
C GLU G 169 19.04 -6.37 -44.97
N GLN G 170 19.98 -5.58 -44.44
CA GLN G 170 21.35 -5.63 -44.95
C GLN G 170 21.92 -7.02 -44.73
N ASP G 171 22.31 -7.69 -45.82
CA ASP G 171 22.74 -9.07 -45.73
C ASP G 171 24.10 -9.16 -45.04
N SER G 172 24.24 -10.15 -44.16
CA SER G 172 25.45 -10.25 -43.34
C SER G 172 26.69 -10.57 -44.17
N LYS G 173 26.55 -11.15 -45.35
CA LYS G 173 27.73 -11.45 -46.15
C LYS G 173 28.25 -10.20 -46.85
N ASP G 174 27.45 -9.63 -47.74
CA ASP G 174 27.91 -8.60 -48.67
C ASP G 174 27.56 -7.18 -48.24
N SER G 175 26.76 -7.03 -47.17
CA SER G 175 26.45 -5.72 -46.61
C SER G 175 25.76 -4.82 -47.63
N THR G 176 24.72 -5.36 -48.27
CA THR G 176 23.92 -4.62 -49.26
C THR G 176 22.46 -5.03 -49.07
N TYR G 177 21.61 -4.50 -49.94
CA TYR G 177 20.16 -4.63 -49.84
C TYR G 177 19.56 -5.18 -51.13
N SER G 178 18.28 -5.57 -51.03
CA SER G 178 17.50 -5.99 -52.18
C SER G 178 16.10 -5.40 -52.02
N LEU G 179 15.39 -5.22 -53.14
CA LEU G 179 14.09 -4.57 -53.16
C LEU G 179 13.14 -5.36 -54.05
N SER G 180 11.86 -4.99 -54.02
CA SER G 180 10.88 -5.53 -54.95
C SER G 180 9.64 -4.63 -54.94
N SER G 181 9.40 -3.92 -56.05
CA SER G 181 8.26 -2.99 -56.18
C SER G 181 7.30 -3.38 -57.31
N GLN H 1 -9.45 -2.65 12.83
CA GLN H 1 -8.78 -3.98 12.72
C GLN H 1 -7.40 -4.00 13.39
N VAL H 2 -6.92 -2.85 13.89
CA VAL H 2 -5.62 -2.85 14.56
C VAL H 2 -5.78 -3.75 15.78
N GLN H 3 -4.86 -4.68 15.95
CA GLN H 3 -4.83 -5.56 17.10
C GLN H 3 -3.45 -5.54 17.75
N LEU H 4 -3.42 -5.41 19.08
CA LEU H 4 -2.18 -5.49 19.85
C LEU H 4 -2.37 -6.56 20.92
N VAL H 5 -1.68 -7.68 20.76
CA VAL H 5 -1.82 -8.86 21.61
C VAL H 5 -0.55 -9.00 22.42
N GLN H 6 -0.62 -8.72 23.71
CA GLN H 6 0.53 -8.84 24.59
C GLN H 6 0.64 -10.24 25.17
N SER H 7 1.82 -10.55 25.69
CA SER H 7 2.03 -11.82 26.37
C SER H 7 3.21 -11.65 27.31
N GLY H 8 3.33 -12.59 28.23
CA GLY H 8 4.39 -12.56 29.21
C GLY H 8 3.92 -11.93 30.51
N GLY H 9 4.91 -11.47 31.28
CA GLY H 9 4.65 -10.84 32.56
C GLY H 9 4.56 -11.84 33.69
N GLY H 10 3.78 -11.52 34.73
CA GLY H 10 3.58 -12.42 35.87
C GLY H 10 4.38 -12.04 37.10
N LEU H 11 4.75 -13.04 37.92
CA LEU H 11 5.42 -12.84 39.19
C LEU H 11 6.93 -12.96 39.07
N VAL H 12 7.64 -12.07 39.76
CA VAL H 12 9.10 -12.08 39.79
C VAL H 12 9.56 -11.51 41.12
N LYS H 13 10.70 -12.02 41.59
CA LYS H 13 11.34 -11.59 42.82
C LYS H 13 12.13 -10.29 42.57
N PRO H 14 12.33 -9.46 43.60
CA PRO H 14 13.20 -8.29 43.43
C PRO H 14 14.55 -8.67 42.83
N GLY H 15 15.04 -7.82 41.92
CA GLY H 15 16.26 -8.10 41.21
C GLY H 15 16.12 -9.02 40.00
N GLY H 16 14.98 -9.66 39.81
CA GLY H 16 14.82 -10.56 38.68
C GLY H 16 14.52 -9.83 37.39
N SER H 17 14.24 -10.63 36.36
CA SER H 17 14.06 -10.15 35.00
C SER H 17 12.83 -10.77 34.35
N LEU H 18 12.10 -9.96 33.59
CA LEU H 18 11.00 -10.42 32.77
C LEU H 18 11.15 -9.85 31.38
N ARG H 19 10.46 -10.47 30.43
CA ARG H 19 10.35 -9.95 29.06
C ARG H 19 8.87 -9.87 28.71
N LEU H 20 8.37 -8.65 28.62
CA LEU H 20 7.06 -8.43 28.02
C LEU H 20 7.20 -8.40 26.51
N SER H 21 6.21 -8.98 25.85
CA SER H 21 6.16 -9.02 24.40
C SER H 21 4.79 -8.55 23.93
N CYS H 22 4.77 -8.03 22.71
CA CYS H 22 3.57 -7.45 22.12
C CYS H 22 3.59 -7.69 20.63
N THR H 23 2.51 -8.25 20.10
CA THR H 23 2.39 -8.56 18.68
C THR H 23 1.29 -7.71 18.07
N ALA H 24 1.57 -7.17 16.89
CA ALA H 24 0.74 -6.14 16.27
C ALA H 24 0.32 -6.56 14.88
N SER H 25 -0.91 -6.20 14.51
CA SER H 25 -1.40 -6.36 13.17
C SER H 25 -2.34 -5.22 12.83
N GLY H 26 -2.59 -5.04 11.55
CA GLY H 26 -3.55 -4.05 11.09
C GLY H 26 -2.97 -2.72 10.69
N PHE H 27 -1.65 -2.61 10.58
CA PHE H 27 -1.01 -1.38 10.15
C PHE H 27 0.40 -1.72 9.69
N SER H 28 1.12 -0.72 9.20
CA SER H 28 2.46 -0.91 8.64
C SER H 28 3.46 -0.87 9.79
N PHE H 29 3.60 -2.02 10.45
CA PHE H 29 4.42 -2.13 11.65
C PHE H 29 5.83 -1.61 11.40
N SER H 30 6.39 -1.90 10.22
CA SER H 30 7.77 -1.54 9.97
C SER H 30 7.94 -0.03 9.77
N ASP H 31 6.85 0.69 9.51
CA ASP H 31 6.87 2.14 9.38
C ASP H 31 6.51 2.87 10.66
N SER H 32 5.95 2.16 11.65
CA SER H 32 5.37 2.77 12.83
C SER H 32 6.32 2.72 14.01
N TYR H 33 6.35 3.81 14.78
CA TYR H 33 6.91 3.71 16.13
C TYR H 33 6.04 2.79 16.98
N MET H 34 6.61 2.34 18.09
CA MET H 34 5.90 1.54 19.06
C MET H 34 6.44 1.93 20.42
N SER H 35 5.57 1.86 21.43
CA SER H 35 5.91 2.34 22.75
C SER H 35 5.29 1.43 23.81
N TRP H 36 5.85 1.53 25.02
CA TRP H 36 5.38 0.83 26.22
C TRP H 36 5.02 1.88 27.28
N ILE H 37 3.87 1.69 27.91
CA ILE H 37 3.36 2.59 28.94
C ILE H 37 2.85 1.74 30.09
N ARG H 38 3.03 2.22 31.33
CA ARG H 38 2.59 1.49 32.52
C ARG H 38 1.72 2.37 33.39
N GLN H 39 1.04 1.71 34.32
CA GLN H 39 0.16 2.38 35.29
C GLN H 39 0.20 1.54 36.55
N ALA H 40 0.87 2.03 37.58
CA ALA H 40 0.93 1.31 38.85
C ALA H 40 -0.44 1.34 39.57
N PRO H 41 -0.64 0.46 40.56
CA PRO H 41 -1.93 0.46 41.29
C PRO H 41 -2.24 1.83 41.87
N GLY H 42 -3.38 2.37 41.46
CA GLY H 42 -3.85 3.64 41.97
C GLY H 42 -3.03 4.84 41.57
N LYS H 43 -2.10 4.71 40.63
CA LYS H 43 -1.24 5.81 40.21
C LYS H 43 -1.64 6.24 38.79
N GLY H 44 -0.96 7.26 38.29
CA GLY H 44 -1.23 7.77 36.96
C GLY H 44 -0.46 6.99 35.93
N LEU H 45 -0.79 7.24 34.67
CA LEU H 45 -0.07 6.64 33.55
C LEU H 45 1.37 7.12 33.55
N GLU H 46 2.29 6.21 33.22
CA GLU H 46 3.73 6.54 33.17
C GLU H 46 4.29 6.02 31.86
N TRP H 47 4.58 6.93 30.93
CA TRP H 47 5.23 6.57 29.68
C TRP H 47 6.65 6.10 29.98
N LEU H 48 7.06 5.02 29.32
CA LEU H 48 8.32 4.35 29.60
C LEU H 48 9.31 4.47 28.46
N THR H 49 8.94 4.06 27.25
CA THR H 49 9.90 3.99 26.16
C THR H 49 9.20 3.84 24.81
N TYR H 50 9.91 4.23 23.75
CA TYR H 50 9.47 3.93 22.38
C TYR H 50 10.66 3.57 21.50
N ILE H 51 10.35 3.03 20.34
CA ILE H 51 11.35 2.57 19.38
C ILE H 51 10.82 2.86 17.99
N SER H 52 11.67 3.47 17.16
CA SER H 52 11.30 3.76 15.80
C SER H 52 11.13 2.48 14.98
N GLY H 53 10.54 2.66 13.79
CA GLY H 53 10.29 1.52 12.91
C GLY H 53 11.58 0.82 12.52
N SER H 54 12.63 1.61 12.26
CA SER H 54 13.92 1.05 11.91
C SER H 54 14.66 0.47 13.10
N GLY H 55 14.31 0.89 14.32
CA GLY H 55 15.04 0.46 15.49
C GLY H 55 16.23 1.33 15.85
N GLU H 56 16.50 2.38 15.07
CA GLU H 56 17.68 3.20 15.32
C GLU H 56 17.46 4.27 16.37
N ILE H 57 16.21 4.68 16.61
CA ILE H 57 15.86 5.67 17.62
C ILE H 57 15.16 4.98 18.78
N ILE H 58 15.67 5.20 19.99
CA ILE H 58 15.11 4.62 21.21
C ILE H 58 15.23 5.68 22.29
N SER H 59 14.18 5.78 23.12
CA SER H 59 14.18 6.69 24.26
C SER H 59 13.60 5.98 25.47
N TYR H 60 14.13 6.26 26.65
CA TYR H 60 13.68 5.69 27.92
C TYR H 60 13.44 6.81 28.92
N ALA H 61 12.35 6.70 29.68
CA ALA H 61 12.11 7.62 30.79
C ALA H 61 13.20 7.45 31.85
N ASP H 62 13.47 8.52 32.61
CA ASP H 62 14.52 8.44 33.64
C ASP H 62 14.26 7.38 34.69
N SER H 63 12.99 7.14 35.04
CA SER H 63 12.67 6.15 36.07
C SER H 63 13.01 4.72 35.65
N VAL H 64 13.28 4.52 34.37
CA VAL H 64 13.50 3.19 33.80
C VAL H 64 14.80 3.10 33.02
N LYS H 65 15.38 4.23 32.60
CA LYS H 65 16.65 4.27 31.88
C LYS H 65 17.70 3.43 32.59
N GLY H 66 18.39 2.59 31.83
CA GLY H 66 19.46 1.78 32.38
C GLY H 66 19.02 0.43 32.92
N ARG H 67 17.73 0.21 33.13
CA ARG H 67 17.18 -1.04 33.66
C ARG H 67 16.35 -1.82 32.66
N PHE H 68 15.57 -1.16 31.81
CA PHE H 68 14.74 -1.84 30.81
C PHE H 68 15.38 -1.68 29.43
N THR H 69 14.99 -2.57 28.52
CA THR H 69 15.50 -2.57 27.15
C THR H 69 14.34 -2.88 26.22
N ILE H 70 14.08 -1.98 25.28
CA ILE H 70 13.04 -2.14 24.26
C ILE H 70 13.68 -2.67 22.99
N SER H 71 12.95 -3.53 22.28
CA SER H 71 13.44 -4.10 21.03
C SER H 71 12.24 -4.51 20.19
N ARG H 72 12.52 -4.81 18.92
CA ARG H 72 11.48 -5.17 17.97
C ARG H 72 12.05 -6.13 16.94
N ASP H 73 11.14 -6.92 16.36
CA ASP H 73 11.43 -7.84 15.26
C ASP H 73 10.37 -7.54 14.21
N ASN H 74 10.73 -6.70 13.23
CA ASN H 74 9.76 -6.27 12.22
C ASN H 74 9.20 -7.42 11.41
N ALA H 75 9.98 -8.49 11.23
CA ALA H 75 9.51 -9.65 10.47
C ALA H 75 8.40 -10.40 11.19
N LYS H 76 8.42 -10.41 12.53
CA LYS H 76 7.37 -11.01 13.33
C LYS H 76 6.27 -10.03 13.72
N LYS H 77 6.39 -8.75 13.33
CA LYS H 77 5.42 -7.72 13.69
C LYS H 77 5.25 -7.67 15.21
N SER H 78 6.38 -7.67 15.91
CA SER H 78 6.40 -7.78 17.36
C SER H 78 7.38 -6.79 17.99
N VAL H 79 7.04 -6.33 19.19
CA VAL H 79 7.87 -5.45 19.99
C VAL H 79 7.98 -6.03 21.39
N TYR H 80 9.17 -5.94 21.97
CA TYR H 80 9.51 -6.59 23.22
C TYR H 80 9.99 -5.57 24.24
N LEU H 81 9.88 -5.93 25.53
CA LEU H 81 10.41 -5.09 26.61
C LEU H 81 11.11 -6.00 27.61
N GLN H 82 12.44 -5.96 27.62
CA GLN H 82 13.26 -6.68 28.60
C GLN H 82 13.46 -5.81 29.83
N MET H 83 12.91 -6.24 30.95
CA MET H 83 12.94 -5.54 32.23
C MET H 83 13.90 -6.22 33.19
N ASP H 84 14.98 -5.53 33.58
CA ASP H 84 16.01 -6.08 34.45
C ASP H 84 16.07 -5.25 35.73
N SER H 85 16.62 -5.87 36.79
CA SER H 85 16.80 -5.21 38.09
C SER H 85 15.50 -4.62 38.64
N LEU H 86 14.42 -5.40 38.50
CA LEU H 86 13.10 -4.92 38.90
C LEU H 86 13.06 -4.60 40.41
N ARG H 87 12.14 -3.71 40.77
CA ARG H 87 11.90 -3.31 42.15
C ARG H 87 10.42 -3.30 42.43
N ALA H 88 10.06 -3.29 43.72
CA ALA H 88 8.65 -3.21 44.09
C ALA H 88 7.96 -1.99 43.49
N GLU H 89 8.73 -0.92 43.22
CA GLU H 89 8.15 0.29 42.63
C GLU H 89 7.64 0.01 41.22
N ASP H 90 8.24 -0.98 40.56
CA ASP H 90 7.93 -1.30 39.17
C ASP H 90 6.63 -2.09 39.02
N THR H 91 6.04 -2.54 40.13
CA THR H 91 4.77 -3.27 40.09
C THR H 91 3.73 -2.41 39.43
N ALA H 92 3.13 -2.91 38.35
CA ALA H 92 2.17 -2.13 37.57
C ALA H 92 1.60 -2.99 36.46
N VAL H 93 0.56 -2.46 35.82
CA VAL H 93 0.05 -3.02 34.57
C VAL H 93 0.79 -2.35 33.43
N TYR H 94 1.35 -3.15 32.52
CA TYR H 94 2.17 -2.65 31.43
C TYR H 94 1.41 -2.75 30.12
N TYR H 95 1.38 -1.65 29.35
CA TYR H 95 0.60 -1.54 28.13
C TYR H 95 1.54 -1.37 26.93
N CYS H 96 1.27 -2.13 25.87
CA CYS H 96 1.78 -1.87 24.53
C CYS H 96 0.91 -0.86 23.80
N ALA H 97 1.51 0.10 23.10
CA ALA H 97 0.75 1.13 22.38
C ALA H 97 1.31 1.37 20.99
N ARG H 98 0.41 1.57 20.01
CA ARG H 98 0.76 1.96 18.63
C ARG H 98 0.31 3.39 18.34
N PRO H 99 1.11 4.21 17.65
CA PRO H 99 0.68 5.59 17.38
C PRO H 99 -0.25 5.69 16.17
N SER H 100 -0.84 6.88 16.04
CA SER H 100 -1.86 7.10 15.04
C SER H 100 -1.30 7.21 13.63
N ASP H 101 -0.01 7.44 13.49
CA ASP H 101 0.57 7.54 12.16
C ASP H 101 2.04 7.16 12.25
N TYR H 102 2.79 7.44 11.19
CA TYR H 102 4.11 6.88 10.99
C TYR H 102 5.22 7.91 11.14
N PHE H 103 4.99 8.93 11.96
CA PHE H 103 5.99 9.94 12.28
C PHE H 103 6.44 9.79 13.72
N GLU H 104 7.55 10.44 14.04
CA GLU H 104 8.13 10.37 15.37
C GLU H 104 7.32 11.13 16.41
N THR H 105 6.42 12.01 15.98
CA THR H 105 5.58 12.78 16.86
C THR H 105 4.17 12.18 17.00
N SER H 106 3.87 11.11 16.27
CA SER H 106 2.52 10.59 16.27
C SER H 106 2.13 10.05 17.64
N GLU H 107 0.94 10.44 18.09
CA GLU H 107 0.50 10.15 19.44
C GLU H 107 -0.03 8.74 19.54
N GLU H 108 0.16 8.12 20.72
CA GLU H 108 -0.37 6.79 20.99
C GLU H 108 -1.87 6.76 20.73
N LEU H 109 -2.36 5.68 20.14
CA LEU H 109 -3.77 5.57 19.78
C LEU H 109 -4.37 4.24 20.22
N ASP H 110 -3.78 3.12 19.78
CA ASP H 110 -4.34 1.80 20.05
C ASP H 110 -3.44 1.12 21.05
N TRP H 111 -4.07 0.47 22.03
CA TRP H 111 -3.40 -0.11 23.19
C TRP H 111 -3.66 -1.61 23.27
N GLY H 112 -2.64 -2.36 23.68
CA GLY H 112 -2.82 -3.75 24.02
C GLY H 112 -3.67 -3.91 25.28
N GLN H 113 -3.92 -5.18 25.62
CA GLN H 113 -4.79 -5.48 26.75
C GLN H 113 -4.15 -5.20 28.09
N GLY H 114 -2.83 -5.01 28.14
CA GLY H 114 -2.17 -4.78 29.40
C GLY H 114 -1.67 -6.08 30.00
N THR H 115 -0.52 -6.04 30.65
CA THR H 115 0.08 -7.20 31.28
C THR H 115 0.41 -6.80 32.71
N LEU H 116 -0.03 -7.62 33.66
CA LEU H 116 0.24 -7.37 35.07
C LEU H 116 1.62 -7.89 35.44
N VAL H 117 2.47 -7.01 35.96
CA VAL H 117 3.79 -7.37 36.48
C VAL H 117 3.77 -7.06 37.97
N THR H 118 4.06 -8.07 38.79
CA THR H 118 4.07 -7.95 40.25
C THR H 118 5.47 -8.29 40.73
N VAL H 119 6.10 -7.36 41.43
CA VAL H 119 7.44 -7.54 42.00
C VAL H 119 7.29 -7.69 43.51
N SER H 120 7.52 -8.91 44.01
CA SER H 120 7.31 -9.20 45.42
C SER H 120 8.12 -10.43 45.82
N SER H 121 8.69 -10.39 47.02
CA SER H 121 9.34 -11.57 47.60
C SER H 121 8.34 -12.46 48.34
N ALA H 122 7.06 -12.14 48.31
CA ALA H 122 6.11 -12.95 49.07
C ALA H 122 5.78 -14.23 48.34
N SER H 123 5.24 -15.18 49.10
CA SER H 123 4.72 -16.45 48.62
C SER H 123 3.21 -16.49 48.77
N THR H 124 2.57 -17.36 47.99
CA THR H 124 1.13 -17.51 48.07
C THR H 124 0.72 -17.91 49.48
N LYS H 125 -0.23 -17.16 50.04
CA LYS H 125 -0.74 -17.39 51.39
C LYS H 125 -2.24 -17.12 51.38
N GLY H 126 -2.99 -17.99 52.03
CA GLY H 126 -4.42 -17.79 52.15
C GLY H 126 -4.70 -16.77 53.23
N PRO H 127 -5.85 -16.11 53.17
CA PRO H 127 -6.12 -15.04 54.12
C PRO H 127 -6.52 -15.58 55.49
N SER H 128 -6.31 -14.73 56.50
CA SER H 128 -6.91 -14.92 57.81
C SER H 128 -8.07 -13.95 57.92
N VAL H 129 -9.19 -14.47 58.40
CA VAL H 129 -10.44 -13.71 58.48
C VAL H 129 -10.81 -13.58 59.95
N PHE H 130 -10.84 -12.34 60.43
CA PHE H 130 -11.20 -11.98 61.79
C PHE H 130 -12.46 -11.13 61.77
N PRO H 131 -13.34 -11.24 62.76
CA PRO H 131 -14.58 -10.46 62.70
C PRO H 131 -14.35 -9.03 63.14
N LEU H 132 -15.28 -8.18 62.74
CA LEU H 132 -15.35 -6.79 63.16
C LEU H 132 -16.74 -6.69 63.76
N ALA H 133 -16.80 -6.80 65.08
CA ALA H 133 -18.03 -7.12 65.78
C ALA H 133 -18.84 -5.86 66.09
N PRO H 134 -20.17 -5.93 66.05
CA PRO H 134 -21.00 -4.81 66.53
C PRO H 134 -20.72 -4.45 67.98
N SER H 135 -21.22 -3.29 68.39
CA SER H 135 -21.06 -2.78 69.75
C SER H 135 -22.38 -2.57 70.50
N THR H 143 -28.74 2.62 63.66
CA THR H 143 -28.23 1.60 62.74
C THR H 143 -26.87 1.08 63.20
N ALA H 144 -26.55 -0.18 62.91
CA ALA H 144 -25.28 -0.79 63.29
C ALA H 144 -24.41 -1.12 62.08
N ALA H 145 -23.14 -1.39 62.38
CA ALA H 145 -22.11 -1.69 61.40
C ALA H 145 -21.35 -2.92 61.85
N LEU H 146 -20.93 -3.75 60.89
CA LEU H 146 -20.18 -4.95 61.21
C LEU H 146 -19.37 -5.33 59.98
N GLY H 147 -18.36 -6.16 60.17
CA GLY H 147 -17.51 -6.47 59.03
C GLY H 147 -16.59 -7.63 59.28
N CYS H 148 -15.71 -7.85 58.29
CA CYS H 148 -14.68 -8.88 58.31
C CYS H 148 -13.36 -8.26 57.91
N LEU H 149 -12.30 -8.62 58.63
CA LEU H 149 -10.97 -8.13 58.34
C LEU H 149 -10.24 -9.29 57.67
N VAL H 150 -10.00 -9.16 56.38
CA VAL H 150 -9.24 -10.15 55.62
C VAL H 150 -7.79 -9.70 55.61
N LYS H 151 -6.91 -10.46 56.28
CA LYS H 151 -5.58 -9.97 56.60
C LYS H 151 -4.54 -11.00 56.16
N ASP H 152 -3.43 -10.49 55.61
CA ASP H 152 -2.23 -11.28 55.29
C ASP H 152 -2.51 -12.39 54.29
N TYR H 153 -2.80 -11.98 53.06
CA TYR H 153 -2.95 -12.89 51.94
C TYR H 153 -2.13 -12.38 50.77
N PHE H 154 -1.82 -13.31 49.85
CA PHE H 154 -1.06 -12.99 48.66
C PHE H 154 -1.26 -14.11 47.65
N PRO H 155 -1.40 -13.79 46.35
CA PRO H 155 -1.49 -12.47 45.72
C PRO H 155 -2.91 -11.98 45.73
N GLU H 156 -3.17 -10.81 45.15
CA GLU H 156 -4.53 -10.37 44.96
C GLU H 156 -5.17 -11.23 43.87
N PRO H 157 -6.51 -11.29 43.80
CA PRO H 157 -7.53 -10.67 44.65
C PRO H 157 -8.14 -11.69 45.59
N VAL H 158 -9.10 -11.22 46.36
CA VAL H 158 -10.00 -12.07 47.13
C VAL H 158 -11.41 -11.58 46.82
N THR H 159 -12.35 -12.50 46.96
CA THR H 159 -13.76 -12.22 46.77
C THR H 159 -14.42 -12.30 48.13
N VAL H 160 -15.43 -11.45 48.33
CA VAL H 160 -16.10 -11.38 49.62
C VAL H 160 -17.57 -11.10 49.34
N SER H 161 -18.43 -11.96 49.86
CA SER H 161 -19.87 -11.75 49.88
C SER H 161 -20.35 -11.87 51.33
N TRP H 162 -21.66 -11.76 51.52
CA TRP H 162 -22.27 -11.80 52.83
C TRP H 162 -23.52 -12.68 52.78
N ASN H 163 -23.55 -13.70 53.64
CA ASN H 163 -24.63 -14.69 53.65
C ASN H 163 -24.76 -15.37 52.29
N SER H 164 -23.63 -15.51 51.59
CA SER H 164 -23.55 -16.17 50.30
C SER H 164 -24.47 -15.48 49.28
N GLY H 165 -24.29 -14.17 49.14
CA GLY H 165 -24.98 -13.38 48.17
C GLY H 165 -26.37 -12.92 48.55
N ALA H 166 -26.87 -13.28 49.73
CA ALA H 166 -28.21 -12.84 50.11
C ALA H 166 -28.21 -11.41 50.64
N LEU H 167 -27.06 -10.92 51.08
CA LEU H 167 -26.89 -9.57 51.60
C LEU H 167 -25.91 -8.85 50.69
N THR H 168 -26.39 -7.81 50.01
CA THR H 168 -25.59 -7.04 49.06
C THR H 168 -25.67 -5.55 49.35
N SER H 169 -26.81 -5.08 49.81
CA SER H 169 -26.99 -3.67 50.08
C SER H 169 -26.24 -3.24 51.34
N GLY H 170 -25.61 -2.06 51.25
CA GLY H 170 -24.81 -1.51 52.34
C GLY H 170 -23.43 -2.09 52.49
N VAL H 171 -22.99 -2.93 51.56
CA VAL H 171 -21.69 -3.59 51.63
C VAL H 171 -20.63 -2.69 50.99
N HIS H 172 -19.51 -2.53 51.68
CA HIS H 172 -18.35 -1.80 51.15
C HIS H 172 -17.12 -2.66 51.42
N THR H 173 -16.65 -3.32 50.38
CA THR H 173 -15.43 -4.11 50.45
C THR H 173 -14.34 -3.21 49.92
N PHE H 174 -13.48 -2.74 50.81
CA PHE H 174 -12.52 -1.73 50.46
C PHE H 174 -11.42 -2.34 49.60
N PRO H 175 -10.78 -1.53 48.75
CA PRO H 175 -9.65 -2.05 47.97
C PRO H 175 -8.55 -2.49 48.91
N ALA H 176 -7.84 -3.54 48.50
CA ALA H 176 -6.83 -4.07 49.38
C ALA H 176 -5.69 -3.08 49.46
N VAL H 177 -5.02 -3.09 50.60
CA VAL H 177 -3.81 -2.31 50.80
C VAL H 177 -2.66 -3.27 50.93
N LEU H 178 -1.49 -2.84 50.48
CA LEU H 178 -0.27 -3.63 50.59
C LEU H 178 0.50 -3.21 51.85
N GLN H 179 0.81 -4.19 52.69
CA GLN H 179 1.45 -3.93 53.96
C GLN H 179 2.96 -4.01 53.78
N SER H 180 3.69 -3.50 54.77
CA SER H 180 5.15 -3.55 54.76
C SER H 180 5.67 -4.98 54.65
N SER H 181 4.87 -5.98 55.05
CA SER H 181 5.25 -7.38 54.95
C SER H 181 5.19 -7.92 53.52
N GLY H 182 4.63 -7.16 52.58
CA GLY H 182 4.41 -7.66 51.23
C GLY H 182 3.15 -8.46 51.04
N LEU H 183 2.29 -8.54 52.05
CA LEU H 183 0.99 -9.18 51.94
C LEU H 183 -0.11 -8.13 51.93
N TYR H 184 -1.24 -8.51 51.36
CA TYR H 184 -2.35 -7.60 51.19
C TYR H 184 -3.34 -7.77 52.32
N SER H 185 -4.18 -6.76 52.49
CA SER H 185 -5.24 -6.79 53.50
C SER H 185 -6.37 -5.90 53.02
N LEU H 186 -7.58 -6.29 53.40
CA LEU H 186 -8.77 -5.49 53.16
C LEU H 186 -9.79 -5.79 54.23
N SER H 187 -10.83 -4.99 54.24
CA SER H 187 -11.95 -5.14 55.15
C SER H 187 -13.22 -5.05 54.31
N SER H 188 -14.21 -5.85 54.66
CA SER H 188 -15.53 -5.76 54.09
C SER H 188 -16.49 -5.47 55.24
N VAL H 189 -17.30 -4.44 55.09
CA VAL H 189 -18.19 -3.99 56.15
C VAL H 189 -19.58 -3.88 55.54
N VAL H 190 -20.57 -4.08 56.39
CA VAL H 190 -21.97 -4.00 56.00
C VAL H 190 -22.68 -3.20 57.07
N THR H 191 -23.64 -2.41 56.67
CA THR H 191 -24.42 -1.59 57.60
C THR H 191 -25.81 -2.20 57.61
N VAL H 192 -26.31 -2.47 58.82
CA VAL H 192 -27.57 -3.18 59.02
C VAL H 192 -28.30 -2.56 60.19
N PRO H 193 -29.60 -2.83 60.32
CA PRO H 193 -30.32 -2.32 61.49
C PRO H 193 -29.84 -2.91 62.81
N SER H 194 -29.90 -2.08 63.86
CA SER H 194 -29.48 -2.54 65.17
C SER H 194 -30.37 -3.67 65.66
N SER H 195 -31.67 -3.61 65.32
CA SER H 195 -32.64 -4.57 65.81
C SER H 195 -32.32 -5.99 65.34
N SER H 196 -31.98 -6.15 64.06
CA SER H 196 -31.83 -7.48 63.47
C SER H 196 -30.66 -8.27 64.04
N LEU H 197 -29.78 -7.61 64.82
CA LEU H 197 -28.52 -8.20 65.25
C LEU H 197 -28.69 -9.56 65.94
N GLY H 198 -29.37 -9.59 67.09
CA GLY H 198 -29.51 -10.84 67.81
C GLY H 198 -30.31 -11.91 67.07
N THR H 199 -31.26 -11.50 66.24
CA THR H 199 -32.14 -12.41 65.53
C THR H 199 -31.67 -12.76 64.11
N GLN H 200 -30.42 -12.46 63.77
CA GLN H 200 -29.90 -12.68 62.41
C GLN H 200 -28.44 -13.08 62.49
N THR H 201 -28.08 -14.13 61.76
CA THR H 201 -26.71 -14.57 61.66
C THR H 201 -26.09 -13.97 60.40
N TYR H 202 -24.98 -13.24 60.56
CA TYR H 202 -24.27 -12.61 59.46
C TYR H 202 -22.95 -13.34 59.28
N ILE H 203 -22.68 -13.77 58.07
CA ILE H 203 -21.45 -14.47 57.72
C ILE H 203 -20.89 -13.87 56.44
N CYS H 204 -19.57 -13.69 56.41
CA CYS H 204 -18.88 -13.20 55.22
C CYS H 204 -18.18 -14.39 54.58
N ASN H 205 -18.29 -14.49 53.27
CA ASN H 205 -17.76 -15.60 52.51
C ASN H 205 -16.51 -15.11 51.78
N VAL H 206 -15.34 -15.50 52.29
CA VAL H 206 -14.05 -15.06 51.74
C VAL H 206 -13.50 -16.19 50.88
N ASN H 207 -13.07 -15.85 49.67
CA ASN H 207 -12.57 -16.82 48.70
C ASN H 207 -11.26 -16.28 48.13
N HIS H 208 -10.23 -17.14 48.15
CA HIS H 208 -8.91 -16.79 47.66
C HIS H 208 -8.50 -17.93 46.73
N LYS H 209 -8.72 -17.71 45.43
CA LYS H 209 -8.51 -18.77 44.46
C LYS H 209 -7.06 -19.27 44.40
N PRO H 210 -6.02 -18.42 44.45
CA PRO H 210 -4.65 -18.96 44.30
C PRO H 210 -4.30 -20.01 45.32
N SER H 211 -4.76 -19.87 46.57
CA SER H 211 -4.49 -20.84 47.62
C SER H 211 -5.57 -21.91 47.74
N ASN H 212 -6.67 -21.80 46.99
CA ASN H 212 -7.78 -22.74 47.10
C ASN H 212 -8.31 -22.70 48.53
N THR H 213 -8.75 -21.50 48.92
CA THR H 213 -9.25 -21.23 50.26
C THR H 213 -10.64 -20.64 50.19
N LYS H 214 -11.52 -21.15 51.05
CA LYS H 214 -12.86 -20.63 51.24
C LYS H 214 -13.06 -20.52 52.74
N VAL H 215 -13.63 -19.40 53.18
CA VAL H 215 -13.85 -19.13 54.59
C VAL H 215 -15.23 -18.50 54.74
N ASP H 216 -15.95 -18.92 55.79
CA ASP H 216 -17.29 -18.43 56.09
C ASP H 216 -17.38 -18.04 57.57
N LYS H 217 -16.69 -16.97 57.96
CA LYS H 217 -16.63 -16.61 59.38
C LYS H 217 -17.94 -15.98 59.83
N ARG H 218 -18.50 -16.46 60.95
CA ARG H 218 -19.61 -15.77 61.59
C ARG H 218 -19.16 -14.44 62.16
N VAL H 219 -20.08 -13.49 62.23
CA VAL H 219 -19.82 -12.17 62.82
C VAL H 219 -20.92 -11.94 63.84
N GLU H 220 -20.63 -12.27 65.09
CA GLU H 220 -21.57 -12.11 66.20
C GLU H 220 -21.13 -10.96 67.10
N PRO H 221 -22.06 -10.29 67.80
CA PRO H 221 -21.65 -9.28 68.79
C PRO H 221 -20.71 -9.80 69.88
N LYS H 222 -20.33 -8.90 70.80
CA LYS H 222 -19.50 -9.24 71.96
C LYS H 222 -18.06 -9.53 71.56
N GLU I 1 13.38 16.10 31.10
CA GLU I 1 12.00 15.62 30.79
C GLU I 1 11.07 16.81 30.78
N ILE I 2 10.20 16.91 29.78
CA ILE I 2 9.19 17.96 29.79
C ILE I 2 8.14 17.59 30.83
N VAL I 3 8.03 18.41 31.88
CA VAL I 3 7.05 18.21 32.93
C VAL I 3 5.71 18.78 32.50
N MET I 4 4.67 17.96 32.61
CA MET I 4 3.30 18.34 32.33
C MET I 4 2.57 18.48 33.65
N THR I 5 1.99 19.65 33.91
CA THR I 5 1.34 19.94 35.19
C THR I 5 -0.13 20.21 34.91
N GLN I 6 -0.97 19.26 35.30
CA GLN I 6 -2.41 19.36 35.13
C GLN I 6 -3.01 19.96 36.39
N SER I 7 -4.04 20.76 36.20
CA SER I 7 -4.87 21.22 37.30
C SER I 7 -6.31 21.16 36.85
N PRO I 8 -7.26 20.93 37.79
CA PRO I 8 -7.08 20.49 39.17
C PRO I 8 -6.72 19.02 39.22
N SER I 9 -6.43 18.44 40.39
CA SER I 9 -6.21 17.00 40.47
C SER I 9 -7.52 16.24 40.53
N SER I 10 -8.53 16.83 41.16
CA SER I 10 -9.87 16.27 41.27
C SER I 10 -10.84 17.38 40.93
N LEU I 11 -12.04 16.98 40.54
CA LEU I 11 -13.04 17.95 40.13
C LEU I 11 -14.37 17.26 40.24
N SER I 12 -15.32 17.88 40.94
CA SER I 12 -16.68 17.37 41.02
C SER I 12 -17.59 18.27 40.20
N ALA I 13 -18.51 17.64 39.48
CA ALA I 13 -19.46 18.37 38.66
C ALA I 13 -20.65 17.46 38.41
N SER I 14 -21.73 18.08 37.94
CA SER I 14 -22.98 17.39 37.69
C SER I 14 -23.20 17.21 36.20
N VAL I 15 -24.09 16.27 35.87
CA VAL I 15 -24.44 16.06 34.48
C VAL I 15 -25.01 17.36 33.94
N GLY I 16 -24.39 17.88 32.89
CA GLY I 16 -24.79 19.11 32.25
C GLY I 16 -23.84 20.25 32.52
N ASP I 17 -22.87 20.07 33.42
CA ASP I 17 -21.98 21.17 33.73
C ASP I 17 -20.96 21.33 32.60
N ARG I 18 -20.27 22.46 32.60
CA ARG I 18 -19.20 22.71 31.65
C ARG I 18 -17.89 22.61 32.44
N VAL I 19 -17.09 21.60 32.10
CA VAL I 19 -15.84 21.33 32.80
C VAL I 19 -14.71 21.79 31.91
N THR I 20 -13.65 22.31 32.54
CA THR I 20 -12.43 22.71 31.84
C THR I 20 -11.25 22.23 32.66
N ILE I 21 -10.40 21.42 32.02
CA ILE I 21 -9.15 20.94 32.59
C ILE I 21 -8.02 21.64 31.85
N THR I 22 -7.01 22.08 32.59
CA THR I 22 -5.85 22.74 32.02
C THR I 22 -4.60 21.88 32.20
N CYS I 23 -3.64 22.09 31.30
CA CYS I 23 -2.37 21.38 31.29
C CYS I 23 -1.31 22.41 30.89
N ARG I 24 -0.27 22.55 31.71
CA ARG I 24 0.82 23.50 31.48
C ARG I 24 2.11 22.73 31.29
N ALA I 25 2.81 23.00 30.18
CA ALA I 25 4.05 22.29 29.91
C ALA I 25 5.24 23.06 30.45
N SER I 26 6.28 22.30 30.79
CA SER I 26 7.49 22.90 31.34
C SER I 26 8.19 23.80 30.34
N GLN I 27 7.97 23.56 29.04
CA GLN I 27 8.59 24.34 27.99
C GLN I 27 7.64 24.39 26.81
N SER I 28 7.96 25.21 25.81
CA SER I 28 7.17 25.33 24.59
C SER I 28 7.16 24.01 23.82
N ILE I 29 5.97 23.44 23.63
CA ILE I 29 5.76 22.21 22.86
C ILE I 29 4.91 22.44 21.60
N SER I 30 4.75 23.69 21.16
CA SER I 30 3.97 24.05 19.96
C SER I 30 2.55 23.49 20.14
N THR I 31 2.00 22.77 19.16
CA THR I 31 0.66 22.20 19.23
C THR I 31 0.67 20.69 19.53
N TYR I 32 1.82 20.14 19.94
CA TYR I 32 1.97 18.69 20.12
C TYR I 32 1.49 18.24 21.51
N LEU I 33 0.21 18.51 21.79
CA LEU I 33 -0.40 18.19 23.07
C LEU I 33 -1.66 17.37 22.79
N ASN I 34 -1.80 16.23 23.46
CA ASN I 34 -2.87 15.28 23.22
C ASN I 34 -3.60 15.00 24.53
N TRP I 35 -4.87 14.65 24.42
CA TRP I 35 -5.73 14.43 25.57
C TRP I 35 -6.34 13.03 25.51
N TYR I 36 -6.25 12.30 26.62
CA TYR I 36 -6.76 10.95 26.74
C TYR I 36 -7.77 10.85 27.88
N GLN I 37 -8.71 9.93 27.73
CA GLN I 37 -9.68 9.55 28.76
C GLN I 37 -9.37 8.12 29.18
N GLN I 38 -9.44 7.85 30.48
CA GLN I 38 -9.24 6.49 30.99
C GLN I 38 -10.33 6.24 32.02
N LYS I 39 -11.07 5.18 31.82
CA LYS I 39 -11.99 4.64 32.81
C LYS I 39 -11.34 3.47 33.53
N PRO I 40 -11.74 3.16 34.78
CA PRO I 40 -11.02 2.14 35.56
C PRO I 40 -11.02 0.78 34.90
N GLY I 41 -9.87 0.11 34.98
CA GLY I 41 -9.69 -1.19 34.37
C GLY I 41 -9.53 -1.19 32.87
N LYS I 42 -9.67 -0.06 32.20
CA LYS I 42 -9.63 0.03 30.75
C LYS I 42 -8.39 0.83 30.33
N ALA I 43 -7.95 0.58 29.12
CA ALA I 43 -6.85 1.34 28.56
C ALA I 43 -7.34 2.71 28.12
N PRO I 44 -6.47 3.72 28.08
CA PRO I 44 -6.93 5.08 27.74
C PRO I 44 -7.47 5.15 26.33
N ASN I 45 -8.36 6.11 26.11
CA ASN I 45 -8.93 6.41 24.80
C ASN I 45 -8.51 7.82 24.41
N LEU I 46 -7.92 7.96 23.23
CA LEU I 46 -7.53 9.26 22.74
C LEU I 46 -8.78 10.09 22.45
N LEU I 47 -8.82 11.31 22.99
CA LEU I 47 -9.90 12.25 22.68
C LEU I 47 -9.49 13.26 21.62
N ILE I 48 -8.35 13.93 21.83
CA ILE I 48 -7.90 15.04 21.02
C ILE I 48 -6.41 14.90 20.77
N TYR I 49 -5.99 15.23 19.54
CA TYR I 49 -4.58 15.28 19.16
C TYR I 49 -4.30 16.62 18.53
N ALA I 50 -3.02 17.00 18.53
CA ALA I 50 -2.55 18.28 18.01
C ALA I 50 -3.23 19.46 18.70
N ALA I 51 -3.68 19.24 19.95
CA ALA I 51 -4.21 20.25 20.87
C ALA I 51 -5.60 20.78 20.51
N SER I 52 -6.07 20.54 19.27
CA SER I 52 -7.39 21.01 18.83
C SER I 52 -8.16 20.01 18.00
N SER I 53 -7.53 18.94 17.50
CA SER I 53 -8.15 18.07 16.51
C SER I 53 -8.83 16.88 17.21
N LEU I 54 -10.11 16.70 16.93
CA LEU I 54 -10.87 15.56 17.46
C LEU I 54 -10.52 14.27 16.74
N HIS I 55 -10.29 13.22 17.51
CA HIS I 55 -10.13 11.92 16.89
C HIS I 55 -11.48 11.40 16.43
N SER I 56 -11.46 10.58 15.38
CA SER I 56 -12.70 10.06 14.83
C SER I 56 -13.47 9.28 15.88
N GLY I 57 -14.77 9.56 15.97
CA GLY I 57 -15.66 8.90 16.92
C GLY I 57 -15.79 9.55 18.28
N VAL I 58 -14.91 10.46 18.63
CA VAL I 58 -14.98 11.17 19.91
C VAL I 58 -16.07 12.24 19.78
N PRO I 59 -17.07 12.30 20.67
CA PRO I 59 -18.14 13.29 20.49
C PRO I 59 -17.64 14.73 20.53
N SER I 60 -18.43 15.59 19.89
CA SER I 60 -18.08 16.99 19.72
C SER I 60 -18.02 17.74 21.04
N ARG I 61 -18.66 17.22 22.11
CA ARG I 61 -18.65 17.94 23.37
C ARG I 61 -17.24 18.10 23.93
N PHE I 62 -16.27 17.31 23.48
CA PHE I 62 -14.88 17.46 23.87
C PHE I 62 -14.22 18.45 22.92
N ARG I 63 -13.51 19.42 23.49
CA ARG I 63 -12.84 20.47 22.73
C ARG I 63 -11.52 20.80 23.39
N GLY I 64 -10.49 20.98 22.57
CA GLY I 64 -9.16 21.33 23.04
C GLY I 64 -8.71 22.64 22.45
N SER I 65 -7.88 23.35 23.21
CA SER I 65 -7.38 24.66 22.81
C SER I 65 -6.02 24.85 23.44
N GLY I 66 -5.25 25.75 22.83
CA GLY I 66 -3.95 26.13 23.36
C GLY I 66 -2.83 25.89 22.38
N SER I 67 -1.73 26.62 22.58
CA SER I 67 -0.52 26.47 21.78
C SER I 67 0.62 27.03 22.62
N GLY I 68 1.76 26.34 22.60
CA GLY I 68 2.92 26.76 23.38
C GLY I 68 3.10 25.99 24.66
N THR I 69 2.72 26.62 25.80
CA THR I 69 2.87 26.02 27.12
C THR I 69 1.56 25.76 27.83
N ASP I 70 0.49 26.49 27.52
CA ASP I 70 -0.77 26.45 28.26
C ASP I 70 -1.87 25.88 27.36
N PHE I 71 -2.58 24.87 27.85
CA PHE I 71 -3.56 24.13 27.08
C PHE I 71 -4.78 23.87 27.94
N THR I 72 -5.90 23.58 27.27
CA THR I 72 -7.17 23.41 27.93
C THR I 72 -8.01 22.35 27.21
N LEU I 73 -8.59 21.44 27.99
CA LEU I 73 -9.62 20.52 27.53
C LEU I 73 -10.95 20.97 28.10
N THR I 74 -11.97 21.03 27.23
CA THR I 74 -13.31 21.45 27.61
C THR I 74 -14.30 20.34 27.31
N ILE I 75 -15.25 20.14 28.22
CA ILE I 75 -16.40 19.27 27.99
C ILE I 75 -17.59 20.20 28.12
N THR I 76 -18.28 20.45 27.01
CA THR I 76 -19.28 21.51 26.97
C THR I 76 -20.51 21.13 27.79
N SER I 77 -21.01 19.91 27.64
CA SER I 77 -22.17 19.43 28.37
C SER I 77 -21.83 18.05 28.89
N LEU I 78 -21.52 17.96 30.19
CA LEU I 78 -21.08 16.70 30.76
C LEU I 78 -22.18 15.67 30.64
N GLN I 79 -21.79 14.44 30.36
CA GLN I 79 -22.71 13.33 30.17
C GLN I 79 -22.39 12.24 31.17
N PRO I 80 -23.33 11.30 31.40
CA PRO I 80 -23.06 10.24 32.39
C PRO I 80 -21.83 9.42 32.07
N ASP I 81 -21.50 9.23 30.79
CA ASP I 81 -20.35 8.40 30.45
C ASP I 81 -19.03 9.16 30.53
N ASP I 82 -19.06 10.45 30.86
CA ASP I 82 -17.86 11.28 30.90
C ASP I 82 -17.10 11.24 32.21
N PHE I 83 -17.65 10.63 33.26
CA PHE I 83 -16.97 10.59 34.54
C PHE I 83 -15.85 9.57 34.49
N ALA I 84 -14.63 10.06 34.56
CA ALA I 84 -13.44 9.24 34.40
C ALA I 84 -12.24 10.09 34.78
N THR I 85 -11.05 9.59 34.52
CA THR I 85 -9.83 10.35 34.69
C THR I 85 -9.32 10.77 33.31
N TYR I 86 -8.78 11.97 33.25
CA TYR I 86 -8.32 12.60 32.01
C TYR I 86 -6.85 12.96 32.16
N TYR I 87 -6.08 12.65 31.11
CA TYR I 87 -4.65 12.91 31.10
C TYR I 87 -4.30 13.74 29.88
N CYS I 88 -3.42 14.72 30.06
CA CYS I 88 -2.77 15.34 28.91
C CYS I 88 -1.46 14.62 28.65
N HIS I 89 -0.92 14.86 27.46
CA HIS I 89 0.17 14.05 26.91
C HIS I 89 0.84 14.83 25.81
N GLN I 90 2.15 15.03 25.92
CA GLN I 90 2.96 15.71 24.92
C GLN I 90 3.75 14.70 24.10
N SER I 91 3.75 14.86 22.76
CA SER I 91 4.65 14.09 21.90
C SER I 91 5.64 14.99 21.18
N TYR I 92 5.92 16.17 21.74
CA TYR I 92 6.86 17.11 21.12
C TYR I 92 8.29 16.57 21.14
N SER I 93 8.73 16.03 22.29
CA SER I 93 10.08 15.50 22.42
C SER I 93 10.05 14.30 23.35
N ALA I 94 10.98 13.36 23.09
CA ALA I 94 11.15 12.16 23.89
C ALA I 94 12.09 12.39 25.06
N PRO I 95 11.85 11.75 26.21
CA PRO I 95 10.80 10.78 26.52
C PRO I 95 9.47 11.51 26.67
N ARG I 96 8.38 10.94 26.18
CA ARG I 96 7.09 11.58 26.32
C ARG I 96 6.69 11.55 27.79
N THR I 97 5.72 12.40 28.14
CA THR I 97 5.29 12.55 29.51
C THR I 97 3.80 12.84 29.56
N PHE I 98 3.10 12.16 30.45
CA PHE I 98 1.73 12.49 30.83
C PHE I 98 1.68 13.50 31.95
N GLY I 99 0.59 14.26 31.97
CA GLY I 99 0.24 15.03 33.14
C GLY I 99 -0.16 14.12 34.29
N GLN I 100 -0.31 14.72 35.47
CA GLN I 100 -0.62 13.93 36.66
C GLN I 100 -2.02 13.33 36.61
N GLY I 101 -2.88 13.77 35.70
CA GLY I 101 -4.22 13.23 35.60
C GLY I 101 -5.20 14.12 36.33
N THR I 102 -6.47 14.00 35.93
CA THR I 102 -7.53 14.81 36.55
C THR I 102 -8.72 13.89 36.72
N LYS I 103 -9.11 13.61 37.97
CA LYS I 103 -10.24 12.73 38.22
C LYS I 103 -11.48 13.59 38.27
N LEU I 104 -12.50 13.20 37.53
CA LEU I 104 -13.73 13.96 37.42
C LEU I 104 -14.83 13.15 38.11
N GLU I 105 -15.25 13.63 39.28
CA GLU I 105 -16.22 12.95 40.13
C GLU I 105 -17.60 13.61 40.02
N ILE I 106 -18.59 12.95 40.59
CA ILE I 106 -19.95 13.44 40.57
C ILE I 106 -20.12 14.37 41.76
N LYS I 107 -20.72 15.53 41.53
CA LYS I 107 -20.93 16.49 42.60
C LYS I 107 -22.25 16.16 43.28
N ARG I 108 -22.33 16.48 44.56
CA ARG I 108 -23.55 16.26 45.32
C ARG I 108 -23.44 17.00 46.64
N THR I 109 -24.50 16.87 47.44
CA THR I 109 -24.61 17.54 48.72
C THR I 109 -23.65 16.91 49.71
N VAL I 110 -23.15 17.73 50.63
CA VAL I 110 -22.33 17.24 51.72
C VAL I 110 -23.09 16.16 52.50
N ALA I 111 -22.35 15.18 53.02
CA ALA I 111 -22.93 14.10 53.79
C ALA I 111 -21.89 13.68 54.79
N ALA I 112 -22.27 13.71 56.07
CA ALA I 112 -21.34 13.36 57.12
C ALA I 112 -21.10 11.85 57.15
N PRO I 113 -19.90 11.42 57.52
CA PRO I 113 -19.70 9.97 57.64
C PRO I 113 -20.30 9.50 58.94
N SER I 114 -20.84 8.29 58.90
CA SER I 114 -21.19 7.57 60.10
C SER I 114 -19.91 6.86 60.52
N VAL I 115 -19.44 7.17 61.72
CA VAL I 115 -18.15 6.70 62.17
C VAL I 115 -18.38 5.48 63.05
N PHE I 116 -17.51 4.49 62.91
CA PHE I 116 -17.63 3.25 63.67
C PHE I 116 -16.22 2.75 63.94
N ILE I 117 -15.95 2.38 65.20
CA ILE I 117 -14.66 1.84 65.61
C ILE I 117 -14.86 0.38 66.02
N PHE I 118 -13.89 -0.47 65.65
CA PHE I 118 -13.91 -1.91 65.93
C PHE I 118 -12.65 -2.30 66.67
N PRO I 119 -12.73 -2.95 67.83
CA PRO I 119 -11.51 -3.47 68.48
C PRO I 119 -11.01 -4.73 67.81
N PRO I 120 -9.76 -5.11 68.04
CA PRO I 120 -9.25 -6.34 67.43
C PRO I 120 -9.93 -7.55 68.04
N SER I 121 -10.19 -8.53 67.19
CA SER I 121 -10.79 -9.77 67.64
C SER I 121 -9.87 -10.49 68.62
N ASP I 122 -10.47 -11.30 69.49
CA ASP I 122 -9.65 -12.14 70.36
C ASP I 122 -8.88 -13.17 69.54
N GLU I 123 -9.53 -13.73 68.51
CA GLU I 123 -8.86 -14.68 67.62
C GLU I 123 -7.58 -14.12 67.02
N GLN I 124 -7.61 -12.84 66.65
CA GLN I 124 -6.42 -12.21 66.09
C GLN I 124 -5.34 -12.06 67.14
N LEU I 125 -5.71 -11.66 68.37
CA LEU I 125 -4.71 -11.47 69.42
C LEU I 125 -3.94 -12.75 69.68
N LYS I 126 -4.58 -13.92 69.48
CA LYS I 126 -3.89 -15.19 69.66
C LYS I 126 -2.79 -15.40 68.61
N SER I 127 -2.72 -14.56 67.57
CA SER I 127 -1.68 -14.65 66.55
C SER I 127 -0.50 -13.72 66.84
N GLY I 128 -0.65 -12.77 67.75
CA GLY I 128 0.40 -11.84 68.13
C GLY I 128 0.40 -10.48 67.47
N THR I 129 -0.72 -10.06 66.86
CA THR I 129 -0.85 -8.75 66.27
C THR I 129 -2.25 -8.23 66.55
N ALA I 130 -2.37 -6.90 66.63
CA ALA I 130 -3.65 -6.26 66.91
C ALA I 130 -3.88 -5.17 65.88
N SER I 131 -5.00 -5.26 65.17
CA SER I 131 -5.41 -4.28 64.17
C SER I 131 -6.70 -3.65 64.67
N VAL I 132 -6.70 -2.32 64.77
CA VAL I 132 -7.86 -1.54 65.20
C VAL I 132 -8.35 -0.75 64.00
N VAL I 133 -9.63 -0.89 63.69
CA VAL I 133 -10.21 -0.36 62.45
C VAL I 133 -11.18 0.75 62.78
N CYS I 134 -11.03 1.87 62.07
CA CYS I 134 -11.95 3.00 62.11
C CYS I 134 -12.64 3.08 60.76
N LEU I 135 -13.96 3.15 60.77
CA LEU I 135 -14.75 3.11 59.56
C LEU I 135 -15.50 4.41 59.43
N LEU I 136 -15.37 5.04 58.27
CA LEU I 136 -16.16 6.21 57.89
C LEU I 136 -17.03 5.76 56.73
N ASN I 137 -18.33 5.88 56.91
CA ASN I 137 -19.29 5.27 56.00
C ASN I 137 -20.12 6.33 55.32
N ASN I 138 -20.11 6.31 53.99
CA ASN I 138 -21.09 7.00 53.15
C ASN I 138 -21.09 8.51 53.43
N PHE I 139 -19.97 9.14 53.04
CA PHE I 139 -19.79 10.57 53.19
C PHE I 139 -19.39 11.22 51.87
N TYR I 140 -19.34 12.55 51.89
CA TYR I 140 -18.99 13.36 50.73
C TYR I 140 -18.80 14.79 51.24
N PRO I 141 -17.77 15.53 50.79
CA PRO I 141 -16.74 15.23 49.78
C PRO I 141 -15.71 14.20 50.27
N ARG I 142 -14.73 13.88 49.44
CA ARG I 142 -13.73 12.89 49.83
C ARG I 142 -12.83 13.40 50.94
N GLU I 143 -12.50 14.70 50.92
CA GLU I 143 -11.57 15.30 51.88
C GLU I 143 -11.99 14.98 53.32
N ALA I 144 -11.13 14.25 54.02
CA ALA I 144 -11.39 13.85 55.41
C ALA I 144 -10.07 13.53 56.10
N LYS I 145 -10.02 13.81 57.41
CA LYS I 145 -8.88 13.52 58.26
C LYS I 145 -9.23 12.51 59.35
N VAL I 146 -8.37 11.52 59.54
CA VAL I 146 -8.54 10.48 60.54
C VAL I 146 -7.26 10.38 61.37
N GLN I 147 -7.37 10.64 62.67
CA GLN I 147 -6.24 10.79 63.57
C GLN I 147 -6.39 9.78 64.69
N TRP I 148 -5.42 8.87 64.81
CA TRP I 148 -5.44 7.84 65.85
C TRP I 148 -4.74 8.33 67.12
N LYS I 149 -5.40 8.15 68.26
CA LYS I 149 -4.83 8.49 69.56
C LYS I 149 -4.90 7.26 70.45
N VAL I 150 -3.77 6.90 71.06
CA VAL I 150 -3.70 5.77 71.98
C VAL I 150 -3.28 6.32 73.34
N ASP I 151 -4.20 6.29 74.32
CA ASP I 151 -3.97 6.90 75.63
C ASP I 151 -3.54 8.36 75.44
N ASN I 152 -4.28 9.05 74.57
CA ASN I 152 -4.07 10.46 74.25
C ASN I 152 -2.77 10.72 73.51
N ALA I 153 -2.19 9.70 72.88
CA ALA I 153 -0.93 9.85 72.17
C ALA I 153 -1.18 9.61 70.69
N LEU I 154 -0.78 10.57 69.88
CA LEU I 154 -1.04 10.52 68.44
C LEU I 154 -0.15 9.49 67.79
N GLN I 155 -0.76 8.60 67.03
CA GLN I 155 -0.02 7.54 66.38
C GLN I 155 0.39 8.03 65.00
N SER I 156 1.55 7.57 64.54
CA SER I 156 2.04 7.97 63.22
C SER I 156 2.81 6.82 62.59
N GLY I 157 2.49 6.52 61.34
CA GLY I 157 3.27 5.56 60.59
C GLY I 157 2.90 4.13 60.86
N ASN I 158 1.81 3.88 61.58
CA ASN I 158 1.32 2.56 61.92
C ASN I 158 -0.15 2.42 61.52
N SER I 159 -0.57 3.20 60.54
CA SER I 159 -1.95 3.17 60.06
C SER I 159 -1.94 3.23 58.54
N GLN I 160 -3.00 2.67 57.95
CA GLN I 160 -3.18 2.64 56.50
C GLN I 160 -4.64 2.96 56.18
N GLU I 161 -4.87 3.84 55.22
CA GLU I 161 -6.22 4.20 54.81
C GLU I 161 -6.59 3.45 53.53
N SER I 162 -7.88 3.33 53.29
CA SER I 162 -8.42 2.71 52.09
C SER I 162 -9.78 3.34 51.80
N VAL I 163 -10.03 3.69 50.54
CA VAL I 163 -11.21 4.42 50.13
C VAL I 163 -11.92 3.61 49.07
N THR I 164 -13.22 3.84 48.95
CA THR I 164 -14.01 3.23 47.90
C THR I 164 -14.22 4.24 46.79
N GLU I 165 -14.59 3.74 45.62
CA GLU I 165 -14.98 4.66 44.56
C GLU I 165 -16.41 5.12 44.83
N GLN I 166 -16.85 6.14 44.09
CA GLN I 166 -18.18 6.69 44.34
C GLN I 166 -19.23 5.61 44.12
N ASP I 167 -20.21 5.58 45.01
CA ASP I 167 -21.23 4.55 44.98
C ASP I 167 -22.23 4.86 43.87
N SER I 168 -22.72 3.79 43.23
CA SER I 168 -23.63 3.98 42.10
C SER I 168 -24.92 4.65 42.54
N LYS I 169 -25.50 4.19 43.65
CA LYS I 169 -26.82 4.65 44.05
C LYS I 169 -26.79 6.06 44.65
N ASP I 170 -25.78 6.37 45.48
CA ASP I 170 -25.75 7.62 46.26
C ASP I 170 -24.51 8.48 46.04
N SER I 171 -23.52 8.02 45.27
CA SER I 171 -22.34 8.82 44.93
C SER I 171 -21.54 9.27 46.14
N THR I 172 -21.49 8.46 47.20
CA THR I 172 -20.76 8.76 48.41
C THR I 172 -19.52 7.88 48.52
N TYR I 173 -18.61 8.31 49.38
CA TYR I 173 -17.41 7.56 49.67
C TYR I 173 -17.54 6.84 51.01
N SER I 174 -16.72 5.82 51.17
CA SER I 174 -16.53 5.15 52.43
C SER I 174 -15.05 4.91 52.57
N LEU I 175 -14.54 5.09 53.78
CA LEU I 175 -13.12 4.99 54.02
C LEU I 175 -12.93 4.16 55.28
N SER I 176 -11.82 3.43 55.32
CA SER I 176 -11.42 2.66 56.48
C SER I 176 -9.98 2.98 56.82
N SER I 177 -9.68 3.09 58.10
CA SER I 177 -8.32 3.27 58.58
C SER I 177 -8.03 2.17 59.59
N THR I 178 -6.90 1.51 59.41
CA THR I 178 -6.55 0.34 60.20
C THR I 178 -5.24 0.64 60.91
N LEU I 179 -5.30 0.66 62.23
CA LEU I 179 -4.13 0.85 63.08
C LEU I 179 -3.62 -0.51 63.50
N THR I 180 -2.40 -0.83 63.11
CA THR I 180 -1.79 -2.12 63.37
C THR I 180 -0.73 -1.99 64.45
N LEU I 181 -0.81 -2.88 65.44
CA LEU I 181 0.14 -2.94 66.54
C LEU I 181 0.43 -4.41 66.82
N SER I 182 1.47 -4.63 67.61
CA SER I 182 1.72 -5.97 68.14
C SER I 182 0.84 -6.20 69.36
N LYS I 183 0.60 -7.48 69.65
CA LYS I 183 -0.14 -7.82 70.87
C LYS I 183 0.51 -7.19 72.08
N ALA I 184 1.84 -7.27 72.15
CA ALA I 184 2.59 -6.66 73.24
C ALA I 184 2.27 -5.17 73.39
N ASP I 185 2.46 -4.41 72.30
CA ASP I 185 2.19 -2.98 72.36
C ASP I 185 0.72 -2.71 72.63
N TYR I 186 -0.16 -3.53 72.06
CA TYR I 186 -1.58 -3.28 72.18
C TYR I 186 -2.05 -3.37 73.62
N GLU I 187 -1.51 -4.34 74.36
CA GLU I 187 -1.95 -4.60 75.73
C GLU I 187 -1.26 -3.72 76.75
N LYS I 188 -0.35 -2.83 76.35
CA LYS I 188 0.29 -1.89 77.25
C LYS I 188 -0.47 -0.58 77.38
N HIS I 189 -1.65 -0.46 76.76
CA HIS I 189 -2.47 0.74 76.81
C HIS I 189 -3.95 0.37 76.98
N LYS I 190 -4.75 1.35 77.39
CA LYS I 190 -6.16 1.16 77.68
C LYS I 190 -7.09 1.77 76.64
N VAL I 191 -6.93 3.06 76.34
CA VAL I 191 -7.90 3.82 75.54
C VAL I 191 -7.41 3.89 74.10
N TYR I 192 -8.27 3.50 73.16
CA TYR I 192 -8.00 3.58 71.73
C TYR I 192 -9.12 4.38 71.08
N ALA I 193 -8.77 5.39 70.28
CA ALA I 193 -9.81 6.21 69.65
C ALA I 193 -9.31 6.74 68.32
N CYS I 194 -10.27 7.05 67.42
CA CYS I 194 -9.99 7.73 66.16
C CYS I 194 -10.85 8.97 66.07
N GLU I 195 -10.21 10.12 65.89
CA GLU I 195 -10.88 11.39 65.68
C GLU I 195 -11.05 11.63 64.19
N VAL I 196 -12.28 11.88 63.76
CA VAL I 196 -12.64 12.07 62.35
C VAL I 196 -13.02 13.53 62.13
N THR I 197 -12.36 14.18 61.15
CA THR I 197 -12.65 15.55 60.77
C THR I 197 -13.19 15.57 59.35
N HIS I 198 -14.32 16.27 59.15
CA HIS I 198 -15.01 16.32 57.86
C HIS I 198 -15.93 17.54 57.88
N GLN I 199 -16.03 18.26 56.76
CA GLN I 199 -16.79 19.51 56.77
C GLN I 199 -18.25 19.32 57.13
N GLY I 200 -18.83 18.16 56.81
CA GLY I 200 -20.20 17.82 57.19
C GLY I 200 -20.44 17.69 58.69
N LEU I 201 -19.39 17.65 59.50
CA LEU I 201 -19.48 17.55 60.95
C LEU I 201 -19.25 18.92 61.60
N SER I 202 -20.18 19.36 62.45
CA SER I 202 -20.03 20.64 63.13
C SER I 202 -18.75 20.70 63.94
N SER I 203 -18.35 19.60 64.54
CA SER I 203 -17.13 19.47 65.32
C SER I 203 -16.52 18.12 64.99
N PRO I 204 -15.20 17.96 65.15
CA PRO I 204 -14.62 16.64 64.96
C PRO I 204 -15.33 15.60 65.83
N VAL I 205 -15.37 14.37 65.36
CA VAL I 205 -16.07 13.28 66.04
C VAL I 205 -15.05 12.24 66.45
N THR I 206 -15.18 11.75 67.68
CA THR I 206 -14.27 10.78 68.25
C THR I 206 -15.08 9.59 68.74
N LYS I 207 -14.65 8.41 68.34
CA LYS I 207 -15.23 7.14 68.78
C LYS I 207 -14.12 6.35 69.46
N SER I 208 -14.35 5.97 70.72
CA SER I 208 -13.32 5.38 71.56
C SER I 208 -13.79 4.07 72.14
N PHE I 209 -12.82 3.27 72.55
CA PHE I 209 -13.07 2.06 73.34
C PHE I 209 -11.91 1.86 74.31
N ASN I 210 -12.20 1.10 75.36
CA ASN I 210 -11.26 0.72 76.40
C ASN I 210 -11.01 -0.77 76.20
N ARG I 211 -9.72 -1.16 76.17
CA ARG I 211 -9.29 -2.52 75.84
C ARG I 211 -10.00 -3.66 76.58
N GLY I 212 -10.60 -3.42 77.74
CA GLY I 212 -11.56 -4.39 78.27
C GLY I 212 -12.98 -3.85 78.40
N GLU I 213 -13.90 -4.36 77.58
CA GLU I 213 -15.27 -3.82 77.57
C GLU I 213 -16.23 -4.59 76.67
N GLY J 9 -7.61 31.52 8.31
CA GLY J 9 -6.17 31.67 8.30
C GLY J 9 -5.47 30.50 7.57
N ASP J 10 -6.24 29.54 7.07
CA ASP J 10 -5.68 28.57 6.14
C ASP J 10 -5.20 29.25 4.87
N ARG J 11 -5.80 30.38 4.50
CA ARG J 11 -5.27 31.18 3.40
C ARG J 11 -3.90 31.74 3.75
N ARG J 12 -3.59 31.86 5.04
CA ARG J 12 -2.21 32.16 5.44
C ARG J 12 -1.29 31.00 5.12
N CYS J 13 -1.80 29.76 5.11
CA CYS J 13 -0.95 28.62 4.80
C CYS J 13 -0.62 28.56 3.31
N GLN J 14 -1.64 28.56 2.45
CA GLN J 14 -1.37 28.46 1.02
C GLN J 14 -0.54 29.63 0.50
N SER J 15 -0.45 30.73 1.26
CA SER J 15 0.43 31.82 0.89
C SER J 15 1.90 31.42 1.00
N GLN J 16 2.27 30.59 1.98
CA GLN J 16 3.64 30.10 2.04
C GLN J 16 3.89 28.98 1.03
N LEU J 17 2.90 28.13 0.78
CA LEU J 17 3.14 27.05 -0.18
C LEU J 17 3.26 27.62 -1.58
N GLU J 18 2.42 28.60 -1.92
CA GLU J 18 2.55 29.27 -3.20
C GLU J 18 3.92 29.92 -3.34
N ARG J 19 4.50 30.34 -2.21
CA ARG J 19 5.81 31.00 -2.16
C ARG J 19 6.96 30.01 -2.03
N ALA J 20 6.68 28.73 -1.81
CA ALA J 20 7.72 27.78 -1.48
C ALA J 20 8.31 27.15 -2.74
N ASN J 21 9.61 26.86 -2.66
CA ASN J 21 10.37 26.13 -3.68
C ASN J 21 10.75 24.79 -3.10
N LEU J 22 9.88 23.80 -3.22
CA LEU J 22 10.12 22.46 -2.68
C LEU J 22 10.79 21.55 -3.70
N ARG J 23 11.23 22.10 -4.84
CA ARG J 23 12.01 21.30 -5.78
C ARG J 23 13.28 20.72 -5.18
N PRO J 24 14.08 21.45 -4.37
CA PRO J 24 15.27 20.80 -3.77
C PRO J 24 14.97 19.62 -2.88
N CYS J 25 13.81 19.56 -2.23
CA CYS J 25 13.47 18.36 -1.47
C CYS J 25 13.26 17.15 -2.37
N GLU J 26 12.53 17.32 -3.47
CA GLU J 26 12.37 16.26 -4.45
C GLU J 26 13.71 15.76 -5.00
N GLN J 27 14.66 16.67 -5.24
N GLN J 27 14.66 16.67 -5.22
CA GLN J 27 15.97 16.26 -5.71
CA GLN J 27 15.97 16.26 -5.71
C GLN J 27 16.70 15.46 -4.64
C GLN J 27 16.73 15.48 -4.65
N HIS J 28 16.72 15.98 -3.42
CA HIS J 28 17.38 15.29 -2.31
C HIS J 28 16.78 13.90 -2.05
N LEU J 29 15.46 13.80 -2.10
CA LEU J 29 14.82 12.52 -1.81
C LEU J 29 15.09 11.50 -2.91
N MET J 30 14.96 11.90 -4.17
CA MET J 30 15.18 10.92 -5.23
C MET J 30 16.64 10.51 -5.30
N GLN J 31 17.56 11.44 -5.08
CA GLN J 31 18.96 11.04 -5.03
C GLN J 31 19.24 10.16 -3.83
N LYS J 32 18.49 10.34 -2.73
CA LYS J 32 18.61 9.46 -1.59
C LYS J 32 18.13 8.05 -1.90
N ILE J 33 17.18 7.90 -2.81
CA ILE J 33 16.73 6.56 -3.18
C ILE J 33 17.61 5.89 -4.21
N GLN J 34 18.22 6.66 -5.10
CA GLN J 34 19.10 6.07 -6.12
C GLN J 34 20.31 5.34 -5.53
N SER J 65 24.50 17.71 2.57
CA SER J 65 24.52 17.68 1.10
C SER J 65 24.11 19.03 0.51
N GLN J 66 24.38 19.21 -0.79
CA GLN J 66 24.04 20.47 -1.45
C GLN J 66 22.54 20.73 -1.42
N HIS J 67 21.72 19.70 -1.69
CA HIS J 67 20.28 19.88 -1.75
C HIS J 67 19.60 19.65 -0.42
N GLN J 68 20.21 18.90 0.51
CA GLN J 68 19.51 18.68 1.77
C GLN J 68 19.46 20.01 2.52
N GLU J 69 20.58 20.76 2.52
CA GLU J 69 20.62 22.07 3.15
C GLU J 69 19.56 22.99 2.57
N ARG J 70 19.49 23.04 1.23
CA ARG J 70 18.54 23.92 0.56
C ARG J 70 17.10 23.52 0.86
N CYS J 71 16.83 22.21 0.87
CA CYS J 71 15.50 21.70 1.21
C CYS J 71 15.10 22.05 2.63
N CYS J 72 16.04 21.94 3.57
CA CYS J 72 15.69 22.21 4.97
C CYS J 72 15.37 23.68 5.18
N ASN J 73 16.14 24.59 4.56
CA ASN J 73 15.81 26.02 4.63
C ASN J 73 14.36 26.25 4.21
N GLU J 74 13.89 25.53 3.19
CA GLU J 74 12.52 25.71 2.73
C GLU J 74 11.54 25.15 3.74
N LEU J 75 11.82 23.94 4.25
CA LEU J 75 10.97 23.31 5.27
C LEU J 75 10.93 24.11 6.57
N ASN J 76 11.99 24.86 6.87
CA ASN J 76 12.02 25.63 8.10
C ASN J 76 10.86 26.62 8.17
N GLU J 77 10.39 27.08 7.01
CA GLU J 77 9.28 28.03 6.93
C GLU J 77 7.96 27.47 7.46
N PHE J 78 7.84 26.15 7.65
CA PHE J 78 6.64 25.51 8.17
C PHE J 78 6.82 24.90 9.56
N GLU J 79 7.96 25.17 10.23
CA GLU J 79 8.24 24.52 11.50
C GLU J 79 7.17 24.80 12.54
N ASN J 80 6.80 23.74 13.28
CA ASN J 80 5.84 23.81 14.37
C ASN J 80 4.45 24.26 13.91
N ASN J 81 4.16 24.17 12.61
CA ASN J 81 2.82 24.39 12.07
C ASN J 81 2.42 23.05 11.46
N GLN J 82 1.62 22.27 12.20
CA GLN J 82 1.43 20.88 11.83
C GLN J 82 0.62 20.73 10.56
N ARG J 83 -0.51 21.45 10.46
CA ARG J 83 -1.35 21.35 9.26
C ARG J 83 -0.59 21.78 8.01
N CYS J 84 0.18 22.86 8.10
CA CYS J 84 0.83 23.41 6.92
C CYS J 84 2.10 22.63 6.58
N MET J 85 2.83 22.17 7.60
CA MET J 85 3.95 21.25 7.35
C MET J 85 3.48 19.99 6.65
N CYS J 86 2.32 19.47 7.04
CA CYS J 86 1.78 18.28 6.39
C CYS J 86 1.49 18.52 4.91
N GLU J 87 0.85 19.64 4.59
CA GLU J 87 0.48 19.90 3.21
C GLU J 87 1.71 20.04 2.32
N ALA J 88 2.79 20.63 2.84
CA ALA J 88 4.04 20.73 2.09
C ALA J 88 4.56 19.34 1.75
N LEU J 89 4.62 18.45 2.75
CA LEU J 89 5.03 17.06 2.51
C LEU J 89 4.14 16.41 1.45
N GLN J 90 2.84 16.73 1.47
CA GLN J 90 1.91 16.16 0.49
C GLN J 90 2.22 16.64 -0.93
N GLN J 91 2.63 17.90 -1.11
CA GLN J 91 2.95 18.35 -2.45
C GLN J 91 4.21 17.70 -2.98
N ILE J 92 5.14 17.34 -2.08
CA ILE J 92 6.31 16.59 -2.49
C ILE J 92 5.91 15.20 -2.96
N MET J 93 5.00 14.55 -2.24
CA MET J 93 4.51 13.26 -2.71
C MET J 93 3.80 13.37 -4.06
N GLU J 94 2.95 14.38 -4.23
CA GLU J 94 2.23 14.53 -5.50
C GLU J 94 3.18 14.65 -6.68
N ASN J 95 4.19 15.50 -6.57
CA ASN J 95 5.07 15.71 -7.71
C ASN J 95 5.87 14.48 -8.05
N GLN J 96 6.15 13.61 -7.09
CA GLN J 96 7.00 12.46 -7.34
C GLN J 96 6.22 11.15 -7.51
N SER J 97 4.90 11.17 -7.36
CA SER J 97 4.13 9.93 -7.36
C SER J 97 4.29 9.20 -8.69
N ASP J 98 4.26 9.93 -9.79
CA ASP J 98 4.33 9.28 -11.10
C ASP J 98 5.74 8.73 -11.35
N ARG J 99 6.77 9.22 -10.67
CA ARG J 99 8.14 8.85 -10.99
C ARG J 99 8.61 7.65 -10.18
N LEU J 100 7.81 7.19 -9.22
CA LEU J 100 8.12 6.03 -8.38
C LEU J 100 7.45 4.76 -8.88
N GLN J 101 8.01 4.12 -9.90
CA GLN J 101 7.21 3.10 -10.60
C GLN J 101 7.36 1.66 -10.09
N GLY J 102 7.26 1.44 -8.77
CA GLY J 102 7.34 0.10 -8.22
C GLY J 102 7.16 0.15 -6.72
N ARG J 103 6.93 -1.04 -6.15
CA ARG J 103 6.65 -1.13 -4.71
C ARG J 103 7.77 -0.61 -3.83
N GLN J 104 9.00 -1.08 -4.07
CA GLN J 104 10.11 -0.72 -3.22
C GLN J 104 10.44 0.76 -3.24
N GLN J 105 10.47 1.36 -4.43
CA GLN J 105 10.69 2.80 -4.55
C GLN J 105 9.60 3.65 -3.94
N GLU J 106 8.34 3.23 -4.03
CA GLU J 106 7.30 4.02 -3.38
C GLU J 106 7.49 4.01 -1.87
N GLN J 107 7.80 2.83 -1.30
CA GLN J 107 7.96 2.76 0.14
C GLN J 107 9.22 3.48 0.59
N GLN J 108 10.31 3.33 -0.16
CA GLN J 108 11.54 4.03 0.22
C GLN J 108 11.34 5.55 0.20
N PHE J 109 10.63 6.06 -0.80
CA PHE J 109 10.41 7.49 -0.87
C PHE J 109 9.50 7.98 0.24
N LYS J 110 8.41 7.26 0.48
CA LYS J 110 7.53 7.63 1.57
C LYS J 110 8.26 7.63 2.90
N ARG J 111 9.03 6.56 3.16
CA ARG J 111 9.78 6.43 4.39
C ARG J 111 10.72 7.60 4.56
N GLU J 112 11.48 7.91 3.51
CA GLU J 112 12.45 8.99 3.58
C GLU J 112 11.75 10.33 3.78
N LEU J 113 10.55 10.47 3.21
CA LEU J 113 9.81 11.73 3.35
C LEU J 113 9.28 11.91 4.76
N ARG J 114 8.81 10.81 5.38
CA ARG J 114 8.30 10.93 6.74
C ARG J 114 9.42 11.28 7.70
N ASN J 115 10.65 10.88 7.36
CA ASN J 115 11.83 11.19 8.16
C ASN J 115 12.48 12.49 7.75
N LEU J 116 11.93 13.18 6.74
CA LEU J 116 12.59 14.38 6.24
C LEU J 116 12.52 15.52 7.24
N PRO J 117 11.37 15.84 7.85
CA PRO J 117 11.37 16.90 8.89
C PRO J 117 12.37 16.61 10.00
N GLN J 118 12.38 15.38 10.52
CA GLN J 118 13.31 15.03 11.59
C GLN J 118 14.75 15.21 11.14
N GLN J 119 15.07 14.79 9.91
CA GLN J 119 16.43 14.91 9.39
C GLN J 119 16.82 16.35 9.10
N CYS J 120 15.86 17.27 9.05
CA CYS J 120 16.10 18.70 8.93
C CYS J 120 16.11 19.40 10.27
N GLY J 121 15.98 18.64 11.36
CA GLY J 121 15.87 19.22 12.68
C GLY J 121 14.52 19.78 13.04
N LEU J 122 13.45 19.37 12.38
CA LEU J 122 12.11 19.88 12.63
C LEU J 122 11.21 18.73 13.09
N ARG J 123 10.07 19.08 13.68
CA ARG J 123 9.07 18.09 14.07
C ARG J 123 8.13 17.88 12.90
N ALA J 124 7.87 16.62 12.60
CA ALA J 124 6.85 16.27 11.64
C ALA J 124 5.45 16.42 12.22
N PRO J 125 4.42 16.50 11.37
CA PRO J 125 3.05 16.45 11.88
C PRO J 125 2.72 15.11 12.47
N GLN J 126 1.86 15.13 13.49
CA GLN J 126 1.47 13.89 14.15
C GLN J 126 0.75 12.97 13.18
N ARG J 127 -0.07 13.53 12.27
CA ARG J 127 -0.80 12.74 11.29
C ARG J 127 -0.71 13.42 9.92
N CYS J 128 -0.39 12.66 8.88
CA CYS J 128 -0.31 13.25 7.54
C CYS J 128 -0.43 12.12 6.51
N ASP J 129 -1.55 12.08 5.80
CA ASP J 129 -1.81 11.10 4.74
C ASP J 129 -0.99 11.43 3.51
N LEU J 130 -0.16 10.47 3.06
CA LEU J 130 0.67 10.62 1.88
C LEU J 130 0.21 9.77 0.70
N ASP J 131 -1.02 9.24 0.73
CA ASP J 131 -1.50 8.39 -0.36
C ASP J 131 -2.16 9.20 -1.48
N GLN K 1 11.59 -6.10 53.27
CA GLN K 1 12.98 -5.67 53.62
C GLN K 1 14.03 -6.64 53.07
N VAL K 2 15.27 -6.50 53.53
CA VAL K 2 16.39 -7.29 53.05
C VAL K 2 16.83 -8.23 54.15
N GLN K 3 15.90 -9.00 54.72
CA GLN K 3 16.31 -9.63 55.96
C GLN K 3 17.15 -10.88 55.72
N LEU K 4 17.88 -11.24 56.77
CA LEU K 4 18.58 -12.49 56.97
C LEU K 4 17.99 -13.12 58.21
N VAL K 5 17.78 -14.43 58.20
CA VAL K 5 17.15 -15.10 59.32
C VAL K 5 18.01 -16.30 59.66
N GLU K 6 18.67 -16.22 60.81
CA GLU K 6 19.52 -17.27 61.33
C GLU K 6 18.66 -18.29 62.04
N SER K 7 19.22 -19.48 62.08
CA SER K 7 18.63 -20.58 62.80
C SER K 7 19.80 -21.43 63.23
N GLY K 8 19.53 -22.40 64.05
CA GLY K 8 20.58 -23.25 64.52
C GLY K 8 21.00 -22.66 65.85
N GLY K 9 21.98 -23.30 66.45
CA GLY K 9 22.56 -22.90 67.71
C GLY K 9 21.88 -23.63 68.86
N LEU K 10 22.60 -23.71 69.97
CA LEU K 10 22.10 -24.37 71.16
C LEU K 10 23.26 -24.58 72.12
N VAL K 11 23.04 -25.42 73.11
CA VAL K 11 24.07 -25.78 74.07
C VAL K 11 24.81 -26.96 73.44
N VAL K 12 26.13 -26.94 73.48
CA VAL K 12 26.93 -28.04 72.96
C VAL K 12 28.11 -28.26 73.91
N GLN K 13 28.44 -29.52 74.18
CA GLN K 13 29.51 -29.83 75.11
C GLN K 13 30.86 -29.48 74.49
N PRO K 14 31.88 -29.18 75.30
CA PRO K 14 33.22 -28.92 74.74
C PRO K 14 33.68 -30.09 73.88
N GLY K 15 34.30 -29.76 72.75
CA GLY K 15 34.78 -30.78 71.85
C GLY K 15 33.74 -31.32 70.89
N GLY K 16 32.46 -30.99 71.08
CA GLY K 16 31.40 -31.52 70.24
C GLY K 16 31.13 -30.60 69.07
N SER K 17 30.10 -30.93 68.31
CA SER K 17 29.82 -30.26 67.04
C SER K 17 28.41 -29.66 67.00
N LEU K 18 28.25 -28.70 66.09
CA LEU K 18 26.98 -28.03 65.87
C LEU K 18 26.99 -27.42 64.46
N ARG K 19 25.82 -27.38 63.81
CA ARG K 19 25.64 -26.79 62.48
C ARG K 19 24.62 -25.66 62.55
N LEU K 20 25.04 -24.46 62.13
CA LEU K 20 24.17 -23.29 62.01
C LEU K 20 23.59 -23.14 60.60
N SER K 21 22.38 -22.59 60.52
CA SER K 21 21.74 -22.26 59.25
C SER K 21 21.38 -20.78 59.22
N CYS K 22 21.31 -20.20 58.02
CA CYS K 22 20.87 -18.82 57.85
C CYS K 22 20.06 -18.71 56.57
N GLU K 23 18.78 -18.37 56.66
CA GLU K 23 17.89 -18.31 55.51
C GLU K 23 17.80 -16.86 55.04
N ALA K 24 18.12 -16.60 53.78
CA ALA K 24 18.12 -15.26 53.20
C ALA K 24 16.81 -14.95 52.52
N SER K 25 16.40 -13.68 52.60
CA SER K 25 15.12 -13.19 52.08
C SER K 25 15.27 -11.80 51.46
N GLY K 26 14.58 -11.61 50.34
CA GLY K 26 14.43 -10.29 49.74
C GLY K 26 15.57 -9.79 48.89
N PHE K 27 16.55 -10.64 48.57
CA PHE K 27 17.61 -10.25 47.65
C PHE K 27 18.04 -11.51 46.92
N THR K 28 18.86 -11.31 45.88
CA THR K 28 19.34 -12.40 45.03
C THR K 28 20.52 -13.01 45.75
N PHE K 29 20.23 -14.02 46.58
CA PHE K 29 21.25 -14.62 47.44
C PHE K 29 22.41 -15.16 46.63
N ASP K 30 22.15 -15.68 45.43
CA ASP K 30 23.19 -16.29 44.61
C ASP K 30 24.19 -15.27 44.04
N ASP K 31 23.99 -13.97 44.24
CA ASP K 31 24.93 -12.97 43.73
C ASP K 31 25.91 -12.42 44.75
N TYR K 32 25.76 -12.76 46.03
CA TYR K 32 26.52 -12.12 47.09
C TYR K 32 27.43 -13.12 47.79
N THR K 33 28.65 -12.70 48.06
CA THR K 33 29.46 -13.37 49.05
C THR K 33 28.79 -13.20 50.40
N MET K 34 28.97 -14.19 51.26
CA MET K 34 28.30 -14.24 52.55
C MET K 34 29.37 -14.52 53.59
N HIS K 35 29.13 -14.03 54.79
CA HIS K 35 30.09 -14.14 55.87
C HIS K 35 29.38 -14.60 57.13
N TRP K 36 30.15 -15.26 58.00
CA TRP K 36 29.78 -15.46 59.39
C TRP K 36 30.68 -14.55 60.21
N VAL K 37 30.08 -13.87 61.17
CA VAL K 37 30.77 -12.98 62.11
C VAL K 37 30.25 -13.36 63.48
N ARG K 38 31.13 -13.31 64.50
CA ARG K 38 30.70 -13.67 65.85
C ARG K 38 31.08 -12.58 66.84
N GLN K 39 30.44 -12.64 68.00
CA GLN K 39 30.58 -11.63 69.06
C GLN K 39 30.51 -12.24 70.46
N SER K 40 31.63 -12.33 71.16
CA SER K 40 31.59 -12.77 72.55
C SER K 40 32.20 -11.64 73.36
N PRO K 41 31.91 -11.55 74.67
CA PRO K 41 32.41 -10.37 75.43
C PRO K 41 33.93 -10.22 75.42
N GLN K 42 34.64 -11.32 75.69
CA GLN K 42 36.10 -11.32 75.66
C GLN K 42 36.63 -11.13 74.25
N LYS K 43 36.02 -11.81 73.28
CA LYS K 43 36.48 -11.68 71.91
C LYS K 43 36.03 -10.39 71.25
N GLY K 44 34.85 -9.83 71.60
CA GLY K 44 34.52 -8.63 70.86
C GLY K 44 34.10 -9.17 69.51
N LEU K 45 33.87 -8.27 68.54
CA LEU K 45 33.52 -8.82 67.25
C LEU K 45 34.77 -9.41 66.64
N GLU K 46 34.57 -10.57 66.04
CA GLU K 46 35.58 -11.36 65.35
C GLU K 46 35.05 -11.89 64.03
N TRP K 47 35.69 -11.58 62.92
CA TRP K 47 35.28 -12.17 61.66
C TRP K 47 35.60 -13.66 61.72
N VAL K 48 34.70 -14.51 61.19
CA VAL K 48 34.84 -15.97 61.29
C VAL K 48 35.11 -16.63 59.95
N SER K 49 34.27 -16.38 58.94
CA SER K 49 34.40 -17.14 57.69
C SER K 49 33.68 -16.41 56.56
N LEU K 50 34.05 -16.81 55.36
CA LEU K 50 33.54 -16.24 54.12
C LEU K 50 33.30 -17.38 53.13
N ILE K 51 32.32 -17.18 52.25
CA ILE K 51 32.11 -18.06 51.12
C ILE K 51 31.68 -17.18 49.95
N ARG K 52 32.27 -17.42 48.79
CA ARG K 52 31.92 -16.63 47.62
C ARG K 52 30.54 -17.03 47.11
N TRP K 53 30.03 -16.18 46.24
CA TRP K 53 28.71 -16.40 45.64
C TRP K 53 28.56 -17.79 45.04
N ASP K 54 29.63 -18.38 44.48
CA ASP K 54 29.48 -19.70 43.87
C ASP K 54 29.98 -20.83 44.76
N GLY K 55 30.35 -20.57 46.02
CA GLY K 55 30.76 -21.65 46.88
C GLY K 55 32.20 -22.07 46.69
N SER K 56 32.91 -21.45 45.74
CA SER K 56 34.31 -21.80 45.48
C SER K 56 35.27 -21.13 46.44
N ARG K 57 35.13 -19.84 46.65
CA ARG K 57 35.93 -19.22 47.70
C ARG K 57 35.48 -19.76 49.05
N THR K 58 36.42 -19.85 49.97
CA THR K 58 36.08 -20.20 51.34
C THR K 58 37.24 -19.83 52.25
N GLU K 59 37.39 -18.55 52.57
CA GLU K 59 38.40 -18.14 53.52
C GLU K 59 37.87 -18.22 54.94
N TYR K 60 38.79 -18.27 55.90
CA TYR K 60 38.50 -18.55 57.30
C TYR K 60 39.44 -17.69 58.13
N ALA K 61 38.97 -17.35 59.33
CA ALA K 61 39.84 -16.78 60.35
C ALA K 61 40.75 -17.82 60.95
N ASP K 62 41.94 -17.38 61.36
CA ASP K 62 42.99 -18.31 61.79
C ASP K 62 42.48 -19.16 62.95
N SER K 63 41.77 -18.53 63.91
CA SER K 63 41.35 -19.23 65.13
C SER K 63 40.29 -20.29 64.89
N VAL K 64 39.65 -20.30 63.71
CA VAL K 64 38.66 -21.32 63.37
C VAL K 64 39.10 -22.25 62.24
N LYS K 65 40.23 -21.98 61.59
CA LYS K 65 40.68 -22.80 60.46
C LYS K 65 40.95 -24.24 60.87
N GLY K 66 40.50 -25.18 60.05
CA GLY K 66 40.61 -26.58 60.37
C GLY K 66 39.54 -27.12 61.29
N ARG K 67 38.77 -26.27 61.98
CA ARG K 67 37.68 -26.70 62.84
C ARG K 67 36.31 -26.42 62.25
N PHE K 68 36.16 -25.30 61.55
CA PHE K 68 34.92 -24.83 60.97
C PHE K 68 34.89 -25.05 59.46
N THR K 69 33.71 -25.37 58.93
CA THR K 69 33.49 -25.48 57.49
C THR K 69 32.25 -24.67 57.15
N ILE K 70 32.41 -23.71 56.26
CA ILE K 70 31.31 -22.91 55.75
C ILE K 70 30.82 -23.49 54.42
N SER K 71 29.52 -23.37 54.18
CA SER K 71 28.92 -23.85 52.95
C SER K 71 27.64 -23.07 52.69
N ARG K 72 27.11 -23.21 51.48
CA ARG K 72 25.87 -22.55 51.09
C ARG K 72 25.09 -23.46 50.17
N ASP K 73 23.79 -23.19 50.07
CA ASP K 73 22.90 -23.88 49.15
C ASP K 73 22.13 -22.78 48.43
N ASN K 74 22.58 -22.43 47.22
CA ASN K 74 21.97 -21.29 46.57
C ASN K 74 20.55 -21.65 46.14
N SER K 75 20.30 -22.94 45.89
CA SER K 75 18.96 -23.40 45.54
C SER K 75 17.98 -23.28 46.70
N LYS K 76 18.46 -23.28 47.94
CA LYS K 76 17.61 -23.09 49.11
C LYS K 76 17.77 -21.71 49.75
N ASN K 77 18.58 -20.82 49.17
CA ASN K 77 18.78 -19.47 49.68
C ASN K 77 19.21 -19.47 51.15
N SER K 78 20.10 -20.40 51.48
CA SER K 78 20.51 -20.66 52.86
C SER K 78 22.03 -20.69 52.95
N LEU K 79 22.58 -20.06 53.99
CA LEU K 79 24.00 -20.16 54.32
C LEU K 79 24.14 -21.06 55.54
N TYR K 80 25.21 -21.86 55.56
CA TYR K 80 25.47 -22.81 56.63
C TYR K 80 26.86 -22.60 57.22
N LEU K 81 27.02 -22.97 58.48
CA LEU K 81 28.34 -23.07 59.11
C LEU K 81 28.40 -24.35 59.95
N GLN K 82 29.21 -25.30 59.51
CA GLN K 82 29.45 -26.52 60.28
C GLN K 82 30.63 -26.26 61.21
N MET K 83 30.41 -26.43 62.51
CA MET K 83 31.40 -26.16 63.55
C MET K 83 31.75 -27.44 64.29
N ASN K 84 33.03 -27.80 64.27
CA ASN K 84 33.56 -29.00 64.89
C ASN K 84 34.58 -28.62 65.95
N THR K 85 34.78 -29.53 66.90
CA THR K 85 35.80 -29.43 67.95
C THR K 85 35.64 -28.09 68.69
N LEU K 86 34.41 -27.81 69.09
CA LEU K 86 34.10 -26.52 69.70
C LEU K 86 34.84 -26.43 71.03
N ARG K 87 35.21 -25.21 71.42
CA ARG K 87 35.93 -24.99 72.66
C ARG K 87 35.25 -23.85 73.41
N ALA K 88 35.54 -23.76 74.71
CA ALA K 88 34.99 -22.68 75.52
C ALA K 88 35.23 -21.31 74.91
N ASP K 89 36.40 -21.10 74.29
CA ASP K 89 36.68 -19.82 73.63
C ASP K 89 35.73 -19.50 72.49
N ASP K 90 35.04 -20.49 71.94
CA ASP K 90 34.13 -20.29 70.80
C ASP K 90 32.70 -19.88 71.18
N SER K 91 32.34 -19.91 72.46
CA SER K 91 31.03 -19.45 72.91
C SER K 91 30.82 -17.98 72.55
N ALA K 92 29.77 -17.70 71.77
CA ALA K 92 29.50 -16.36 71.26
C ALA K 92 28.13 -16.34 70.57
N PHE K 93 27.68 -15.13 70.24
CA PHE K 93 26.62 -14.94 69.27
C PHE K 93 27.20 -14.98 67.87
N TYR K 94 26.58 -15.76 67.00
CA TYR K 94 27.00 -15.92 65.61
C TYR K 94 26.00 -15.19 64.73
N PHE K 95 26.52 -14.27 63.93
CA PHE K 95 25.74 -13.47 63.00
C PHE K 95 25.96 -13.99 61.60
N CYS K 96 24.90 -14.01 60.81
CA CYS K 96 25.01 -14.18 59.38
C CYS K 96 25.00 -12.80 58.76
N VAL K 97 25.81 -12.62 57.71
CA VAL K 97 26.07 -11.29 57.17
C VAL K 97 26.18 -11.32 55.66
N LYS K 98 25.50 -10.38 55.01
CA LYS K 98 25.50 -10.24 53.56
C LYS K 98 26.58 -9.22 53.21
N ASP K 99 27.33 -9.49 52.18
CA ASP K 99 28.34 -8.58 51.75
C ASP K 99 27.81 -7.76 50.65
N GLY K 100 27.91 -6.43 50.80
CA GLY K 100 27.40 -5.55 49.76
C GLY K 100 27.99 -5.87 48.39
N GLY K 101 29.21 -6.41 48.37
CA GLY K 101 29.95 -6.78 47.17
C GLY K 101 31.35 -6.19 47.05
N LEU K 102 31.57 -5.01 47.60
CA LEU K 102 32.89 -4.35 47.56
C LEU K 102 33.80 -4.69 48.75
N ARG K 103 33.40 -5.65 49.60
CA ARG K 103 34.03 -6.15 50.84
C ARG K 103 33.61 -5.43 52.12
N TYR K 104 32.40 -4.89 52.15
CA TYR K 104 31.76 -4.37 53.36
C TYR K 104 30.59 -5.26 53.78
N PHE K 105 30.24 -5.20 55.07
CA PHE K 105 29.14 -5.99 55.65
C PHE K 105 27.84 -5.17 55.59
N ASP K 106 27.02 -5.39 54.56
CA ASP K 106 25.86 -4.53 54.33
C ASP K 106 24.55 -4.99 54.96
N SER K 107 24.48 -6.22 55.45
CA SER K 107 23.27 -6.73 56.08
C SER K 107 23.62 -7.69 57.19
N TRP K 108 22.92 -7.61 58.30
CA TRP K 108 23.21 -8.44 59.46
C TRP K 108 21.90 -9.07 59.94
N GLY K 109 22.01 -10.30 60.36
CA GLY K 109 20.94 -11.00 61.02
C GLY K 109 20.82 -10.60 62.46
N GLN K 110 19.80 -11.17 63.10
CA GLN K 110 19.57 -10.96 64.52
C GLN K 110 20.54 -11.75 65.41
N GLY K 111 21.27 -12.70 64.83
CA GLY K 111 22.25 -13.47 65.56
C GLY K 111 21.65 -14.74 66.14
N THR K 112 22.53 -15.73 66.37
CA THR K 112 22.14 -16.99 66.99
C THR K 112 23.16 -17.33 68.06
N LEU K 113 22.68 -17.81 69.22
CA LEU K 113 23.54 -17.98 70.38
C LEU K 113 24.08 -19.41 70.41
N VAL K 114 25.38 -19.52 70.60
CA VAL K 114 26.06 -20.80 70.77
C VAL K 114 26.67 -20.80 72.18
N THR K 115 26.33 -21.79 73.00
CA THR K 115 26.86 -21.87 74.36
C THR K 115 27.62 -23.17 74.47
N VAL K 116 28.95 -23.06 74.64
CA VAL K 116 29.83 -24.21 74.75
C VAL K 116 30.04 -24.51 76.22
N SER K 117 29.45 -25.60 76.72
CA SER K 117 29.46 -25.85 78.15
C SER K 117 29.13 -27.32 78.37
N SER K 118 29.73 -27.88 79.41
CA SER K 118 29.43 -29.22 79.90
C SER K 118 28.33 -29.21 80.96
N ALA K 119 27.78 -28.05 81.29
CA ALA K 119 26.79 -27.98 82.36
C ALA K 119 25.48 -28.62 81.93
N SER K 120 24.75 -29.10 82.94
CA SER K 120 23.45 -29.71 82.77
C SER K 120 22.39 -28.70 83.21
N THR K 121 21.20 -28.84 82.62
CA THR K 121 20.08 -27.98 82.95
C THR K 121 19.82 -27.97 84.44
N LYS K 122 19.62 -26.76 84.98
CA LYS K 122 19.44 -26.58 86.42
C LYS K 122 18.62 -25.33 86.68
N GLY K 123 17.60 -25.49 87.52
CA GLY K 123 16.75 -24.39 87.93
C GLY K 123 17.44 -23.57 89.00
N PRO K 124 17.12 -22.28 89.12
CA PRO K 124 17.79 -21.46 90.12
C PRO K 124 17.28 -21.70 91.53
N SER K 125 18.14 -21.36 92.50
CA SER K 125 17.72 -21.12 93.86
C SER K 125 17.63 -19.62 94.06
N VAL K 126 16.55 -19.17 94.69
CA VAL K 126 16.27 -17.74 94.88
C VAL K 126 16.41 -17.40 96.36
N PHE K 127 17.35 -16.49 96.67
CA PHE K 127 17.64 -16.03 98.02
C PHE K 127 17.33 -14.54 98.15
N PRO K 128 16.88 -14.06 99.31
CA PRO K 128 16.56 -12.64 99.42
C PRO K 128 17.80 -11.78 99.65
N LEU K 129 17.77 -10.58 99.07
CA LEU K 129 18.69 -9.50 99.43
C LEU K 129 17.87 -8.56 100.32
N ALA K 130 17.91 -8.83 101.63
CA ALA K 130 16.95 -8.21 102.55
C ALA K 130 17.30 -6.74 102.81
N PRO K 131 16.31 -5.87 103.01
CA PRO K 131 16.63 -4.47 103.34
C PRO K 131 17.37 -4.36 104.67
N SER K 132 18.39 -3.50 104.69
CA SER K 132 19.21 -3.25 105.87
C SER K 132 18.39 -2.90 107.11
N GLY K 139 13.97 8.02 104.04
CA GLY K 139 15.02 7.81 103.07
C GLY K 139 14.69 6.63 102.18
N THR K 140 15.71 6.07 101.54
CA THR K 140 15.54 5.02 100.54
C THR K 140 16.19 3.73 101.02
N ALA K 141 15.47 2.62 100.83
CA ALA K 141 15.94 1.27 101.11
C ALA K 141 16.10 0.52 99.80
N ALA K 142 17.03 -0.44 99.80
CA ALA K 142 17.24 -1.34 98.67
C ALA K 142 16.97 -2.77 99.11
N LEU K 143 16.34 -3.55 98.24
CA LEU K 143 16.11 -4.97 98.43
C LEU K 143 16.20 -5.69 97.09
N GLY K 144 16.20 -7.01 97.13
CA GLY K 144 16.32 -7.75 95.89
C GLY K 144 16.25 -9.25 96.09
N CYS K 145 16.52 -9.96 95.00
CA CYS K 145 16.61 -11.41 94.99
C CYS K 145 17.89 -11.79 94.27
N LEU K 146 18.61 -12.76 94.82
CA LEU K 146 19.76 -13.36 94.15
C LEU K 146 19.31 -14.69 93.57
N VAL K 147 19.44 -14.82 92.25
CA VAL K 147 18.99 -15.99 91.51
C VAL K 147 20.23 -16.77 91.15
N LYS K 148 20.54 -17.80 91.92
CA LYS K 148 21.86 -18.40 91.96
C LYS K 148 21.82 -19.78 91.31
N ASP K 149 22.86 -20.08 90.51
CA ASP K 149 23.20 -21.44 90.09
C ASP K 149 22.14 -22.08 89.19
N TYR K 150 21.93 -21.52 88.00
CA TYR K 150 20.99 -22.05 87.03
C TYR K 150 21.69 -22.20 85.69
N PHE K 151 21.13 -23.06 84.83
CA PHE K 151 21.72 -23.26 83.52
C PHE K 151 20.64 -23.85 82.63
N PRO K 152 20.54 -23.43 81.34
CA PRO K 152 21.27 -22.37 80.68
C PRO K 152 20.53 -21.07 80.88
N GLU K 153 21.00 -20.00 80.26
CA GLU K 153 20.23 -18.79 80.22
C GLU K 153 18.96 -18.99 79.37
N PRO K 154 17.93 -18.16 79.60
CA PRO K 154 17.85 -17.04 80.52
C PRO K 154 16.88 -17.31 81.64
N VAL K 155 16.85 -16.43 82.63
CA VAL K 155 15.74 -16.32 83.57
C VAL K 155 15.12 -14.95 83.38
N THR K 156 13.85 -14.86 83.73
CA THR K 156 13.14 -13.59 83.79
C THR K 156 12.78 -13.34 85.25
N VAL K 157 12.83 -12.07 85.65
CA VAL K 157 12.48 -11.67 87.01
C VAL K 157 11.48 -10.53 86.90
N SER K 158 10.41 -10.62 87.68
CA SER K 158 9.51 -9.50 87.91
C SER K 158 9.26 -9.37 89.40
N TRP K 159 8.57 -8.28 89.76
CA TRP K 159 8.27 -7.96 91.15
C TRP K 159 6.78 -7.77 91.34
N ASN K 160 6.23 -8.42 92.36
CA ASN K 160 4.82 -8.29 92.71
C ASN K 160 3.92 -8.60 91.51
N SER K 161 4.27 -9.66 90.79
CA SER K 161 3.49 -10.13 89.62
C SER K 161 3.44 -9.07 88.51
N GLY K 162 4.51 -8.27 88.42
CA GLY K 162 4.62 -7.23 87.42
C GLY K 162 4.04 -5.89 87.80
N ALA K 163 3.39 -5.77 88.97
CA ALA K 163 2.88 -4.47 89.38
C ALA K 163 3.96 -3.52 89.88
N LEU K 164 5.16 -4.03 90.22
CA LEU K 164 6.27 -3.22 90.71
C LEU K 164 7.35 -3.23 89.64
N THR K 165 7.59 -2.07 89.04
CA THR K 165 8.59 -1.91 88.00
C THR K 165 9.52 -0.72 88.25
N SER K 166 9.00 0.32 88.90
CA SER K 166 9.82 1.51 89.15
C SER K 166 10.92 1.21 90.16
N GLY K 167 12.14 1.62 89.81
CA GLY K 167 13.30 1.41 90.64
C GLY K 167 13.89 0.03 90.56
N VAL K 168 13.37 -0.83 89.68
CA VAL K 168 13.90 -2.19 89.56
C VAL K 168 15.09 -2.19 88.61
N HIS K 169 16.14 -2.90 89.00
CA HIS K 169 17.28 -3.17 88.14
C HIS K 169 17.57 -4.65 88.23
N THR K 170 17.41 -5.35 87.11
CA THR K 170 17.73 -6.77 87.00
C THR K 170 18.99 -6.87 86.16
N PHE K 171 20.06 -7.36 86.75
CA PHE K 171 21.36 -7.26 86.13
C PHE K 171 21.58 -8.40 85.14
N PRO K 172 22.45 -8.20 84.14
CA PRO K 172 22.87 -9.34 83.31
C PRO K 172 23.49 -10.42 84.18
N ALA K 173 23.25 -11.68 83.80
CA ALA K 173 23.85 -12.77 84.54
C ALA K 173 25.35 -12.85 84.31
N VAL K 174 26.05 -13.36 85.32
CA VAL K 174 27.47 -13.69 85.24
C VAL K 174 27.62 -15.21 85.21
N LEU K 175 28.65 -15.68 84.53
CA LEU K 175 28.98 -17.10 84.45
C LEU K 175 30.06 -17.37 85.49
N GLN K 176 29.73 -18.19 86.49
CA GLN K 176 30.61 -18.45 87.61
C GLN K 176 31.61 -19.54 87.24
N SER K 177 32.64 -19.70 88.08
CA SER K 177 33.64 -20.72 87.79
C SER K 177 33.08 -22.13 87.87
N SER K 178 31.92 -22.30 88.52
CA SER K 178 31.23 -23.58 88.52
C SER K 178 30.62 -23.94 87.17
N GLY K 179 30.58 -22.99 86.23
CA GLY K 179 29.87 -23.17 84.97
C GLY K 179 28.38 -22.88 85.00
N LEU K 180 27.83 -22.53 86.15
CA LEU K 180 26.43 -22.16 86.30
C LEU K 180 26.32 -20.65 86.35
N TYR K 181 25.15 -20.14 85.96
CA TYR K 181 24.94 -18.70 85.97
C TYR K 181 24.33 -18.25 87.29
N SER K 182 24.53 -16.97 87.57
CA SER K 182 23.93 -16.32 88.71
C SER K 182 23.63 -14.87 88.34
N LEU K 183 22.48 -14.38 88.79
CA LEU K 183 22.12 -12.98 88.61
C LEU K 183 21.37 -12.52 89.85
N SER K 184 21.32 -11.21 90.03
CA SER K 184 20.56 -10.61 91.11
C SER K 184 19.62 -9.59 90.48
N SER K 185 18.49 -9.37 91.13
CA SER K 185 17.55 -8.33 90.74
C SER K 185 17.18 -7.56 91.98
N VAL K 186 17.25 -6.24 91.92
CA VAL K 186 17.04 -5.39 93.07
C VAL K 186 16.01 -4.32 92.73
N VAL K 187 15.46 -3.72 93.77
CA VAL K 187 14.55 -2.59 93.63
C VAL K 187 14.73 -1.68 94.84
N THR K 188 14.71 -0.39 94.60
CA THR K 188 14.70 0.61 95.67
C THR K 188 13.30 1.15 95.87
N VAL K 189 12.93 1.33 97.13
CA VAL K 189 11.58 1.70 97.53
C VAL K 189 11.68 2.65 98.72
N PRO K 190 10.61 3.41 98.99
CA PRO K 190 10.60 4.25 100.20
C PRO K 190 10.75 3.41 101.47
N SER K 191 11.67 3.83 102.34
CA SER K 191 11.94 3.08 103.56
C SER K 191 10.69 2.90 104.42
N SER K 192 9.78 3.86 104.42
CA SER K 192 8.55 3.71 105.20
C SER K 192 7.66 2.57 104.69
N SER K 193 7.83 2.12 103.43
CA SER K 193 7.01 1.05 102.88
C SER K 193 7.42 -0.35 103.34
N LEU K 194 8.55 -0.49 104.02
CA LEU K 194 9.02 -1.83 104.37
C LEU K 194 8.09 -2.54 105.35
N GLY K 195 7.37 -1.78 106.18
CA GLY K 195 6.48 -2.39 107.15
C GLY K 195 5.07 -2.66 106.66
N THR K 196 4.66 -2.03 105.56
CA THR K 196 3.27 -2.07 105.12
C THR K 196 3.08 -2.72 103.74
N GLN K 197 4.14 -2.97 102.98
CA GLN K 197 4.06 -3.53 101.63
C GLN K 197 4.89 -4.80 101.54
N THR K 198 4.25 -5.90 101.14
CA THR K 198 4.94 -7.15 100.83
C THR K 198 5.58 -7.06 99.44
N TYR K 199 6.84 -7.50 99.33
CA TYR K 199 7.59 -7.48 98.07
C TYR K 199 7.95 -8.91 97.68
N ILE K 200 7.47 -9.35 96.50
CA ILE K 200 7.69 -10.70 96.01
C ILE K 200 8.37 -10.58 94.65
N CYS K 201 9.50 -11.27 94.48
CA CYS K 201 10.13 -11.41 93.16
C CYS K 201 9.70 -12.73 92.52
N ASN K 202 9.20 -12.63 91.29
CA ASN K 202 8.71 -13.75 90.49
C ASN K 202 9.80 -14.17 89.50
N VAL K 203 10.41 -15.34 89.75
CA VAL K 203 11.52 -15.85 88.95
C VAL K 203 11.01 -17.00 88.09
N ASN K 204 11.35 -16.98 86.79
CA ASN K 204 11.03 -18.04 85.84
C ASN K 204 12.28 -18.48 85.10
N HIS K 205 12.46 -19.80 84.99
CA HIS K 205 13.54 -20.41 84.20
C HIS K 205 12.85 -21.45 83.30
N LYS K 206 12.55 -21.06 82.06
CA LYS K 206 11.79 -21.94 81.18
C LYS K 206 12.52 -23.25 80.87
N PRO K 207 13.84 -23.28 80.65
CA PRO K 207 14.49 -24.56 80.34
C PRO K 207 14.27 -25.65 81.40
N SER K 208 14.05 -25.28 82.67
CA SER K 208 13.81 -26.27 83.72
C SER K 208 12.37 -26.24 84.22
N ASN K 209 11.50 -25.41 83.64
CA ASN K 209 10.10 -25.30 84.05
C ASN K 209 10.00 -24.95 85.54
N THR K 210 10.89 -24.06 85.97
CA THR K 210 10.96 -23.60 87.35
C THR K 210 10.26 -22.26 87.48
N LYS K 211 9.36 -22.17 88.45
CA LYS K 211 8.69 -20.91 88.79
C LYS K 211 8.75 -20.79 90.31
N VAL K 212 9.40 -19.74 90.80
CA VAL K 212 9.62 -19.51 92.22
C VAL K 212 9.15 -18.09 92.51
N ASP K 213 8.37 -17.94 93.58
CA ASP K 213 7.95 -16.63 94.08
C ASP K 213 8.47 -16.36 95.49
N LYS K 214 9.50 -15.54 95.59
CA LYS K 214 10.22 -15.29 96.84
C LYS K 214 9.83 -13.96 97.47
N ARG K 215 9.33 -14.05 98.70
CA ARG K 215 9.06 -12.87 99.52
C ARG K 215 10.36 -12.32 100.10
N VAL K 216 10.54 -11.01 100.00
CA VAL K 216 11.75 -10.34 100.49
C VAL K 216 11.35 -9.34 101.58
N GLU K 217 11.84 -9.55 102.80
CA GLU K 217 11.41 -8.78 103.96
C GLU K 217 12.61 -8.57 104.88
N PRO K 218 12.59 -7.52 105.74
CA PRO K 218 13.71 -7.27 106.65
C PRO K 218 14.10 -8.46 107.52
N ASP L 1 49.75 -9.10 61.56
CA ASP L 1 48.38 -8.73 61.09
C ASP L 1 48.09 -7.30 61.51
N VAL L 2 46.93 -6.77 61.11
CA VAL L 2 46.62 -5.36 61.32
C VAL L 2 45.91 -5.19 62.65
N VAL L 3 46.36 -4.20 63.42
CA VAL L 3 45.78 -3.85 64.72
C VAL L 3 44.90 -2.63 64.57
N MET L 4 43.72 -2.63 65.19
CA MET L 4 42.82 -1.49 65.14
C MET L 4 42.60 -0.93 66.52
N THR L 5 42.95 0.34 66.71
CA THR L 5 42.75 1.05 67.97
C THR L 5 41.65 2.06 67.70
N GLN L 6 41.03 2.52 68.76
CA GLN L 6 39.90 3.43 68.62
C GLN L 6 39.98 4.36 69.79
N SER L 7 39.57 5.62 69.62
CA SER L 7 39.74 6.59 70.71
C SER L 7 38.64 7.64 70.55
N PRO L 8 37.99 8.04 71.65
CA PRO L 8 38.15 7.58 73.04
C PRO L 8 37.46 6.24 73.26
N LEU L 9 37.60 5.62 74.44
CA LEU L 9 36.91 4.37 74.73
C LEU L 9 35.47 4.60 75.15
N SER L 10 35.16 5.80 75.65
CA SER L 10 33.84 6.18 76.11
C SER L 10 33.66 7.63 75.68
N LEU L 11 32.46 7.93 75.18
CA LEU L 11 32.20 9.22 74.55
C LEU L 11 30.82 9.68 74.97
N PRO L 12 30.73 10.49 76.02
CA PRO L 12 29.45 11.13 76.34
C PRO L 12 29.23 12.31 75.41
N VAL L 13 28.00 12.40 74.90
CA VAL L 13 27.65 13.42 73.93
C VAL L 13 26.33 14.05 74.33
N THR L 14 26.30 15.38 74.32
CA THR L 14 25.04 16.06 74.53
C THR L 14 24.19 15.96 73.26
N PRO L 15 22.91 15.60 73.35
CA PRO L 15 22.09 15.59 72.13
C PRO L 15 22.07 16.98 71.48
N GLY L 16 22.21 16.99 70.16
CA GLY L 16 22.28 18.20 69.36
C GLY L 16 23.64 18.84 69.19
N GLU L 17 24.67 18.40 69.93
CA GLU L 17 26.04 18.85 69.72
C GLU L 17 26.73 17.86 68.79
N PRO L 18 27.85 18.19 68.17
CA PRO L 18 28.51 17.19 67.31
C PRO L 18 29.39 16.24 68.12
N ALA L 19 29.65 15.06 67.54
CA ALA L 19 30.58 14.05 68.07
C ALA L 19 31.57 13.59 67.02
N SER L 20 32.77 13.21 67.46
CA SER L 20 33.83 12.64 66.64
C SER L 20 34.47 11.43 67.31
N ILE L 21 34.67 10.35 66.55
CA ILE L 21 35.26 9.10 67.00
C ILE L 21 36.43 8.81 66.07
N SER L 22 37.58 8.43 66.65
CA SER L 22 38.80 8.18 65.91
C SER L 22 39.08 6.68 65.84
N CYS L 23 39.74 6.29 64.76
CA CYS L 23 40.19 4.93 64.50
C CYS L 23 41.57 5.00 63.89
N ARG L 24 42.53 4.28 64.46
CA ARG L 24 43.89 4.26 63.95
C ARG L 24 44.29 2.82 63.65
N SER L 25 44.84 2.59 62.46
CA SER L 25 45.30 1.26 62.04
C SER L 25 46.82 1.16 62.19
N SER L 26 47.29 -0.06 62.43
CA SER L 26 48.73 -0.29 62.57
C SER L 26 49.48 -0.16 61.26
N GLN L 27 48.78 -0.23 60.14
CA GLN L 27 49.39 0.03 58.84
C GLN L 27 48.33 0.60 57.92
N SER L 28 48.79 1.15 56.79
CA SER L 28 47.91 1.85 55.86
C SER L 28 46.85 0.88 55.35
N LEU L 29 45.62 1.36 55.26
CA LEU L 29 44.53 0.60 54.67
C LEU L 29 44.32 0.90 53.19
N LEU L 30 45.27 1.59 52.55
CA LEU L 30 45.17 1.98 51.15
C LEU L 30 45.63 0.80 50.29
N HIS L 31 44.69 0.21 49.57
CA HIS L 31 44.88 -0.93 48.68
C HIS L 31 45.56 -0.45 47.40
N SER L 32 46.15 -1.41 46.65
CA SER L 32 46.73 -1.11 45.32
C SER L 32 45.79 -0.24 44.48
N ASN L 33 44.48 -0.45 44.56
CA ASN L 33 43.53 0.37 43.83
C ASN L 33 43.48 1.70 44.60
N GLY L 34 42.51 2.51 44.28
CA GLY L 34 42.34 3.77 44.97
C GLY L 34 41.58 3.79 46.29
N ILE L 35 41.05 2.65 46.79
CA ILE L 35 40.23 2.59 48.00
C ILE L 35 40.94 2.35 49.33
N HIS L 36 40.37 2.98 50.37
CA HIS L 36 40.70 2.73 51.78
C HIS L 36 39.72 1.74 52.36
N TYR L 37 40.20 0.60 52.83
CA TYR L 37 39.32 -0.48 53.26
C TYR L 37 38.97 -0.39 54.74
N LEU L 38 38.12 0.59 55.05
CA LEU L 38 37.70 0.87 56.42
C LEU L 38 36.19 1.08 56.45
N ASP L 39 35.52 0.43 57.41
CA ASP L 39 34.07 0.54 57.56
C ASP L 39 33.77 0.89 59.02
N TRP L 40 32.61 1.51 59.25
CA TRP L 40 32.12 1.82 60.59
C TRP L 40 30.78 1.15 60.83
N TYR L 41 30.60 0.59 62.04
CA TYR L 41 29.35 -0.05 62.41
C TYR L 41 28.90 0.52 63.74
N LEU L 42 27.58 0.50 63.94
CA LEU L 42 26.96 0.84 65.21
C LEU L 42 26.14 -0.34 65.68
N GLN L 43 26.33 -0.75 66.92
CA GLN L 43 25.47 -1.74 67.55
C GLN L 43 24.74 -1.05 68.68
N LYS L 44 23.46 -0.76 68.45
CA LYS L 44 22.63 -0.18 69.48
C LYS L 44 22.27 -1.26 70.50
N PRO L 45 21.98 -0.87 71.76
CA PRO L 45 21.79 -1.88 72.81
C PRO L 45 20.68 -2.86 72.48
N GLY L 46 20.99 -4.15 72.63
CA GLY L 46 20.05 -5.21 72.35
C GLY L 46 19.80 -5.47 70.87
N GLN L 47 20.54 -4.83 69.97
CA GLN L 47 20.39 -5.04 68.53
C GLN L 47 21.67 -5.62 67.93
N SER L 48 21.56 -6.02 66.66
CA SER L 48 22.70 -6.45 65.86
C SER L 48 23.44 -5.24 65.33
N PRO L 49 24.74 -5.37 65.03
CA PRO L 49 25.45 -4.23 64.42
C PRO L 49 24.79 -3.86 63.10
N GLN L 50 24.97 -2.61 62.70
CA GLN L 50 24.47 -2.12 61.44
C GLN L 50 25.54 -1.25 60.82
N LEU L 51 25.67 -1.33 59.51
CA LEU L 51 26.69 -0.57 58.80
C LEU L 51 26.34 0.91 58.76
N LEU L 52 27.32 1.76 59.07
CA LEU L 52 27.15 3.20 58.92
C LEU L 52 27.94 3.73 57.74
N ILE L 53 29.24 3.45 57.70
CA ILE L 53 30.14 3.97 56.69
C ILE L 53 30.91 2.78 56.14
N TYR L 54 31.00 2.68 54.81
CA TYR L 54 31.81 1.66 54.16
C TYR L 54 32.87 2.28 53.26
N LEU L 55 33.99 1.57 53.19
CA LEU L 55 35.14 1.94 52.35
C LEU L 55 35.58 3.38 52.60
N GLY L 56 35.79 3.69 53.87
CA GLY L 56 36.35 4.98 54.27
C GLY L 56 35.40 6.14 54.35
N SER L 57 34.61 6.38 53.30
CA SER L 57 33.86 7.62 53.18
C SER L 57 32.43 7.49 52.68
N LYS L 58 31.92 6.28 52.42
CA LYS L 58 30.59 6.09 51.83
C LYS L 58 29.50 5.74 52.84
N ARG L 59 28.43 6.53 52.85
CA ARG L 59 27.28 6.25 53.71
C ARG L 59 26.48 5.06 53.21
N ALA L 60 26.07 4.21 54.14
CA ALA L 60 25.20 3.11 53.80
C ALA L 60 23.80 3.68 53.55
N SER L 61 22.91 2.87 53.00
CA SER L 61 21.60 3.37 52.59
C SER L 61 20.71 3.95 53.69
N GLY L 62 20.28 3.16 54.64
CA GLY L 62 19.42 3.70 55.69
C GLY L 62 20.06 4.64 56.70
N VAL L 63 21.31 5.01 56.51
CA VAL L 63 22.01 5.91 57.43
C VAL L 63 21.79 7.39 57.15
N PRO L 64 21.34 8.19 58.13
CA PRO L 64 21.09 9.62 57.89
C PRO L 64 22.36 10.37 57.50
N ASP L 65 22.17 11.45 56.72
CA ASP L 65 23.30 12.24 56.23
C ASP L 65 24.12 12.90 57.34
N ARG L 66 23.66 12.86 58.58
CA ARG L 66 24.42 13.46 59.68
C ARG L 66 25.56 12.56 60.16
N PHE L 67 25.64 11.32 59.69
CA PHE L 67 26.82 10.47 59.85
C PHE L 67 27.75 10.64 58.66
N SER L 68 29.04 10.85 58.92
CA SER L 68 30.05 10.92 57.87
C SER L 68 31.37 10.29 58.33
N GLY L 69 32.07 9.70 57.37
CA GLY L 69 33.38 9.11 57.63
C GLY L 69 34.40 9.82 56.76
N SER L 70 35.58 10.00 57.33
CA SER L 70 36.69 10.67 56.67
C SER L 70 37.97 10.01 57.15
N GLY L 71 39.06 10.44 56.56
CA GLY L 71 40.40 10.00 56.91
C GLY L 71 41.09 9.28 55.78
N SER L 72 42.36 9.00 56.02
CA SER L 72 43.23 8.39 55.03
C SER L 72 44.44 7.75 55.67
N GLY L 73 44.94 6.71 55.01
CA GLY L 73 46.17 6.06 55.39
C GLY L 73 45.90 5.20 56.61
N THR L 74 46.29 5.74 57.76
CA THR L 74 46.19 5.07 59.05
C THR L 74 45.22 5.73 60.01
N ASP L 75 44.64 6.88 59.66
CA ASP L 75 43.88 7.71 60.59
C ASP L 75 42.51 8.01 60.01
N PHE L 76 41.46 7.54 60.68
CA PHE L 76 40.09 7.67 60.20
C PHE L 76 39.19 8.21 61.30
N THR L 77 38.13 8.91 60.88
CA THR L 77 37.21 9.57 61.79
C THR L 77 35.76 9.41 61.37
N LEU L 78 34.90 9.04 62.32
CA LEU L 78 33.45 9.12 62.13
C LEU L 78 33.01 10.38 62.85
N LYS L 79 32.25 11.22 62.15
CA LYS L 79 31.73 12.47 62.69
C LYS L 79 30.21 12.43 62.66
N ILE L 80 29.58 12.92 63.72
CA ILE L 80 28.14 13.11 63.76
C ILE L 80 27.84 14.59 63.91
N SER L 81 27.22 15.18 62.89
CA SER L 81 27.10 16.63 62.81
C SER L 81 26.19 17.16 63.91
N ARG L 82 25.14 16.40 64.23
CA ARG L 82 24.18 16.70 65.30
C ARG L 82 23.75 15.37 65.87
N VAL L 83 24.02 15.17 67.10
CA VAL L 83 23.79 13.89 67.75
C VAL L 83 22.36 13.88 68.24
N GLU L 84 21.70 12.73 68.12
CA GLU L 84 20.41 12.58 68.74
C GLU L 84 20.47 11.37 69.66
N ALA L 85 19.46 11.26 70.52
CA ALA L 85 19.48 10.23 71.57
C ALA L 85 19.52 8.81 71.02
N GLU L 86 18.94 8.59 69.84
CA GLU L 86 18.89 7.28 69.19
C GLU L 86 20.23 6.79 68.71
N ASP L 87 21.27 7.63 68.77
CA ASP L 87 22.62 7.26 68.38
C ASP L 87 23.39 6.56 69.48
N VAL L 88 22.81 6.42 70.67
CA VAL L 88 23.50 5.77 71.77
C VAL L 88 23.77 4.33 71.38
N GLY L 89 24.96 3.85 71.70
CA GLY L 89 25.33 2.47 71.41
C GLY L 89 26.83 2.37 71.34
N VAL L 90 27.29 1.27 70.74
CA VAL L 90 28.72 1.03 70.56
C VAL L 90 29.06 1.16 69.08
N TYR L 91 30.09 1.96 68.80
CA TYR L 91 30.61 2.20 67.46
C TYR L 91 31.90 1.41 67.27
N TYR L 92 31.99 0.65 66.19
CA TYR L 92 33.16 -0.18 65.88
C TYR L 92 33.71 0.28 64.55
N CYS L 93 35.03 0.48 64.47
CA CYS L 93 35.64 0.56 63.15
C CYS L 93 36.12 -0.82 62.74
N MET L 94 36.35 -0.98 61.44
CA MET L 94 36.68 -2.27 60.90
C MET L 94 37.45 -2.03 59.61
N GLN L 95 38.59 -2.69 59.50
CA GLN L 95 39.39 -2.69 58.29
C GLN L 95 39.04 -3.95 57.51
N SER L 96 39.05 -3.83 56.19
CA SER L 96 38.87 -4.95 55.29
C SER L 96 40.04 -5.04 54.32
N LEU L 97 41.20 -4.48 54.70
CA LEU L 97 42.40 -4.58 53.88
C LEU L 97 42.93 -6.01 53.85
N GLN L 98 43.00 -6.68 54.99
CA GLN L 98 43.57 -8.03 55.07
C GLN L 98 42.67 -8.83 55.98
N THR L 99 41.90 -9.75 55.38
CA THR L 99 40.80 -10.40 56.08
C THR L 99 40.01 -9.25 56.70
N PHE L 100 39.54 -9.41 57.94
CA PHE L 100 38.68 -8.43 58.58
C PHE L 100 39.08 -8.44 60.05
N THR L 101 39.30 -7.25 60.60
CA THR L 101 39.60 -7.09 62.02
C THR L 101 38.84 -5.86 62.48
N PHE L 102 38.14 -6.01 63.60
CA PHE L 102 37.39 -4.95 64.23
C PHE L 102 38.18 -4.24 65.31
N GLY L 103 37.88 -2.97 65.48
CA GLY L 103 38.34 -2.25 66.64
C GLY L 103 37.59 -2.67 67.89
N PRO L 104 38.10 -2.22 69.04
CA PRO L 104 37.51 -2.67 70.32
C PRO L 104 36.14 -2.09 70.59
N GLY L 105 35.74 -1.03 69.89
CA GLY L 105 34.44 -0.42 70.09
C GLY L 105 34.52 0.82 70.95
N THR L 106 33.72 1.83 70.63
CA THR L 106 33.56 3.04 71.43
C THR L 106 32.12 3.09 71.89
N LYS L 107 31.92 3.11 73.21
CA LYS L 107 30.58 3.18 73.81
C LYS L 107 30.16 4.63 73.94
N VAL L 108 29.14 5.01 73.18
CA VAL L 108 28.54 6.35 73.22
C VAL L 108 27.33 6.29 74.13
N ASP L 109 27.29 7.19 75.11
CA ASP L 109 26.20 7.36 76.07
C ASP L 109 25.78 8.83 76.11
N ILE L 110 24.63 9.08 76.74
CA ILE L 110 24.12 10.44 76.91
C ILE L 110 24.78 11.08 78.11
N LYS L 111 25.28 12.30 77.93
CA LYS L 111 25.92 13.04 78.99
C LYS L 111 24.87 13.78 79.77
N ARG L 112 25.02 13.68 81.10
CA ARG L 112 24.13 14.28 82.06
C ARG L 112 24.97 14.77 83.21
N THR L 113 24.33 15.32 84.23
CA THR L 113 25.11 15.76 85.36
C THR L 113 25.69 14.55 86.10
N VAL L 114 26.82 14.78 86.76
CA VAL L 114 27.45 13.75 87.57
C VAL L 114 26.52 13.35 88.71
N ALA L 115 26.38 12.04 88.93
CA ALA L 115 25.53 11.51 89.99
C ALA L 115 26.28 10.41 90.72
N ALA L 116 26.46 10.60 92.04
CA ALA L 116 27.22 9.64 92.83
C ALA L 116 26.37 8.39 93.08
N PRO L 117 26.98 7.20 93.18
CA PRO L 117 26.18 6.01 93.48
C PRO L 117 25.64 6.07 94.90
N SER L 118 24.46 5.49 95.09
CA SER L 118 24.00 5.12 96.41
C SER L 118 24.43 3.69 96.69
N VAL L 119 25.03 3.44 97.85
CA VAL L 119 25.68 2.17 98.11
C VAL L 119 24.90 1.42 99.18
N PHE L 120 24.71 0.12 98.93
CA PHE L 120 24.03 -0.79 99.84
C PHE L 120 24.78 -2.12 99.83
N ILE L 121 24.96 -2.72 100.99
CA ILE L 121 25.59 -4.02 101.14
C ILE L 121 24.58 -4.98 101.74
N PHE L 122 24.61 -6.24 101.30
CA PHE L 122 23.65 -7.26 101.74
C PHE L 122 24.41 -8.48 102.23
N PRO L 123 24.23 -8.91 103.48
CA PRO L 123 24.86 -10.16 103.92
C PRO L 123 24.21 -11.36 103.23
N PRO L 124 24.86 -12.53 103.25
CA PRO L 124 24.16 -13.73 102.77
C PRO L 124 23.00 -14.07 103.68
N SER L 125 21.94 -14.62 103.08
CA SER L 125 20.82 -15.09 103.87
C SER L 125 21.21 -16.35 104.64
N ASP L 126 20.52 -16.59 105.75
CA ASP L 126 20.73 -17.84 106.47
C ASP L 126 20.36 -19.03 105.59
N GLU L 127 19.31 -18.89 104.75
CA GLU L 127 18.88 -19.99 103.91
C GLU L 127 19.99 -20.42 102.95
N GLN L 128 20.70 -19.45 102.38
CA GLN L 128 21.80 -19.79 101.49
C GLN L 128 22.95 -20.38 102.30
N LEU L 129 23.24 -19.79 103.46
CA LEU L 129 24.39 -20.19 104.25
C LEU L 129 24.29 -21.66 104.63
N LYS L 130 23.08 -22.12 104.97
CA LYS L 130 22.78 -23.52 105.27
C LYS L 130 23.42 -24.49 104.28
N SER L 131 23.37 -24.16 102.99
CA SER L 131 23.71 -25.11 101.94
C SER L 131 25.16 -25.00 101.48
N GLY L 132 26.00 -24.22 102.17
CA GLY L 132 27.44 -24.33 102.02
C GLY L 132 28.15 -23.15 101.38
N THR L 133 27.44 -22.16 100.84
CA THR L 133 28.06 -21.04 100.15
C THR L 133 27.46 -19.71 100.62
N ALA L 134 28.30 -18.68 100.62
CA ALA L 134 27.94 -17.34 101.05
C ALA L 134 28.17 -16.38 99.89
N SER L 135 27.13 -15.64 99.51
CA SER L 135 27.24 -14.56 98.52
C SER L 135 26.99 -13.24 99.21
N VAL L 136 27.98 -12.35 99.16
CA VAL L 136 27.88 -10.98 99.66
C VAL L 136 27.74 -10.06 98.45
N VAL L 137 26.76 -9.16 98.48
CA VAL L 137 26.40 -8.34 97.33
C VAL L 137 26.56 -6.86 97.68
N CYS L 138 27.13 -6.10 96.75
CA CYS L 138 27.28 -4.66 96.86
C CYS L 138 26.55 -4.03 95.68
N LEU L 139 25.67 -3.08 95.96
CA LEU L 139 24.89 -2.38 94.94
C LEU L 139 25.36 -0.93 94.85
N LEU L 140 25.65 -0.47 93.63
CA LEU L 140 25.92 0.94 93.33
C LEU L 140 24.78 1.44 92.46
N ASN L 141 23.97 2.34 93.00
CA ASN L 141 22.68 2.68 92.38
C ASN L 141 22.69 4.08 91.78
N ASN L 142 22.25 4.15 90.52
CA ASN L 142 21.87 5.37 89.81
C ASN L 142 23.01 6.38 89.79
N PHE L 143 24.11 6.01 89.12
CA PHE L 143 25.27 6.87 89.02
C PHE L 143 25.66 7.20 87.59
N TYR L 144 26.48 8.24 87.48
CA TYR L 144 26.99 8.68 86.20
C TYR L 144 28.24 9.52 86.42
N PRO L 145 29.33 9.29 85.65
CA PRO L 145 29.52 8.37 84.50
C PRO L 145 29.74 6.90 84.87
N ARG L 146 29.93 6.05 83.86
CA ARG L 146 29.96 4.60 84.05
C ARG L 146 31.14 4.07 84.82
N GLU L 147 32.25 4.80 84.89
CA GLU L 147 33.44 4.21 85.47
C GLU L 147 33.33 4.26 86.98
N ALA L 148 33.40 3.08 87.61
CA ALA L 148 33.43 2.95 89.06
C ALA L 148 34.25 1.73 89.41
N LYS L 149 34.78 1.73 90.64
CA LYS L 149 35.56 0.61 91.15
C LYS L 149 34.92 0.12 92.44
N VAL L 150 34.68 -1.19 92.53
CA VAL L 150 34.34 -1.88 93.77
C VAL L 150 35.59 -2.59 94.24
N GLN L 151 35.99 -2.35 95.49
CA GLN L 151 37.09 -3.07 96.12
C GLN L 151 36.51 -3.82 97.32
N TRP L 152 36.50 -5.15 97.25
CA TRP L 152 36.03 -5.95 98.39
C TRP L 152 37.16 -6.11 99.40
N LYS L 153 36.81 -5.99 100.68
CA LYS L 153 37.73 -6.18 101.78
C LYS L 153 37.11 -7.08 102.83
N VAL L 154 37.90 -8.01 103.36
CA VAL L 154 37.47 -8.95 104.39
C VAL L 154 38.49 -8.85 105.52
N ASP L 155 38.05 -8.37 106.68
CA ASP L 155 38.96 -8.01 107.77
C ASP L 155 40.13 -7.17 107.26
N ASN L 156 39.83 -6.19 106.40
CA ASN L 156 40.76 -5.25 105.77
C ASN L 156 41.71 -5.91 104.78
N ALA L 157 41.56 -7.20 104.49
CA ALA L 157 42.33 -7.87 103.45
C ALA L 157 41.72 -7.62 102.07
N LEU L 158 42.53 -7.08 101.16
CA LEU L 158 42.04 -6.74 99.82
C LEU L 158 41.76 -8.03 99.04
N GLN L 159 40.54 -8.15 98.49
CA GLN L 159 40.15 -9.36 97.77
C GLN L 159 40.50 -9.23 96.31
N SER L 160 40.76 -10.37 95.66
CA SER L 160 40.90 -10.38 94.22
C SER L 160 40.65 -11.79 93.71
N GLY L 161 40.03 -11.88 92.53
CA GLY L 161 39.80 -13.15 91.87
C GLY L 161 38.56 -13.89 92.31
N ASN L 162 37.88 -13.43 93.37
CA ASN L 162 36.73 -14.13 93.93
C ASN L 162 35.48 -13.25 93.90
N SER L 163 35.42 -12.33 92.95
CA SER L 163 34.24 -11.50 92.80
C SER L 163 33.92 -11.40 91.31
N GLN L 164 32.65 -11.17 91.05
CA GLN L 164 32.14 -10.86 89.73
C GLN L 164 31.17 -9.72 89.88
N GLU L 165 31.03 -8.94 88.82
CA GLU L 165 30.13 -7.80 88.84
C GLU L 165 29.46 -7.70 87.48
N SER L 166 28.33 -7.01 87.44
CA SER L 166 27.78 -6.63 86.15
C SER L 166 27.07 -5.30 86.27
N VAL L 167 26.79 -4.70 85.11
CA VAL L 167 26.33 -3.33 85.02
C VAL L 167 25.14 -3.26 84.09
N THR L 168 24.13 -2.48 84.46
CA THR L 168 23.02 -2.35 83.54
C THR L 168 23.47 -1.48 82.35
N GLU L 169 22.75 -1.56 81.25
CA GLU L 169 22.86 -0.52 80.24
C GLU L 169 22.35 0.79 80.82
N GLN L 170 22.70 1.90 80.17
CA GLN L 170 22.27 3.20 80.67
C GLN L 170 20.75 3.26 80.67
N ASP L 171 20.21 3.80 81.76
CA ASP L 171 18.78 3.89 81.96
C ASP L 171 18.14 4.94 81.07
N SER L 172 17.09 4.54 80.35
CA SER L 172 16.50 5.43 79.38
C SER L 172 15.77 6.59 80.05
N LYS L 173 15.36 6.42 81.31
CA LYS L 173 14.66 7.51 81.99
C LYS L 173 15.65 8.55 82.51
N ASP L 174 16.57 8.15 83.38
CA ASP L 174 17.47 9.08 84.07
C ASP L 174 18.91 9.06 83.58
N SER L 175 19.26 8.23 82.59
CA SER L 175 20.57 8.24 81.98
C SER L 175 21.66 7.81 82.96
N THR L 176 21.30 7.12 84.03
CA THR L 176 22.27 6.58 84.97
C THR L 176 22.58 5.12 84.63
N TYR L 177 23.55 4.56 85.37
CA TYR L 177 23.91 3.16 85.32
C TYR L 177 23.80 2.62 86.74
N SER L 178 23.62 1.30 86.86
CA SER L 178 23.67 0.66 88.15
C SER L 178 24.56 -0.56 88.02
N LEU L 179 25.23 -0.91 89.13
CA LEU L 179 26.24 -1.96 89.16
C LEU L 179 26.03 -2.83 90.38
N SER L 180 26.19 -4.12 90.19
CA SER L 180 26.11 -5.12 91.25
C SER L 180 27.38 -5.94 91.25
N SER L 181 28.04 -6.06 92.39
CA SER L 181 29.24 -6.88 92.51
C SER L 181 28.94 -7.95 93.56
N THR L 182 29.40 -9.17 93.29
CA THR L 182 29.17 -10.31 94.17
C THR L 182 30.49 -10.95 94.56
N LEU L 183 30.74 -10.99 95.86
CA LEU L 183 31.83 -11.74 96.46
C LEU L 183 31.30 -13.11 96.88
N THR L 184 31.96 -14.17 96.43
CA THR L 184 31.48 -15.52 96.71
C THR L 184 32.50 -16.23 97.59
N LEU L 185 32.00 -16.80 98.69
CA LEU L 185 32.77 -17.48 99.71
C LEU L 185 32.06 -18.76 100.10
N SER L 186 32.83 -19.77 100.50
CA SER L 186 32.25 -20.91 101.18
C SER L 186 31.73 -20.51 102.55
N LYS L 187 30.78 -21.29 103.07
CA LYS L 187 30.26 -21.03 104.41
C LYS L 187 31.39 -21.10 105.43
N ALA L 188 32.26 -22.11 105.30
CA ALA L 188 33.40 -22.26 106.19
C ALA L 188 34.32 -21.04 106.10
N ASP L 189 34.63 -20.59 104.87
CA ASP L 189 35.44 -19.38 104.71
C ASP L 189 34.70 -18.17 105.27
N TYR L 190 33.39 -18.08 105.01
CA TYR L 190 32.61 -16.93 105.45
C TYR L 190 32.65 -16.77 106.96
N GLU L 191 32.55 -17.87 107.69
CA GLU L 191 32.50 -17.84 109.14
C GLU L 191 33.88 -17.68 109.79
N LYS L 192 34.97 -17.64 109.01
CA LYS L 192 36.31 -17.40 109.54
C LYS L 192 36.72 -15.94 109.68
N HIS L 193 35.91 -14.99 109.19
CA HIS L 193 36.27 -13.57 109.21
C HIS L 193 35.04 -12.82 109.66
N LYS L 194 35.24 -11.59 110.14
CA LYS L 194 34.16 -10.85 110.84
C LYS L 194 33.65 -9.68 110.01
N VAL L 195 34.53 -8.79 109.53
CA VAL L 195 34.14 -7.54 108.88
C VAL L 195 34.19 -7.73 107.37
N TYR L 196 33.03 -7.56 106.72
CA TYR L 196 32.86 -7.62 105.27
C TYR L 196 32.50 -6.23 104.73
N ALA L 197 33.26 -5.75 103.74
CA ALA L 197 33.12 -4.38 103.27
C ALA L 197 33.35 -4.29 101.77
N CYS L 198 32.59 -3.41 101.11
CA CYS L 198 32.85 -2.99 99.73
C CYS L 198 33.14 -1.50 99.72
N GLU L 199 34.26 -1.13 99.10
CA GLU L 199 34.74 0.25 99.01
C GLU L 199 34.51 0.75 97.59
N VAL L 200 33.80 1.88 97.48
CA VAL L 200 33.31 2.39 96.20
C VAL L 200 34.00 3.73 95.96
N THR L 201 34.54 3.91 94.75
CA THR L 201 35.12 5.16 94.30
C THR L 201 34.45 5.56 93.00
N HIS L 202 34.26 6.86 92.80
CA HIS L 202 33.48 7.31 91.66
C HIS L 202 33.67 8.81 91.52
N GLN L 203 33.50 9.32 90.29
CA GLN L 203 33.73 10.73 90.02
C GLN L 203 32.92 11.67 90.90
N GLY L 204 31.72 11.25 91.31
CA GLY L 204 30.87 12.08 92.15
C GLY L 204 31.13 11.96 93.63
N LEU L 205 32.17 11.22 94.01
CA LEU L 205 32.50 10.95 95.41
C LEU L 205 33.84 11.61 95.67
N SER L 206 33.85 12.68 96.45
CA SER L 206 35.12 13.35 96.71
C SER L 206 36.01 12.53 97.63
N SER L 207 35.46 11.53 98.29
CA SER L 207 36.20 10.54 99.05
C SER L 207 35.53 9.18 98.84
N PRO L 208 36.28 8.07 98.86
CA PRO L 208 35.65 6.75 98.70
C PRO L 208 34.58 6.51 99.76
N VAL L 209 33.55 5.76 99.35
CA VAL L 209 32.43 5.35 100.20
C VAL L 209 32.59 3.87 100.52
N THR L 210 32.50 3.54 101.82
CA THR L 210 32.61 2.17 102.30
C THR L 210 31.35 1.83 103.08
N LYS L 211 30.71 0.73 102.69
CA LYS L 211 29.61 0.11 103.42
C LYS L 211 30.07 -1.26 103.91
N SER L 212 29.73 -1.59 105.15
CA SER L 212 30.27 -2.78 105.78
C SER L 212 29.27 -3.34 106.78
N PHE L 213 29.47 -4.61 107.12
CA PHE L 213 28.71 -5.22 108.20
C PHE L 213 29.60 -6.20 108.97
N ASN L 214 29.18 -6.47 110.20
CA ASN L 214 29.78 -7.45 111.09
C ASN L 214 28.90 -8.69 111.06
N ARG L 215 29.47 -9.82 110.63
CA ARG L 215 28.72 -11.08 110.64
C ARG L 215 28.13 -11.36 112.01
N GLY L 216 26.84 -11.67 112.03
CA GLY L 216 26.12 -11.96 113.25
C GLY L 216 25.51 -10.76 113.93
N GLU L 217 25.89 -9.55 113.56
CA GLU L 217 25.35 -8.34 114.18
C GLU L 217 23.97 -8.02 113.60
N GLN M 1 30.84 -29.32 26.01
CA GLN M 1 29.38 -29.03 26.22
C GLN M 1 28.89 -27.83 25.39
N VAL M 2 29.81 -27.13 24.69
CA VAL M 2 29.40 -26.01 23.86
C VAL M 2 28.49 -26.51 22.74
N GLN M 3 27.34 -25.85 22.56
CA GLN M 3 26.41 -26.14 21.48
C GLN M 3 26.03 -24.88 20.71
N LEU M 4 26.06 -24.97 19.38
CA LEU M 4 25.60 -23.90 18.49
C LEU M 4 24.56 -24.49 17.55
N VAL M 5 23.31 -24.10 17.74
CA VAL M 5 22.16 -24.66 17.03
C VAL M 5 21.60 -23.59 16.09
N GLN M 6 21.81 -23.75 14.80
CA GLN M 6 21.31 -22.79 13.82
C GLN M 6 19.91 -23.16 13.38
N SER M 7 19.23 -22.19 12.78
CA SER M 7 17.92 -22.40 12.20
C SER M 7 17.69 -21.34 11.15
N GLY M 8 16.70 -21.57 10.31
CA GLY M 8 16.37 -20.67 9.23
C GLY M 8 17.04 -21.09 7.93
N GLY M 9 17.18 -20.13 7.03
CA GLY M 9 17.79 -20.36 5.74
C GLY M 9 16.81 -20.89 4.72
N GLY M 10 17.29 -21.67 3.75
CA GLY M 10 16.41 -22.27 2.77
C GLY M 10 16.42 -21.58 1.42
N LEU M 11 15.30 -21.66 0.73
CA LEU M 11 15.15 -21.15 -0.63
C LEU M 11 14.53 -19.76 -0.58
N VAL M 12 15.06 -18.86 -1.41
CA VAL M 12 14.56 -17.50 -1.50
C VAL M 12 14.83 -17.05 -2.93
N LYS M 13 13.97 -16.21 -3.42
CA LYS M 13 14.07 -15.67 -4.76
C LYS M 13 15.07 -14.51 -4.76
N PRO M 14 15.75 -14.22 -5.88
CA PRO M 14 16.61 -13.01 -5.93
C PRO M 14 15.90 -11.75 -5.46
N GLY M 15 16.62 -10.92 -4.71
CA GLY M 15 16.03 -9.74 -4.11
C GLY M 15 15.30 -9.97 -2.82
N GLY M 16 15.05 -11.22 -2.43
CA GLY M 16 14.34 -11.52 -1.22
C GLY M 16 15.21 -11.44 0.02
N SER M 17 14.62 -11.84 1.15
CA SER M 17 15.23 -11.71 2.47
C SER M 17 15.07 -12.99 3.28
N LEU M 18 16.13 -13.34 4.02
CA LEU M 18 16.08 -14.42 5.00
C LEU M 18 16.70 -13.92 6.30
N ARG M 19 16.38 -14.63 7.40
CA ARG M 19 16.72 -14.23 8.77
C ARG M 19 17.28 -15.44 9.50
N LEU M 20 18.54 -15.77 9.22
CA LEU M 20 19.21 -16.83 9.96
C LEU M 20 19.28 -16.50 11.45
N SER M 21 19.09 -17.53 12.27
CA SER M 21 19.15 -17.44 13.71
C SER M 21 20.07 -18.54 14.23
N CYS M 22 20.66 -18.28 15.39
CA CYS M 22 21.63 -19.18 15.99
C CYS M 22 21.53 -19.10 17.49
N THR M 23 21.38 -20.25 18.15
CA THR M 23 21.23 -20.34 19.60
C THR M 23 22.44 -21.06 20.21
N ALA M 24 22.96 -20.52 21.31
CA ALA M 24 24.24 -20.95 21.86
C ALA M 24 24.10 -21.34 23.32
N SER M 25 24.87 -22.37 23.71
CA SER M 25 24.99 -22.74 25.12
C SER M 25 26.41 -23.24 25.36
N GLY M 26 26.78 -23.28 26.64
CA GLY M 26 28.07 -23.80 27.07
C GLY M 26 29.17 -22.78 27.28
N PHE M 27 28.86 -21.50 27.27
CA PHE M 27 29.85 -20.46 27.52
C PHE M 27 29.13 -19.18 27.91
N SER M 28 29.91 -18.15 28.24
CA SER M 28 29.37 -16.88 28.73
C SER M 28 29.01 -16.05 27.51
N PHE M 29 27.80 -16.33 27.00
CA PHE M 29 27.34 -15.72 25.76
C PHE M 29 27.43 -14.21 25.81
N SER M 30 27.09 -13.61 26.95
CA SER M 30 27.02 -12.15 27.01
C SER M 30 28.41 -11.51 26.95
N ASP M 31 29.47 -12.26 27.24
CA ASP M 31 30.84 -11.76 27.16
C ASP M 31 31.51 -12.05 25.83
N SER M 32 30.93 -12.92 25.02
CA SER M 32 31.58 -13.44 23.84
C SER M 32 31.12 -12.70 22.59
N TYR M 33 32.05 -12.43 21.68
CA TYR M 33 31.68 -12.08 20.33
C TYR M 33 31.00 -13.25 19.64
N MET M 34 30.33 -12.92 18.55
CA MET M 34 29.71 -13.93 17.69
C MET M 34 29.84 -13.44 16.27
N SER M 35 29.96 -14.38 15.35
CA SER M 35 30.24 -14.05 13.96
C SER M 35 29.48 -15.00 13.06
N TRP M 36 29.34 -14.57 11.82
CA TRP M 36 28.74 -15.37 10.77
C TRP M 36 29.76 -15.54 9.65
N ILE M 37 29.87 -16.77 9.16
CA ILE M 37 30.80 -17.12 8.09
C ILE M 37 30.05 -18.00 7.10
N ARG M 38 30.35 -17.83 5.81
CA ARG M 38 29.67 -18.60 4.76
C ARG M 38 30.71 -19.29 3.87
N GLN M 39 30.23 -20.24 3.09
CA GLN M 39 31.08 -21.00 2.16
C GLN M 39 30.21 -21.37 0.96
N ALA M 40 30.45 -20.72 -0.17
CA ALA M 40 29.69 -21.03 -1.38
C ALA M 40 30.10 -22.41 -1.90
N PRO M 41 29.27 -23.01 -2.78
CA PRO M 41 29.61 -24.35 -3.32
C PRO M 41 30.99 -24.40 -3.95
N GLY M 42 31.84 -25.28 -3.41
CA GLY M 42 33.16 -25.52 -3.94
C GLY M 42 34.12 -24.36 -3.81
N LYS M 43 33.77 -23.33 -3.06
CA LYS M 43 34.59 -22.14 -2.86
C LYS M 43 35.15 -22.09 -1.45
N GLY M 44 35.93 -21.06 -1.18
CA GLY M 44 36.53 -20.88 0.13
C GLY M 44 35.63 -20.20 1.14
N LEU M 45 36.10 -20.23 2.37
CA LEU M 45 35.43 -19.55 3.47
C LEU M 45 35.42 -18.05 3.26
N GLU M 46 34.29 -17.42 3.60
CA GLU M 46 34.14 -15.98 3.47
C GLU M 46 33.60 -15.47 4.80
N TRP M 47 34.46 -14.80 5.56
CA TRP M 47 34.03 -14.17 6.80
C TRP M 47 33.08 -13.02 6.45
N LEU M 48 32.00 -12.90 7.22
CA LEU M 48 30.93 -11.96 6.88
C LEU M 48 30.83 -10.82 7.88
N THR M 49 30.63 -11.15 9.15
CA THR M 49 30.36 -10.12 10.15
C THR M 49 30.52 -10.70 11.54
N TYR M 50 30.76 -9.81 12.51
CA TYR M 50 30.70 -10.20 13.91
C TYR M 50 30.07 -9.08 14.72
N ILE M 51 29.75 -9.42 15.96
CA ILE M 51 29.07 -8.52 16.87
C ILE M 51 29.62 -8.78 18.26
N SER M 52 29.99 -7.71 18.95
CA SER M 52 30.49 -7.79 20.32
C SER M 52 29.42 -8.25 21.30
N GLY M 53 29.86 -8.58 22.51
CA GLY M 53 28.94 -9.05 23.54
C GLY M 53 27.91 -8.01 23.89
N SER M 54 28.32 -6.75 23.94
CA SER M 54 27.36 -5.71 24.22
C SER M 54 26.49 -5.40 23.01
N GLY M 55 26.95 -5.73 21.81
CA GLY M 55 26.25 -5.38 20.59
C GLY M 55 26.62 -4.03 20.04
N GLU M 56 27.52 -3.29 20.70
CA GLU M 56 27.86 -1.94 20.28
C GLU M 56 28.93 -1.91 19.19
N ILE M 57 29.75 -2.96 19.06
CA ILE M 57 30.76 -3.04 18.02
C ILE M 57 30.29 -4.07 17.00
N ILE M 58 30.24 -3.66 15.73
CA ILE M 58 29.82 -4.51 14.64
C ILE M 58 30.70 -4.19 13.43
N SER M 59 31.06 -5.23 12.68
CA SER M 59 31.83 -5.10 11.46
C SER M 59 31.20 -6.01 10.42
N TYR M 60 31.21 -5.55 9.16
CA TYR M 60 30.68 -6.29 8.03
C TYR M 60 31.75 -6.33 6.94
N ALA M 61 31.91 -7.49 6.31
CA ALA M 61 32.79 -7.55 5.15
C ALA M 61 32.22 -6.69 4.03
N ASP M 62 33.12 -6.19 3.17
CA ASP M 62 32.69 -5.33 2.06
C ASP M 62 31.72 -6.04 1.13
N SER M 63 31.86 -7.36 0.95
CA SER M 63 30.97 -8.09 0.05
C SER M 63 29.53 -8.13 0.56
N VAL M 64 29.32 -7.74 1.81
CA VAL M 64 28.02 -7.85 2.47
C VAL M 64 27.56 -6.53 3.10
N LYS M 65 28.47 -5.58 3.35
CA LYS M 65 28.12 -4.29 3.92
C LYS M 65 26.93 -3.66 3.20
N GLY M 66 25.97 -3.18 3.97
CA GLY M 66 24.82 -2.51 3.41
C GLY M 66 23.68 -3.43 3.08
N ARG M 67 23.91 -4.74 3.03
CA ARG M 67 22.89 -5.72 2.69
C ARG M 67 22.50 -6.64 3.83
N PHE M 68 23.44 -7.05 4.69
CA PHE M 68 23.12 -7.92 5.82
C PHE M 68 23.17 -7.10 7.11
N THR M 69 22.50 -7.64 8.13
CA THR M 69 22.43 -7.00 9.44
C THR M 69 22.54 -8.09 10.49
N ILE M 70 23.53 -7.96 11.36
CA ILE M 70 23.76 -8.88 12.47
C ILE M 70 23.14 -8.28 13.72
N SER M 71 22.60 -9.14 14.57
CA SER M 71 21.99 -8.70 15.81
C SER M 71 22.05 -9.85 16.79
N ARG M 72 21.77 -9.54 18.07
CA ARG M 72 21.85 -10.52 19.12
C ARG M 72 20.85 -10.20 20.22
N ASP M 73 20.46 -11.23 20.95
CA ASP M 73 19.59 -11.11 22.12
C ASP M 73 20.28 -11.91 23.22
N ASN M 74 21.03 -11.22 24.09
CA ASN M 74 21.79 -11.91 25.13
C ASN M 74 20.88 -12.69 26.08
N ALA M 75 19.63 -12.23 26.29
CA ALA M 75 18.70 -12.96 27.14
C ALA M 75 18.28 -14.29 26.54
N LYS M 76 18.19 -14.39 25.22
CA LYS M 76 17.90 -15.64 24.51
C LYS M 76 19.13 -16.42 24.11
N LYS M 77 20.33 -15.91 24.38
CA LYS M 77 21.58 -16.55 23.98
C LYS M 77 21.57 -16.81 22.48
N SER M 78 21.15 -15.81 21.73
CA SER M 78 20.94 -15.98 20.30
C SER M 78 21.53 -14.81 19.52
N VAL M 79 22.01 -15.14 18.33
CA VAL M 79 22.55 -14.17 17.39
C VAL M 79 21.90 -14.43 16.04
N TYR M 80 21.58 -13.36 15.33
CA TYR M 80 20.80 -13.38 14.11
C TYR M 80 21.59 -12.74 12.98
N LEU M 81 21.21 -13.10 11.75
CA LEU M 81 21.78 -12.49 10.56
C LEU M 81 20.61 -12.21 9.64
N GLN M 82 20.24 -10.95 9.53
CA GLN M 82 19.21 -10.51 8.62
C GLN M 82 19.86 -10.21 7.28
N MET M 83 19.53 -11.00 6.27
CA MET M 83 20.12 -10.90 4.93
C MET M 83 19.11 -10.26 3.98
N ASP M 84 19.43 -9.07 3.48
CA ASP M 84 18.55 -8.31 2.60
C ASP M 84 19.24 -8.12 1.25
N SER M 85 18.41 -7.85 0.24
CA SER M 85 18.87 -7.60 -1.12
C SER M 85 19.76 -8.73 -1.65
N LEU M 86 19.36 -9.97 -1.35
CA LEU M 86 20.17 -11.14 -1.71
C LEU M 86 20.33 -11.25 -3.22
N ARG M 87 21.42 -11.93 -3.61
CA ARG M 87 21.73 -12.18 -5.01
C ARG M 87 22.11 -13.63 -5.18
N ALA M 88 22.10 -14.11 -6.44
CA ALA M 88 22.51 -15.48 -6.72
C ALA M 88 23.92 -15.76 -6.22
N GLU M 89 24.74 -14.72 -6.12
CA GLU M 89 26.10 -14.87 -5.63
C GLU M 89 26.11 -15.30 -4.16
N ASP M 90 25.06 -14.93 -3.42
CA ASP M 90 24.99 -15.18 -1.98
C ASP M 90 24.66 -16.61 -1.62
N THR M 91 24.29 -17.43 -2.61
CA THR M 91 23.99 -18.84 -2.35
C THR M 91 25.22 -19.50 -1.72
N ALA M 92 25.03 -20.08 -0.54
CA ALA M 92 26.15 -20.66 0.19
C ALA M 92 25.60 -21.32 1.44
N VAL M 93 26.46 -22.07 2.11
CA VAL M 93 26.19 -22.56 3.46
C VAL M 93 26.68 -21.54 4.46
N TYR M 94 25.81 -21.15 5.39
CA TYR M 94 26.10 -20.10 6.36
C TYR M 94 26.32 -20.71 7.74
N TYR M 95 27.40 -20.32 8.40
CA TYR M 95 27.83 -20.86 9.67
C TYR M 95 27.76 -19.79 10.75
N CYS M 96 27.19 -20.17 11.90
CA CYS M 96 27.36 -19.42 13.14
C CYS M 96 28.66 -19.86 13.83
N ALA M 97 29.43 -18.90 14.33
CA ALA M 97 30.70 -19.22 14.98
C ALA M 97 30.88 -18.39 16.24
N ARG M 98 31.41 -19.03 17.29
CA ARG M 98 31.79 -18.42 18.56
C ARG M 98 33.31 -18.46 18.75
N PRO M 99 33.95 -17.41 19.26
CA PRO M 99 35.40 -17.42 19.43
C PRO M 99 35.87 -18.17 20.67
N SER M 100 37.19 -18.37 20.72
CA SER M 100 37.78 -19.19 21.79
C SER M 100 37.81 -18.48 23.15
N ASP M 101 37.65 -17.17 23.19
CA ASP M 101 37.65 -16.44 24.44
C ASP M 101 36.81 -15.19 24.24
N TYR M 102 36.90 -14.27 25.20
CA TYR M 102 35.95 -13.17 25.32
C TYR M 102 36.58 -11.83 24.95
N PHE M 103 37.57 -11.83 24.06
CA PHE M 103 38.20 -10.62 23.57
C PHE M 103 37.83 -10.37 22.11
N GLU M 104 38.08 -9.13 21.66
CA GLU M 104 37.74 -8.76 20.29
C GLU M 104 38.64 -9.40 19.25
N THR M 105 39.79 -9.92 19.67
CA THR M 105 40.73 -10.57 18.78
C THR M 105 40.59 -12.08 18.81
N SER M 106 39.73 -12.61 19.67
CA SER M 106 39.65 -14.05 19.85
C SER M 106 39.14 -14.73 18.58
N GLU M 107 39.85 -15.79 18.19
CA GLU M 107 39.62 -16.44 16.92
C GLU M 107 38.44 -17.39 17.01
N GLU M 108 37.72 -17.53 15.90
CA GLU M 108 36.61 -18.46 15.82
C GLU M 108 37.08 -19.85 16.22
N LEU M 109 36.24 -20.57 16.98
CA LEU M 109 36.59 -21.90 17.51
C LEU M 109 35.52 -22.93 17.26
N ASP M 110 34.29 -22.67 17.70
CA ASP M 110 33.20 -23.63 17.61
C ASP M 110 32.22 -23.11 16.56
N TRP M 111 31.75 -24.01 15.70
CA TRP M 111 30.93 -23.67 14.55
C TRP M 111 29.59 -24.38 14.67
N GLY M 112 28.53 -23.70 14.25
CA GLY M 112 27.25 -24.36 14.14
C GLY M 112 27.28 -25.38 13.03
N GLN M 113 26.15 -26.08 12.87
CA GLN M 113 26.06 -27.16 11.90
C GLN M 113 26.03 -26.65 10.47
N GLY M 114 25.78 -25.35 10.26
CA GLY M 114 25.70 -24.80 8.92
C GLY M 114 24.29 -24.80 8.38
N THR M 115 23.93 -23.77 7.64
CA THR M 115 22.59 -23.64 7.06
C THR M 115 22.75 -23.35 5.58
N LEU M 116 22.05 -24.13 4.75
CA LEU M 116 22.09 -23.93 3.30
C LEU M 116 21.11 -22.83 2.91
N VAL M 117 21.63 -21.79 2.25
CA VAL M 117 20.84 -20.69 1.71
C VAL M 117 20.98 -20.75 0.20
N THR M 118 19.85 -20.85 -0.50
CA THR M 118 19.80 -20.94 -1.96
C THR M 118 19.01 -19.75 -2.51
N VAL M 119 19.65 -18.98 -3.37
CA VAL M 119 19.01 -17.83 -4.01
C VAL M 119 18.75 -18.16 -5.48
N SER M 120 17.48 -18.34 -5.83
CA SER M 120 17.14 -18.74 -7.19
C SER M 120 15.70 -18.39 -7.50
N SER M 121 15.46 -17.91 -8.72
CA SER M 121 14.13 -17.67 -9.23
C SER M 121 13.51 -18.91 -9.86
N ALA M 122 14.19 -20.05 -9.77
CA ALA M 122 13.70 -21.25 -10.42
C ALA M 122 12.57 -21.87 -9.61
N SER M 123 11.83 -22.76 -10.28
CA SER M 123 10.78 -23.56 -9.69
C SER M 123 11.23 -25.01 -9.63
N THR M 124 10.61 -25.77 -8.72
CA THR M 124 10.91 -27.19 -8.63
C THR M 124 10.63 -27.88 -9.95
N LYS M 125 11.62 -28.60 -10.47
CA LYS M 125 11.47 -29.30 -11.73
C LYS M 125 12.20 -30.63 -11.67
N GLY M 126 11.55 -31.68 -12.17
CA GLY M 126 12.15 -33.00 -12.23
C GLY M 126 13.13 -33.15 -13.39
N PRO M 127 14.08 -34.08 -13.29
CA PRO M 127 15.09 -34.20 -14.33
C PRO M 127 14.59 -34.95 -15.55
N SER M 128 15.23 -34.69 -16.67
CA SER M 128 15.15 -35.52 -17.87
C SER M 128 16.45 -36.32 -17.95
N VAL M 129 16.31 -37.62 -18.23
CA VAL M 129 17.43 -38.55 -18.24
C VAL M 129 17.59 -39.09 -19.66
N PHE M 130 18.74 -38.80 -20.27
CA PHE M 130 19.09 -39.23 -21.61
C PHE M 130 20.33 -40.13 -21.55
N PRO M 131 20.44 -41.16 -22.40
CA PRO M 131 21.60 -42.05 -22.28
C PRO M 131 22.85 -41.48 -22.93
N LEU M 132 23.98 -42.05 -22.52
CA LEU M 132 25.29 -41.80 -23.12
C LEU M 132 25.76 -43.18 -23.52
N ALA M 133 25.56 -43.51 -24.81
CA ALA M 133 25.57 -44.88 -25.31
C ALA M 133 26.98 -45.32 -25.70
N PRO M 134 27.33 -46.58 -25.51
CA PRO M 134 28.61 -47.09 -26.03
C PRO M 134 28.73 -46.93 -27.55
N SER M 135 29.96 -47.11 -28.04
CA SER M 135 30.27 -47.04 -29.47
C SER M 135 30.83 -48.36 -29.99
N GLY M 142 39.61 -54.76 -24.75
CA GLY M 142 39.63 -53.38 -24.29
C GLY M 142 38.57 -53.17 -23.23
N THR M 143 38.23 -51.90 -22.98
CA THR M 143 37.12 -51.58 -22.08
C THR M 143 36.35 -50.40 -22.65
N ALA M 144 35.05 -50.38 -22.35
CA ALA M 144 34.13 -49.34 -22.80
C ALA M 144 33.61 -48.50 -21.63
N ALA M 145 32.99 -47.38 -21.99
CA ALA M 145 32.44 -46.42 -21.06
C ALA M 145 31.01 -46.09 -21.48
N LEU M 146 30.15 -45.85 -20.50
CA LEU M 146 28.76 -45.51 -20.78
C LEU M 146 28.22 -44.76 -19.58
N GLY M 147 27.11 -44.06 -19.77
CA GLY M 147 26.59 -43.25 -18.70
C GLY M 147 25.19 -42.74 -18.95
N CYS M 148 24.75 -41.88 -18.03
CA CYS M 148 23.45 -41.22 -18.08
C CYS M 148 23.65 -39.73 -17.83
N LEU M 149 22.97 -38.91 -18.61
CA LEU M 149 23.02 -37.46 -18.50
C LEU M 149 21.73 -36.98 -17.83
N VAL M 150 21.84 -36.52 -16.59
CA VAL M 150 20.72 -35.98 -15.83
C VAL M 150 20.67 -34.48 -16.03
N LYS M 151 19.63 -34.00 -16.70
CA LYS M 151 19.58 -32.65 -17.26
C LYS M 151 18.32 -31.93 -16.82
N ASP M 152 18.46 -30.65 -16.50
CA ASP M 152 17.35 -29.73 -16.24
C ASP M 152 16.48 -30.18 -15.05
N TYR M 153 17.08 -30.10 -13.86
CA TYR M 153 16.37 -30.35 -12.62
C TYR M 153 16.66 -29.24 -11.62
N PHE M 154 15.76 -29.10 -10.66
CA PHE M 154 15.89 -28.11 -9.59
C PHE M 154 14.97 -28.51 -8.46
N PRO M 155 15.38 -28.36 -7.19
CA PRO M 155 16.69 -27.97 -6.64
C PRO M 155 17.63 -29.17 -6.49
N GLU M 156 18.83 -28.96 -5.93
CA GLU M 156 19.71 -30.06 -5.58
C GLU M 156 19.14 -30.82 -4.38
N PRO M 157 19.58 -32.08 -4.15
CA PRO M 157 20.51 -32.91 -4.92
C PRO M 157 19.76 -33.95 -5.74
N VAL M 158 20.49 -34.79 -6.47
CA VAL M 158 19.95 -35.99 -7.08
C VAL M 158 20.87 -37.15 -6.75
N THR M 159 20.29 -38.35 -6.74
CA THR M 159 20.98 -39.60 -6.49
C THR M 159 21.02 -40.44 -7.77
N VAL M 160 22.11 -41.21 -7.92
CA VAL M 160 22.32 -42.03 -9.10
C VAL M 160 23.05 -43.30 -8.67
N SER M 161 22.47 -44.46 -8.97
CA SER M 161 23.11 -45.76 -8.83
C SER M 161 23.10 -46.51 -10.16
N TRP M 162 23.61 -47.73 -10.12
CA TRP M 162 23.69 -48.60 -11.30
C TRP M 162 23.28 -50.01 -10.89
N ASN M 163 22.26 -50.55 -11.56
CA ASN M 163 21.70 -51.86 -11.21
C ASN M 163 21.25 -51.91 -9.77
N SER M 164 20.81 -50.77 -9.24
CA SER M 164 20.29 -50.66 -7.86
C SER M 164 21.34 -51.11 -6.85
N GLY M 165 22.53 -50.50 -6.94
CA GLY M 165 23.61 -50.73 -6.00
C GLY M 165 24.48 -51.94 -6.27
N ALA M 166 24.18 -52.72 -7.31
CA ALA M 166 24.98 -53.90 -7.62
C ALA M 166 26.27 -53.56 -8.38
N LEU M 167 26.32 -52.40 -9.03
CA LEU M 167 27.48 -51.94 -9.79
C LEU M 167 28.02 -50.68 -9.16
N THR M 168 29.24 -50.75 -8.64
CA THR M 168 29.87 -49.61 -7.96
C THR M 168 31.25 -49.32 -8.50
N SER M 169 32.00 -50.35 -8.89
CA SER M 169 33.35 -50.11 -9.38
C SER M 169 33.32 -49.50 -10.78
N GLY M 170 34.19 -48.52 -10.97
CA GLY M 170 34.28 -47.78 -12.21
C GLY M 170 33.21 -46.72 -12.39
N VAL M 171 32.39 -46.47 -11.36
CA VAL M 171 31.31 -45.49 -11.43
C VAL M 171 31.84 -44.12 -11.02
N HIS M 172 31.51 -43.09 -11.81
CA HIS M 172 31.83 -41.69 -11.49
C HIS M 172 30.61 -40.79 -11.73
N THR M 173 29.95 -40.39 -10.64
CA THR M 173 28.83 -39.45 -10.71
C THR M 173 29.37 -38.05 -10.40
N PHE M 174 29.45 -37.20 -11.42
CA PHE M 174 30.11 -35.91 -11.28
C PHE M 174 29.27 -34.94 -10.46
N PRO M 175 29.90 -33.98 -9.78
CA PRO M 175 29.11 -32.94 -9.11
C PRO M 175 28.33 -32.13 -10.13
N ALA M 176 27.15 -31.68 -9.72
CA ALA M 176 26.26 -30.96 -10.61
C ALA M 176 26.82 -29.58 -10.95
N VAL M 177 26.45 -29.10 -12.13
CA VAL M 177 26.77 -27.75 -12.57
C VAL M 177 25.48 -26.94 -12.66
N LEU M 178 25.60 -25.64 -12.43
CA LEU M 178 24.49 -24.70 -12.54
C LEU M 178 24.50 -24.06 -13.92
N GLN M 179 23.38 -24.17 -14.63
CA GLN M 179 23.30 -23.68 -16.01
C GLN M 179 22.79 -22.25 -16.01
N SER M 180 22.97 -21.57 -17.15
CA SER M 180 22.46 -20.21 -17.31
C SER M 180 20.95 -20.12 -17.10
N SER M 181 20.23 -21.22 -17.29
CA SER M 181 18.80 -21.23 -17.06
C SER M 181 18.44 -21.25 -15.59
N GLY M 182 19.40 -21.44 -14.70
CA GLY M 182 19.10 -21.62 -13.30
C GLY M 182 18.76 -23.02 -12.88
N LEU M 183 18.88 -24.00 -13.79
CA LEU M 183 18.66 -25.41 -13.46
C LEU M 183 20.01 -26.12 -13.44
N TYR M 184 20.05 -27.22 -12.70
CA TYR M 184 21.27 -27.98 -12.49
C TYR M 184 21.33 -29.14 -13.47
N SER M 185 22.56 -29.65 -13.65
CA SER M 185 22.78 -30.81 -14.51
C SER M 185 24.01 -31.55 -14.01
N LEU M 186 24.01 -32.86 -14.20
CA LEU M 186 25.17 -33.68 -13.91
C LEU M 186 25.15 -34.89 -14.82
N SER M 187 26.25 -35.62 -14.80
CA SER M 187 26.39 -36.84 -15.56
C SER M 187 26.92 -37.92 -14.63
N SER M 188 26.42 -39.13 -14.81
CA SER M 188 26.94 -40.30 -14.14
C SER M 188 27.39 -41.29 -15.21
N VAL M 189 28.63 -41.75 -15.09
CA VAL M 189 29.25 -42.61 -16.09
C VAL M 189 29.84 -43.81 -15.37
N VAL M 190 29.90 -44.92 -16.10
CA VAL M 190 30.46 -46.17 -15.60
C VAL M 190 31.33 -46.74 -16.71
N THR M 191 32.45 -47.33 -16.33
CA THR M 191 33.39 -47.93 -17.27
C THR M 191 33.32 -49.44 -17.06
N VAL M 192 33.17 -50.17 -18.17
CA VAL M 192 32.92 -51.62 -18.12
C VAL M 192 33.69 -52.29 -19.25
N PRO M 193 33.88 -53.61 -19.17
CA PRO M 193 34.53 -54.34 -20.27
C PRO M 193 33.75 -54.31 -21.58
N SER M 194 34.50 -54.30 -22.68
CA SER M 194 33.93 -54.28 -24.02
C SER M 194 33.13 -55.56 -24.29
N SER M 195 33.61 -56.69 -23.74
CA SER M 195 33.00 -57.99 -24.01
C SER M 195 31.57 -58.03 -23.50
N SER M 196 31.33 -57.50 -22.31
CA SER M 196 30.05 -57.62 -21.62
C SER M 196 28.93 -56.86 -22.33
N LEU M 197 29.24 -56.02 -23.32
CA LEU M 197 28.25 -55.12 -23.91
C LEU M 197 27.00 -55.85 -24.41
N GLY M 198 27.18 -56.72 -25.40
CA GLY M 198 26.03 -57.41 -25.97
C GLY M 198 25.32 -58.33 -24.99
N THR M 199 26.05 -58.91 -24.04
CA THR M 199 25.51 -59.87 -23.07
C THR M 199 25.09 -59.24 -21.73
N GLN M 200 24.96 -57.91 -21.63
CA GLN M 200 24.63 -57.27 -20.36
C GLN M 200 23.74 -56.05 -20.57
N THR M 201 22.68 -55.96 -19.76
CA THR M 201 21.77 -54.83 -19.75
C THR M 201 22.19 -53.88 -18.62
N TYR M 202 22.45 -52.62 -18.97
CA TYR M 202 22.87 -51.59 -18.03
C TYR M 202 21.76 -50.56 -17.87
N ILE M 203 21.39 -50.28 -16.60
CA ILE M 203 20.37 -49.29 -16.27
C ILE M 203 20.90 -48.43 -15.14
N CYS M 204 20.67 -47.12 -15.24
CA CYS M 204 21.03 -46.16 -14.20
C CYS M 204 19.75 -45.74 -13.50
N ASN M 205 19.80 -45.71 -12.16
CA ASN M 205 18.63 -45.40 -11.36
C ASN M 205 18.79 -43.98 -10.81
N VAL M 206 18.06 -43.04 -11.39
CA VAL M 206 18.13 -41.62 -11.07
C VAL M 206 16.95 -41.28 -10.17
N ASN M 207 17.22 -40.59 -9.06
CA ASN M 207 16.20 -40.23 -8.07
C ASN M 207 16.32 -38.76 -7.70
N HIS M 208 15.18 -38.07 -7.74
CA HIS M 208 15.06 -36.64 -7.43
C HIS M 208 13.91 -36.49 -6.44
N LYS M 209 14.26 -36.42 -5.15
CA LYS M 209 13.25 -36.41 -4.09
C LYS M 209 12.27 -35.24 -4.13
N PRO M 210 12.66 -33.98 -4.40
CA PRO M 210 11.66 -32.90 -4.34
C PRO M 210 10.49 -33.13 -5.30
N SER M 211 10.74 -33.68 -6.48
CA SER M 211 9.69 -34.00 -7.43
C SER M 211 9.18 -35.41 -7.24
N ASN M 212 9.79 -36.19 -6.34
CA ASN M 212 9.47 -37.59 -6.10
C ASN M 212 9.63 -38.45 -7.34
N THR M 213 10.43 -38.00 -8.30
CA THR M 213 10.62 -38.72 -9.55
C THR M 213 11.70 -39.78 -9.45
N LYS M 214 11.40 -40.95 -10.00
CA LYS M 214 12.38 -42.02 -10.13
C LYS M 214 12.25 -42.46 -11.57
N VAL M 215 13.40 -42.63 -12.23
CA VAL M 215 13.48 -43.01 -13.63
C VAL M 215 14.62 -44.01 -13.77
N ASP M 216 14.43 -45.03 -14.62
CA ASP M 216 15.45 -46.05 -14.82
C ASP M 216 15.70 -46.30 -16.32
N LYS M 217 16.26 -45.32 -17.03
CA LYS M 217 16.40 -45.47 -18.48
C LYS M 217 17.56 -46.42 -18.78
N ARG M 218 17.31 -47.38 -19.66
CA ARG M 218 18.38 -48.19 -20.21
C ARG M 218 19.31 -47.37 -21.08
N VAL M 219 20.56 -47.80 -21.14
CA VAL M 219 21.57 -47.18 -22.00
C VAL M 219 22.18 -48.32 -22.81
N GLU M 220 21.64 -48.52 -24.01
CA GLU M 220 22.02 -49.54 -24.97
C GLU M 220 22.74 -48.87 -26.14
N PRO M 221 23.64 -49.58 -26.83
CA PRO M 221 24.21 -49.00 -28.06
C PRO M 221 23.15 -48.61 -29.09
N LYS M 222 23.42 -47.52 -29.81
CA LYS M 222 22.49 -46.92 -30.77
C LYS M 222 22.53 -47.68 -32.09
N SER M 223 21.42 -47.56 -32.84
CA SER M 223 21.26 -48.17 -34.15
C SER M 223 22.42 -47.83 -35.08
N GLU N 1 40.28 -3.52 4.01
CA GLU N 1 40.34 -4.95 4.41
C GLU N 1 41.73 -5.49 4.30
N ILE N 2 42.17 -6.22 5.31
CA ILE N 2 43.47 -6.89 5.22
C ILE N 2 43.33 -8.07 4.27
N VAL N 3 44.04 -8.02 3.16
CA VAL N 3 44.04 -9.11 2.18
C VAL N 3 45.04 -10.16 2.62
N MET N 4 44.59 -11.41 2.68
CA MET N 4 45.42 -12.57 3.03
C MET N 4 45.72 -13.38 1.78
N THR N 5 47.00 -13.61 1.50
CA THR N 5 47.43 -14.30 0.29
C THR N 5 48.13 -15.59 0.68
N GLN N 6 47.46 -16.71 0.43
CA GLN N 6 47.99 -18.04 0.67
C GLN N 6 48.66 -18.57 -0.59
N SER N 7 49.74 -19.30 -0.40
CA SER N 7 50.32 -20.06 -1.47
C SER N 7 50.74 -21.40 -0.91
N PRO N 8 50.72 -22.47 -1.72
CA PRO N 8 50.10 -22.58 -3.04
C PRO N 8 48.58 -22.70 -2.88
N SER N 9 47.83 -22.72 -3.98
CA SER N 9 46.40 -22.98 -3.93
C SER N 9 46.12 -24.46 -3.83
N SER N 10 47.01 -25.28 -4.42
CA SER N 10 46.93 -26.72 -4.40
C SER N 10 48.30 -27.25 -4.02
N LEU N 11 48.33 -28.47 -3.50
CA LEU N 11 49.61 -29.04 -3.09
C LEU N 11 49.42 -30.54 -3.01
N SER N 12 50.30 -31.28 -3.68
CA SER N 12 50.31 -32.74 -3.61
C SER N 12 51.52 -33.19 -2.80
N ALA N 13 51.31 -34.19 -1.97
CA ALA N 13 52.40 -34.72 -1.17
C ALA N 13 52.00 -36.12 -0.72
N SER N 14 52.98 -36.87 -0.23
CA SER N 14 52.79 -38.24 0.21
C SER N 14 52.85 -38.30 1.73
N VAL N 15 52.30 -39.39 2.27
CA VAL N 15 52.34 -39.62 3.71
C VAL N 15 53.78 -39.64 4.16
N GLY N 16 54.13 -38.75 5.10
CA GLY N 16 55.47 -38.66 5.64
C GLY N 16 56.25 -37.45 5.19
N ASP N 17 55.73 -36.68 4.23
CA ASP N 17 56.44 -35.55 3.68
C ASP N 17 56.40 -34.36 4.63
N ARG N 18 57.24 -33.37 4.35
CA ARG N 18 57.28 -32.11 5.06
C ARG N 18 56.63 -31.10 4.13
N VAL N 19 55.47 -30.60 4.55
CA VAL N 19 54.65 -29.68 3.79
C VAL N 19 54.81 -28.31 4.42
N THR N 20 54.80 -27.28 3.58
CA THR N 20 54.84 -25.91 4.06
C THR N 20 53.84 -25.09 3.27
N ILE N 21 52.89 -24.48 3.98
CA ILE N 21 51.93 -23.55 3.40
C ILE N 21 52.28 -22.18 3.96
N THR N 22 52.26 -21.17 3.10
CA THR N 22 52.55 -19.80 3.49
C THR N 22 51.32 -18.92 3.37
N CYS N 23 51.30 -17.85 4.16
CA CYS N 23 50.23 -16.88 4.17
C CYS N 23 50.90 -15.53 4.35
N ARG N 24 50.59 -14.58 3.45
CA ARG N 24 51.16 -13.23 3.48
C ARG N 24 50.03 -12.24 3.70
N ALA N 25 50.17 -11.39 4.72
CA ALA N 25 49.12 -10.43 5.03
C ALA N 25 49.41 -9.12 4.31
N SER N 26 48.34 -8.40 4.00
CA SER N 26 48.46 -7.13 3.29
C SER N 26 49.20 -6.10 4.12
N GLN N 27 49.16 -6.24 5.44
CA GLN N 27 49.83 -5.32 6.36
C GLN N 27 50.26 -6.09 7.59
N SER N 28 51.04 -5.42 8.44
CA SER N 28 51.49 -6.02 9.69
C SER N 28 50.31 -6.32 10.61
N ILE N 29 50.16 -7.60 10.94
CA ILE N 29 49.14 -8.10 11.86
C ILE N 29 49.75 -8.71 13.12
N SER N 30 51.02 -8.41 13.41
CA SER N 30 51.75 -8.92 14.59
C SER N 30 51.64 -10.43 14.54
N THR N 31 51.23 -11.09 15.63
CA THR N 31 51.08 -12.54 15.69
C THR N 31 49.64 -12.98 15.57
N TYR N 32 48.73 -12.09 15.16
CA TYR N 32 47.29 -12.38 15.14
C TYR N 32 46.88 -13.11 13.86
N LEU N 33 47.49 -14.27 13.64
CA LEU N 33 47.28 -15.10 12.47
C LEU N 33 46.90 -16.49 12.96
N ASN N 34 45.82 -17.04 12.43
CA ASN N 34 45.26 -18.31 12.86
C ASN N 34 45.16 -19.26 11.68
N TRP N 35 45.22 -20.56 11.96
CA TRP N 35 45.22 -21.60 10.94
C TRP N 35 44.10 -22.61 11.20
N TYR N 36 43.31 -22.91 10.16
CA TYR N 36 42.21 -23.86 10.23
C TYR N 36 42.38 -24.98 9.22
N GLN N 37 41.85 -26.16 9.57
CA GLN N 37 41.75 -27.30 8.69
C GLN N 37 40.28 -27.58 8.41
N GLN N 38 39.94 -27.89 7.16
CA GLN N 38 38.57 -28.24 6.81
C GLN N 38 38.62 -29.47 5.91
N LYS N 39 37.89 -30.52 6.31
CA LYS N 39 37.59 -31.73 5.56
C LYS N 39 36.19 -31.63 4.94
N PRO N 40 35.91 -32.36 3.84
CA PRO N 40 34.64 -32.17 3.14
C PRO N 40 33.43 -32.45 4.03
N GLY N 41 32.40 -31.62 3.88
CA GLY N 41 31.17 -31.75 4.65
C GLY N 41 31.25 -31.31 6.08
N LYS N 42 32.43 -30.96 6.59
CA LYS N 42 32.61 -30.63 7.99
C LYS N 42 32.99 -29.16 8.11
N ALA N 43 32.70 -28.60 9.25
CA ALA N 43 33.08 -27.23 9.54
C ALA N 43 34.57 -27.19 9.86
N PRO N 44 35.24 -26.05 9.64
CA PRO N 44 36.69 -26.01 9.87
C PRO N 44 37.04 -26.27 11.31
N ASN N 45 38.24 -26.79 11.52
CA ASN N 45 38.81 -27.02 12.85
C ASN N 45 40.07 -26.19 13.02
N LEU N 46 40.11 -25.43 14.10
CA LEU N 46 41.29 -24.63 14.41
C LEU N 46 42.48 -25.52 14.73
N LEU N 47 43.59 -25.26 14.05
CA LEU N 47 44.85 -25.93 14.32
C LEU N 47 45.76 -25.09 15.20
N ILE N 48 45.97 -23.84 14.80
CA ILE N 48 46.95 -22.94 15.43
C ILE N 48 46.31 -21.58 15.55
N TYR N 49 46.55 -20.92 16.68
CA TYR N 49 46.13 -19.54 16.91
C TYR N 49 47.36 -18.76 17.34
N ALA N 50 47.29 -17.44 17.17
CA ALA N 50 48.38 -16.54 17.51
C ALA N 50 49.67 -16.90 16.78
N ALA N 51 49.54 -17.55 15.62
CA ALA N 51 50.62 -17.85 14.71
C ALA N 51 51.60 -18.93 15.18
N SER N 52 51.61 -19.29 16.46
CA SER N 52 52.52 -20.32 16.97
C SER N 52 51.90 -21.26 17.98
N SER N 53 50.72 -20.95 18.52
CA SER N 53 50.16 -21.69 19.64
C SER N 53 49.23 -22.79 19.12
N LEU N 54 49.48 -24.02 19.54
CA LEU N 54 48.63 -25.16 19.20
C LEU N 54 47.34 -25.16 20.00
N HIS N 55 46.23 -25.38 19.32
CA HIS N 55 44.98 -25.58 20.04
C HIS N 55 44.99 -26.97 20.66
N SER N 56 44.26 -27.10 21.77
CA SER N 56 44.21 -28.35 22.51
C SER N 56 43.71 -29.50 21.64
N GLY N 57 44.41 -30.63 21.70
CA GLY N 57 44.06 -31.82 20.95
C GLY N 57 44.66 -31.91 19.56
N VAL N 58 45.20 -30.83 19.03
CA VAL N 58 45.81 -30.80 17.71
C VAL N 58 47.20 -31.44 17.80
N PRO N 59 47.53 -32.45 16.98
CA PRO N 59 48.84 -33.10 17.12
C PRO N 59 50.01 -32.14 16.86
N SER N 60 51.15 -32.50 17.45
CA SER N 60 52.34 -31.67 17.44
C SER N 60 52.98 -31.49 16.05
N ARG N 61 52.70 -32.37 15.08
CA ARG N 61 53.33 -32.25 13.75
C ARG N 61 52.99 -30.94 13.05
N PHE N 62 51.94 -30.25 13.49
CA PHE N 62 51.57 -28.95 12.96
C PHE N 62 52.35 -27.91 13.74
N ARG N 63 52.95 -26.97 13.01
CA ARG N 63 53.75 -25.91 13.60
C ARG N 63 53.51 -24.65 12.79
N GLY N 64 53.37 -23.52 13.50
CA GLY N 64 53.17 -22.23 12.89
C GLY N 64 54.29 -21.28 13.27
N SER N 65 54.56 -20.33 12.37
CA SER N 65 55.65 -19.38 12.59
C SER N 65 55.32 -18.09 11.86
N GLY N 66 55.94 -17.01 12.33
CA GLY N 66 55.82 -15.72 11.69
C GLY N 66 55.31 -14.59 12.57
N SER N 67 55.61 -13.36 12.19
CA SER N 67 55.12 -12.18 12.88
C SER N 67 55.19 -11.03 11.90
N GLY N 68 54.16 -10.20 11.87
CA GLY N 68 54.10 -9.09 10.95
C GLY N 68 53.21 -9.37 9.75
N THR N 69 53.85 -9.68 8.60
CA THR N 69 53.14 -9.92 7.35
C THR N 69 53.29 -11.34 6.80
N ASP N 70 54.35 -12.06 7.14
CA ASP N 70 54.68 -13.35 6.53
C ASP N 70 54.58 -14.46 7.56
N PHE N 71 53.83 -15.51 7.23
CA PHE N 71 53.53 -16.60 8.14
C PHE N 71 53.61 -17.93 7.42
N THR N 72 53.78 -19.00 8.20
CA THR N 72 53.98 -20.33 7.66
C THR N 72 53.36 -21.39 8.54
N LEU N 73 52.64 -22.32 7.91
CA LEU N 73 52.19 -23.55 8.55
C LEU N 73 53.02 -24.70 8.00
N THR N 74 53.53 -25.53 8.91
CA THR N 74 54.35 -26.68 8.56
C THR N 74 53.71 -27.94 9.12
N ILE N 75 53.77 -29.01 8.34
CA ILE N 75 53.39 -30.34 8.80
C ILE N 75 54.65 -31.17 8.66
N THR N 76 55.21 -31.58 9.81
CA THR N 76 56.55 -32.16 9.81
C THR N 76 56.57 -33.53 9.14
N SER N 77 55.62 -34.38 9.49
CA SER N 77 55.52 -35.71 8.89
C SER N 77 54.03 -35.90 8.57
N LEU N 78 53.70 -35.76 7.29
CA LEU N 78 52.30 -35.81 6.87
C LEU N 78 51.74 -37.19 7.18
N GLN N 79 50.48 -37.23 7.58
CA GLN N 79 49.81 -38.45 7.95
C GLN N 79 48.59 -38.66 7.05
N PRO N 80 48.04 -39.88 7.01
CA PRO N 80 46.87 -40.13 6.14
C PRO N 80 45.68 -39.22 6.45
N ASP N 81 45.50 -38.83 7.71
CA ASP N 81 44.36 -37.99 8.09
C ASP N 81 44.58 -36.51 7.83
N ASP N 82 45.76 -36.12 7.31
CA ASP N 82 46.13 -34.73 7.09
C ASP N 82 45.67 -34.17 5.74
N PHE N 83 45.15 -34.99 4.84
CA PHE N 83 44.74 -34.51 3.52
C PHE N 83 43.40 -33.79 3.65
N ALA N 84 43.43 -32.47 3.43
CA ALA N 84 42.28 -31.62 3.62
C ALA N 84 42.62 -30.26 3.03
N THR N 85 41.76 -29.27 3.27
CA THR N 85 42.02 -27.89 2.89
C THR N 85 42.39 -27.09 4.13
N TYR N 86 43.35 -26.17 3.97
CA TYR N 86 43.88 -25.39 5.07
C TYR N 86 43.71 -23.92 4.74
N TYR N 87 43.26 -23.14 5.74
CA TYR N 87 43.00 -21.72 5.57
C TYR N 87 43.78 -20.96 6.62
N CYS N 88 44.38 -19.84 6.22
CA CYS N 88 44.84 -18.89 7.21
C CYS N 88 43.75 -17.86 7.47
N HIS N 89 43.92 -17.15 8.57
CA HIS N 89 42.86 -16.33 9.14
C HIS N 89 43.48 -15.32 10.08
N GLN N 90 43.23 -14.04 9.84
CA GLN N 90 43.70 -12.95 10.68
C GLN N 90 42.57 -12.43 11.55
N SER N 91 42.83 -12.24 12.84
CA SER N 91 41.90 -11.56 13.74
C SER N 91 42.49 -10.27 14.30
N TYR N 92 43.47 -9.68 13.61
CA TYR N 92 44.09 -8.43 14.06
C TYR N 92 43.11 -7.28 14.01
N SER N 93 42.38 -7.16 12.91
CA SER N 93 41.40 -6.09 12.74
C SER N 93 40.23 -6.63 11.94
N ALA N 94 39.09 -6.09 12.21
CA ALA N 94 37.83 -6.42 11.55
C ALA N 94 37.64 -5.59 10.28
N PRO N 95 37.03 -6.13 9.22
CA PRO N 95 36.42 -7.46 9.11
C PRO N 95 37.53 -8.48 9.00
N ARG N 96 37.37 -9.63 9.67
CA ARG N 96 38.37 -10.67 9.58
C ARG N 96 38.33 -11.23 8.18
N THR N 97 39.38 -11.93 7.79
CA THR N 97 39.49 -12.44 6.43
C THR N 97 40.24 -13.76 6.43
N PHE N 98 39.71 -14.72 5.69
CA PHE N 98 40.44 -15.94 5.37
C PHE N 98 41.29 -15.79 4.11
N GLY N 99 42.37 -16.55 4.07
CA GLY N 99 43.10 -16.77 2.84
C GLY N 99 42.28 -17.60 1.85
N GLN N 100 42.76 -17.69 0.62
CA GLN N 100 42.00 -18.40 -0.39
C GLN N 100 41.91 -19.89 -0.16
N GLY N 101 42.72 -20.45 0.72
CA GLY N 101 42.68 -21.87 1.00
C GLY N 101 43.76 -22.61 0.24
N THR N 102 44.13 -23.78 0.75
CA THR N 102 45.17 -24.60 0.13
C THR N 102 44.67 -26.03 0.23
N LYS N 103 44.41 -26.66 -0.92
CA LYS N 103 43.92 -28.03 -0.92
C LYS N 103 45.15 -28.93 -0.96
N LEU N 104 45.17 -29.92 -0.07
CA LEU N 104 46.30 -30.82 0.05
C LEU N 104 45.83 -32.20 -0.42
N GLU N 105 46.29 -32.57 -1.61
CA GLU N 105 45.88 -33.80 -2.29
C GLU N 105 46.99 -34.84 -2.16
N ILE N 106 46.66 -36.06 -2.55
CA ILE N 106 47.60 -37.17 -2.47
C ILE N 106 48.42 -37.20 -3.76
N LYS N 107 49.73 -37.37 -3.61
CA LYS N 107 50.63 -37.43 -4.74
C LYS N 107 50.73 -38.87 -5.22
N ARG N 108 50.96 -39.02 -6.52
CA ARG N 108 51.13 -40.34 -7.13
C ARG N 108 51.70 -40.16 -8.53
N THR N 109 51.89 -41.29 -9.20
CA THR N 109 52.48 -41.32 -10.53
C THR N 109 51.50 -40.72 -11.53
N VAL N 110 52.04 -40.08 -12.56
CA VAL N 110 51.22 -39.56 -13.65
C VAL N 110 50.40 -40.69 -14.26
N ALA N 111 49.20 -40.33 -14.73
CA ALA N 111 48.30 -41.29 -15.35
C ALA N 111 47.47 -40.57 -16.40
N ALA N 112 47.52 -41.07 -17.63
CA ALA N 112 46.79 -40.47 -18.73
C ALA N 112 45.29 -40.75 -18.61
N PRO N 113 44.43 -39.82 -19.05
CA PRO N 113 43.00 -40.10 -19.04
C PRO N 113 42.57 -40.96 -20.22
N SER N 114 41.58 -41.81 -19.98
CA SER N 114 40.87 -42.49 -21.04
C SER N 114 39.76 -41.56 -21.53
N VAL N 115 39.81 -41.18 -22.80
CA VAL N 115 38.91 -40.16 -23.36
C VAL N 115 37.77 -40.85 -24.11
N PHE N 116 36.57 -40.31 -23.97
CA PHE N 116 35.37 -40.86 -24.60
C PHE N 116 34.45 -39.70 -24.95
N ILE N 117 33.93 -39.69 -26.17
CA ILE N 117 32.99 -38.66 -26.61
C ILE N 117 31.66 -39.34 -26.82
N PHE N 118 30.57 -38.66 -26.43
CA PHE N 118 29.22 -39.19 -26.52
C PHE N 118 28.37 -38.22 -27.33
N PRO N 119 27.70 -38.65 -28.40
CA PRO N 119 26.77 -37.75 -29.07
C PRO N 119 25.47 -37.63 -28.31
N PRO N 120 24.70 -36.57 -28.59
CA PRO N 120 23.41 -36.41 -27.91
C PRO N 120 22.42 -37.48 -28.36
N SER N 121 21.60 -37.93 -27.42
CA SER N 121 20.57 -38.91 -27.70
C SER N 121 19.54 -38.34 -28.68
N ASP N 122 18.87 -39.26 -29.39
CA ASP N 122 17.75 -38.84 -30.24
C ASP N 122 16.61 -38.30 -29.38
N GLU N 123 16.36 -38.96 -28.24
CA GLU N 123 15.34 -38.50 -27.31
C GLU N 123 15.57 -37.05 -26.90
N GLN N 124 16.83 -36.66 -26.69
CA GLN N 124 17.12 -35.29 -26.31
C GLN N 124 16.82 -34.32 -27.46
N LEU N 125 17.20 -34.70 -28.69
CA LEU N 125 16.98 -33.83 -29.84
C LEU N 125 15.51 -33.49 -30.01
N LYS N 126 14.61 -34.40 -29.61
CA LYS N 126 13.18 -34.12 -29.68
C LYS N 126 12.76 -32.99 -28.74
N SER N 127 13.64 -32.57 -27.83
CA SER N 127 13.33 -31.45 -26.93
C SER N 127 13.86 -30.12 -27.47
N GLY N 128 14.72 -30.13 -28.49
CA GLY N 128 15.26 -28.94 -29.10
C GLY N 128 16.62 -28.46 -28.62
N THR N 129 17.38 -29.31 -27.95
CA THR N 129 18.74 -29.03 -27.49
C THR N 129 19.60 -30.26 -27.65
N ALA N 130 20.89 -30.04 -27.83
CA ALA N 130 21.87 -31.10 -28.04
C ALA N 130 23.03 -30.90 -27.08
N SER N 131 23.32 -31.92 -26.27
CA SER N 131 24.44 -31.91 -25.34
C SER N 131 25.42 -32.98 -25.79
N VAL N 132 26.67 -32.56 -26.00
CA VAL N 132 27.78 -33.43 -26.38
C VAL N 132 28.72 -33.50 -25.20
N VAL N 133 29.04 -34.72 -24.77
CA VAL N 133 29.81 -34.93 -23.54
C VAL N 133 31.15 -35.54 -23.92
N CYS N 134 32.22 -34.96 -23.38
CA CYS N 134 33.58 -35.48 -23.47
C CYS N 134 33.98 -35.89 -22.07
N LEU N 135 34.45 -37.12 -21.91
CA LEU N 135 34.76 -37.70 -20.61
C LEU N 135 36.25 -38.00 -20.53
N LEU N 136 36.88 -37.56 -19.44
CA LEU N 136 38.25 -37.94 -19.11
C LEU N 136 38.17 -38.78 -17.86
N ASN N 137 38.71 -40.00 -17.94
CA ASN N 137 38.53 -41.02 -16.93
C ASN N 137 39.88 -41.40 -16.31
N ASN N 138 39.97 -41.30 -14.99
CA ASN N 138 41.02 -41.90 -14.16
C ASN N 138 42.42 -41.39 -14.55
N PHE N 139 42.64 -40.10 -14.29
CA PHE N 139 43.90 -39.43 -14.57
C PHE N 139 44.42 -38.69 -13.34
N TYR N 140 45.65 -38.18 -13.45
CA TYR N 140 46.32 -37.42 -12.40
C TYR N 140 47.58 -36.80 -13.01
N PRO N 141 47.93 -35.53 -12.72
CA PRO N 141 47.30 -34.53 -11.82
C PRO N 141 45.98 -33.96 -12.36
N ARG N 142 45.39 -33.02 -11.62
CA ARG N 142 44.11 -32.44 -12.02
C ARG N 142 44.25 -31.59 -13.28
N GLU N 143 45.37 -30.89 -13.45
CA GLU N 143 45.59 -29.98 -14.58
C GLU N 143 45.31 -30.64 -15.92
N ALA N 144 44.31 -30.15 -16.63
CA ALA N 144 43.95 -30.70 -17.94
C ALA N 144 43.18 -29.66 -18.75
N LYS N 145 43.35 -29.71 -20.06
CA LYS N 145 42.67 -28.84 -21.00
C LYS N 145 41.76 -29.66 -21.92
N VAL N 146 40.53 -29.18 -22.10
CA VAL N 146 39.51 -29.82 -22.95
C VAL N 146 39.00 -28.75 -23.90
N GLN N 147 39.19 -28.96 -25.20
CA GLN N 147 38.95 -27.94 -26.22
C GLN N 147 37.97 -28.51 -27.23
N TRP N 148 36.79 -27.89 -27.35
CA TRP N 148 35.75 -28.32 -28.26
C TRP N 148 35.83 -27.69 -29.66
N LYS N 149 35.74 -28.51 -30.69
CA LYS N 149 35.69 -28.05 -32.08
C LYS N 149 34.49 -28.62 -32.81
N VAL N 150 33.75 -27.74 -33.47
CA VAL N 150 32.60 -28.12 -34.28
C VAL N 150 32.96 -27.70 -35.71
N ASP N 151 33.19 -28.69 -36.58
CA ASP N 151 33.67 -28.44 -37.96
C ASP N 151 34.96 -27.61 -37.93
N ASN N 152 35.87 -27.98 -37.04
CA ASN N 152 37.18 -27.33 -36.89
C ASN N 152 37.08 -25.91 -36.39
N ALA N 153 35.98 -25.54 -35.74
CA ALA N 153 35.81 -24.19 -35.24
C ALA N 153 35.79 -24.26 -33.73
N LEU N 154 36.65 -23.46 -33.11
CA LEU N 154 36.84 -23.52 -31.68
C LEU N 154 35.66 -22.89 -30.98
N GLN N 155 35.11 -23.62 -30.02
CA GLN N 155 33.94 -23.19 -29.31
C GLN N 155 34.36 -22.42 -28.07
N SER N 156 33.54 -21.45 -27.68
CA SER N 156 33.85 -20.66 -26.49
C SER N 156 32.55 -20.28 -25.81
N GLY N 157 32.47 -20.52 -24.51
CA GLY N 157 31.35 -20.04 -23.73
C GLY N 157 30.11 -20.90 -23.80
N ASN N 158 30.19 -22.09 -24.40
CA ASN N 158 29.05 -23.00 -24.50
C ASN N 158 29.43 -24.37 -23.97
N SER N 159 30.40 -24.44 -23.05
CA SER N 159 30.82 -25.70 -22.46
C SER N 159 31.04 -25.49 -20.97
N GLN N 160 30.86 -26.56 -20.21
CA GLN N 160 31.05 -26.57 -18.76
C GLN N 160 31.78 -27.82 -18.31
N GLU N 161 32.78 -27.66 -17.45
CA GLU N 161 33.53 -28.79 -16.93
C GLU N 161 33.04 -29.15 -15.53
N SER N 162 33.29 -30.40 -15.15
CA SER N 162 32.97 -30.92 -13.83
C SER N 162 33.98 -32.00 -13.51
N VAL N 163 34.52 -31.96 -12.30
CA VAL N 163 35.58 -32.85 -11.88
C VAL N 163 35.13 -33.55 -10.61
N THR N 164 35.71 -34.70 -10.34
CA THR N 164 35.48 -35.44 -9.12
C THR N 164 36.64 -35.20 -8.17
N GLU N 165 36.41 -35.52 -6.89
CA GLU N 165 37.51 -35.49 -5.95
C GLU N 165 38.32 -36.77 -6.15
N GLN N 166 39.51 -36.84 -5.55
CA GLN N 166 40.39 -37.99 -5.76
C GLN N 166 39.69 -39.28 -5.36
N ASP N 167 39.87 -40.30 -6.18
CA ASP N 167 39.21 -41.58 -5.98
C ASP N 167 39.86 -42.37 -4.85
N SER N 168 39.03 -43.11 -4.11
CA SER N 168 39.54 -43.85 -2.95
C SER N 168 40.55 -44.92 -3.36
N LYS N 169 40.22 -45.69 -4.41
CA LYS N 169 41.04 -46.84 -4.74
C LYS N 169 42.34 -46.45 -5.44
N ASP N 170 42.30 -45.46 -6.34
CA ASP N 170 43.43 -45.13 -7.20
C ASP N 170 43.89 -43.67 -7.11
N SER N 171 43.20 -42.81 -6.35
CA SER N 171 43.63 -41.43 -6.13
C SER N 171 43.69 -40.62 -7.43
N THR N 172 42.81 -40.91 -8.37
CA THR N 172 42.76 -40.24 -9.65
C THR N 172 41.55 -39.31 -9.72
N TYR N 173 41.61 -38.42 -10.70
CA TYR N 173 40.51 -37.51 -10.99
C TYR N 173 39.77 -38.03 -12.20
N SER N 174 38.54 -37.58 -12.35
CA SER N 174 37.78 -37.80 -13.57
C SER N 174 37.08 -36.50 -13.87
N LEU N 175 37.02 -36.14 -15.15
CA LEU N 175 36.48 -34.86 -15.55
C LEU N 175 35.54 -35.09 -16.72
N SER N 176 34.51 -34.26 -16.81
CA SER N 176 33.58 -34.27 -17.92
C SER N 176 33.45 -32.86 -18.45
N SER N 177 33.37 -32.73 -19.76
CA SER N 177 33.11 -31.46 -20.42
C SER N 177 31.89 -31.65 -21.29
N THR N 178 30.93 -30.75 -21.16
CA THR N 178 29.64 -30.87 -21.81
C THR N 178 29.43 -29.66 -22.70
N LEU N 179 29.34 -29.90 -24.00
CA LEU N 179 29.04 -28.86 -24.99
C LEU N 179 27.55 -28.87 -25.24
N THR N 180 26.90 -27.74 -24.94
CA THR N 180 25.46 -27.60 -25.07
C THR N 180 25.17 -26.71 -26.27
N LEU N 181 24.29 -27.18 -27.16
CA LEU N 181 23.90 -26.43 -28.35
C LEU N 181 22.41 -26.59 -28.55
N SER N 182 21.84 -25.77 -29.42
CA SER N 182 20.47 -26.01 -29.83
C SER N 182 20.41 -27.08 -30.90
N LYS N 183 19.25 -27.74 -31.00
CA LYS N 183 19.04 -28.70 -32.07
C LYS N 183 19.29 -28.08 -33.44
N ALA N 184 18.76 -26.88 -33.66
CA ALA N 184 18.95 -26.16 -34.92
C ALA N 184 20.43 -25.98 -35.23
N ASP N 185 21.16 -25.37 -34.30
CA ASP N 185 22.59 -25.11 -34.49
C ASP N 185 23.36 -26.42 -34.63
N TYR N 186 22.95 -27.45 -33.89
CA TYR N 186 23.67 -28.73 -33.88
C TYR N 186 23.65 -29.36 -35.26
N GLU N 187 22.54 -29.24 -35.96
CA GLU N 187 22.35 -29.89 -37.25
C GLU N 187 22.94 -29.12 -38.42
N LYS N 188 23.57 -27.97 -38.19
CA LYS N 188 24.22 -27.22 -39.25
C LYS N 188 25.67 -27.61 -39.41
N HIS N 189 26.14 -28.63 -38.68
CA HIS N 189 27.51 -29.12 -38.76
C HIS N 189 27.53 -30.63 -38.70
N LYS N 190 28.66 -31.18 -39.11
CA LYS N 190 28.90 -32.62 -39.20
C LYS N 190 29.86 -33.13 -38.15
N VAL N 191 31.03 -32.53 -38.03
CA VAL N 191 32.13 -33.06 -37.22
C VAL N 191 32.14 -32.36 -35.86
N TYR N 192 32.14 -33.15 -34.81
CA TYR N 192 32.22 -32.70 -33.43
C TYR N 192 33.41 -33.43 -32.82
N ALA N 193 34.31 -32.69 -32.16
CA ALA N 193 35.49 -33.31 -31.58
C ALA N 193 35.93 -32.54 -30.33
N CYS N 194 36.62 -33.25 -29.43
CA CYS N 194 37.26 -32.63 -28.26
C CYS N 194 38.74 -32.98 -28.21
N GLU N 195 39.60 -31.97 -28.18
CA GLU N 195 41.04 -32.17 -28.04
C GLU N 195 41.41 -32.09 -26.56
N VAL N 196 42.06 -33.13 -26.03
CA VAL N 196 42.43 -33.26 -24.62
C VAL N 196 43.93 -33.16 -24.46
N THR N 197 44.39 -32.25 -23.59
CA THR N 197 45.80 -32.06 -23.27
C THR N 197 46.03 -32.43 -21.81
N HIS N 198 47.03 -33.28 -21.56
CA HIS N 198 47.35 -33.79 -20.24
C HIS N 198 48.78 -34.33 -20.31
N GLN N 199 49.58 -34.11 -19.26
CA GLN N 199 51.00 -34.46 -19.29
C GLN N 199 51.24 -35.97 -19.49
N GLY N 200 50.32 -36.82 -19.04
CA GLY N 200 50.39 -38.27 -19.26
C GLY N 200 50.26 -38.71 -20.71
N LEU N 201 49.90 -37.80 -21.61
CA LEU N 201 49.78 -38.09 -23.03
C LEU N 201 50.98 -37.55 -23.79
N SER N 202 51.63 -38.43 -24.57
CA SER N 202 52.76 -38.00 -25.37
C SER N 202 52.37 -36.87 -26.31
N SER N 203 51.16 -36.92 -26.85
CA SER N 203 50.61 -35.90 -27.73
C SER N 203 49.16 -35.69 -27.35
N PRO N 204 48.59 -34.50 -27.61
CA PRO N 204 47.16 -34.29 -27.37
C PRO N 204 46.32 -35.34 -28.08
N VAL N 205 45.16 -35.63 -27.50
CA VAL N 205 44.26 -36.67 -27.98
C VAL N 205 42.96 -36.03 -28.42
N THR N 206 42.45 -36.47 -29.58
CA THR N 206 41.24 -35.94 -30.19
C THR N 206 40.31 -37.11 -30.42
N LYS N 207 39.05 -36.98 -29.99
CA LYS N 207 37.99 -37.95 -30.22
C LYS N 207 36.86 -37.25 -30.95
N SER N 208 36.48 -37.76 -32.12
CA SER N 208 35.54 -37.09 -33.00
C SER N 208 34.40 -38.04 -33.36
N PHE N 209 33.30 -37.46 -33.79
CA PHE N 209 32.20 -38.21 -34.37
C PHE N 209 31.57 -37.36 -35.46
N ASN N 210 30.88 -38.03 -36.38
CA ASN N 210 30.17 -37.39 -37.47
C ASN N 210 28.70 -37.62 -37.17
N ARG N 211 27.92 -36.53 -37.20
CA ARG N 211 26.52 -36.52 -36.80
C ARG N 211 25.63 -37.60 -37.43
N GLY N 212 26.09 -38.29 -38.46
CA GLY N 212 25.43 -39.51 -38.91
C GLY N 212 25.85 -40.74 -38.13
N ARG O 12 62.73 -11.95 29.56
CA ARG O 12 62.45 -10.83 28.67
C ARG O 12 61.11 -10.20 29.07
N CYS O 13 60.05 -11.01 29.13
CA CYS O 13 58.75 -10.49 29.55
C CYS O 13 58.68 -10.25 31.06
N GLN O 14 59.36 -11.07 31.86
CA GLN O 14 59.33 -10.87 33.31
C GLN O 14 59.99 -9.55 33.70
N SER O 15 60.98 -9.09 32.93
CA SER O 15 61.59 -7.80 33.22
C SER O 15 60.59 -6.67 33.06
N GLN O 16 59.90 -6.66 31.92
CA GLN O 16 58.91 -5.63 31.64
C GLN O 16 57.85 -5.59 32.74
N LEU O 17 57.48 -6.75 33.27
CA LEU O 17 56.48 -6.78 34.32
C LEU O 17 57.02 -6.24 35.65
N GLU O 18 58.26 -6.59 36.00
CA GLU O 18 58.89 -6.05 37.20
C GLU O 18 58.99 -4.53 37.15
N ARG O 19 59.12 -3.96 35.96
CA ARG O 19 59.27 -2.51 35.81
C ARG O 19 57.93 -1.81 35.71
N ALA O 20 56.82 -2.55 35.61
CA ALA O 20 55.53 -1.95 35.33
C ALA O 20 54.82 -1.58 36.63
N ASN O 21 54.09 -0.47 36.56
CA ASN O 21 53.22 0.02 37.62
C ASN O 21 51.79 -0.10 37.15
N LEU O 22 51.16 -1.25 37.38
CA LEU O 22 49.79 -1.47 36.96
C LEU O 22 48.76 -1.08 38.01
N ARG O 23 49.19 -0.44 39.10
CA ARG O 23 48.24 0.09 40.06
C ARG O 23 47.24 1.08 39.46
N PRO O 24 47.63 2.04 38.59
CA PRO O 24 46.60 2.91 37.99
C PRO O 24 45.57 2.16 37.19
N CYS O 25 45.92 1.01 36.61
CA CYS O 25 44.91 0.20 35.95
C CYS O 25 43.90 -0.37 36.94
N GLU O 26 44.38 -0.89 38.07
CA GLU O 26 43.48 -1.35 39.14
C GLU O 26 42.57 -0.23 39.64
N GLN O 27 43.13 0.96 39.83
CA GLN O 27 42.32 2.07 40.34
C GLN O 27 41.32 2.54 39.30
N HIS O 28 41.75 2.67 38.04
CA HIS O 28 40.84 3.08 36.98
C HIS O 28 39.68 2.11 36.85
N LEU O 29 39.97 0.82 36.89
CA LEU O 29 38.94 -0.21 36.72
C LEU O 29 37.97 -0.26 37.89
N MET O 30 38.45 -0.10 39.12
CA MET O 30 37.54 -0.14 40.27
C MET O 30 36.68 1.12 40.34
N GLN O 31 37.21 2.28 39.95
CA GLN O 31 36.36 3.46 39.93
C GLN O 31 35.28 3.35 38.86
N LYS O 32 35.60 2.64 37.77
CA LYS O 32 34.64 2.34 36.72
C LYS O 32 33.52 1.41 37.16
N ILE O 33 33.76 0.50 38.12
CA ILE O 33 32.65 -0.35 38.51
C ILE O 33 31.70 0.28 39.52
N GLN O 34 32.19 1.14 40.39
CA GLN O 34 31.31 1.82 41.33
C GLN O 34 30.30 2.70 40.61
N ARG O 35 30.79 3.45 39.61
CA ARG O 35 30.00 4.42 38.85
C ARG O 35 28.78 3.79 38.18
N SER O 65 40.09 9.94 32.44
CA SER O 65 40.34 9.98 33.88
C SER O 65 41.83 10.16 34.17
N GLN O 66 42.12 10.51 35.43
CA GLN O 66 43.51 10.72 35.84
C GLN O 66 44.30 9.43 35.65
N HIS O 67 43.68 8.30 36.01
CA HIS O 67 44.35 7.00 36.00
C HIS O 67 44.22 6.27 34.67
N GLN O 68 43.22 6.58 33.83
CA GLN O 68 43.11 5.83 32.58
C GLN O 68 44.29 6.16 31.68
N GLU O 69 44.67 7.44 31.60
CA GLU O 69 45.82 7.83 30.80
C GLU O 69 47.07 7.08 31.26
N ARG O 70 47.35 7.11 32.57
CA ARG O 70 48.55 6.48 33.08
C ARG O 70 48.51 4.95 32.95
N CYS O 71 47.32 4.35 33.05
CA CYS O 71 47.20 2.90 32.84
C CYS O 71 47.57 2.52 31.42
N CYS O 72 47.11 3.30 30.45
CA CYS O 72 47.36 2.98 29.05
C CYS O 72 48.84 3.12 28.72
N ASN O 73 49.51 4.15 29.27
CA ASN O 73 50.95 4.25 29.11
C ASN O 73 51.64 2.97 29.56
N GLU O 74 51.16 2.37 30.65
CA GLU O 74 51.79 1.15 31.14
C GLU O 74 51.51 -0.02 30.20
N LEU O 75 50.25 -0.15 29.77
CA LEU O 75 49.90 -1.21 28.83
C LEU O 75 50.60 -1.08 27.49
N ASN O 76 50.95 0.15 27.08
CA ASN O 76 51.60 0.32 25.77
C ASN O 76 52.91 -0.46 25.70
N GLU O 77 53.57 -0.65 26.83
CA GLU O 77 54.82 -1.39 26.90
C GLU O 77 54.65 -2.85 26.53
N PHE O 78 53.42 -3.35 26.47
CA PHE O 78 53.09 -4.73 26.11
C PHE O 78 52.38 -4.85 24.77
N GLU O 79 52.29 -3.77 23.98
CA GLU O 79 51.52 -3.83 22.74
C GLU O 79 52.03 -4.89 21.79
N ASN O 80 51.07 -5.62 21.20
CA ASN O 80 51.35 -6.64 20.20
C ASN O 80 52.23 -7.76 20.75
N ASN O 81 52.32 -7.90 22.07
CA ASN O 81 52.99 -9.01 22.72
C ASN O 81 51.90 -9.75 23.49
N GLN O 82 51.39 -10.81 22.88
CA GLN O 82 50.17 -11.44 23.36
C GLN O 82 50.41 -12.15 24.68
N ARG O 83 51.49 -12.95 24.74
CA ARG O 83 51.80 -13.67 25.97
C ARG O 83 52.04 -12.71 27.12
N CYS O 84 52.75 -11.61 26.86
CA CYS O 84 53.12 -10.70 27.93
C CYS O 84 51.97 -9.77 28.30
N MET O 85 51.19 -9.32 27.31
CA MET O 85 49.97 -8.58 27.60
C MET O 85 49.01 -9.38 28.46
N CYS O 86 48.89 -10.68 28.19
CA CYS O 86 48.03 -11.54 28.99
C CYS O 86 48.48 -11.59 30.43
N GLU O 87 49.79 -11.76 30.65
CA GLU O 87 50.29 -11.88 32.01
C GLU O 87 50.05 -10.59 32.79
N ALA O 88 50.15 -9.43 32.13
CA ALA O 88 49.84 -8.17 32.79
C ALA O 88 48.38 -8.11 33.25
N LEU O 89 47.44 -8.41 32.37
CA LEU O 89 46.02 -8.43 32.74
C LEU O 89 45.76 -9.41 33.88
N GLN O 90 46.44 -10.55 33.88
CA GLN O 90 46.24 -11.54 34.93
C GLN O 90 46.70 -11.01 36.28
N GLN O 91 47.78 -10.22 36.31
CA GLN O 91 48.24 -9.69 37.59
C GLN O 91 47.27 -8.66 38.14
N ILE O 92 46.57 -7.95 37.25
CA ILE O 92 45.51 -7.06 37.69
C ILE O 92 44.36 -7.86 38.29
N MET O 93 43.98 -8.96 37.64
CA MET O 93 42.96 -9.83 38.21
C MET O 93 43.39 -10.42 39.55
N GLU O 94 44.62 -10.92 39.63
CA GLU O 94 45.09 -11.52 40.87
C GLU O 94 45.02 -10.55 42.04
N ASN O 95 45.52 -9.33 41.84
CA ASN O 95 45.54 -8.39 42.95
C ASN O 95 44.15 -7.92 43.36
N GLN O 96 43.19 -7.93 42.45
CA GLN O 96 41.89 -7.36 42.75
C GLN O 96 40.84 -8.43 43.07
N SER O 97 41.21 -9.71 43.00
CA SER O 97 40.24 -10.80 43.13
C SER O 97 39.55 -10.81 44.48
N ASP O 98 40.28 -10.54 45.57
CA ASP O 98 39.68 -10.62 46.89
C ASP O 98 38.69 -9.47 47.11
N ARG O 99 38.80 -8.37 46.36
CA ARG O 99 38.01 -7.19 46.66
C ARG O 99 36.68 -7.17 45.92
N LEU O 100 36.46 -8.13 45.02
CA LEU O 100 35.22 -8.27 44.25
C LEU O 100 34.27 -9.30 44.87
N GLN O 101 33.61 -8.95 45.97
CA GLN O 101 32.99 -10.02 46.75
C GLN O 101 31.54 -10.36 46.36
N GLY O 102 31.30 -10.58 45.07
CA GLY O 102 29.98 -10.98 44.60
C GLY O 102 29.97 -11.19 43.09
N ARG O 103 28.88 -11.83 42.64
CA ARG O 103 28.72 -12.18 41.23
C ARG O 103 28.70 -11.00 40.27
N GLN O 104 27.86 -10.01 40.55
CA GLN O 104 27.72 -8.89 39.62
C GLN O 104 28.98 -8.06 39.47
N GLN O 105 29.62 -7.72 40.58
CA GLN O 105 30.89 -6.99 40.54
C GLN O 105 32.03 -7.79 39.93
N GLU O 106 32.08 -9.11 40.16
CA GLU O 106 33.13 -9.89 39.53
C GLU O 106 32.98 -9.93 38.02
N GLN O 107 31.76 -10.13 37.52
CA GLN O 107 31.58 -10.22 36.08
C GLN O 107 31.76 -8.87 35.41
N GLN O 108 31.26 -7.79 36.02
CA GLN O 108 31.46 -6.46 35.47
C GLN O 108 32.95 -6.10 35.43
N PHE O 109 33.70 -6.48 36.47
CA PHE O 109 35.12 -6.17 36.49
C PHE O 109 35.87 -6.95 35.43
N LYS O 110 35.57 -8.24 35.29
CA LYS O 110 36.21 -9.02 34.24
C LYS O 110 35.96 -8.41 32.87
N ARG O 111 34.71 -8.04 32.58
CA ARG O 111 34.35 -7.45 31.30
C ARG O 111 35.15 -6.18 31.04
N GLU O 112 35.20 -5.27 32.02
CA GLU O 112 35.91 -4.02 31.84
C GLU O 112 37.40 -4.27 31.63
N LEU O 113 37.94 -5.32 32.25
CA LEU O 113 39.36 -5.62 32.09
C LEU O 113 39.64 -6.15 30.70
N ARG O 114 38.72 -6.96 30.16
CA ARG O 114 38.91 -7.49 28.80
C ARG O 114 38.84 -6.38 27.77
N ASN O 115 38.10 -5.31 28.06
CA ASN O 115 37.97 -4.18 27.17
C ASN O 115 39.03 -3.14 27.41
N LEU O 116 39.93 -3.35 28.38
CA LEU O 116 40.89 -2.31 28.72
C LEU O 116 41.92 -2.15 27.61
N PRO O 117 42.52 -3.21 27.06
CA PRO O 117 43.42 -2.99 25.91
C PRO O 117 42.70 -2.25 24.78
N GLN O 118 41.50 -2.71 24.42
CA GLN O 118 40.75 -2.06 23.36
C GLN O 118 40.48 -0.61 23.70
N GLN O 119 40.10 -0.33 24.95
CA GLN O 119 39.80 1.04 25.36
C GLN O 119 41.04 1.91 25.42
N CYS O 120 42.22 1.30 25.44
CA CYS O 120 43.50 2.00 25.36
C CYS O 120 44.03 2.08 23.94
N GLY O 121 43.26 1.63 22.95
CA GLY O 121 43.73 1.57 21.59
C GLY O 121 44.67 0.43 21.27
N LEU O 122 44.64 -0.65 22.05
CA LEU O 122 45.53 -1.79 21.88
C LEU O 122 44.72 -3.03 21.57
N ARG O 123 45.43 -4.06 21.10
CA ARG O 123 44.84 -5.36 20.87
C ARG O 123 44.97 -6.16 22.14
N ALA O 124 43.88 -6.78 22.55
CA ALA O 124 43.97 -7.73 23.62
C ALA O 124 44.54 -9.04 23.10
N PRO O 125 45.05 -9.89 23.97
CA PRO O 125 45.42 -11.23 23.54
C PRO O 125 44.18 -12.00 23.15
N GLN O 126 44.35 -12.89 22.19
CA GLN O 126 43.25 -13.70 21.70
C GLN O 126 42.70 -14.58 22.80
N ARG O 127 43.59 -15.09 23.66
CA ARG O 127 43.23 -15.95 24.78
C ARG O 127 43.99 -15.54 26.02
N CYS O 128 43.28 -15.42 27.13
CA CYS O 128 43.95 -15.07 28.39
C CYS O 128 42.98 -15.51 29.47
N ASP O 129 43.37 -16.55 30.20
CA ASP O 129 42.59 -17.09 31.30
C ASP O 129 42.66 -16.15 32.50
N LEU O 130 41.51 -15.71 32.99
CA LEU O 130 41.45 -14.81 34.14
C LEU O 130 40.95 -15.48 35.41
N ASP O 131 40.89 -16.81 35.45
CA ASP O 131 40.43 -17.51 36.64
C ASP O 131 41.63 -17.73 37.54
N VAL O 132 41.35 -18.04 38.81
CA VAL O 132 42.37 -18.11 39.85
C VAL O 132 42.33 -19.48 40.52
N GLN P 1 -39.74 46.08 18.23
CA GLN P 1 -38.56 46.79 18.80
C GLN P 1 -37.30 45.92 18.76
N VAL P 2 -36.29 46.32 19.52
CA VAL P 2 -35.05 45.56 19.66
C VAL P 2 -35.02 44.98 21.05
N GLN P 3 -34.83 43.67 21.13
CA GLN P 3 -34.82 42.95 22.40
C GLN P 3 -33.51 42.18 22.52
N LEU P 4 -32.80 42.43 23.61
CA LEU P 4 -31.68 41.61 24.03
C LEU P 4 -32.09 41.01 25.35
N VAL P 5 -31.82 39.72 25.53
CA VAL P 5 -32.24 39.03 26.75
C VAL P 5 -31.02 38.25 27.21
N GLU P 6 -30.44 38.68 28.31
CA GLU P 6 -29.29 38.01 28.89
C GLU P 6 -29.75 36.86 29.75
N SER P 7 -28.87 35.89 29.92
CA SER P 7 -29.14 34.78 30.82
C SER P 7 -27.81 34.29 31.32
N GLY P 8 -27.85 33.40 32.29
CA GLY P 8 -26.64 32.86 32.88
C GLY P 8 -26.43 33.76 34.06
N GLY P 9 -25.32 33.63 34.74
CA GLY P 9 -25.11 34.57 35.82
C GLY P 9 -25.81 34.24 37.12
N LEU P 10 -25.16 33.38 37.87
CA LEU P 10 -25.57 32.93 39.18
C LEU P 10 -24.45 33.26 40.18
N VAL P 11 -24.53 32.69 41.36
CA VAL P 11 -23.48 32.86 42.36
C VAL P 11 -22.47 31.77 42.04
N VAL P 12 -21.19 32.13 42.04
CA VAL P 12 -20.11 31.19 41.76
C VAL P 12 -18.92 31.46 42.69
N GLN P 13 -18.29 30.39 43.15
CA GLN P 13 -17.19 30.55 44.08
C GLN P 13 -15.96 31.14 43.37
N PRO P 14 -15.09 31.84 44.12
CA PRO P 14 -13.85 32.35 43.51
C PRO P 14 -13.08 31.22 42.85
N GLY P 15 -12.51 31.52 41.68
CA GLY P 15 -11.75 30.55 40.93
C GLY P 15 -12.57 29.68 40.00
N GLY P 16 -13.90 29.71 40.08
CA GLY P 16 -14.73 28.86 39.26
C GLY P 16 -15.08 29.56 37.96
N SER P 17 -15.95 28.92 37.17
CA SER P 17 -16.27 29.35 35.82
C SER P 17 -17.76 29.59 35.66
N LEU P 18 -18.12 30.36 34.64
CA LEU P 18 -19.53 30.64 34.36
C LEU P 18 -19.70 31.06 32.90
N ARG P 19 -20.85 30.70 32.33
CA ARG P 19 -21.20 31.07 30.96
C ARG P 19 -22.49 31.88 30.89
N LEU P 20 -22.39 33.07 30.33
CA LEU P 20 -23.55 33.90 30.04
C LEU P 20 -24.01 33.69 28.60
N SER P 21 -25.32 33.79 28.40
CA SER P 21 -25.92 33.74 27.08
C SER P 21 -26.73 35.01 26.89
N CYS P 22 -26.89 35.43 25.63
CA CYS P 22 -27.71 36.58 25.29
C CYS P 22 -28.45 36.29 23.99
N GLU P 23 -29.78 36.23 24.06
CA GLU P 23 -30.62 35.86 22.91
C GLU P 23 -31.09 37.16 22.25
N ALA P 24 -30.81 37.31 20.96
CA ALA P 24 -31.18 38.51 20.22
C ALA P 24 -32.50 38.36 19.49
N SER P 25 -33.25 39.46 19.41
CA SER P 25 -34.59 39.53 18.83
C SER P 25 -34.78 40.85 18.08
N GLY P 26 -35.44 40.77 16.93
CA GLY P 26 -35.91 41.96 16.23
C GLY P 26 -34.93 42.73 15.38
N PHE P 27 -33.73 42.23 15.12
CA PHE P 27 -32.82 42.89 14.21
C PHE P 27 -31.99 41.80 13.55
N THR P 28 -31.23 42.17 12.52
CA THR P 28 -30.45 41.20 11.78
C THR P 28 -29.19 40.97 12.56
N PHE P 29 -29.28 40.00 13.47
CA PHE P 29 -28.19 39.70 14.39
C PHE P 29 -26.94 39.36 13.61
N ASP P 30 -27.13 38.72 12.45
CA ASP P 30 -26.01 38.29 11.64
C ASP P 30 -25.24 39.44 11.01
N ASP P 31 -25.73 40.68 11.11
CA ASP P 31 -25.04 41.84 10.57
C ASP P 31 -24.30 42.71 11.57
N TYR P 32 -24.43 42.47 12.86
CA TYR P 32 -23.94 43.40 13.86
C TYR P 32 -22.84 42.79 14.72
N THR P 33 -21.82 43.59 14.98
CA THR P 33 -20.90 43.34 16.07
C THR P 33 -21.66 43.46 17.39
N MET P 34 -21.22 42.67 18.37
CA MET P 34 -21.89 42.60 19.66
C MET P 34 -20.81 42.74 20.72
N HIS P 35 -21.20 43.30 21.85
CA HIS P 35 -20.25 43.59 22.91
C HIS P 35 -20.83 43.10 24.22
N TRP P 36 -19.95 42.78 25.17
CA TRP P 36 -20.34 42.65 26.57
C TRP P 36 -19.76 43.84 27.32
N VAL P 37 -20.58 44.47 28.16
CA VAL P 37 -20.18 45.58 28.99
C VAL P 37 -20.70 45.24 30.37
N ARG P 38 -19.93 45.55 31.41
CA ARG P 38 -20.31 45.24 32.78
C ARG P 38 -20.18 46.46 33.67
N GLN P 39 -20.82 46.39 34.85
CA GLN P 39 -20.79 47.53 35.77
C GLN P 39 -20.73 47.01 37.20
N SER P 40 -19.53 47.06 37.79
CA SER P 40 -19.41 46.70 39.19
C SER P 40 -19.89 47.85 40.05
N PRO P 41 -20.28 47.60 41.31
CA PRO P 41 -20.81 48.70 42.13
C PRO P 41 -19.79 49.82 42.29
N GLN P 42 -18.50 49.44 42.29
CA GLN P 42 -17.35 50.34 42.39
C GLN P 42 -16.40 50.32 41.20
N LYS P 43 -16.73 49.69 40.09
CA LYS P 43 -15.84 49.65 38.93
C LYS P 43 -16.41 50.41 37.74
N GLY P 44 -17.55 51.14 37.91
CA GLY P 44 -18.14 51.88 36.79
C GLY P 44 -18.40 50.96 35.62
N LEU P 45 -18.84 51.56 34.51
CA LEU P 45 -19.04 50.72 33.35
C LEU P 45 -17.66 50.38 32.80
N GLU P 46 -17.48 49.12 32.43
CA GLU P 46 -16.22 48.64 31.88
C GLU P 46 -16.53 47.77 30.67
N TRP P 47 -16.00 48.14 29.50
CA TRP P 47 -16.15 47.28 28.34
C TRP P 47 -15.38 45.99 28.59
N VAL P 48 -15.96 44.88 28.17
CA VAL P 48 -15.42 43.56 28.45
C VAL P 48 -14.91 42.86 27.21
N SER P 49 -15.73 42.76 26.17
CA SER P 49 -15.35 41.97 25.02
C SER P 49 -16.18 42.37 23.82
N LEU P 50 -15.67 41.99 22.65
CA LEU P 50 -16.27 42.27 21.35
C LEU P 50 -16.14 41.05 20.47
N ILE P 51 -17.09 40.88 19.55
CA ILE P 51 -17.02 39.88 18.49
C ILE P 51 -17.61 40.50 17.25
N ARG P 52 -16.93 40.32 16.11
CA ARG P 52 -17.44 40.90 14.88
C ARG P 52 -18.67 40.16 14.38
N TRP P 53 -19.36 40.82 13.45
CA TRP P 53 -20.58 40.25 12.90
C TRP P 53 -20.40 38.83 12.37
N ASP P 54 -19.25 38.50 11.80
CA ASP P 54 -19.06 37.16 11.27
C ASP P 54 -18.20 36.27 12.16
N GLY P 55 -17.86 36.71 13.37
CA GLY P 55 -17.09 35.85 14.22
C GLY P 55 -15.60 35.85 13.92
N SER P 56 -15.15 36.58 12.89
CA SER P 56 -13.76 36.67 12.46
C SER P 56 -12.90 37.68 13.21
N ARG P 57 -13.37 38.26 14.31
CA ARG P 57 -12.48 39.08 15.12
C ARG P 57 -13.13 39.19 16.48
N THR P 58 -12.34 38.88 17.50
CA THR P 58 -12.64 39.03 18.91
C THR P 58 -11.65 39.95 19.58
N GLU P 59 -12.15 40.73 20.53
CA GLU P 59 -11.26 41.57 21.30
C GLU P 59 -11.83 41.61 22.69
N TYR P 60 -10.94 41.93 23.60
CA TYR P 60 -11.18 41.75 25.02
C TYR P 60 -10.53 42.91 25.74
N ALA P 61 -11.09 43.24 26.91
CA ALA P 61 -10.42 44.13 27.83
C ALA P 61 -9.24 43.43 28.51
N ASP P 62 -8.21 44.21 28.85
CA ASP P 62 -6.96 43.63 29.36
C ASP P 62 -7.25 42.79 30.59
N SER P 63 -8.13 43.27 31.45
CA SER P 63 -8.42 42.64 32.72
C SER P 63 -9.12 41.29 32.61
N VAL P 64 -9.66 40.95 31.44
CA VAL P 64 -10.29 39.64 31.23
C VAL P 64 -9.52 38.78 30.23
N LYS P 65 -8.49 39.32 29.57
CA LYS P 65 -7.76 38.58 28.56
C LYS P 65 -7.12 37.34 29.13
N GLY P 66 -7.21 36.23 28.40
CA GLY P 66 -6.75 34.93 28.84
C GLY P 66 -7.71 34.17 29.73
N ARG P 67 -8.70 34.84 30.32
CA ARG P 67 -9.73 34.21 31.15
C ARG P 67 -11.10 34.13 30.49
N PHE P 68 -11.47 35.14 29.71
CA PHE P 68 -12.79 35.20 29.07
C PHE P 68 -12.68 34.83 27.60
N THR P 69 -13.72 34.16 27.10
CA THR P 69 -13.85 33.85 25.69
C THR P 69 -15.25 34.28 25.27
N ILE P 70 -15.31 35.16 24.28
CA ILE P 70 -16.58 35.58 23.68
C ILE P 70 -16.81 34.74 22.44
N SER P 71 -18.07 34.43 22.16
CA SER P 71 -18.41 33.66 20.98
C SER P 71 -19.87 33.95 20.64
N ARG P 72 -20.26 33.55 19.43
CA ARG P 72 -21.64 33.72 18.99
C ARG P 72 -21.99 32.55 18.09
N ASP P 73 -23.28 32.28 17.96
CA ASP P 73 -23.78 31.26 17.04
C ASP P 73 -24.90 32.01 16.32
N ASN P 74 -24.61 32.49 15.10
CA ASN P 74 -25.54 33.35 14.39
C ASN P 74 -26.81 32.61 14.00
N SER P 75 -26.72 31.29 13.84
CA SER P 75 -27.90 30.50 13.53
C SER P 75 -28.89 30.48 14.68
N LYS P 76 -28.42 30.73 15.90
CA LYS P 76 -29.26 30.79 17.08
C LYS P 76 -29.51 32.20 17.60
N ASN P 77 -29.01 33.24 16.93
CA ASN P 77 -29.20 34.64 17.35
C ASN P 77 -28.71 34.82 18.79
N SER P 78 -27.57 34.20 19.10
CA SER P 78 -27.09 34.12 20.47
C SER P 78 -25.64 34.56 20.58
N LEU P 79 -25.38 35.36 21.61
CA LEU P 79 -24.05 35.79 22.03
C LEU P 79 -23.68 35.06 23.32
N TYR P 80 -22.42 34.65 23.46
CA TYR P 80 -22.00 33.93 24.66
C TYR P 80 -20.80 34.62 25.28
N LEU P 81 -20.63 34.46 26.59
CA LEU P 81 -19.39 34.84 27.27
C LEU P 81 -19.01 33.73 28.23
N GLN P 82 -17.94 33.03 27.93
CA GLN P 82 -17.40 32.00 28.83
C GLN P 82 -16.41 32.70 29.75
N MET P 83 -16.65 32.60 31.05
CA MET P 83 -15.83 33.27 32.06
C MET P 83 -15.17 32.22 32.93
N ASN P 84 -13.84 32.24 32.96
CA ASN P 84 -13.03 31.31 33.73
C ASN P 84 -12.19 32.08 34.75
N THR P 85 -11.77 31.37 35.79
CA THR P 85 -10.88 31.89 36.83
C THR P 85 -11.47 33.18 37.44
N LEU P 86 -12.75 33.10 37.80
CA LEU P 86 -13.46 34.27 38.28
C LEU P 86 -12.91 34.76 39.61
N ARG P 87 -12.98 36.07 39.81
CA ARG P 87 -12.50 36.74 41.01
C ARG P 87 -13.58 37.69 41.49
N ALA P 88 -13.47 38.11 42.75
CA ALA P 88 -14.39 39.07 43.33
C ALA P 88 -14.58 40.32 42.46
N ASP P 89 -13.50 40.77 41.80
CA ASP P 89 -13.57 41.92 40.91
C ASP P 89 -14.51 41.71 39.72
N ASP P 90 -14.83 40.47 39.36
CA ASP P 90 -15.71 40.24 38.23
C ASP P 90 -17.17 40.28 38.63
N SER P 91 -17.46 40.33 39.92
CA SER P 91 -18.83 40.50 40.35
C SER P 91 -19.35 41.81 39.81
N ALA P 92 -20.41 41.75 39.02
CA ALA P 92 -20.93 42.94 38.36
C ALA P 92 -22.24 42.55 37.70
N PHE P 93 -22.95 43.56 37.22
CA PHE P 93 -23.99 43.34 36.23
C PHE P 93 -23.36 43.28 34.84
N TYR P 94 -23.71 42.25 34.08
CA TYR P 94 -23.18 42.05 32.73
C TYR P 94 -24.27 42.38 31.72
N PHE P 95 -23.97 43.31 30.84
CA PHE P 95 -24.87 43.77 29.79
C PHE P 95 -24.45 43.19 28.46
N CYS P 96 -25.45 42.81 27.66
CA CYS P 96 -25.23 42.55 26.25
C CYS P 96 -25.59 43.82 25.47
N VAL P 97 -24.83 44.10 24.43
CA VAL P 97 -24.92 45.40 23.77
C VAL P 97 -24.76 45.23 22.26
N LYS P 98 -25.64 45.88 21.51
CA LYS P 98 -25.64 45.82 20.06
C LYS P 98 -24.83 47.02 19.58
N ASP P 99 -23.93 46.78 18.64
CA ASP P 99 -23.11 47.83 18.07
C ASP P 99 -23.91 48.25 16.86
N GLY P 100 -24.18 49.54 16.72
CA GLY P 100 -25.01 49.96 15.60
C GLY P 100 -24.27 50.33 14.33
N GLY P 101 -23.14 49.67 14.07
CA GLY P 101 -22.32 49.95 12.91
C GLY P 101 -20.96 50.58 13.04
N LEU P 102 -20.94 51.88 13.30
CA LEU P 102 -19.73 52.69 13.44
C LEU P 102 -19.13 52.79 14.85
N ARG P 103 -19.02 51.69 15.57
CA ARG P 103 -18.45 51.62 16.93
C ARG P 103 -19.18 52.39 18.05
N TYR P 104 -20.50 52.60 17.98
CA TYR P 104 -21.27 53.09 19.13
C TYR P 104 -22.19 52.01 19.68
N PHE P 105 -22.55 52.11 20.96
CA PHE P 105 -23.44 51.14 21.60
C PHE P 105 -24.90 51.62 21.55
N ASP P 106 -25.70 51.23 20.54
CA ASP P 106 -27.04 51.83 20.45
C ASP P 106 -28.15 51.03 21.12
N SER P 107 -27.90 49.81 21.57
CA SER P 107 -28.92 49.03 22.24
C SER P 107 -28.30 48.22 23.37
N TRP P 108 -28.99 48.19 24.53
CA TRP P 108 -28.49 47.54 25.73
C TRP P 108 -29.58 46.64 26.32
N GLY P 109 -29.18 45.49 26.86
CA GLY P 109 -30.08 44.64 27.61
C GLY P 109 -30.32 45.12 29.02
N GLN P 110 -31.21 44.42 29.72
CA GLN P 110 -31.50 44.74 31.11
C GLN P 110 -30.43 44.27 32.09
N GLY P 111 -29.53 43.40 31.66
CA GLY P 111 -28.43 42.93 32.47
C GLY P 111 -28.73 41.68 33.28
N THR P 112 -27.65 40.95 33.60
CA THR P 112 -27.70 39.76 34.44
C THR P 112 -26.58 39.85 35.47
N LEU P 113 -26.88 39.46 36.72
CA LEU P 113 -25.95 39.69 37.83
C LEU P 113 -25.06 38.49 38.05
N VAL P 114 -23.76 38.74 38.15
CA VAL P 114 -22.76 37.71 38.47
C VAL P 114 -22.17 38.09 39.81
N THR P 115 -22.25 37.18 40.79
CA THR P 115 -21.74 37.42 42.13
C THR P 115 -20.69 36.37 42.45
N VAL P 116 -19.44 36.79 42.59
CA VAL P 116 -18.34 35.89 42.90
C VAL P 116 -18.15 35.92 44.41
N SER P 117 -18.51 34.83 45.09
CA SER P 117 -18.54 34.84 46.54
C SER P 117 -18.53 33.39 46.99
N SER P 118 -17.89 33.14 48.13
CA SER P 118 -17.94 31.85 48.79
C SER P 118 -19.10 31.74 49.77
N ALA P 119 -19.91 32.78 49.91
CA ALA P 119 -20.99 32.74 50.88
C ALA P 119 -22.08 31.78 50.46
N SER P 120 -22.77 31.24 51.46
CA SER P 120 -23.89 30.34 51.29
C SER P 120 -25.18 31.10 51.55
N THR P 121 -26.25 30.64 50.92
CA THR P 121 -27.58 31.23 51.07
C THR P 121 -27.96 31.31 52.56
N LYS P 122 -28.47 32.47 52.96
CA LYS P 122 -28.80 32.77 54.34
C LYS P 122 -29.94 33.77 54.42
N GLY P 123 -30.92 33.46 55.25
CA GLY P 123 -32.05 34.32 55.50
C GLY P 123 -31.68 35.42 56.46
N PRO P 124 -32.35 36.57 56.40
CA PRO P 124 -31.99 37.69 57.27
C PRO P 124 -32.42 37.48 58.71
N SER P 125 -31.73 38.18 59.60
CA SER P 125 -32.23 38.42 60.94
C SER P 125 -32.81 39.82 60.97
N VAL P 126 -33.99 39.96 61.57
CA VAL P 126 -34.73 41.23 61.60
C VAL P 126 -34.72 41.75 63.03
N PHE P 127 -34.11 42.92 63.24
CA PHE P 127 -34.00 43.57 64.52
C PHE P 127 -34.75 44.90 64.50
N PRO P 128 -35.32 45.35 65.62
CA PRO P 128 -36.05 46.62 65.58
C PRO P 128 -35.13 47.83 65.68
N LEU P 129 -35.52 48.90 65.00
CA LEU P 129 -34.96 50.25 65.17
C LEU P 129 -35.99 51.04 65.97
N ALA P 130 -35.92 50.95 67.29
CA ALA P 130 -37.01 51.41 68.12
C ALA P 130 -37.11 52.93 68.10
N PRO P 131 -38.32 53.51 68.16
CA PRO P 131 -38.42 54.98 68.26
C PRO P 131 -37.74 55.50 69.51
N SER P 132 -36.97 56.58 69.35
CA SER P 132 -36.19 57.19 70.43
C SER P 132 -37.00 57.47 71.70
N GLY P 139 -44.74 65.94 68.15
CA GLY P 139 -43.71 65.96 67.12
C GLY P 139 -43.71 64.69 66.29
N THR P 140 -42.59 64.42 65.62
CA THR P 140 -42.47 63.31 64.68
C THR P 140 -41.46 62.33 65.23
N ALA P 141 -41.81 61.05 65.13
CA ALA P 141 -40.93 59.94 65.52
C ALA P 141 -40.52 59.15 64.28
N ALA P 142 -39.34 58.53 64.36
CA ALA P 142 -38.83 57.63 63.34
C ALA P 142 -38.67 56.24 63.94
N LEU P 143 -39.03 55.22 63.15
CA LEU P 143 -38.82 53.83 63.51
C LEU P 143 -38.48 53.03 62.27
N GLY P 144 -38.09 51.77 62.45
CA GLY P 144 -37.70 50.97 61.31
C GLY P 144 -37.33 49.56 61.71
N CYS P 145 -36.80 48.83 60.73
CA CYS P 145 -36.28 47.48 60.90
C CYS P 145 -34.91 47.41 60.26
N LEU P 146 -33.98 46.74 60.94
CA LEU P 146 -32.66 46.44 60.40
C LEU P 146 -32.66 45.00 59.94
N VAL P 147 -32.41 44.78 58.66
CA VAL P 147 -32.46 43.46 58.03
C VAL P 147 -31.01 43.05 57.78
N LYS P 148 -30.49 42.23 58.67
CA LYS P 148 -29.06 42.02 58.84
C LYS P 148 -28.71 40.61 58.36
N ASP P 149 -27.59 40.48 57.65
CA ASP P 149 -26.91 39.21 57.42
C ASP P 149 -27.69 38.21 56.58
N TYR P 150 -27.94 38.55 55.31
CA TYR P 150 -28.63 37.67 54.39
C TYR P 150 -27.78 37.56 53.13
N PHE P 151 -28.01 36.50 52.36
CA PHE P 151 -27.25 36.32 51.12
C PHE P 151 -28.00 35.38 50.20
N PRO P 152 -28.06 35.65 48.88
CA PRO P 152 -27.59 36.85 48.15
C PRO P 152 -28.71 37.87 48.15
N GLU P 153 -28.56 39.01 47.45
CA GLU P 153 -29.68 39.91 47.23
C GLU P 153 -30.75 39.25 46.36
N PRO P 154 -32.02 39.71 46.45
CA PRO P 154 -32.57 40.80 47.26
C PRO P 154 -33.51 40.35 48.38
N VAL P 155 -33.89 41.26 49.28
CA VAL P 155 -35.06 41.13 50.13
C VAL P 155 -36.05 42.23 49.77
N THR P 156 -37.32 41.98 50.08
CA THR P 156 -38.37 42.99 50.00
C THR P 156 -38.85 43.28 51.41
N VAL P 157 -39.18 44.54 51.67
CA VAL P 157 -39.71 44.99 52.95
C VAL P 157 -40.98 45.80 52.66
N SER P 158 -42.03 45.52 53.41
CA SER P 158 -43.21 46.38 53.48
C SER P 158 -43.54 46.59 54.95
N TRP P 159 -44.51 47.47 55.19
CA TRP P 159 -44.94 47.82 56.53
C TRP P 159 -46.44 47.62 56.62
N ASN P 160 -46.88 46.91 57.66
CA ASN P 160 -48.30 46.67 57.91
C ASN P 160 -48.93 46.04 56.67
N SER P 161 -48.21 45.10 56.07
CA SER P 161 -48.66 44.38 54.88
C SER P 161 -48.87 45.34 53.71
N GLY P 162 -48.08 46.41 53.65
CA GLY P 162 -48.19 47.38 52.57
C GLY P 162 -49.17 48.51 52.81
N ALA P 163 -49.89 48.50 53.93
CA ALA P 163 -50.83 49.57 54.24
C ALA P 163 -50.14 50.87 54.67
N LEU P 164 -48.86 50.83 55.03
CA LEU P 164 -48.10 52.02 55.43
C LEU P 164 -47.06 52.24 54.33
N THR P 165 -47.20 53.35 53.60
CA THR P 165 -46.29 53.69 52.51
C THR P 165 -45.78 55.12 52.63
N SER P 166 -46.59 56.03 53.17
CA SER P 166 -46.15 57.41 53.28
C SER P 166 -45.04 57.52 54.31
N GLY P 167 -43.95 58.19 53.94
CA GLY P 167 -42.81 58.37 54.82
C GLY P 167 -41.86 57.19 54.91
N VAL P 168 -42.09 56.11 54.13
CA VAL P 168 -41.20 54.95 54.17
C VAL P 168 -40.01 55.16 53.25
N HIS P 169 -38.83 54.80 53.75
CA HIS P 169 -37.59 54.74 52.97
C HIS P 169 -36.92 53.41 53.25
N THR P 170 -36.81 52.57 52.23
CA THR P 170 -36.10 51.30 52.30
C THR P 170 -34.80 51.50 51.56
N PHE P 171 -33.69 51.40 52.29
CA PHE P 171 -32.44 51.84 51.71
C PHE P 171 -31.83 50.73 50.86
N PRO P 172 -30.99 51.09 49.88
CA PRO P 172 -30.19 50.07 49.22
C PRO P 172 -29.34 49.33 50.23
N ALA P 173 -29.18 48.03 50.02
CA ALA P 173 -28.33 47.23 50.89
C ALA P 173 -26.87 47.57 50.67
N VAL P 174 -26.09 47.38 51.74
CA VAL P 174 -24.64 47.44 51.70
C VAL P 174 -24.10 46.03 51.83
N LEU P 175 -22.96 45.78 51.19
CA LEU P 175 -22.28 44.49 51.27
C LEU P 175 -21.23 44.61 52.35
N GLN P 176 -21.37 43.83 53.41
CA GLN P 176 -20.47 43.97 54.53
C GLN P 176 -19.22 43.13 54.25
N SER P 177 -18.18 43.36 55.06
CA SER P 177 -16.94 42.62 54.89
C SER P 177 -17.08 41.14 55.16
N SER P 178 -18.15 40.72 55.85
CA SER P 178 -18.44 39.31 56.04
C SER P 178 -18.87 38.59 54.76
N GLY P 179 -19.15 39.32 53.69
CA GLY P 179 -19.74 38.78 52.49
C GLY P 179 -21.24 38.65 52.51
N LEU P 180 -21.90 39.01 53.61
CA LEU P 180 -23.35 39.01 53.72
C LEU P 180 -23.84 40.45 53.59
N TYR P 181 -25.08 40.59 53.13
CA TYR P 181 -25.68 41.91 52.94
C TYR P 181 -26.46 42.34 54.18
N SER P 182 -26.64 43.66 54.30
CA SER P 182 -27.46 44.24 55.35
C SER P 182 -28.14 45.48 54.81
N LEU P 183 -29.40 45.66 55.18
CA LEU P 183 -30.15 46.86 54.82
C LEU P 183 -31.07 47.24 55.97
N SER P 184 -31.54 48.48 55.96
CA SER P 184 -32.50 48.97 56.93
C SER P 184 -33.67 49.59 56.18
N SER P 185 -34.85 49.56 56.79
CA SER P 185 -36.03 50.22 56.28
C SER P 185 -36.67 50.99 57.42
N VAL P 186 -36.98 52.27 57.18
CA VAL P 186 -37.50 53.17 58.21
C VAL P 186 -38.78 53.84 57.72
N VAL P 187 -39.52 54.40 58.67
CA VAL P 187 -40.70 55.24 58.40
C VAL P 187 -40.80 56.29 59.50
N THR P 188 -41.19 57.51 59.12
CA THR P 188 -41.51 58.56 60.07
C THR P 188 -43.03 58.70 60.19
N VAL P 189 -43.49 58.90 61.42
CA VAL P 189 -44.93 58.91 61.75
C VAL P 189 -45.19 59.94 62.83
N PRO P 190 -46.45 60.37 62.99
CA PRO P 190 -46.78 61.26 64.11
C PRO P 190 -46.49 60.60 65.45
N SER P 191 -45.78 61.33 66.31
CA SER P 191 -45.40 60.80 67.62
C SER P 191 -46.58 60.38 68.48
N SER P 192 -47.73 61.07 68.38
CA SER P 192 -48.88 60.66 69.19
C SER P 192 -49.42 59.29 68.80
N SER P 193 -49.10 58.82 67.58
CA SER P 193 -49.55 57.53 67.09
C SER P 193 -48.77 56.35 67.67
N LEU P 194 -47.66 56.60 68.39
CA LEU P 194 -46.80 55.51 68.84
C LEU P 194 -47.51 54.60 69.83
N GLY P 195 -48.48 55.11 70.57
CA GLY P 195 -49.19 54.31 71.54
C GLY P 195 -50.39 53.56 70.99
N THR P 196 -50.91 53.98 69.82
CA THR P 196 -52.18 53.46 69.31
C THR P 196 -52.12 52.69 68.00
N GLN P 197 -50.99 52.68 67.28
CA GLN P 197 -50.88 52.01 65.99
C GLN P 197 -49.74 51.01 66.05
N THR P 198 -50.03 49.75 65.76
CA THR P 198 -49.01 48.71 65.64
C THR P 198 -48.29 48.81 64.29
N TYR P 199 -46.96 48.73 64.32
CA TYR P 199 -46.12 48.80 63.13
C TYR P 199 -45.37 47.49 62.96
N ILE P 200 -45.61 46.80 61.84
CA ILE P 200 -45.00 45.51 61.54
C ILE P 200 -44.29 45.65 60.20
N CYS P 201 -43.00 45.28 60.15
CA CYS P 201 -42.28 45.18 58.88
C CYS P 201 -42.28 43.73 58.39
N ASN P 202 -42.72 43.55 57.14
CA ASN P 202 -42.83 42.24 56.48
C ASN P 202 -41.62 42.04 55.57
N VAL P 203 -40.72 41.15 55.99
CA VAL P 203 -39.46 40.88 55.27
C VAL P 203 -39.57 39.52 54.61
N ASN P 204 -39.21 39.46 53.32
CA ASN P 204 -39.14 38.23 52.53
C ASN P 204 -37.79 38.12 51.83
N HIS P 205 -37.20 36.94 51.90
CA HIS P 205 -35.95 36.60 51.19
C HIS P 205 -36.23 35.31 50.42
N LYS P 206 -36.55 35.46 49.13
CA LYS P 206 -36.97 34.31 48.33
C LYS P 206 -35.93 33.21 48.17
N PRO P 207 -34.62 33.49 48.00
CA PRO P 207 -33.65 32.38 47.83
C PRO P 207 -33.66 31.37 48.97
N SER P 208 -34.01 31.78 50.20
CA SER P 208 -34.06 30.88 51.34
C SER P 208 -35.49 30.62 51.82
N ASN P 209 -36.50 31.15 51.13
CA ASN P 209 -37.91 30.98 51.50
C ASN P 209 -38.14 31.44 52.94
N THR P 210 -37.50 32.54 53.31
CA THR P 210 -37.61 33.11 54.65
C THR P 210 -38.61 34.26 54.61
N LYS P 211 -39.57 34.22 55.54
CA LYS P 211 -40.55 35.28 55.73
C LYS P 211 -40.64 35.57 57.22
N VAL P 212 -40.33 36.81 57.60
CA VAL P 212 -40.29 37.25 58.99
C VAL P 212 -41.14 38.51 59.12
N ASP P 213 -42.00 38.55 60.13
CA ASP P 213 -42.79 39.74 60.48
C ASP P 213 -42.45 40.24 61.90
N LYS P 214 -41.65 41.30 61.99
CA LYS P 214 -41.07 41.78 63.25
C LYS P 214 -41.87 42.99 63.75
N ARG P 215 -42.42 42.89 64.96
CA ARG P 215 -43.09 44.03 65.59
C ARG P 215 -42.11 45.05 66.15
N VAL P 216 -42.38 46.32 65.84
CA VAL P 216 -41.57 47.48 66.20
C VAL P 216 -42.38 48.43 67.09
N GLU P 217 -41.91 48.68 68.31
CA GLU P 217 -42.65 49.43 69.32
C GLU P 217 -41.68 50.33 70.08
N PRO P 218 -42.18 51.43 70.72
CA PRO P 218 -41.27 52.32 71.48
C PRO P 218 -40.39 51.65 72.53
N LYS P 219 -39.30 52.32 72.90
CA LYS P 219 -38.44 51.87 73.98
C LYS P 219 -37.71 53.05 74.63
N ASP Q 1 -4.11 53.08 27.82
CA ASP Q 1 -5.49 53.30 27.29
C ASP Q 1 -5.96 54.71 27.65
N VAL Q 2 -6.94 55.22 26.91
CA VAL Q 2 -7.40 56.58 27.13
C VAL Q 2 -8.15 56.63 28.47
N VAL Q 3 -7.86 57.65 29.27
CA VAL Q 3 -8.48 57.90 30.57
C VAL Q 3 -9.54 58.96 30.37
N MET Q 4 -10.69 58.81 30.99
CA MET Q 4 -11.77 59.79 30.85
C MET Q 4 -12.07 60.46 32.18
N THR Q 5 -11.91 61.79 32.23
CA THR Q 5 -12.15 62.62 33.40
C THR Q 5 -13.38 63.49 33.13
N GLN Q 6 -14.48 63.15 33.76
CA GLN Q 6 -15.76 63.81 33.59
C GLN Q 6 -15.96 64.84 34.70
N SER Q 7 -16.65 65.94 34.38
CA SER Q 7 -16.83 67.08 35.31
C SER Q 7 -18.10 67.85 34.98
N PRO Q 8 -18.90 68.27 35.98
CA PRO Q 8 -18.82 68.08 37.43
C PRO Q 8 -19.31 66.72 37.91
N LEU Q 9 -19.18 66.40 39.20
CA LEU Q 9 -19.73 65.16 39.73
C LEU Q 9 -21.20 65.22 40.03
N SER Q 10 -21.73 66.41 40.30
CA SER Q 10 -23.13 66.56 40.62
C SER Q 10 -23.64 67.82 39.96
N LEU Q 11 -24.82 67.73 39.39
CA LEU Q 11 -25.37 68.82 38.58
C LEU Q 11 -26.85 68.94 38.86
N PRO Q 12 -27.24 69.82 39.80
CA PRO Q 12 -28.66 70.12 39.96
C PRO Q 12 -29.12 71.10 38.87
N VAL Q 13 -30.27 70.81 38.27
CA VAL Q 13 -30.77 71.60 37.16
C VAL Q 13 -32.24 71.86 37.40
N THR Q 14 -32.67 73.11 37.24
CA THR Q 14 -34.09 73.40 37.31
C THR Q 14 -34.78 72.91 36.03
N PRO Q 15 -35.92 72.21 36.12
CA PRO Q 15 -36.61 71.78 34.89
C PRO Q 15 -36.93 72.96 33.99
N GLY Q 16 -36.70 72.78 32.69
CA GLY Q 16 -36.89 73.81 31.68
C GLY Q 16 -35.72 74.75 31.46
N GLU Q 17 -34.68 74.68 32.29
CA GLU Q 17 -33.44 75.44 32.14
C GLU Q 17 -32.41 74.59 31.38
N PRO Q 18 -31.33 75.16 30.85
CA PRO Q 18 -30.34 74.34 30.15
C PRO Q 18 -29.35 73.71 31.12
N ALA Q 19 -28.70 72.62 30.66
CA ALA Q 19 -27.63 71.92 31.37
C ALA Q 19 -26.39 71.72 30.49
N SER Q 20 -25.21 71.71 31.12
CA SER Q 20 -23.96 71.40 30.45
C SER Q 20 -23.11 70.43 31.27
N ILE Q 21 -22.59 69.39 30.61
CA ILE Q 21 -21.75 68.34 31.20
C ILE Q 21 -20.48 68.23 30.34
N SER Q 22 -19.32 68.16 30.99
CA SER Q 22 -18.02 68.11 30.33
C SER Q 22 -17.41 66.71 30.43
N CYS Q 23 -16.59 66.36 29.43
CA CYS Q 23 -15.81 65.13 29.32
C CYS Q 23 -14.43 65.39 28.74
N ARG Q 24 -13.38 64.95 29.42
CA ARG Q 24 -12.01 65.11 28.94
C ARG Q 24 -11.29 63.78 28.84
N SER Q 25 -10.64 63.53 27.71
CA SER Q 25 -9.88 62.31 27.46
C SER Q 25 -8.39 62.60 27.66
N SER Q 26 -7.63 61.57 28.03
CA SER Q 26 -6.18 61.73 28.23
C SER Q 26 -5.44 61.90 26.92
N GLN Q 27 -6.04 61.56 25.78
CA GLN Q 27 -5.44 61.84 24.48
C GLN Q 27 -6.53 62.05 23.45
N SER Q 28 -6.13 62.58 22.30
CA SER Q 28 -7.08 62.98 21.27
C SER Q 28 -7.88 61.76 20.81
N LEU Q 29 -9.19 61.94 20.63
CA LEU Q 29 -10.06 60.91 20.06
C LEU Q 29 -10.26 61.03 18.56
N LEU Q 30 -9.46 61.84 17.89
CA LEU Q 30 -9.56 62.10 16.47
C LEU Q 30 -8.84 60.97 15.74
N HIS Q 31 -9.59 60.13 15.04
CA HIS Q 31 -9.14 59.00 14.23
C HIS Q 31 -8.56 59.50 12.92
N SER Q 32 -7.74 58.63 12.27
CA SER Q 32 -7.18 58.85 10.93
C SER Q 32 -8.25 59.41 9.99
N ASN Q 33 -9.50 58.97 10.12
CA ASN Q 33 -10.53 59.51 9.25
C ASN Q 33 -10.84 60.93 9.75
N GLY Q 34 -12.09 61.32 9.85
CA GLY Q 34 -12.47 62.64 10.34
C GLY Q 34 -13.35 62.72 11.57
N ILE Q 35 -13.75 61.59 12.08
CA ILE Q 35 -14.64 61.50 13.22
C ILE Q 35 -13.94 61.45 14.56
N HIS Q 36 -14.61 62.03 15.57
CA HIS Q 36 -14.23 61.91 16.97
C HIS Q 36 -15.01 60.77 17.61
N TYR Q 37 -14.28 59.78 18.11
CA TYR Q 37 -14.90 58.55 18.60
C TYR Q 37 -15.28 58.69 20.07
N LEU Q 38 -16.32 59.50 20.30
CA LEU Q 38 -16.82 59.83 21.62
C LEU Q 38 -18.34 59.71 21.63
N ASP Q 39 -18.89 59.03 22.63
CA ASP Q 39 -20.32 58.81 22.76
C ASP Q 39 -20.76 59.26 24.16
N TRP Q 40 -22.04 59.61 24.29
CA TRP Q 40 -22.64 59.96 25.58
C TRP Q 40 -23.80 59.01 25.86
N TYR Q 41 -23.90 58.55 27.11
CA TYR Q 41 -24.97 57.66 27.54
C TYR Q 41 -25.65 58.22 28.78
N LEU Q 42 -26.91 57.85 28.95
CA LEU Q 42 -27.68 58.12 30.16
C LEU Q 42 -28.15 56.82 30.76
N GLN Q 43 -27.92 56.65 32.07
CA GLN Q 43 -28.48 55.53 32.83
C GLN Q 43 -29.46 56.13 33.84
N LYS Q 44 -30.74 55.99 33.55
CA LYS Q 44 -31.78 56.45 34.46
C LYS Q 44 -31.89 55.50 35.65
N PRO Q 45 -32.36 55.97 36.80
CA PRO Q 45 -32.34 55.12 38.00
C PRO Q 45 -33.10 53.82 37.79
N GLY Q 46 -32.44 52.71 38.14
CA GLY Q 46 -33.02 51.39 38.00
C GLY Q 46 -33.09 50.88 36.57
N GLN Q 47 -32.53 51.58 35.60
CA GLN Q 47 -32.52 51.17 34.20
C GLN Q 47 -31.11 50.94 33.70
N SER Q 48 -31.04 50.38 32.48
CA SER Q 48 -29.80 50.19 31.73
C SER Q 48 -29.40 51.50 31.05
N PRO Q 49 -28.10 51.67 30.76
CA PRO Q 49 -27.70 52.87 30.02
C PRO Q 49 -28.38 52.89 28.66
N GLN Q 50 -28.51 54.10 28.11
CA GLN Q 50 -29.07 54.27 26.78
C GLN Q 50 -28.27 55.33 26.06
N LEU Q 51 -28.06 55.11 24.76
CA LEU Q 51 -27.26 56.01 23.95
C LEU Q 51 -28.03 57.30 23.69
N LEU Q 52 -27.37 58.44 23.89
CA LEU Q 52 -27.94 59.73 23.53
C LEU Q 52 -27.24 60.31 22.32
N ILE Q 53 -25.92 60.42 22.39
CA ILE Q 53 -25.12 61.05 21.35
C ILE Q 53 -24.01 60.07 21.01
N TYR Q 54 -23.80 59.83 19.72
CA TYR Q 54 -22.69 59.01 19.26
C TYR Q 54 -21.79 59.79 18.30
N LEU Q 55 -20.50 59.45 18.33
CA LEU Q 55 -19.47 60.03 17.48
C LEU Q 55 -19.48 61.56 17.55
N GLY Q 56 -19.44 62.07 18.76
CA GLY Q 56 -19.29 63.49 19.05
C GLY Q 56 -20.52 64.32 18.96
N SER Q 57 -21.25 64.22 17.85
CA SER Q 57 -22.30 65.19 17.54
C SER Q 57 -23.57 64.56 16.98
N LYS Q 58 -23.65 63.23 16.85
CA LYS Q 58 -24.78 62.60 16.21
C LYS Q 58 -25.78 62.05 17.23
N ARG Q 59 -27.03 62.50 17.10
CA ARG Q 59 -28.15 62.04 17.93
C ARG Q 59 -28.58 60.62 17.57
N ALA Q 60 -28.86 59.81 18.59
CA ALA Q 60 -29.39 58.48 18.35
C ALA Q 60 -30.83 58.63 17.86
N SER Q 61 -31.40 57.52 17.38
CA SER Q 61 -32.71 57.58 16.73
C SER Q 61 -33.83 58.08 17.62
N GLY Q 62 -34.01 57.50 18.78
CA GLY Q 62 -35.07 57.96 19.66
C GLY Q 62 -34.75 59.17 20.50
N VAL Q 63 -33.60 59.80 20.32
CA VAL Q 63 -33.22 60.95 21.13
C VAL Q 63 -33.74 62.30 20.63
N PRO Q 64 -34.44 63.07 21.48
CA PRO Q 64 -35.01 64.35 21.04
C PRO Q 64 -33.94 65.36 20.63
N ASP Q 65 -34.33 66.27 19.73
CA ASP Q 65 -33.41 67.28 19.21
C ASP Q 65 -32.88 68.23 20.29
N ARG Q 66 -33.43 68.21 21.50
CA ARG Q 66 -32.97 69.09 22.57
C ARG Q 66 -31.69 68.59 23.24
N PHE Q 67 -31.25 67.38 22.94
CA PHE Q 67 -29.91 66.88 23.29
C PHE Q 67 -28.93 67.18 22.15
N SER Q 68 -27.78 67.73 22.50
CA SER Q 68 -26.73 67.96 21.52
C SER Q 68 -25.38 67.70 22.15
N GLY Q 69 -24.46 67.21 21.32
CA GLY Q 69 -23.09 66.96 21.73
C GLY Q 69 -22.17 67.81 20.88
N SER Q 70 -21.09 68.28 21.50
CA SER Q 70 -20.11 69.13 20.82
C SER Q 70 -18.74 68.82 21.38
N GLY Q 71 -17.74 69.43 20.76
CA GLY Q 71 -16.34 69.31 21.16
C GLY Q 71 -15.48 68.66 20.09
N SER Q 72 -14.18 68.69 20.38
CA SER Q 72 -13.15 68.21 19.47
C SER Q 72 -11.90 67.92 20.30
N GLY Q 73 -11.13 66.96 19.82
CA GLY Q 73 -9.83 66.58 20.35
C GLY Q 73 -10.04 65.77 21.60
N THR Q 74 -9.85 66.40 22.76
CA THR Q 74 -9.95 65.74 24.04
C THR Q 74 -11.10 66.25 24.89
N ASP Q 75 -11.78 67.32 24.48
CA ASP Q 75 -12.73 68.03 25.34
C ASP Q 75 -14.07 68.09 24.63
N PHE Q 76 -15.06 67.46 25.25
CA PHE Q 76 -16.39 67.31 24.68
C PHE Q 76 -17.45 67.72 25.69
N THR Q 77 -18.59 68.17 25.16
CA THR Q 77 -19.68 68.70 25.95
C THR Q 77 -21.01 68.19 25.40
N LEU Q 78 -21.85 67.70 26.31
CA LEU Q 78 -23.25 67.41 26.04
C LEU Q 78 -24.10 68.54 26.60
N LYS Q 79 -24.97 69.08 25.75
CA LYS Q 79 -25.88 70.16 26.10
C LYS Q 79 -27.31 69.68 25.97
N ILE Q 80 -28.15 70.08 26.92
CA ILE Q 80 -29.59 69.84 26.85
C ILE Q 80 -30.25 71.22 26.79
N SER Q 81 -30.89 71.51 25.66
CA SER Q 81 -31.34 72.87 25.38
C SER Q 81 -32.45 73.29 26.33
N ARG Q 82 -33.32 72.34 26.70
CA ARG Q 82 -34.44 72.56 27.64
C ARG Q 82 -34.60 71.26 28.42
N VAL Q 83 -34.39 71.32 29.70
CA VAL Q 83 -34.33 70.14 30.55
C VAL Q 83 -35.73 69.75 31.01
N GLU Q 84 -36.01 68.44 31.03
CA GLU Q 84 -37.24 67.92 31.61
C GLU Q 84 -36.94 66.85 32.67
N ALA Q 85 -37.99 66.54 33.44
CA ALA Q 85 -37.87 65.66 34.61
C ALA Q 85 -37.39 64.26 34.26
N GLU Q 86 -37.73 63.76 33.07
CA GLU Q 86 -37.32 62.43 32.63
C GLU Q 86 -35.84 62.29 32.33
N ASP Q 87 -35.08 63.39 32.34
CA ASP Q 87 -33.64 63.37 32.10
C ASP Q 87 -32.81 63.09 33.35
N VAL Q 88 -33.43 62.96 34.53
CA VAL Q 88 -32.65 62.71 35.75
C VAL Q 88 -31.98 61.35 35.62
N GLY Q 89 -30.74 61.28 36.06
CA GLY Q 89 -29.99 60.03 36.02
C GLY Q 89 -28.49 60.32 36.01
N VAL Q 90 -27.72 59.31 35.61
CA VAL Q 90 -26.27 59.43 35.51
C VAL Q 90 -25.87 59.45 34.05
N TYR Q 91 -25.08 60.44 33.66
CA TYR Q 91 -24.56 60.62 32.30
C TYR Q 91 -23.11 60.19 32.23
N TYR Q 92 -22.79 59.34 31.24
CA TYR Q 92 -21.46 58.81 31.05
C TYR Q 92 -20.97 59.20 29.65
N CYS Q 93 -19.74 59.69 29.57
CA CYS Q 93 -19.08 59.75 28.28
C CYS Q 93 -18.27 58.47 28.11
N MET Q 94 -17.90 58.20 26.85
CA MET Q 94 -17.23 56.98 26.49
C MET Q 94 -16.44 57.25 25.22
N GLN Q 95 -15.16 56.91 25.23
CA GLN Q 95 -14.32 56.98 24.05
C GLN Q 95 -14.30 55.60 23.42
N SER Q 96 -14.27 55.59 22.09
CA SER Q 96 -14.15 54.37 21.30
C SER Q 96 -12.98 54.47 20.32
N LEU Q 97 -11.99 55.31 20.59
CA LEU Q 97 -10.85 55.37 19.70
C LEU Q 97 -10.01 54.10 19.74
N GLN Q 98 -9.68 53.58 20.94
CA GLN Q 98 -8.81 52.40 20.99
C GLN Q 98 -9.70 51.19 21.26
N THR Q 99 -10.21 51.14 22.47
CA THR Q 99 -10.92 50.01 23.04
C THR Q 99 -12.04 50.91 23.49
N PHE Q 100 -12.52 50.75 24.71
CA PHE Q 100 -13.66 51.51 25.13
C PHE Q 100 -13.35 51.81 26.58
N THR Q 101 -13.52 53.07 26.95
CA THR Q 101 -13.36 53.56 28.30
C THR Q 101 -14.46 54.56 28.53
N PHE Q 102 -15.15 54.37 29.65
CA PHE Q 102 -16.22 55.24 30.13
C PHE Q 102 -15.67 56.26 31.10
N GLY Q 103 -16.31 57.41 31.13
CA GLY Q 103 -16.11 58.39 32.17
C GLY Q 103 -16.72 57.97 33.50
N PRO Q 104 -16.42 58.70 34.58
CA PRO Q 104 -16.90 58.28 35.91
C PRO Q 104 -18.38 58.46 36.11
N GLY Q 105 -19.04 59.28 35.29
CA GLY Q 105 -20.46 59.54 35.42
C GLY Q 105 -20.67 60.87 36.11
N THR Q 106 -21.69 61.60 35.66
CA THR Q 106 -22.17 62.85 36.25
C THR Q 106 -23.59 62.63 36.72
N LYS Q 107 -23.84 62.84 38.00
CA LYS Q 107 -25.17 62.66 38.57
C LYS Q 107 -25.99 63.94 38.41
N VAL Q 108 -27.05 63.87 37.59
CA VAL Q 108 -27.99 64.97 37.39
C VAL Q 108 -29.17 64.73 38.31
N ASP Q 109 -29.51 65.73 39.12
CA ASP Q 109 -30.63 65.70 40.04
C ASP Q 109 -31.47 66.95 39.82
N ILE Q 110 -32.66 66.97 40.43
CA ILE Q 110 -33.58 68.10 40.35
C ILE Q 110 -33.11 69.12 41.38
N LYS Q 111 -33.02 70.38 40.96
CA LYS Q 111 -32.59 71.46 41.84
C LYS Q 111 -33.78 72.03 42.60
N ARG Q 112 -33.91 71.61 43.86
CA ARG Q 112 -34.96 72.07 44.76
C ARG Q 112 -34.28 73.00 45.76
N THR Q 113 -35.06 73.53 46.69
CA THR Q 113 -34.46 74.40 47.70
C THR Q 113 -33.59 73.58 48.65
N VAL Q 114 -32.60 74.25 49.24
CA VAL Q 114 -31.77 73.61 50.25
C VAL Q 114 -32.64 73.21 51.43
N ALA Q 115 -32.47 71.98 51.91
CA ALA Q 115 -33.23 71.46 53.03
C ALA Q 115 -32.29 70.70 53.95
N ALA Q 116 -32.20 71.13 55.21
CA ALA Q 116 -31.28 70.49 56.14
C ALA Q 116 -31.85 69.14 56.56
N PRO Q 117 -31.00 68.16 56.85
CA PRO Q 117 -31.53 66.87 57.32
C PRO Q 117 -32.14 66.97 58.70
N SER Q 118 -33.17 66.16 58.92
CA SER Q 118 -33.61 65.84 60.28
C SER Q 118 -32.85 64.58 60.70
N VAL Q 119 -32.28 64.61 61.90
CA VAL Q 119 -31.34 63.59 62.35
C VAL Q 119 -31.96 62.79 63.48
N PHE Q 120 -31.78 61.48 63.41
CA PHE Q 120 -32.23 60.53 64.42
C PHE Q 120 -31.13 59.49 64.56
N ILE Q 121 -30.82 59.12 65.79
CA ILE Q 121 -29.83 58.09 66.08
C ILE Q 121 -30.55 56.96 66.78
N PHE Q 122 -30.14 55.72 66.49
CA PHE Q 122 -30.79 54.52 67.03
C PHE Q 122 -29.73 53.63 67.68
N PRO Q 123 -29.83 53.31 68.97
CA PRO Q 123 -28.89 52.35 69.54
C PRO Q 123 -29.17 50.96 68.98
N PRO Q 124 -28.26 50.00 69.12
CA PRO Q 124 -28.60 48.63 68.78
C PRO Q 124 -29.68 48.11 69.70
N SER Q 125 -30.52 47.24 69.17
CA SER Q 125 -31.54 46.62 69.99
C SER Q 125 -30.93 45.64 70.99
N ASP Q 126 -31.64 45.42 72.09
CA ASP Q 126 -31.22 44.42 73.05
C ASP Q 126 -31.21 43.04 72.40
N GLU Q 127 -32.17 42.77 71.51
CA GLU Q 127 -32.22 41.46 70.88
C GLU Q 127 -30.97 41.18 70.07
N GLN Q 128 -30.48 42.20 69.35
CA GLN Q 128 -29.27 42.05 68.56
C GLN Q 128 -28.04 41.95 69.45
N LEU Q 129 -27.99 42.80 70.50
CA LEU Q 129 -26.78 42.87 71.34
C LEU Q 129 -26.46 41.51 71.96
N LYS Q 130 -27.48 40.77 72.37
CA LYS Q 130 -27.35 39.41 72.88
C LYS Q 130 -26.40 38.53 72.08
N SER Q 131 -26.48 38.62 70.75
CA SER Q 131 -25.84 37.66 69.85
C SER Q 131 -24.45 38.08 69.35
N GLY Q 132 -23.86 39.15 69.89
CA GLY Q 132 -22.42 39.39 69.71
C GLY Q 132 -22.02 40.58 68.87
N THR Q 133 -22.95 41.27 68.22
CA THR Q 133 -22.63 42.39 67.35
C THR Q 133 -23.56 43.56 67.68
N ALA Q 134 -23.04 44.77 67.55
CA ALA Q 134 -23.78 45.99 67.86
C ALA Q 134 -23.83 46.86 66.60
N SER Q 135 -25.04 47.22 66.17
CA SER Q 135 -25.24 48.18 65.09
C SER Q 135 -25.85 49.46 65.63
N VAL Q 136 -25.14 50.57 65.44
CA VAL Q 136 -25.64 51.90 65.78
C VAL Q 136 -25.96 52.57 64.44
N VAL Q 137 -27.16 53.14 64.33
CA VAL Q 137 -27.67 53.67 63.07
C VAL Q 137 -27.95 55.15 63.22
N CYS Q 138 -27.57 55.92 62.22
CA CYS Q 138 -27.85 57.35 62.14
C CYS Q 138 -28.64 57.57 60.87
N LEU Q 139 -29.78 58.24 61.00
CA LEU Q 139 -30.67 58.53 59.89
C LEU Q 139 -30.64 60.02 59.59
N LEU Q 140 -30.43 60.37 58.32
CA LEU Q 140 -30.57 61.74 57.83
C LEU Q 140 -31.74 61.74 56.86
N ASN Q 141 -32.82 62.42 57.24
CA ASN Q 141 -34.10 62.28 56.55
C ASN Q 141 -34.40 63.57 55.78
N ASN Q 142 -34.75 63.43 54.51
CA ASN Q 142 -35.36 64.49 53.68
C ASN Q 142 -34.49 65.77 53.65
N PHE Q 143 -33.30 65.62 53.03
CA PHE Q 143 -32.35 66.73 52.89
C PHE Q 143 -32.04 66.98 51.42
N TYR Q 144 -31.44 68.15 51.15
CA TYR Q 144 -31.04 68.47 49.79
C TYR Q 144 -29.96 69.57 49.82
N PRO Q 145 -28.85 69.47 49.05
CA PRO Q 145 -28.49 68.47 48.03
C PRO Q 145 -27.97 67.15 48.59
N ARG Q 146 -27.62 66.22 47.69
CA ARG Q 146 -27.35 64.85 48.09
C ARG Q 146 -26.10 64.73 48.94
N GLU Q 147 -25.17 65.67 48.83
CA GLU Q 147 -23.87 65.53 49.48
C GLU Q 147 -24.00 65.89 50.95
N ALA Q 148 -23.66 64.93 51.81
CA ALA Q 148 -23.61 65.13 53.25
C ALA Q 148 -22.53 64.22 53.81
N LYS Q 149 -22.02 64.57 54.99
CA LYS Q 149 -21.00 63.78 55.67
C LYS Q 149 -21.53 63.38 57.05
N VAL Q 150 -21.44 62.08 57.36
CA VAL Q 150 -21.65 61.55 58.71
C VAL Q 150 -20.29 61.24 59.31
N GLN Q 151 -20.02 61.78 60.50
CA GLN Q 151 -18.81 61.48 61.26
C GLN Q 151 -19.20 60.81 62.58
N TRP Q 152 -18.86 59.52 62.72
CA TRP Q 152 -19.12 58.82 63.96
C TRP Q 152 -18.02 59.10 64.98
N LYS Q 153 -18.43 59.30 66.24
CA LYS Q 153 -17.51 59.52 67.35
C LYS Q 153 -17.94 58.63 68.51
N VAL Q 154 -16.95 58.03 69.18
CA VAL Q 154 -17.19 57.14 70.32
C VAL Q 154 -16.31 57.66 71.45
N ASP Q 155 -16.95 58.16 72.50
CA ASP Q 155 -16.27 58.90 73.57
C ASP Q 155 -15.32 59.95 73.00
N ASN Q 156 -15.80 60.68 71.97
CA ASN Q 156 -15.09 61.75 71.27
C ASN Q 156 -13.90 61.28 70.43
N ALA Q 157 -13.68 59.97 70.30
CA ALA Q 157 -12.67 59.45 69.38
C ALA Q 157 -13.26 59.39 67.97
N LEU Q 158 -12.61 60.04 67.00
CA LEU Q 158 -13.13 60.05 65.65
C LEU Q 158 -12.99 58.65 65.05
N GLN Q 159 -14.10 58.10 64.56
CA GLN Q 159 -14.08 56.76 64.02
C GLN Q 159 -13.77 56.79 62.53
N SER Q 160 -13.16 55.71 62.05
CA SER Q 160 -12.99 55.51 60.62
C SER Q 160 -12.79 54.03 60.35
N GLY Q 161 -13.29 53.58 59.21
CA GLY Q 161 -13.13 52.21 58.78
C GLY Q 161 -14.17 51.24 59.29
N ASN Q 162 -15.03 51.67 60.23
CA ASN Q 162 -16.01 50.79 60.85
C ASN Q 162 -17.43 51.28 60.61
N SER Q 163 -17.65 52.00 59.51
CA SER Q 163 -18.99 52.45 59.17
C SER Q 163 -19.23 52.25 57.68
N GLN Q 164 -20.52 52.08 57.34
CA GLN Q 164 -21.03 52.04 55.98
C GLN Q 164 -22.29 52.87 55.94
N GLU Q 165 -22.58 53.41 54.76
CA GLU Q 165 -23.75 54.26 54.56
C GLU Q 165 -24.37 53.96 53.20
N SER Q 166 -25.65 54.34 53.07
CA SER Q 166 -26.28 54.38 51.76
C SER Q 166 -27.32 55.49 51.73
N VAL Q 167 -27.76 55.81 50.51
CA VAL Q 167 -28.58 56.97 50.21
C VAL Q 167 -29.73 56.55 49.31
N THR Q 168 -30.92 57.09 49.57
CA THR Q 168 -32.06 56.77 48.70
C THR Q 168 -31.90 57.45 47.33
N GLU Q 169 -32.66 56.98 46.35
CA GLU Q 169 -32.88 57.73 45.13
C GLU Q 169 -33.64 59.02 45.44
N GLN Q 170 -33.57 59.98 44.52
CA GLN Q 170 -34.28 61.24 44.75
C GLN Q 170 -35.78 60.94 44.78
N ASP Q 171 -36.47 61.53 45.75
CA ASP Q 171 -37.90 61.31 45.89
C ASP Q 171 -38.69 62.00 44.79
N SER Q 172 -39.55 61.26 44.09
CA SER Q 172 -40.23 61.84 42.94
C SER Q 172 -41.27 62.88 43.36
N LYS Q 173 -41.77 62.80 44.59
CA LYS Q 173 -42.77 63.76 45.06
C LYS Q 173 -42.12 65.07 45.52
N ASP Q 174 -41.20 65.00 46.49
CA ASP Q 174 -40.61 66.18 47.11
C ASP Q 174 -39.15 66.43 46.73
N SER Q 175 -38.54 65.58 45.91
CA SER Q 175 -37.20 65.77 45.37
C SER Q 175 -36.12 65.74 46.44
N THR Q 176 -36.39 65.18 47.62
CA THR Q 176 -35.37 65.05 48.64
C THR Q 176 -34.68 63.68 48.62
N TYR Q 177 -33.64 63.56 49.44
CA TYR Q 177 -32.89 62.35 49.69
C TYR Q 177 -32.86 62.02 51.18
N SER Q 178 -32.62 60.75 51.46
CA SER Q 178 -32.39 60.30 52.82
C SER Q 178 -31.17 59.41 52.81
N LEU Q 179 -30.46 59.39 53.94
CA LEU Q 179 -29.18 58.73 54.06
C LEU Q 179 -29.19 57.95 55.37
N SER Q 180 -28.66 56.73 55.32
CA SER Q 180 -28.52 55.87 56.47
C SER Q 180 -27.06 55.47 56.58
N SER Q 181 -26.47 55.68 57.76
CA SER Q 181 -25.10 55.27 58.03
C SER Q 181 -25.15 54.31 59.22
N THR Q 182 -24.36 53.24 59.17
CA THR Q 182 -24.32 52.24 60.24
C THR Q 182 -22.90 52.06 60.76
N LEU Q 183 -22.72 52.30 62.05
CA LEU Q 183 -21.48 51.97 62.76
C LEU Q 183 -21.64 50.59 63.40
N THR Q 184 -20.70 49.69 63.10
CA THR Q 184 -20.76 48.32 63.58
C THR Q 184 -19.60 48.04 64.53
N LEU Q 185 -19.92 47.50 65.71
CA LEU Q 185 -18.96 47.22 66.77
C LEU Q 185 -19.24 45.85 67.35
N SER Q 186 -18.19 45.19 67.84
CA SER Q 186 -18.40 44.03 68.69
C SER Q 186 -19.06 44.48 70.00
N LYS Q 187 -19.74 43.53 70.65
CA LYS Q 187 -20.37 43.81 71.93
C LYS Q 187 -19.36 44.25 72.98
N ALA Q 188 -18.21 43.58 73.05
CA ALA Q 188 -17.18 43.95 74.02
C ALA Q 188 -16.68 45.38 73.80
N ASP Q 189 -16.39 45.74 72.54
CA ASP Q 189 -15.99 47.10 72.23
C ASP Q 189 -17.10 48.10 72.55
N TYR Q 190 -18.35 47.76 72.21
CA TYR Q 190 -19.47 48.66 72.42
C TYR Q 190 -19.61 49.03 73.89
N GLU Q 191 -19.46 48.05 74.78
CA GLU Q 191 -19.63 48.20 76.21
C GLU Q 191 -18.44 48.83 76.92
N LYS Q 192 -17.35 49.13 76.21
CA LYS Q 192 -16.20 49.82 76.79
C LYS Q 192 -16.32 51.35 76.76
N HIS Q 193 -17.36 51.89 76.13
CA HIS Q 193 -17.51 53.34 75.96
C HIS Q 193 -18.95 53.74 76.26
N LYS Q 194 -19.13 55.04 76.54
CA LYS Q 194 -20.38 55.55 77.09
C LYS Q 194 -21.19 56.38 76.10
N VAL Q 195 -20.59 57.42 75.50
CA VAL Q 195 -21.31 58.37 74.66
C VAL Q 195 -21.09 58.02 73.19
N TYR Q 196 -22.18 57.73 72.49
CA TYR Q 196 -22.19 57.44 71.06
C TYR Q 196 -22.90 58.54 70.30
N ALA Q 197 -22.25 59.09 69.27
CA ALA Q 197 -22.73 60.27 68.57
C ALA Q 197 -22.40 60.16 67.09
N CYS Q 198 -23.31 60.67 66.25
CA CYS Q 198 -23.06 60.89 64.83
C CYS Q 198 -23.16 62.39 64.57
N GLU Q 199 -22.13 62.95 63.96
CA GLU Q 199 -22.05 64.38 63.65
C GLU Q 199 -22.24 64.59 62.16
N VAL Q 200 -23.22 65.42 61.80
CA VAL Q 200 -23.69 65.59 60.44
C VAL Q 200 -23.38 67.02 60.01
N THR Q 201 -22.80 67.15 58.81
CA THR Q 201 -22.54 68.43 58.17
C THR Q 201 -23.19 68.43 56.79
N HIS Q 202 -23.69 69.60 56.38
CA HIS Q 202 -24.48 69.71 55.16
C HIS Q 202 -24.63 71.20 54.83
N GLN Q 203 -24.83 71.48 53.55
CA GLN Q 203 -24.92 72.88 53.09
C GLN Q 203 -25.98 73.69 53.82
N GLY Q 204 -27.05 73.05 54.27
CA GLY Q 204 -28.13 73.71 54.98
C GLY Q 204 -27.90 73.84 56.47
N LEU Q 205 -26.72 73.46 56.97
CA LEU Q 205 -26.41 73.47 58.39
C LEU Q 205 -25.31 74.51 58.60
N SER Q 206 -25.65 75.64 59.23
CA SER Q 206 -24.65 76.68 59.43
C SER Q 206 -23.62 76.31 60.50
N SER Q 207 -23.91 75.28 61.29
CA SER Q 207 -22.97 74.67 62.21
C SER Q 207 -23.24 73.17 62.18
N PRO Q 208 -22.24 72.31 62.36
CA PRO Q 208 -22.51 70.87 62.37
C PRO Q 208 -23.54 70.53 63.45
N VAL Q 209 -24.37 69.52 63.15
CA VAL Q 209 -25.38 68.99 64.06
C VAL Q 209 -24.94 67.63 64.57
N THR Q 210 -24.97 67.45 65.90
CA THR Q 210 -24.58 66.21 66.54
C THR Q 210 -25.76 65.70 67.36
N LYS Q 211 -26.15 64.45 67.12
CA LYS Q 211 -27.11 63.72 67.92
C LYS Q 211 -26.38 62.55 68.60
N SER Q 212 -26.68 62.32 69.87
CA SER Q 212 -25.92 61.36 70.67
C SER Q 212 -26.79 60.71 71.74
N PHE Q 213 -26.31 59.58 72.26
CA PHE Q 213 -26.94 58.95 73.40
C PHE Q 213 -25.89 58.36 74.34
N ASN Q 214 -26.34 58.15 75.57
CA ASN Q 214 -25.58 57.50 76.63
C ASN Q 214 -26.11 56.08 76.66
N ARG Q 215 -25.25 55.09 76.41
CA ARG Q 215 -25.73 53.72 76.43
C ARG Q 215 -26.46 53.40 77.74
N GLY Q 216 -27.70 52.91 77.57
CA GLY Q 216 -28.59 52.51 78.65
C GLY Q 216 -29.45 53.61 79.26
N GLU Q 217 -29.13 54.88 79.02
CA GLU Q 217 -29.88 56.01 79.58
C GLU Q 217 -31.17 56.34 78.84
N GLN R 1 -19.70 27.07 -5.91
CA GLN R 1 -19.00 27.54 -7.15
C GLN R 1 -19.91 28.48 -7.97
N VAL R 2 -19.29 29.36 -8.77
CA VAL R 2 -20.07 30.28 -9.60
C VAL R 2 -20.90 29.52 -10.63
N GLN R 3 -22.19 29.86 -10.71
CA GLN R 3 -23.16 29.34 -11.67
C GLN R 3 -23.85 30.48 -12.38
N LEU R 4 -23.95 30.37 -13.70
CA LEU R 4 -24.70 31.32 -14.54
C LEU R 4 -25.69 30.52 -15.37
N VAL R 5 -26.99 30.67 -15.08
CA VAL R 5 -28.05 29.87 -15.70
C VAL R 5 -28.86 30.81 -16.59
N GLN R 6 -28.70 30.67 -17.91
CA GLN R 6 -29.41 31.48 -18.88
C GLN R 6 -30.74 30.84 -19.28
N SER R 7 -31.61 31.66 -19.87
CA SER R 7 -32.86 31.16 -20.40
C SER R 7 -33.33 32.15 -21.47
N GLY R 8 -34.28 31.69 -22.27
CA GLY R 8 -34.81 32.48 -23.35
C GLY R 8 -34.11 32.18 -24.67
N GLY R 9 -34.23 33.14 -25.58
CA GLY R 9 -33.64 33.03 -26.89
C GLY R 9 -34.56 32.30 -27.85
N GLY R 10 -34.01 31.61 -28.85
CA GLY R 10 -34.85 30.85 -29.76
C GLY R 10 -35.06 31.54 -31.10
N LEU R 11 -36.21 31.28 -31.69
CA LEU R 11 -36.55 31.75 -33.02
C LEU R 11 -37.37 33.03 -32.91
N VAL R 12 -37.08 33.99 -33.78
CA VAL R 12 -37.82 35.25 -33.80
C VAL R 12 -37.85 35.78 -35.22
N LYS R 13 -38.94 36.46 -35.57
CA LYS R 13 -39.03 37.04 -36.90
C LYS R 13 -38.23 38.34 -36.96
N PRO R 14 -37.71 38.71 -38.14
CA PRO R 14 -37.08 40.02 -38.28
C PRO R 14 -38.01 41.13 -37.80
N GLY R 15 -37.45 42.11 -37.11
CA GLY R 15 -38.26 43.15 -36.53
C GLY R 15 -38.85 42.80 -35.20
N GLY R 16 -38.77 41.53 -34.78
CA GLY R 16 -39.34 41.09 -33.53
C GLY R 16 -38.47 41.42 -32.33
N SER R 17 -38.89 40.90 -31.19
CA SER R 17 -38.29 41.19 -29.90
C SER R 17 -38.08 39.92 -29.09
N LEU R 18 -36.94 39.84 -28.41
CA LEU R 18 -36.64 38.79 -27.45
C LEU R 18 -36.12 39.42 -26.16
N ARG R 19 -36.15 38.64 -25.08
CA ARG R 19 -35.63 39.07 -23.78
C ARG R 19 -34.82 37.92 -23.21
N LEU R 20 -33.50 38.05 -23.27
CA LEU R 20 -32.62 37.09 -22.65
C LEU R 20 -32.50 37.38 -21.16
N SER R 21 -32.46 36.32 -20.36
CA SER R 21 -32.30 36.44 -18.92
C SER R 21 -31.19 35.51 -18.46
N CYS R 22 -30.58 35.89 -17.34
CA CYS R 22 -29.45 35.15 -16.78
C CYS R 22 -29.51 35.28 -15.27
N THR R 23 -29.47 34.16 -14.56
CA THR R 23 -29.54 34.16 -13.10
C THR R 23 -28.21 33.62 -12.57
N ALA R 24 -27.68 34.28 -11.55
CA ALA R 24 -26.30 34.06 -11.11
C ALA R 24 -26.25 33.72 -9.62
N SER R 25 -25.30 32.86 -9.27
CA SER R 25 -25.00 32.57 -7.88
C SER R 25 -23.50 32.31 -7.70
N GLY R 26 -23.06 32.38 -6.46
CA GLY R 26 -21.70 32.09 -6.07
C GLY R 26 -20.77 33.28 -5.95
N PHE R 27 -21.29 34.49 -5.97
CA PHE R 27 -20.47 35.68 -5.81
C PHE R 27 -21.40 36.81 -5.43
N SER R 28 -20.83 37.98 -5.16
CA SER R 28 -21.61 39.11 -4.68
C SER R 28 -22.21 39.82 -5.89
N PHE R 29 -23.34 39.27 -6.34
CA PHE R 29 -23.99 39.78 -7.56
C PHE R 29 -24.23 41.27 -7.47
N SER R 30 -24.62 41.76 -6.29
CA SER R 30 -24.98 43.16 -6.16
C SER R 30 -23.77 44.08 -6.24
N ASP R 31 -22.55 43.54 -6.05
CA ASP R 31 -21.34 44.32 -6.19
C ASP R 31 -20.70 44.18 -7.55
N SER R 32 -21.14 43.23 -8.36
CA SER R 32 -20.45 42.88 -9.59
C SER R 32 -21.14 43.51 -10.78
N TYR R 33 -20.34 43.97 -11.74
CA TYR R 33 -20.85 44.24 -13.07
C TYR R 33 -21.30 42.95 -13.73
N MET R 34 -22.11 43.08 -14.79
CA MET R 34 -22.54 41.95 -15.60
C MET R 34 -22.62 42.42 -17.04
N SER R 35 -22.33 41.51 -17.96
CA SER R 35 -22.23 41.85 -19.38
C SER R 35 -22.80 40.74 -20.21
N TRP R 36 -23.11 41.10 -21.45
CA TRP R 36 -23.60 40.21 -22.48
C TRP R 36 -22.64 40.26 -23.66
N ILE R 37 -22.30 39.08 -24.19
CA ILE R 37 -21.38 38.93 -25.31
C ILE R 37 -21.99 37.92 -26.28
N ARG R 38 -21.81 38.15 -27.57
CA ARG R 38 -22.35 37.28 -28.61
C ARG R 38 -21.26 36.82 -29.56
N GLN R 39 -21.63 35.82 -30.34
CA GLN R 39 -20.74 35.24 -31.32
C GLN R 39 -21.60 34.77 -32.49
N ALA R 40 -21.54 35.47 -33.61
CA ALA R 40 -22.31 35.00 -34.75
C ALA R 40 -21.65 33.73 -35.29
N PRO R 41 -22.38 32.95 -36.08
CA PRO R 41 -21.80 31.69 -36.63
C PRO R 41 -20.51 31.91 -37.40
N GLY R 42 -19.45 31.24 -36.94
CA GLY R 42 -18.17 31.28 -37.60
C GLY R 42 -17.47 32.63 -37.56
N LYS R 43 -17.95 33.57 -36.77
CA LYS R 43 -17.39 34.91 -36.63
C LYS R 43 -16.75 35.01 -35.25
N GLY R 44 -16.18 36.17 -34.98
CA GLY R 44 -15.54 36.41 -33.71
C GLY R 44 -16.49 36.88 -32.63
N LEU R 45 -15.97 36.92 -31.42
CA LEU R 45 -16.70 37.44 -30.29
C LEU R 45 -16.99 38.93 -30.49
N GLU R 46 -18.18 39.35 -30.09
CA GLU R 46 -18.61 40.73 -30.19
C GLU R 46 -19.15 41.15 -28.84
N TRP R 47 -18.41 41.98 -28.13
CA TRP R 47 -18.89 42.53 -26.87
C TRP R 47 -20.07 43.46 -27.14
N LEU R 48 -21.11 43.35 -26.30
CA LEU R 48 -22.37 44.05 -26.53
C LEU R 48 -22.66 45.12 -25.49
N THR R 49 -22.69 44.76 -24.21
CA THR R 49 -23.14 45.69 -23.19
C THR R 49 -22.74 45.18 -21.82
N TYR R 50 -22.67 46.11 -20.85
CA TYR R 50 -22.53 45.74 -19.46
C TYR R 50 -23.34 46.69 -18.60
N ILE R 51 -23.49 46.32 -17.34
CA ILE R 51 -24.28 47.06 -16.37
C ILE R 51 -23.60 46.95 -15.02
N SER R 52 -23.41 48.08 -14.34
CA SER R 52 -22.82 48.10 -13.01
C SER R 52 -23.74 47.43 -11.98
N GLY R 53 -23.18 47.18 -10.81
CA GLY R 53 -23.94 46.53 -9.75
C GLY R 53 -25.16 47.32 -9.34
N SER R 54 -25.02 48.64 -9.28
CA SER R 54 -26.14 49.49 -8.94
C SER R 54 -27.12 49.65 -10.08
N GLY R 55 -26.69 49.42 -11.33
CA GLY R 55 -27.53 49.63 -12.48
C GLY R 55 -27.45 51.03 -13.05
N GLU R 56 -26.67 51.92 -12.43
CA GLU R 56 -26.62 53.30 -12.87
C GLU R 56 -25.66 53.54 -14.02
N ILE R 57 -24.67 52.67 -14.21
CA ILE R 57 -23.71 52.75 -15.31
C ILE R 57 -24.02 51.64 -16.29
N ILE R 58 -24.20 52.02 -17.56
CA ILE R 58 -24.52 51.12 -18.66
C ILE R 58 -23.76 51.61 -19.88
N SER R 59 -23.25 50.67 -20.67
CA SER R 59 -22.56 50.95 -21.92
C SER R 59 -23.04 49.97 -22.97
N TYR R 60 -23.16 50.44 -24.22
CA TYR R 60 -23.59 49.63 -25.35
C TYR R 60 -22.58 49.77 -26.48
N ALA R 61 -22.25 48.67 -27.15
CA ALA R 61 -21.43 48.74 -28.36
C ALA R 61 -22.18 49.49 -29.46
N ASP R 62 -21.43 50.10 -30.39
CA ASP R 62 -22.06 50.88 -31.47
C ASP R 62 -23.01 50.03 -32.30
N SER R 63 -22.69 48.75 -32.49
CA SER R 63 -23.55 47.89 -33.29
C SER R 63 -24.91 47.64 -32.66
N VAL R 64 -25.09 47.97 -31.39
CA VAL R 64 -26.30 47.62 -30.65
C VAL R 64 -26.95 48.83 -29.95
N LYS R 65 -26.24 49.94 -29.72
CA LYS R 65 -26.83 51.13 -29.10
C LYS R 65 -28.14 51.48 -29.79
N GLY R 66 -29.14 51.75 -28.99
CA GLY R 66 -30.43 52.16 -29.49
C GLY R 66 -31.38 51.02 -29.78
N ARG R 67 -30.90 49.78 -29.83
CA ARG R 67 -31.75 48.63 -30.11
C ARG R 67 -31.90 47.67 -28.94
N PHE R 68 -30.85 47.46 -28.16
CA PHE R 68 -30.92 46.57 -27.00
C PHE R 68 -30.93 47.35 -25.70
N THR R 69 -31.43 46.71 -24.65
CA THR R 69 -31.53 47.32 -23.33
C THR R 69 -31.14 46.26 -22.31
N ILE R 70 -30.12 46.58 -21.51
CA ILE R 70 -29.64 45.72 -20.44
C ILE R 70 -30.26 46.21 -19.14
N SER R 71 -30.59 45.27 -18.26
CA SER R 71 -31.15 45.61 -16.96
C SER R 71 -30.82 44.47 -16.01
N ARG R 72 -31.05 44.72 -14.72
CA ARG R 72 -30.73 43.74 -13.70
C ARG R 72 -31.70 43.90 -12.57
N ASP R 73 -31.89 42.81 -11.83
CA ASP R 73 -32.69 42.78 -10.61
C ASP R 73 -31.80 42.09 -9.56
N ASN R 74 -31.10 42.88 -8.75
CA ASN R 74 -30.18 42.30 -7.77
C ASN R 74 -30.87 41.37 -6.78
N ALA R 75 -32.15 41.61 -6.48
CA ALA R 75 -32.86 40.75 -5.55
C ALA R 75 -33.04 39.34 -6.11
N LYS R 76 -33.20 39.21 -7.42
CA LYS R 76 -33.30 37.92 -8.07
C LYS R 76 -31.95 37.41 -8.55
N LYS R 77 -30.88 38.18 -8.35
CA LYS R 77 -29.54 37.82 -8.81
C LYS R 77 -29.55 37.55 -10.31
N SER R 78 -30.20 38.45 -11.05
CA SER R 78 -30.44 38.25 -12.47
C SER R 78 -30.13 39.51 -13.26
N VAL R 79 -29.69 39.27 -14.49
CA VAL R 79 -29.39 40.32 -15.46
C VAL R 79 -30.12 39.96 -16.75
N TYR R 80 -30.69 40.97 -17.40
CA TYR R 80 -31.57 40.79 -18.55
C TYR R 80 -31.02 41.57 -19.75
N LEU R 81 -31.40 41.13 -20.94
CA LEU R 81 -31.07 41.84 -22.18
C LEU R 81 -32.30 41.83 -23.07
N GLN R 82 -32.94 42.98 -23.21
CA GLN R 82 -34.08 43.17 -24.09
C GLN R 82 -33.61 43.55 -25.49
N MET R 83 -33.83 42.67 -26.46
CA MET R 83 -33.40 42.88 -27.83
C MET R 83 -34.61 43.22 -28.69
N ASP R 84 -34.64 44.43 -29.26
CA ASP R 84 -35.75 44.91 -30.05
C ASP R 84 -35.31 45.22 -31.48
N SER R 85 -36.29 45.22 -32.39
CA SER R 85 -36.04 45.55 -33.80
C SER R 85 -34.93 44.66 -34.37
N LEU R 86 -35.00 43.37 -34.05
CA LEU R 86 -33.94 42.45 -34.44
C LEU R 86 -33.80 42.38 -35.96
N ARG R 87 -32.60 42.02 -36.37
CA ARG R 87 -32.25 41.86 -37.77
C ARG R 87 -31.51 40.55 -37.94
N ALA R 88 -31.40 40.11 -39.19
CA ALA R 88 -30.67 38.89 -39.50
C ALA R 88 -29.23 38.95 -38.99
N GLU R 89 -28.66 40.16 -38.89
CA GLU R 89 -27.29 40.29 -38.40
C GLU R 89 -27.18 39.86 -36.94
N ASP R 90 -28.28 39.96 -36.21
CA ASP R 90 -28.28 39.69 -34.78
C ASP R 90 -28.26 38.19 -34.47
N THR R 91 -28.42 37.32 -35.47
CA THR R 91 -28.35 35.87 -35.25
C THR R 91 -27.01 35.48 -34.67
N ALA R 92 -27.01 34.85 -33.50
CA ALA R 92 -25.77 34.51 -32.82
C ALA R 92 -26.09 33.73 -31.55
N VAL R 93 -25.05 33.17 -30.94
CA VAL R 93 -25.11 32.64 -29.59
C VAL R 93 -24.78 33.77 -28.64
N TYR R 94 -25.65 33.98 -27.66
CA TYR R 94 -25.54 35.09 -26.71
C TYR R 94 -25.09 34.54 -25.39
N TYR R 95 -24.09 35.18 -24.80
CA TYR R 95 -23.45 34.73 -23.57
C TYR R 95 -23.71 35.74 -22.47
N CYS R 96 -24.11 35.26 -21.31
CA CYS R 96 -24.05 36.03 -20.08
C CYS R 96 -22.65 35.92 -19.48
N ALA R 97 -22.09 37.04 -19.00
CA ALA R 97 -20.74 37.00 -18.44
C ALA R 97 -20.64 37.80 -17.15
N ARG R 98 -19.91 37.24 -16.16
CA ARG R 98 -19.57 37.90 -14.89
C ARG R 98 -18.06 38.20 -14.84
N PRO R 99 -17.63 39.36 -14.36
CA PRO R 99 -16.20 39.67 -14.32
C PRO R 99 -15.48 39.04 -13.14
N SER R 100 -14.16 39.13 -13.20
CA SER R 100 -13.32 38.47 -12.21
C SER R 100 -13.32 39.18 -10.87
N ASP R 101 -13.76 40.44 -10.80
CA ASP R 101 -13.80 41.14 -9.52
C ASP R 101 -14.88 42.21 -9.62
N TYR R 102 -14.92 43.13 -8.66
CA TYR R 102 -16.07 44.00 -8.47
C TYR R 102 -15.78 45.44 -8.86
N PHE R 103 -14.89 45.67 -9.81
CA PHE R 103 -14.58 46.98 -10.35
C PHE R 103 -15.08 47.09 -11.79
N GLU R 104 -15.14 48.32 -12.28
CA GLU R 104 -15.62 48.58 -13.63
C GLU R 104 -14.66 48.11 -14.71
N THR R 105 -13.40 47.86 -14.37
CA THR R 105 -12.40 47.40 -15.31
C THR R 105 -12.20 45.90 -15.25
N SER R 106 -12.86 45.21 -14.33
CA SER R 106 -12.62 43.79 -14.16
C SER R 106 -13.05 43.04 -15.40
N GLU R 107 -12.18 42.15 -15.85
CA GLU R 107 -12.37 41.46 -17.12
C GLU R 107 -13.32 40.29 -16.95
N GLU R 108 -14.06 39.98 -18.00
CA GLU R 108 -14.95 38.82 -18.01
C GLU R 108 -14.20 37.55 -17.63
N LEU R 109 -14.85 36.69 -16.86
CA LEU R 109 -14.21 35.46 -16.38
C LEU R 109 -15.11 34.26 -16.58
N ASP R 110 -16.32 34.31 -16.03
CA ASP R 110 -17.23 33.17 -16.07
C ASP R 110 -18.38 33.50 -17.00
N TRP R 111 -18.71 32.53 -17.84
CA TRP R 111 -19.65 32.68 -18.93
C TRP R 111 -20.81 31.71 -18.75
N GLY R 112 -22.00 32.15 -19.10
CA GLY R 112 -23.12 31.25 -19.16
C GLY R 112 -22.94 30.24 -20.28
N GLN R 113 -23.91 29.34 -20.39
CA GLN R 113 -23.78 28.27 -21.37
C GLN R 113 -23.99 28.77 -22.80
N GLY R 114 -24.55 29.96 -22.96
CA GLY R 114 -24.82 30.50 -24.27
C GLY R 114 -26.23 30.12 -24.69
N THR R 115 -26.91 31.02 -25.38
CA THR R 115 -28.27 30.77 -25.86
C THR R 115 -28.27 31.13 -27.33
N LEU R 116 -28.78 30.22 -28.16
CA LEU R 116 -28.85 30.43 -29.60
C LEU R 116 -30.07 31.27 -29.94
N VAL R 117 -29.86 32.40 -30.61
CA VAL R 117 -30.93 33.26 -31.10
C VAL R 117 -30.86 33.23 -32.64
N THR R 118 -31.98 32.86 -33.27
CA THR R 118 -32.07 32.75 -34.71
C THR R 118 -33.13 33.74 -35.18
N VAL R 119 -32.74 34.66 -36.05
CA VAL R 119 -33.67 35.65 -36.60
C VAL R 119 -33.95 35.31 -38.05
N SER R 120 -35.17 34.85 -38.32
CA SER R 120 -35.53 34.41 -39.66
C SER R 120 -37.04 34.42 -39.79
N SER R 121 -37.51 34.88 -40.95
CA SER R 121 -38.91 34.79 -41.32
C SER R 121 -39.26 33.48 -41.98
N ALA R 122 -38.33 32.52 -42.02
CA ALA R 122 -38.58 31.28 -42.72
C ALA R 122 -39.46 30.37 -41.89
N SER R 123 -40.02 29.36 -42.56
CA SER R 123 -40.80 28.34 -41.89
C SER R 123 -40.04 27.03 -41.91
N THR R 124 -40.38 26.17 -40.96
CA THR R 124 -39.76 24.86 -40.90
C THR R 124 -40.03 24.13 -42.19
N LYS R 125 -38.95 23.65 -42.81
CA LYS R 125 -39.01 22.92 -44.05
C LYS R 125 -37.97 21.83 -43.96
N GLY R 126 -38.36 20.64 -44.38
CA GLY R 126 -37.48 19.50 -44.44
C GLY R 126 -36.60 19.60 -45.67
N PRO R 127 -35.45 18.95 -45.68
CA PRO R 127 -34.53 19.08 -46.80
C PRO R 127 -34.99 18.24 -47.99
N SER R 128 -34.51 18.66 -49.17
CA SER R 128 -34.55 17.85 -50.38
C SER R 128 -33.15 17.28 -50.59
N VAL R 129 -33.09 15.99 -50.92
CA VAL R 129 -31.84 15.25 -51.04
C VAL R 129 -31.66 14.83 -52.48
N PHE R 130 -30.61 15.36 -53.11
CA PHE R 130 -30.25 15.07 -54.49
C PHE R 130 -28.86 14.40 -54.49
N PRO R 131 -28.60 13.46 -55.40
CA PRO R 131 -27.30 12.78 -55.35
C PRO R 131 -26.18 13.60 -55.99
N LEU R 132 -24.97 13.23 -55.63
CA LEU R 132 -23.75 13.73 -56.25
C LEU R 132 -23.07 12.45 -56.71
N ALA R 133 -23.26 12.10 -57.99
CA ALA R 133 -23.07 10.78 -58.54
C ALA R 133 -21.63 10.57 -59.02
N PRO R 134 -21.08 9.35 -58.89
CA PRO R 134 -19.77 9.06 -59.50
C PRO R 134 -19.75 9.29 -61.00
N SER R 135 -18.53 9.30 -61.56
CA SER R 135 -18.30 9.48 -63.00
C SER R 135 -17.59 8.28 -63.61
N GLY R 142 -6.77 4.50 -58.53
CA GLY R 142 -7.62 5.69 -58.51
C GLY R 142 -8.82 5.55 -57.60
N THR R 143 -9.12 6.62 -56.87
CA THR R 143 -10.28 6.68 -55.98
C THR R 143 -11.33 7.58 -56.60
N ALA R 144 -12.60 7.30 -56.28
CA ALA R 144 -13.75 8.04 -56.76
C ALA R 144 -14.40 8.78 -55.60
N ALA R 145 -15.29 9.71 -55.94
CA ALA R 145 -15.99 10.56 -54.99
C ALA R 145 -17.48 10.55 -55.29
N LEU R 146 -18.28 10.63 -54.24
CA LEU R 146 -19.72 10.65 -54.37
C LEU R 146 -20.28 11.32 -53.14
N GLY R 147 -21.53 11.77 -53.23
CA GLY R 147 -22.10 12.51 -52.12
C GLY R 147 -23.58 12.70 -52.26
N CYS R 148 -24.13 13.47 -51.32
CA CYS R 148 -25.53 13.85 -51.25
C CYS R 148 -25.62 15.35 -51.01
N LEU R 149 -26.54 16.01 -51.72
CA LEU R 149 -26.77 17.45 -51.56
C LEU R 149 -28.06 17.61 -50.77
N VAL R 150 -27.93 18.04 -49.51
CA VAL R 150 -29.06 18.32 -48.65
C VAL R 150 -29.37 19.81 -48.78
N LYS R 151 -30.53 20.15 -49.36
CA LYS R 151 -30.82 21.50 -49.84
C LYS R 151 -32.15 22.01 -49.32
N ASP R 152 -32.19 23.31 -48.99
CA ASP R 152 -33.42 24.03 -48.66
C ASP R 152 -34.13 23.42 -47.45
N TYR R 153 -33.50 23.57 -46.30
CA TYR R 153 -34.09 23.16 -45.03
C TYR R 153 -33.95 24.29 -44.03
N PHE R 154 -34.81 24.24 -43.01
CA PHE R 154 -34.78 25.23 -41.96
C PHE R 154 -35.52 24.68 -40.77
N PRO R 155 -35.05 24.89 -39.53
CA PRO R 155 -33.81 25.54 -39.08
C PRO R 155 -32.68 24.54 -39.07
N GLU R 156 -31.52 24.96 -38.59
CA GLU R 156 -30.44 24.02 -38.38
C GLU R 156 -30.81 23.12 -37.20
N PRO R 157 -30.17 21.96 -37.08
CA PRO R 157 -29.17 21.31 -37.91
C PRO R 157 -29.79 20.19 -38.71
N VAL R 158 -28.96 19.50 -39.49
CA VAL R 158 -29.31 18.22 -40.09
C VAL R 158 -28.16 17.28 -39.75
N THR R 159 -28.48 16.00 -39.68
CA THR R 159 -27.51 14.95 -39.43
C THR R 159 -27.36 14.12 -40.69
N VAL R 160 -26.15 13.63 -40.93
CA VAL R 160 -25.88 12.84 -42.12
C VAL R 160 -24.84 11.79 -41.76
N SER R 161 -25.20 10.53 -41.99
CA SER R 161 -24.29 9.41 -41.92
C SER R 161 -24.32 8.66 -43.25
N TRP R 162 -23.58 7.57 -43.32
CA TRP R 162 -23.49 6.76 -44.52
C TRP R 162 -23.58 5.30 -44.11
N ASN R 163 -24.56 4.58 -44.67
CA ASN R 163 -24.83 3.20 -44.30
C ASN R 163 -25.10 3.05 -42.79
N SER R 164 -25.70 4.09 -42.20
CA SER R 164 -26.07 4.10 -40.79
C SER R 164 -24.85 3.88 -39.89
N GLY R 165 -23.83 4.72 -40.10
CA GLY R 165 -22.65 4.71 -39.26
C GLY R 165 -21.63 3.66 -39.64
N ALA R 166 -21.89 2.86 -40.66
CA ALA R 166 -20.94 1.84 -41.07
C ALA R 166 -19.81 2.40 -41.93
N LEU R 167 -20.01 3.56 -42.54
CA LEU R 167 -19.02 4.21 -43.38
C LEU R 167 -18.67 5.52 -42.69
N THR R 168 -17.42 5.63 -42.24
CA THR R 168 -16.95 6.80 -41.52
C THR R 168 -15.66 7.33 -42.12
N SER R 169 -14.80 6.46 -42.62
CA SER R 169 -13.54 6.91 -43.18
C SER R 169 -13.75 7.56 -44.54
N GLY R 170 -13.05 8.67 -44.76
CA GLY R 170 -13.16 9.44 -45.99
C GLY R 170 -14.39 10.31 -46.10
N VAL R 171 -15.18 10.41 -45.03
CA VAL R 171 -16.42 11.19 -45.04
C VAL R 171 -16.12 12.64 -44.66
N HIS R 172 -16.71 13.57 -45.42
CA HIS R 172 -16.65 15.01 -45.15
C HIS R 172 -18.05 15.60 -45.31
N THR R 173 -18.72 15.89 -44.20
CA THR R 173 -20.02 16.56 -44.22
C THR R 173 -19.79 18.05 -43.95
N PHE R 174 -19.96 18.87 -44.99
CA PHE R 174 -19.57 20.27 -44.91
C PHE R 174 -20.56 21.05 -44.05
N PRO R 175 -20.09 22.13 -43.40
CA PRO R 175 -21.03 22.97 -42.64
C PRO R 175 -22.05 23.60 -43.57
N ALA R 176 -23.25 23.78 -43.03
CA ALA R 176 -24.31 24.32 -43.87
C ALA R 176 -24.01 25.78 -44.16
N VAL R 177 -24.48 26.23 -45.32
CA VAL R 177 -24.42 27.64 -45.68
C VAL R 177 -25.84 28.15 -45.69
N LEU R 178 -26.02 29.42 -45.37
CA LEU R 178 -27.34 30.02 -45.39
C LEU R 178 -27.53 30.71 -46.74
N GLN R 179 -28.59 30.34 -47.42
CA GLN R 179 -28.84 30.84 -48.76
C GLN R 179 -29.68 32.11 -48.72
N SER R 180 -29.71 32.80 -49.84
CA SER R 180 -30.50 34.02 -49.94
C SER R 180 -31.98 33.79 -49.64
N SER R 181 -32.48 32.56 -49.80
CA SER R 181 -33.87 32.24 -49.48
C SER R 181 -34.14 32.13 -47.99
N GLY R 182 -33.10 32.15 -47.15
CA GLY R 182 -33.28 31.90 -45.73
C GLY R 182 -33.28 30.43 -45.36
N LEU R 183 -33.01 29.52 -46.29
CA LEU R 183 -32.89 28.10 -46.01
C LEU R 183 -31.42 27.70 -46.11
N TYR R 184 -31.10 26.61 -45.44
CA TYR R 184 -29.75 26.11 -45.34
C TYR R 184 -29.54 24.99 -46.36
N SER R 185 -28.27 24.72 -46.65
CA SER R 185 -27.91 23.62 -47.53
C SER R 185 -26.51 23.16 -47.16
N LEU R 186 -26.29 21.86 -47.33
CA LEU R 186 -24.96 21.29 -47.16
C LEU R 186 -24.82 20.08 -48.06
N SER R 187 -23.60 19.58 -48.13
CA SER R 187 -23.26 18.39 -48.87
C SER R 187 -22.43 17.48 -47.99
N SER R 188 -22.66 16.18 -48.13
CA SER R 188 -21.83 15.17 -47.50
C SER R 188 -21.24 14.31 -48.59
N VAL R 189 -19.92 14.15 -48.55
CA VAL R 189 -19.19 13.44 -49.58
C VAL R 189 -18.32 12.40 -48.90
N VAL R 190 -18.08 11.32 -49.64
CA VAL R 190 -17.26 10.21 -49.20
C VAL R 190 -16.35 9.82 -50.36
N THR R 191 -15.13 9.42 -50.03
CA THR R 191 -14.16 8.99 -51.04
C THR R 191 -13.96 7.49 -50.86
N VAL R 192 -14.06 6.75 -51.97
CA VAL R 192 -14.04 5.29 -51.96
C VAL R 192 -13.28 4.79 -53.19
N PRO R 193 -12.83 3.52 -53.18
CA PRO R 193 -12.20 2.98 -54.38
C PRO R 193 -13.16 2.88 -55.56
N SER R 194 -12.60 3.11 -56.76
CA SER R 194 -13.39 3.04 -57.99
C SER R 194 -13.92 1.64 -58.27
N SER R 195 -13.14 0.60 -57.94
CA SER R 195 -13.54 -0.77 -58.25
C SER R 195 -14.82 -1.15 -57.53
N SER R 196 -14.93 -0.78 -56.26
CA SER R 196 -16.02 -1.17 -55.37
C SER R 196 -17.37 -0.59 -55.79
N LEU R 197 -17.38 0.38 -56.72
CA LEU R 197 -18.58 1.14 -57.03
C LEU R 197 -19.75 0.23 -57.42
N GLY R 198 -19.60 -0.51 -58.52
CA GLY R 198 -20.67 -1.36 -58.99
C GLY R 198 -21.05 -2.45 -58.02
N THR R 199 -20.09 -2.91 -57.22
CA THR R 199 -20.30 -4.00 -56.29
C THR R 199 -20.70 -3.54 -54.89
N GLN R 200 -21.09 -2.28 -54.74
CA GLN R 200 -21.43 -1.72 -53.42
C GLN R 200 -22.55 -0.71 -53.59
N THR R 201 -23.57 -0.83 -52.75
CA THR R 201 -24.67 0.13 -52.74
C THR R 201 -24.37 1.15 -51.64
N TYR R 202 -24.35 2.43 -52.01
CA TYR R 202 -24.07 3.52 -51.09
C TYR R 202 -25.34 4.34 -50.90
N ILE R 203 -25.72 4.56 -49.64
CA ILE R 203 -26.89 5.35 -49.27
C ILE R 203 -26.51 6.30 -48.15
N CYS R 204 -26.98 7.54 -48.24
CA CYS R 204 -26.76 8.54 -47.20
C CYS R 204 -28.04 8.70 -46.41
N ASN R 205 -27.90 8.72 -45.09
CA ASN R 205 -29.03 8.78 -44.17
C ASN R 205 -29.09 10.20 -43.62
N VAL R 206 -30.05 10.98 -44.11
CA VAL R 206 -30.22 12.38 -43.76
C VAL R 206 -31.36 12.46 -42.75
N ASN R 207 -31.12 13.18 -41.65
CA ASN R 207 -32.08 13.32 -40.56
C ASN R 207 -32.19 14.79 -40.21
N HIS R 208 -33.41 15.29 -40.16
CA HIS R 208 -33.70 16.69 -39.85
C HIS R 208 -34.76 16.64 -38.76
N LYS R 209 -34.32 16.72 -37.52
CA LYS R 209 -35.22 16.56 -36.39
C LYS R 209 -36.34 17.62 -36.34
N PRO R 210 -36.08 18.92 -36.59
CA PRO R 210 -37.17 19.91 -36.42
C PRO R 210 -38.40 19.64 -37.27
N SER R 211 -38.23 19.14 -38.50
CA SER R 211 -39.36 18.81 -39.36
C SER R 211 -39.80 17.34 -39.23
N ASN R 212 -39.07 16.54 -38.46
CA ASN R 212 -39.33 15.11 -38.31
C ASN R 212 -39.29 14.42 -39.68
N THR R 213 -38.12 14.52 -40.32
CA THR R 213 -37.87 13.98 -41.65
C THR R 213 -36.65 13.07 -41.65
N LYS R 214 -36.79 11.91 -42.31
CA LYS R 214 -35.68 11.00 -42.53
C LYS R 214 -35.71 10.60 -44.00
N VAL R 215 -34.53 10.60 -44.63
CA VAL R 215 -34.39 10.28 -46.04
C VAL R 215 -33.13 9.43 -46.23
N ASP R 216 -33.22 8.41 -47.11
CA ASP R 216 -32.12 7.47 -47.39
C ASP R 216 -31.90 7.34 -48.90
N LYS R 217 -31.38 8.40 -49.53
CA LYS R 217 -31.26 8.42 -50.99
C LYS R 217 -30.11 7.52 -51.45
N ARG R 218 -30.38 6.68 -52.45
CA ARG R 218 -29.34 5.93 -53.15
C ARG R 218 -28.46 6.88 -53.98
N VAL R 219 -27.20 6.51 -54.16
CA VAL R 219 -26.27 7.26 -54.99
C VAL R 219 -25.65 6.27 -55.98
N GLU R 220 -26.23 6.20 -57.20
CA GLU R 220 -25.81 5.31 -58.27
C GLU R 220 -25.12 6.07 -59.40
N PRO R 221 -24.20 5.43 -60.15
CA PRO R 221 -23.67 6.08 -61.37
C PRO R 221 -24.78 6.43 -62.35
N LYS R 222 -24.54 7.44 -63.16
CA LYS R 222 -25.48 7.79 -64.24
C LYS R 222 -25.25 6.89 -65.46
N GLU S 1 -15.40 54.01 -30.00
CA GLU S 1 -14.90 52.67 -29.59
C GLU S 1 -13.43 52.52 -29.85
N ILE S 2 -12.74 51.94 -28.87
CA ILE S 2 -11.33 51.61 -29.02
C ILE S 2 -11.25 50.40 -29.93
N VAL S 3 -10.63 50.59 -31.09
CA VAL S 3 -10.45 49.53 -32.07
C VAL S 3 -9.24 48.69 -31.69
N MET S 4 -9.45 47.37 -31.65
CA MET S 4 -8.41 46.38 -31.38
C MET S 4 -8.06 45.66 -32.66
N THR S 5 -6.77 45.68 -33.03
CA THR S 5 -6.33 45.10 -34.29
C THR S 5 -5.37 43.97 -33.98
N GLN S 6 -5.83 42.75 -34.20
CA GLN S 6 -5.03 41.54 -34.01
C GLN S 6 -4.36 41.10 -35.29
N SER S 7 -3.15 40.59 -35.13
CA SER S 7 -2.46 39.88 -36.17
C SER S 7 -1.77 38.67 -35.54
N PRO S 8 -1.59 37.59 -36.29
CA PRO S 8 -2.20 37.30 -37.60
C PRO S 8 -3.67 36.93 -37.42
N SER S 9 -4.42 36.74 -38.51
CA SER S 9 -5.78 36.24 -38.39
C SER S 9 -5.77 34.72 -38.28
N SER S 10 -4.80 34.07 -38.92
CA SER S 10 -4.59 32.62 -38.89
C SER S 10 -3.12 32.38 -38.64
N LEU S 11 -2.82 31.18 -38.14
CA LEU S 11 -1.44 30.83 -37.82
C LEU S 11 -1.35 29.32 -37.74
N SER S 12 -0.41 28.73 -38.48
CA SER S 12 -0.15 27.30 -38.40
C SER S 12 1.18 27.08 -37.70
N ALA S 13 1.22 26.05 -36.85
CA ALA S 13 2.44 25.72 -36.12
C ALA S 13 2.33 24.27 -35.65
N SER S 14 3.47 23.73 -35.22
CA SER S 14 3.57 22.35 -34.77
C SER S 14 3.73 22.30 -33.26
N VAL S 15 3.46 21.13 -32.70
CA VAL S 15 3.61 20.91 -31.26
C VAL S 15 5.06 21.17 -30.86
N GLY S 16 5.25 22.10 -29.95
CA GLY S 16 6.56 22.47 -29.44
C GLY S 16 7.09 23.79 -29.94
N ASP S 17 6.41 24.42 -30.89
CA ASP S 17 6.89 25.67 -31.46
C ASP S 17 6.63 26.82 -30.50
N ARG S 18 7.24 27.97 -30.80
CA ARG S 18 7.02 29.20 -30.05
C ARG S 18 6.17 30.14 -30.91
N VAL S 19 4.95 30.41 -30.46
CA VAL S 19 3.98 31.22 -31.18
C VAL S 19 3.88 32.59 -30.52
N THR S 20 3.67 33.64 -31.33
CA THR S 20 3.45 34.99 -30.81
C THR S 20 2.31 35.65 -31.56
N ILE S 21 1.29 36.08 -30.81
CA ILE S 21 0.18 36.84 -31.34
C ILE S 21 0.27 38.25 -30.79
N THR S 22 0.03 39.25 -31.63
CA THR S 22 0.08 40.65 -31.25
C THR S 22 -1.30 41.28 -31.34
N CYS S 23 -1.50 42.33 -30.56
CA CYS S 23 -2.76 43.07 -30.52
C CYS S 23 -2.41 44.54 -30.39
N ARG S 24 -2.93 45.38 -31.29
CA ARG S 24 -2.66 46.82 -31.28
C ARG S 24 -3.94 47.58 -31.01
N ALA S 25 -3.91 48.45 -30.00
CA ALA S 25 -5.07 49.23 -29.61
C ALA S 25 -5.08 50.57 -30.33
N SER S 26 -6.29 51.08 -30.51
CA SER S 26 -6.46 52.36 -31.20
C SER S 26 -5.84 53.52 -30.42
N GLN S 27 -5.73 53.39 -29.12
CA GLN S 27 -5.16 54.43 -28.27
C GLN S 27 -4.49 53.76 -27.08
N SER S 28 -3.78 54.55 -26.28
CA SER S 28 -3.15 54.01 -25.07
C SER S 28 -4.20 53.51 -24.11
N ILE S 29 -4.12 52.21 -23.80
CA ILE S 29 -5.01 51.53 -22.85
C ILE S 29 -4.24 51.02 -21.63
N SER S 30 -3.03 51.54 -21.39
CA SER S 30 -2.21 51.17 -20.24
C SER S 30 -2.01 49.65 -20.23
N THR S 31 -2.25 48.97 -19.11
CA THR S 31 -2.09 47.53 -19.00
C THR S 31 -3.43 46.80 -19.04
N TYR S 32 -4.51 47.47 -19.42
CA TYR S 32 -5.85 46.90 -19.37
C TYR S 32 -6.17 46.07 -20.61
N LEU S 33 -5.35 45.04 -20.83
CA LEU S 33 -5.44 44.17 -21.99
C LEU S 33 -5.52 42.73 -21.49
N ASN S 34 -6.49 41.98 -22.00
CA ASN S 34 -6.76 40.62 -21.54
C ASN S 34 -6.73 39.65 -22.72
N TRP S 35 -6.39 38.39 -22.45
CA TRP S 35 -6.27 37.36 -23.48
C TRP S 35 -7.14 36.16 -23.16
N TYR S 36 -7.92 35.71 -24.15
CA TYR S 36 -8.82 34.59 -24.04
C TYR S 36 -8.52 33.51 -25.07
N GLN S 37 -8.82 32.26 -24.71
CA GLN S 37 -8.77 31.11 -25.59
C GLN S 37 -10.21 30.62 -25.77
N GLN S 38 -10.56 30.24 -26.99
CA GLN S 38 -11.89 29.69 -27.24
C GLN S 38 -11.69 28.48 -28.12
N LYS S 39 -12.23 27.31 -27.66
CA LYS S 39 -12.36 26.07 -28.39
C LYS S 39 -13.77 25.95 -28.96
N PRO S 40 -13.97 25.21 -30.04
CA PRO S 40 -15.30 25.20 -30.69
C PRO S 40 -16.39 24.70 -29.76
N GLY S 41 -17.55 25.35 -29.82
CA GLY S 41 -18.68 25.00 -28.99
C GLY S 41 -18.58 25.39 -27.53
N LYS S 42 -17.46 25.93 -27.08
CA LYS S 42 -17.22 26.25 -25.68
C LYS S 42 -17.09 27.76 -25.52
N ALA S 43 -17.38 28.24 -24.33
CA ALA S 43 -17.21 29.64 -24.02
C ALA S 43 -15.73 29.97 -23.79
N PRO S 44 -15.30 31.22 -24.04
CA PRO S 44 -13.88 31.53 -23.92
C PRO S 44 -13.38 31.37 -22.50
N ASN S 45 -12.09 31.09 -22.39
CA ASN S 45 -11.38 30.98 -21.12
C ASN S 45 -10.30 32.04 -21.05
N LEU S 46 -10.32 32.81 -19.96
CA LEU S 46 -9.31 33.84 -19.76
C LEU S 46 -7.96 33.19 -19.54
N LEU S 47 -6.96 33.65 -20.30
CA LEU S 47 -5.58 33.24 -20.15
C LEU S 47 -4.77 34.26 -19.34
N ILE S 48 -4.86 35.53 -19.72
CA ILE S 48 -4.03 36.59 -19.16
C ILE S 48 -4.91 37.80 -18.94
N TYR S 49 -4.71 38.47 -17.81
CA TYR S 49 -5.37 39.72 -17.52
C TYR S 49 -4.32 40.76 -17.14
N ALA S 50 -4.70 42.02 -17.27
CA ALA S 50 -3.81 43.13 -16.97
C ALA S 50 -2.52 43.08 -17.79
N ALA S 51 -2.57 42.44 -18.95
CA ALA S 51 -1.50 42.42 -19.95
C ALA S 51 -0.29 41.60 -19.56
N SER S 52 -0.14 41.22 -18.29
CA SER S 52 1.00 40.43 -17.83
C SER S 52 0.65 39.35 -16.82
N SER S 53 -0.54 39.37 -16.23
CA SER S 53 -0.87 38.52 -15.11
C SER S 53 -1.53 37.23 -15.60
N LEU S 54 -0.97 36.09 -15.21
CA LEU S 54 -1.57 34.81 -15.54
C LEU S 54 -2.77 34.52 -14.65
N HIS S 55 -3.88 34.10 -15.26
CA HIS S 55 -5.02 33.65 -14.47
C HIS S 55 -4.72 32.29 -13.87
N SER S 56 -5.33 32.02 -12.71
CA SER S 56 -5.14 30.75 -11.99
C SER S 56 -5.52 29.55 -12.84
N GLY S 57 -4.65 28.54 -12.86
CA GLY S 57 -4.89 27.33 -13.62
C GLY S 57 -4.40 27.35 -15.05
N VAL S 58 -4.06 28.53 -15.57
CA VAL S 58 -3.54 28.66 -16.93
C VAL S 58 -2.07 28.24 -16.92
N PRO S 59 -1.63 27.30 -17.76
CA PRO S 59 -0.22 26.90 -17.67
C PRO S 59 0.74 28.04 -17.98
N SER S 60 1.96 27.90 -17.44
CA SER S 60 2.98 28.94 -17.48
C SER S 60 3.51 29.24 -18.89
N ARG S 61 3.33 28.35 -19.86
CA ARG S 61 3.80 28.60 -21.22
C ARG S 61 3.13 29.83 -21.85
N PHE S 62 2.00 30.28 -21.31
CA PHE S 62 1.33 31.48 -21.81
C PHE S 62 1.94 32.68 -21.10
N ARG S 63 2.29 33.70 -21.87
CA ARG S 63 2.90 34.91 -21.35
C ARG S 63 2.43 36.14 -22.12
N GLY S 64 2.15 37.20 -21.38
CA GLY S 64 1.70 38.46 -21.95
C GLY S 64 2.66 39.58 -21.62
N SER S 65 2.72 40.57 -22.51
CA SER S 65 3.62 41.70 -22.34
C SER S 65 3.02 42.90 -23.06
N GLY S 66 3.44 44.08 -22.63
CA GLY S 66 3.04 45.31 -23.29
C GLY S 66 2.36 46.33 -22.41
N SER S 67 2.40 47.58 -22.85
CA SER S 67 1.74 48.69 -22.19
C SER S 67 1.54 49.79 -23.21
N GLY S 68 0.37 50.41 -23.19
CA GLY S 68 0.04 51.46 -24.12
C GLY S 68 -0.84 50.98 -25.25
N THR S 69 -0.24 50.78 -26.43
CA THR S 69 -0.97 50.35 -27.61
C THR S 69 -0.59 48.99 -28.12
N ASP S 70 0.61 48.51 -27.84
CA ASP S 70 1.12 47.28 -28.43
C ASP S 70 1.29 46.21 -27.37
N PHE S 71 0.72 45.04 -27.63
CA PHE S 71 0.65 43.94 -26.69
C PHE S 71 0.92 42.64 -27.43
N THR S 72 1.33 41.63 -26.67
CA THR S 72 1.73 40.37 -27.27
C THR S 72 1.37 39.20 -26.36
N LEU S 73 0.80 38.15 -26.95
CA LEU S 73 0.63 36.86 -26.30
C LEU S 73 1.64 35.88 -26.88
N THR S 74 2.33 35.17 -26.00
CA THR S 74 3.33 34.20 -26.38
C THR S 74 2.98 32.84 -25.80
N ILE S 75 3.20 31.80 -26.60
CA ILE S 75 3.13 30.42 -26.14
C ILE S 75 4.52 29.87 -26.38
N THR S 76 5.24 29.59 -25.29
CA THR S 76 6.66 29.29 -25.41
C THR S 76 6.87 27.94 -26.09
N SER S 77 6.14 26.93 -25.66
CA SER S 77 6.23 25.58 -26.24
C SER S 77 4.80 25.10 -26.47
N LEU S 78 4.37 25.13 -27.73
CA LEU S 78 3.00 24.80 -28.10
C LEU S 78 2.66 23.36 -27.75
N GLN S 79 1.42 23.14 -27.32
CA GLN S 79 0.91 21.84 -26.93
C GLN S 79 -0.29 21.45 -27.78
N PRO S 80 -0.65 20.16 -27.79
CA PRO S 80 -1.81 19.73 -28.60
C PRO S 80 -3.07 20.46 -28.22
N ASP S 81 -3.23 20.82 -26.94
CA ASP S 81 -4.45 21.49 -26.50
C ASP S 81 -4.41 22.99 -26.80
N ASP S 82 -3.30 23.50 -27.32
CA ASP S 82 -3.19 24.93 -27.55
C ASP S 82 -3.77 25.35 -28.90
N PHE S 83 -4.11 24.40 -29.76
CA PHE S 83 -4.64 24.74 -31.07
C PHE S 83 -6.09 25.16 -30.86
N ALA S 84 -6.36 26.43 -31.05
CA ALA S 84 -7.67 27.02 -30.78
C ALA S 84 -7.64 28.43 -31.36
N THR S 85 -8.66 29.21 -31.06
CA THR S 85 -8.70 30.61 -31.43
C THR S 85 -8.43 31.47 -30.20
N TYR S 86 -7.68 32.56 -30.40
CA TYR S 86 -7.24 33.46 -29.35
C TYR S 86 -7.72 34.87 -29.68
N TYR S 87 -8.25 35.56 -28.67
CA TYR S 87 -8.77 36.91 -28.81
C TYR S 87 -8.10 37.81 -27.78
N CYS S 88 -7.77 39.04 -28.19
CA CYS S 88 -7.44 40.05 -27.20
C CYS S 88 -8.69 40.82 -26.85
N HIS S 89 -8.59 41.56 -25.74
CA HIS S 89 -9.77 42.13 -25.10
C HIS S 89 -9.30 43.25 -24.19
N GLN S 90 -9.83 44.45 -24.41
CA GLN S 90 -9.54 45.62 -23.60
C GLN S 90 -10.70 45.92 -22.63
N SER S 91 -10.36 46.17 -21.37
CA SER S 91 -11.33 46.67 -20.40
C SER S 91 -10.96 48.06 -19.89
N TYR S 92 -10.17 48.81 -20.67
CA TYR S 92 -9.76 50.15 -20.29
C TYR S 92 -10.95 51.11 -20.25
N SER S 93 -11.80 51.07 -21.28
CA SER S 93 -12.97 51.93 -21.34
C SER S 93 -14.08 51.18 -22.05
N ALA S 94 -15.29 51.48 -21.66
CA ALA S 94 -16.51 50.92 -22.21
C ALA S 94 -17.00 51.73 -23.40
N PRO S 95 -17.61 51.08 -24.42
CA PRO S 95 -17.94 49.66 -24.54
C PRO S 95 -16.64 48.90 -24.81
N ARG S 96 -16.48 47.73 -24.20
CA ARG S 96 -15.30 46.93 -24.42
C ARG S 96 -15.34 46.36 -25.83
N THR S 97 -14.19 45.90 -26.29
CA THR S 97 -14.04 45.41 -27.66
C THR S 97 -13.02 44.29 -27.68
N PHE S 98 -13.36 43.22 -28.39
CA PHE S 98 -12.43 42.16 -28.73
C PHE S 98 -11.68 42.45 -30.01
N GLY S 99 -10.46 41.91 -30.10
CA GLY S 99 -9.78 41.83 -31.37
C GLY S 99 -10.49 40.83 -32.27
N GLN S 100 -10.12 40.82 -33.55
CA GLN S 100 -10.79 39.96 -34.51
C GLN S 100 -10.53 38.48 -34.30
N GLY S 101 -9.56 38.11 -33.49
CA GLY S 101 -9.28 36.71 -33.26
C GLY S 101 -8.13 36.22 -34.10
N THR S 102 -7.51 35.13 -33.63
CA THR S 102 -6.37 34.51 -34.30
C THR S 102 -6.62 33.01 -34.19
N LYS S 103 -6.85 32.33 -35.31
CA LYS S 103 -7.11 30.90 -35.26
C LYS S 103 -5.78 30.20 -35.37
N LEU S 104 -5.53 29.23 -34.48
CA LEU S 104 -4.24 28.53 -34.45
C LEU S 104 -4.43 27.08 -34.90
N GLU S 105 -3.98 26.79 -36.11
CA GLU S 105 -4.12 25.49 -36.76
C GLU S 105 -2.81 24.71 -36.74
N ILE S 106 -2.90 23.43 -37.13
CA ILE S 106 -1.75 22.54 -37.15
C ILE S 106 -1.04 22.68 -38.49
N LYS S 107 0.28 22.77 -38.43
CA LYS S 107 1.10 22.88 -39.63
C LYS S 107 1.43 21.48 -40.12
N ARG S 108 1.60 21.36 -41.43
CA ARG S 108 1.97 20.09 -42.05
C ARG S 108 2.41 20.36 -43.49
N THR S 109 2.76 19.29 -44.18
CA THR S 109 3.26 19.37 -45.54
C THR S 109 2.14 19.76 -46.50
N VAL S 110 2.51 20.50 -47.55
CA VAL S 110 1.55 20.83 -48.60
C VAL S 110 0.96 19.55 -49.19
N ALA S 111 -0.30 19.63 -49.59
CA ALA S 111 -1.01 18.49 -50.16
C ALA S 111 -2.03 19.07 -51.12
N ALA S 112 -1.96 18.61 -52.37
CA ALA S 112 -2.88 19.09 -53.40
C ALA S 112 -4.29 18.51 -53.21
N PRO S 113 -5.32 19.26 -53.57
CA PRO S 113 -6.67 18.71 -53.49
C PRO S 113 -6.96 17.77 -54.64
N SER S 114 -7.76 16.75 -54.35
CA SER S 114 -8.39 15.93 -55.38
C SER S 114 -9.67 16.64 -55.81
N VAL S 115 -9.78 16.98 -57.09
CA VAL S 115 -10.88 17.80 -57.59
C VAL S 115 -11.93 16.90 -58.20
N PHE S 116 -13.20 17.23 -57.96
CA PHE S 116 -14.32 16.45 -58.45
C PHE S 116 -15.46 17.41 -58.74
N ILE S 117 -16.07 17.27 -59.90
CA ILE S 117 -17.21 18.10 -60.30
C ILE S 117 -18.43 17.19 -60.42
N PHE S 118 -19.58 17.68 -59.98
CA PHE S 118 -20.83 16.93 -60.01
C PHE S 118 -21.88 17.75 -60.77
N PRO S 119 -22.49 17.21 -61.82
CA PRO S 119 -23.60 17.91 -62.45
C PRO S 119 -24.88 17.80 -61.63
N PRO S 120 -25.85 18.68 -61.86
CA PRO S 120 -27.09 18.57 -61.11
C PRO S 120 -27.83 17.31 -61.52
N SER S 121 -28.45 16.69 -60.54
CA SER S 121 -29.25 15.50 -60.74
C SER S 121 -30.45 15.79 -61.63
N ASP S 122 -30.93 14.74 -62.30
CA ASP S 122 -32.17 14.86 -63.05
C ASP S 122 -33.35 15.08 -62.10
N GLU S 123 -33.37 14.40 -60.93
CA GLU S 123 -34.42 14.62 -59.94
C GLU S 123 -34.51 16.09 -59.53
N GLN S 124 -33.36 16.75 -59.37
CA GLN S 124 -33.38 18.15 -58.99
C GLN S 124 -33.91 19.03 -60.11
N LEU S 125 -33.47 18.77 -61.35
CA LEU S 125 -33.89 19.58 -62.49
C LEU S 125 -35.39 19.59 -62.65
N LYS S 126 -36.05 18.49 -62.27
CA LYS S 126 -37.51 18.46 -62.33
C LYS S 126 -38.14 19.42 -61.33
N SER S 127 -37.36 19.98 -60.39
CA SER S 127 -37.85 20.96 -59.43
C SER S 127 -37.63 22.39 -59.88
N GLY S 128 -36.83 22.62 -60.91
CA GLY S 128 -36.58 23.96 -61.44
C GLY S 128 -35.34 24.68 -60.95
N THR S 129 -34.38 23.97 -60.35
CA THR S 129 -33.11 24.55 -59.92
C THR S 129 -32.00 23.56 -60.22
N ALA S 130 -30.80 24.08 -60.45
CA ALA S 130 -29.64 23.26 -60.79
C ALA S 130 -28.48 23.69 -59.92
N SER S 131 -27.93 22.74 -59.18
CA SER S 131 -26.77 22.98 -58.32
C SER S 131 -25.62 22.17 -58.88
N VAL S 132 -24.52 22.86 -59.17
CA VAL S 132 -23.29 22.24 -59.68
C VAL S 132 -22.26 22.38 -58.59
N VAL S 133 -21.67 21.26 -58.20
CA VAL S 133 -20.78 21.19 -57.05
C VAL S 133 -19.38 20.87 -57.52
N CYS S 134 -18.41 21.63 -57.01
CA CYS S 134 -16.98 21.38 -57.19
C CYS S 134 -16.43 21.00 -55.83
N LEU S 135 -15.70 19.90 -55.77
CA LEU S 135 -15.18 19.35 -54.52
C LEU S 135 -13.67 19.37 -54.54
N LEU S 136 -13.08 19.93 -53.49
CA LEU S 136 -11.65 19.85 -53.24
C LEU S 136 -11.50 19.00 -51.98
N ASN S 137 -10.75 17.91 -52.10
CA ASN S 137 -10.70 16.88 -51.08
C ASN S 137 -9.30 16.79 -50.51
N ASN S 138 -9.20 16.92 -49.18
CA ASN S 138 -8.03 16.54 -48.38
C ASN S 138 -6.78 17.29 -48.85
N PHE S 139 -6.78 18.61 -48.63
CA PHE S 139 -5.67 19.47 -49.00
C PHE S 139 -5.20 20.31 -47.81
N TYR S 140 -4.09 21.02 -48.03
CA TYR S 140 -3.43 21.89 -47.07
C TYR S 140 -2.36 22.67 -47.84
N PRO S 141 -2.19 23.99 -47.61
CA PRO S 141 -2.87 24.88 -46.65
C PRO S 141 -4.32 25.19 -47.04
N ARG S 142 -5.01 26.03 -46.25
CA ARG S 142 -6.40 26.33 -46.54
C ARG S 142 -6.55 27.17 -47.81
N GLU S 143 -5.60 28.10 -48.05
CA GLU S 143 -5.68 29.03 -49.17
C GLU S 143 -5.95 28.34 -50.51
N ALA S 144 -7.08 28.66 -51.11
CA ALA S 144 -7.45 28.06 -52.39
C ALA S 144 -8.46 28.94 -53.11
N LYS S 145 -8.40 28.94 -54.45
CA LYS S 145 -9.32 29.67 -55.31
C LYS S 145 -10.11 28.71 -56.19
N VAL S 146 -11.42 28.92 -56.27
CA VAL S 146 -12.32 28.13 -57.08
C VAL S 146 -13.16 29.05 -57.95
N GLN S 147 -13.00 28.94 -59.26
CA GLN S 147 -13.58 29.87 -60.23
C GLN S 147 -14.43 29.08 -61.19
N TRP S 148 -15.73 29.39 -61.22
CA TRP S 148 -16.68 28.71 -62.08
C TRP S 148 -16.77 29.41 -63.43
N LYS S 149 -16.71 28.63 -64.51
CA LYS S 149 -16.86 29.15 -65.87
C LYS S 149 -17.98 28.35 -66.54
N VAL S 150 -18.94 29.08 -67.11
CA VAL S 150 -20.07 28.50 -67.83
C VAL S 150 -19.94 29.00 -69.26
N ASP S 151 -19.64 28.10 -70.19
CA ASP S 151 -19.32 28.45 -71.58
C ASP S 151 -18.22 29.49 -71.62
N ASN S 152 -17.18 29.28 -70.82
CA ASN S 152 -16.00 30.15 -70.77
C ASN S 152 -16.31 31.53 -70.21
N ALA S 153 -17.40 31.70 -69.46
CA ALA S 153 -17.78 33.00 -68.91
C ALA S 153 -17.68 32.91 -67.40
N LEU S 154 -16.94 33.85 -66.82
CA LEU S 154 -16.67 33.80 -65.39
C LEU S 154 -17.91 34.16 -64.59
N GLN S 155 -18.26 33.31 -63.65
CA GLN S 155 -19.46 33.51 -62.87
C GLN S 155 -19.10 34.30 -61.62
N SER S 156 -20.05 35.12 -61.17
CA SER S 156 -19.87 35.95 -59.99
C SER S 156 -21.20 36.07 -59.28
N GLY S 157 -21.20 35.84 -57.97
CA GLY S 157 -22.37 36.09 -57.17
C GLY S 157 -23.40 34.98 -57.19
N ASN S 158 -23.07 33.82 -57.77
CA ASN S 158 -23.98 32.68 -57.81
C ASN S 158 -23.32 31.41 -57.28
N SER S 159 -22.32 31.56 -56.41
CA SER S 159 -21.65 30.41 -55.81
C SER S 159 -21.40 30.67 -54.33
N GLN S 160 -21.35 29.59 -53.57
CA GLN S 160 -21.09 29.61 -52.13
C GLN S 160 -20.12 28.48 -51.81
N GLU S 161 -19.11 28.80 -51.02
CA GLU S 161 -18.10 27.85 -50.58
C GLU S 161 -18.42 27.38 -49.16
N SER S 162 -17.88 26.23 -48.80
CA SER S 162 -18.02 25.69 -47.46
C SER S 162 -16.78 24.87 -47.17
N VAL S 163 -16.21 25.03 -45.98
CA VAL S 163 -14.94 24.44 -45.61
C VAL S 163 -15.11 23.57 -44.37
N THR S 164 -14.23 22.59 -44.20
CA THR S 164 -14.19 21.78 -43.01
C THR S 164 -13.05 22.23 -42.10
N GLU S 165 -13.12 21.82 -40.85
CA GLU S 165 -11.97 22.05 -39.97
C GLU S 165 -10.91 20.98 -40.23
N GLN S 166 -9.72 21.22 -39.69
CA GLN S 166 -8.63 20.28 -39.93
C GLN S 166 -9.04 18.91 -39.41
N ASP S 167 -8.74 17.89 -40.19
CA ASP S 167 -9.16 16.55 -39.87
C ASP S 167 -8.30 16.00 -38.73
N SER S 168 -8.92 15.19 -37.87
CA SER S 168 -8.19 14.68 -36.72
C SER S 168 -7.02 13.83 -37.18
N LYS S 169 -7.26 12.92 -38.13
CA LYS S 169 -6.23 11.95 -38.49
C LYS S 169 -5.12 12.56 -39.33
N ASP S 170 -5.45 13.45 -40.29
CA ASP S 170 -4.47 13.94 -41.27
C ASP S 170 -4.32 15.46 -41.30
N SER S 171 -5.13 16.20 -40.54
CA SER S 171 -4.99 17.65 -40.44
C SER S 171 -5.16 18.36 -41.78
N THR S 172 -6.03 17.84 -42.66
CA THR S 172 -6.26 18.44 -43.96
C THR S 172 -7.63 19.11 -44.00
N TYR S 173 -7.79 19.98 -44.98
CA TYR S 173 -9.06 20.65 -45.23
C TYR S 173 -9.76 20.01 -46.41
N SER S 174 -11.07 20.22 -46.47
CA SER S 174 -11.87 19.88 -47.64
C SER S 174 -12.80 21.03 -47.87
N LEU S 175 -13.01 21.36 -49.14
CA LEU S 175 -13.81 22.52 -49.50
C LEU S 175 -14.75 22.10 -50.61
N SER S 176 -15.91 22.73 -50.62
CA SER S 176 -16.90 22.54 -51.67
C SER S 176 -17.32 23.92 -52.15
N SER S 177 -17.51 24.05 -53.46
CA SER S 177 -18.04 25.27 -54.05
C SER S 177 -19.24 24.83 -54.87
N THR S 178 -20.37 25.50 -54.68
CA THR S 178 -21.65 25.12 -55.25
C THR S 178 -22.15 26.26 -56.11
N LEU S 179 -22.29 26.01 -57.40
CA LEU S 179 -22.85 26.97 -58.35
C LEU S 179 -24.33 26.66 -58.52
N THR S 180 -25.18 27.62 -58.15
CA THR S 180 -26.61 27.48 -58.21
C THR S 180 -27.15 28.32 -59.36
N LEU S 181 -28.00 27.71 -60.20
CA LEU S 181 -28.60 28.39 -61.32
C LEU S 181 -30.06 27.95 -61.40
N SER S 182 -30.83 28.66 -62.21
CA SER S 182 -32.17 28.19 -62.51
C SER S 182 -32.10 27.15 -63.61
N LYS S 183 -33.13 26.28 -63.66
CA LYS S 183 -33.20 25.31 -64.74
C LYS S 183 -33.13 26.01 -66.10
N ALA S 184 -33.87 27.11 -66.26
CA ALA S 184 -33.86 27.87 -67.51
C ALA S 184 -32.45 28.30 -67.89
N ASP S 185 -31.76 29.00 -66.98
CA ASP S 185 -30.39 29.43 -67.28
C ASP S 185 -29.47 28.24 -67.49
N TYR S 186 -29.67 27.17 -66.71
CA TYR S 186 -28.78 26.01 -66.79
C TYR S 186 -28.82 25.38 -68.17
N GLU S 187 -30.01 25.32 -68.76
CA GLU S 187 -30.17 24.62 -70.03
C GLU S 187 -29.84 25.50 -71.23
N LYS S 188 -29.41 26.75 -71.03
CA LYS S 188 -29.00 27.62 -72.11
C LYS S 188 -27.49 27.55 -72.40
N HIS S 189 -26.75 26.65 -71.73
CA HIS S 189 -25.31 26.50 -71.92
C HIS S 189 -24.89 25.04 -71.95
N LYS S 190 -23.67 24.80 -72.42
CA LYS S 190 -23.12 23.46 -72.59
C LYS S 190 -22.04 23.11 -71.58
N VAL S 191 -21.01 23.94 -71.46
CA VAL S 191 -19.82 23.60 -70.71
C VAL S 191 -19.86 24.23 -69.33
N TYR S 192 -19.65 23.40 -68.31
CA TYR S 192 -19.58 23.83 -66.93
C TYR S 192 -18.26 23.31 -66.42
N ALA S 193 -17.47 24.19 -65.81
CA ALA S 193 -16.16 23.77 -65.33
C ALA S 193 -15.80 24.60 -64.11
N CYS S 194 -14.94 24.05 -63.25
CA CYS S 194 -14.38 24.78 -62.12
C CYS S 194 -12.87 24.72 -62.19
N GLU S 195 -12.23 25.88 -62.21
CA GLU S 195 -10.78 25.99 -62.18
C GLU S 195 -10.35 26.16 -60.72
N VAL S 196 -9.47 25.27 -60.26
CA VAL S 196 -8.99 25.24 -58.88
C VAL S 196 -7.51 25.65 -58.85
N THR S 197 -7.19 26.65 -58.04
CA THR S 197 -5.82 27.12 -57.85
C THR S 197 -5.36 26.85 -56.42
N HIS S 198 -4.18 26.23 -56.27
CA HIS S 198 -3.65 25.86 -54.96
C HIS S 198 -2.15 25.64 -55.11
N GLN S 199 -1.37 26.08 -54.12
CA GLN S 199 0.10 26.05 -54.24
C GLN S 199 0.65 24.63 -54.43
N GLY S 200 -0.04 23.63 -53.90
CA GLY S 200 0.31 22.22 -54.08
C GLY S 200 0.17 21.72 -55.51
N LEU S 201 -0.45 22.50 -56.40
CA LEU S 201 -0.62 22.16 -57.81
C LEU S 201 0.39 22.90 -58.67
N SER S 202 1.13 22.15 -59.50
CA SER S 202 2.09 22.76 -60.41
C SER S 202 1.43 23.78 -61.33
N SER S 203 0.20 23.50 -61.76
CA SER S 203 -0.57 24.38 -62.62
C SER S 203 -2.01 24.34 -62.12
N PRO S 204 -2.81 25.39 -62.37
CA PRO S 204 -4.23 25.32 -62.02
C PRO S 204 -4.88 24.11 -62.67
N VAL S 205 -5.90 23.57 -62.02
CA VAL S 205 -6.59 22.37 -62.44
C VAL S 205 -8.03 22.70 -62.80
N THR S 206 -8.50 22.12 -63.92
CA THR S 206 -9.83 22.35 -64.46
C THR S 206 -10.51 21.00 -64.63
N LYS S 207 -11.74 20.89 -64.13
CA LYS S 207 -12.61 19.74 -64.28
C LYS S 207 -13.89 20.24 -64.93
N SER S 208 -14.25 19.68 -66.09
CA SER S 208 -15.34 20.19 -66.92
C SER S 208 -16.32 19.07 -67.22
N PHE S 209 -17.54 19.48 -67.57
CA PHE S 209 -18.53 18.55 -68.11
C PHE S 209 -19.38 19.28 -69.13
N ASN S 210 -20.00 18.50 -69.99
CA ASN S 210 -20.92 18.97 -71.03
C ASN S 210 -22.28 18.48 -70.54
N ARG S 211 -23.23 19.40 -70.52
CA ARG S 211 -24.55 19.18 -69.93
C ARG S 211 -25.27 17.91 -70.37
N GLY S 212 -24.86 17.28 -71.44
CA GLY S 212 -25.37 15.96 -71.79
C GLY S 212 -24.24 14.96 -71.95
N GLU S 213 -24.11 14.07 -70.98
CA GLU S 213 -22.95 13.18 -70.96
C GLU S 213 -23.12 12.07 -69.91
N GLY T 9 11.36 47.26 -8.77
CA GLY T 9 10.10 47.41 -9.49
C GLY T 9 8.93 47.58 -8.51
N ASP T 10 8.48 46.49 -7.90
CA ASP T 10 7.47 46.60 -6.84
C ASP T 10 8.00 47.37 -5.65
N ARG T 11 9.32 47.34 -5.42
CA ARG T 11 9.90 48.18 -4.38
C ARG T 11 9.75 49.66 -4.74
N ARG T 12 9.66 49.98 -6.03
CA ARG T 12 9.36 51.33 -6.46
C ARG T 12 7.91 51.71 -6.16
N CYS T 13 7.02 50.74 -5.89
CA CYS T 13 5.67 51.11 -5.52
C CYS T 13 5.66 51.75 -4.13
N GLN T 14 5.57 50.95 -3.04
CA GLN T 14 5.79 51.33 -1.64
C GLN T 14 6.55 52.62 -1.34
N SER T 15 7.51 53.00 -2.18
CA SER T 15 8.09 54.33 -2.07
C SER T 15 7.02 55.42 -2.23
N GLN T 16 6.07 55.22 -3.14
CA GLN T 16 4.97 56.17 -3.32
C GLN T 16 3.94 56.09 -2.20
N LEU T 17 3.68 54.90 -1.66
CA LEU T 17 2.70 54.78 -0.59
C LEU T 17 3.20 55.43 0.70
N GLU T 18 4.48 55.27 1.03
CA GLU T 18 5.03 55.96 2.19
C GLU T 18 4.88 57.48 2.07
N ARG T 19 4.88 58.00 0.85
CA ARG T 19 4.78 59.44 0.65
C ARG T 19 3.34 59.91 0.56
N ALA T 20 2.37 58.99 0.53
CA ALA T 20 0.98 59.34 0.26
C ALA T 20 0.27 59.67 1.56
N ASN T 21 -0.66 60.61 1.46
CA ASN T 21 -1.58 61.01 2.54
C ASN T 21 -2.97 60.58 2.12
N LEU T 22 -3.34 59.35 2.43
CA LEU T 22 -4.65 58.82 2.06
C LEU T 22 -5.71 59.05 3.14
N ARG T 23 -5.40 59.82 4.18
CA ARG T 23 -6.43 60.19 5.16
C ARG T 23 -7.63 60.92 4.57
N PRO T 24 -7.49 61.89 3.64
CA PRO T 24 -8.70 62.50 3.07
C PRO T 24 -9.63 61.52 2.37
N CYS T 25 -9.10 60.43 1.84
CA CYS T 25 -9.96 59.40 1.28
C CYS T 25 -10.78 58.71 2.35
N GLU T 26 -10.17 58.35 3.48
CA GLU T 26 -10.92 57.80 4.61
C GLU T 26 -12.01 58.76 5.09
N GLN T 27 -11.71 60.06 5.12
CA GLN T 27 -12.71 61.02 5.58
C GLN T 27 -13.85 61.17 4.58
N HIS T 28 -13.52 61.21 3.28
CA HIS T 28 -14.56 61.28 2.27
C HIS T 28 -15.47 60.05 2.31
N LEU T 29 -14.89 58.86 2.47
CA LEU T 29 -15.70 57.64 2.46
C LEU T 29 -16.59 57.50 3.70
N MET T 30 -16.11 57.92 4.88
CA MET T 30 -16.90 57.71 6.10
C MET T 30 -18.04 58.72 6.25
N GLN T 31 -17.90 59.92 5.69
CA GLN T 31 -19.02 60.87 5.64
C GLN T 31 -20.05 60.48 4.56
N LYS T 32 -19.58 59.81 3.51
CA LYS T 32 -20.46 59.28 2.47
C LYS T 32 -21.40 58.18 2.98
N ILE T 33 -21.00 57.45 4.02
CA ILE T 33 -21.88 56.41 4.58
C ILE T 33 -22.94 56.99 5.51
N GLN T 34 -22.69 58.13 6.15
CA GLN T 34 -23.70 58.72 7.04
C GLN T 34 -25.03 59.03 6.34
N ARG T 35 -25.07 59.07 5.01
CA ARG T 35 -26.34 59.14 4.26
C ARG T 35 -26.14 58.64 2.84
N SER T 65 -15.82 68.14 -3.22
CA SER T 65 -15.78 68.32 -1.78
C SER T 65 -14.38 68.70 -1.31
N GLN T 66 -14.28 69.18 -0.07
CA GLN T 66 -12.98 69.56 0.47
C GLN T 66 -12.06 68.35 0.52
N HIS T 67 -12.58 67.19 0.92
CA HIS T 67 -11.72 66.02 1.06
C HIS T 67 -11.68 65.21 -0.22
N GLN T 68 -12.70 65.30 -1.08
CA GLN T 68 -12.69 64.49 -2.29
C GLN T 68 -11.63 65.01 -3.26
N GLU T 69 -11.53 66.34 -3.39
CA GLU T 69 -10.52 66.93 -4.25
C GLU T 69 -9.13 66.49 -3.82
N ARG T 70 -8.87 66.61 -2.52
CA ARG T 70 -7.56 66.27 -1.96
C ARG T 70 -7.32 64.78 -1.97
N CYS T 71 -8.39 63.97 -1.92
CA CYS T 71 -8.25 62.53 -2.03
C CYS T 71 -7.87 62.12 -3.44
N CYS T 72 -8.48 62.74 -4.44
CA CYS T 72 -8.21 62.39 -5.82
C CYS T 72 -6.79 62.76 -6.22
N ASN T 73 -6.33 63.94 -5.78
CA ASN T 73 -4.94 64.32 -6.01
C ASN T 73 -3.98 63.26 -5.51
N GLU T 74 -4.28 62.66 -4.34
CA GLU T 74 -3.38 61.64 -3.80
C GLU T 74 -3.47 60.36 -4.62
N LEU T 75 -4.69 59.92 -4.95
CA LEU T 75 -4.88 58.73 -5.78
C LEU T 75 -4.28 58.92 -7.17
N ASN T 76 -4.23 60.16 -7.67
CA ASN T 76 -3.70 60.42 -9.00
C ASN T 76 -2.27 59.92 -9.15
N GLU T 77 -1.51 59.87 -8.05
CA GLU T 77 -0.14 59.41 -8.06
C GLU T 77 0.00 57.93 -8.45
N PHE T 78 -1.10 57.17 -8.45
CA PHE T 78 -1.12 55.75 -8.78
C PHE T 78 -1.85 55.45 -10.08
N GLU T 79 -2.22 56.47 -10.88
CA GLU T 79 -3.03 56.24 -12.07
C GLU T 79 -2.34 55.30 -13.04
N ASN T 80 -3.14 54.38 -13.60
CA ASN T 80 -2.72 53.42 -14.61
C ASN T 80 -1.63 52.46 -14.11
N ASN T 81 -1.43 52.35 -12.79
CA ASN T 81 -0.55 51.35 -12.19
C ASN T 81 -1.43 50.46 -11.32
N GLN T 82 -1.81 49.29 -11.84
CA GLN T 82 -2.87 48.52 -11.20
C GLN T 82 -2.44 47.94 -9.86
N ARG T 83 -1.25 47.32 -9.82
CA ARG T 83 -0.76 46.71 -8.60
C ARG T 83 -0.62 47.74 -7.49
N CYS T 84 -0.13 48.93 -7.83
CA CYS T 84 0.16 49.95 -6.83
C CYS T 84 -1.13 50.67 -6.42
N MET T 85 -2.03 50.90 -7.37
CA MET T 85 -3.36 51.41 -7.06
C MET T 85 -4.10 50.49 -6.10
N CYS T 86 -3.96 49.19 -6.28
CA CYS T 86 -4.63 48.24 -5.39
C CYS T 86 -4.12 48.38 -3.96
N GLU T 87 -2.80 48.50 -3.79
CA GLU T 87 -2.24 48.59 -2.45
C GLU T 87 -2.75 49.85 -1.75
N ALA T 88 -2.93 50.94 -2.49
CA ALA T 88 -3.51 52.14 -1.92
C ALA T 88 -4.93 51.87 -1.39
N LEU T 89 -5.77 51.26 -2.23
CA LEU T 89 -7.13 50.90 -1.80
C LEU T 89 -7.07 49.97 -0.59
N GLN T 90 -6.12 49.04 -0.59
CA GLN T 90 -5.99 48.10 0.52
C GLN T 90 -5.59 48.83 1.79
N GLN T 91 -4.73 49.86 1.67
CA GLN T 91 -4.32 50.59 2.86
C GLN T 91 -5.46 51.41 3.44
N ILE T 92 -6.40 51.87 2.61
CA ILE T 92 -7.59 52.52 3.13
C ILE T 92 -8.48 51.54 3.89
N MET T 93 -8.64 50.33 3.35
CA MET T 93 -9.40 49.30 4.05
C MET T 93 -8.78 48.94 5.41
N GLU T 94 -7.46 48.75 5.46
CA GLU T 94 -6.82 48.38 6.72
C GLU T 94 -7.09 49.42 7.80
N ASN T 95 -6.91 50.69 7.47
CA ASN T 95 -7.07 51.69 8.51
C ASN T 95 -8.51 51.82 8.99
N GLN T 96 -9.50 51.49 8.16
CA GLN T 96 -10.89 51.70 8.54
C GLN T 96 -11.58 50.42 9.00
N SER T 97 -10.87 49.29 8.95
CA SER T 97 -11.51 48.00 9.20
C SER T 97 -12.08 47.94 10.61
N ASP T 98 -11.36 48.48 11.60
CA ASP T 98 -11.84 48.38 12.97
C ASP T 98 -13.06 49.28 13.17
N ARG T 99 -13.25 50.28 12.32
CA ARG T 99 -14.30 51.24 12.55
C ARG T 99 -15.60 50.85 11.89
N LEU T 100 -15.58 49.79 11.10
CA LEU T 100 -16.75 49.24 10.41
C LEU T 100 -17.36 48.06 11.15
N GLN T 101 -18.26 48.30 12.09
CA GLN T 101 -18.56 47.21 12.99
C GLN T 101 -19.72 46.32 12.55
N GLY T 102 -20.46 46.63 11.47
CA GLY T 102 -21.53 45.76 11.05
C GLY T 102 -21.35 45.33 9.60
N ARG T 103 -22.14 44.32 9.21
CA ARG T 103 -22.03 43.78 7.86
C ARG T 103 -22.37 44.82 6.80
N GLN T 104 -23.50 45.50 6.97
CA GLN T 104 -23.96 46.48 5.98
C GLN T 104 -23.02 47.66 5.83
N GLN T 105 -22.53 48.22 6.94
CA GLN T 105 -21.57 49.30 6.87
C GLN T 105 -20.24 48.88 6.21
N GLU T 106 -19.79 47.65 6.44
CA GLU T 106 -18.58 47.19 5.76
C GLU T 106 -18.80 47.06 4.26
N GLN T 107 -19.95 46.52 3.86
CA GLN T 107 -20.19 46.35 2.45
C GLN T 107 -20.39 47.70 1.78
N GLN T 108 -21.09 48.62 2.45
CA GLN T 108 -21.25 49.96 1.90
C GLN T 108 -19.90 50.65 1.77
N PHE T 109 -19.01 50.47 2.73
CA PHE T 109 -17.69 51.10 2.64
C PHE T 109 -16.88 50.50 1.52
N LYS T 110 -16.89 49.17 1.40
CA LYS T 110 -16.18 48.52 0.30
C LYS T 110 -16.70 49.00 -1.05
N ARG T 111 -18.03 49.04 -1.22
CA ARG T 111 -18.62 49.46 -2.48
C ARG T 111 -18.17 50.85 -2.87
N GLU T 112 -18.28 51.80 -1.94
CA GLU T 112 -17.88 53.16 -2.26
C GLU T 112 -16.38 53.23 -2.55
N LEU T 113 -15.59 52.38 -1.88
CA LEU T 113 -14.15 52.40 -2.10
C LEU T 113 -13.80 51.84 -3.47
N ARG T 114 -14.51 50.80 -3.93
CA ARG T 114 -14.21 50.26 -5.25
C ARG T 114 -14.55 51.28 -6.34
N ASN T 115 -15.51 52.16 -6.08
CA ASN T 115 -15.93 53.18 -7.03
C ASN T 115 -15.12 54.45 -6.89
N LEU T 116 -14.17 54.49 -5.96
CA LEU T 116 -13.44 55.73 -5.71
C LEU T 116 -12.53 56.08 -6.87
N PRO T 117 -11.71 55.16 -7.42
CA PRO T 117 -10.92 55.53 -8.60
C PRO T 117 -11.80 56.04 -9.73
N GLN T 118 -12.88 55.35 -10.04
CA GLN T 118 -13.76 55.79 -11.12
C GLN T 118 -14.33 57.18 -10.83
N GLN T 119 -14.76 57.45 -9.59
CA GLN T 119 -15.31 58.78 -9.30
C GLN T 119 -14.26 59.88 -9.30
N CYS T 120 -12.98 59.53 -9.28
CA CYS T 120 -11.90 60.50 -9.41
C CYS T 120 -11.43 60.64 -10.85
N GLY T 121 -12.10 59.99 -11.79
CA GLY T 121 -11.68 59.97 -13.19
C GLY T 121 -10.54 59.06 -13.54
N LEU T 122 -10.30 58.03 -12.75
CA LEU T 122 -9.20 57.09 -12.91
C LEU T 122 -9.78 55.70 -13.14
N ARG T 123 -8.91 54.80 -13.58
CA ARG T 123 -9.25 53.40 -13.75
C ARG T 123 -8.96 52.70 -12.44
N ALA T 124 -9.90 51.87 -11.98
CA ALA T 124 -9.62 51.00 -10.86
C ALA T 124 -8.79 49.81 -11.33
N PRO T 125 -8.12 49.11 -10.41
CA PRO T 125 -7.45 47.87 -10.80
C PRO T 125 -8.48 46.81 -11.17
N GLN T 126 -8.08 45.96 -12.11
CA GLN T 126 -8.97 44.90 -12.54
C GLN T 126 -9.28 43.95 -11.40
N ARG T 127 -8.28 43.67 -10.56
CA ARG T 127 -8.44 42.78 -9.41
C ARG T 127 -7.78 43.38 -8.19
N CYS T 128 -8.49 43.38 -7.06
CA CYS T 128 -7.92 43.89 -5.82
C CYS T 128 -8.73 43.30 -4.67
N ASP T 129 -8.10 42.39 -3.93
CA ASP T 129 -8.73 41.77 -2.76
C ASP T 129 -8.76 42.76 -1.61
N LEU T 130 -9.94 43.01 -1.06
CA LEU T 130 -10.07 43.93 0.06
C LEU T 130 -10.39 43.24 1.39
N ASP T 131 -10.25 41.92 1.46
CA ASP T 131 -10.54 41.19 2.69
C ASP T 131 -9.27 41.19 3.53
N VAL T 132 -9.39 41.62 4.78
CA VAL T 132 -8.26 41.67 5.71
C VAL T 132 -8.54 40.75 6.90
#